data_5VCA
#
_entry.id   5VCA
#
_cell.length_a   1
_cell.length_b   1
_cell.length_c   1
_cell.angle_alpha   90
_cell.angle_beta   90
_cell.angle_gamma   90
#
_symmetry.space_group_name_H-M   'P 1'
#
_entity_poly.entity_id   1
_entity_poly.type   'polypeptide(L)'
_entity_poly.pdbx_seq_one_letter_code
;MEVSRISYEDIGGLSEQLGKIREMIELPLKHPELFERLGITPPKGVILYGPPGTGKTLIARAVANESGANFLSINGPEIM
SKYYGQSEQKLREIFSKAEETAPSIIFIDEIDSIAPKREEVQGEVERRVVAQLLTLMDGMKERGHVIVIGATNRIDAIDP
ALRRPGRFDREIEIGVPDRNGRKEILMIHTRNMPLGMSEEEKNKFLEEMADYTYGFVGADLAALVRESAMNALRRYLPEI
DLDKPIPTEILEKMVVTEDDFKNALKSIEPSSLREVMVEVPNVHWDDIGGLEDVKREIKETVELPLLKPDVFKRLGIRPS
KGFLLYGPPGVGKTLLAKAVATESNANFISIKGPEVLSKWVGESEKAIREIFKKAKQVAPAIVFLDEIDSIAPRRGTTSD
SGVTERIVNQLLTSLDGIEVMNGVVVIGATNRPDIMDPALLRAGRFDKLIYIPPPDKEARLSILKVHTKNMPLAPDVDLN
DIAQRTEGYVGADLENLCREAGMNAYRENPDATSVSQKNFLDALKTIRPSVDEEVIKFYRTLSETMSKSVSERRKQLQDQ
GLYL
;
_entity_poly.pdbx_strand_id   P,M,N,O,Q,R
#
# COMPACT_ATOMS: atom_id res chain seq x y z
N GLU A 2 30.63 19.32 45.01
CA GLU A 2 30.82 20.23 43.87
C GLU A 2 31.28 21.58 44.35
N VAL A 3 32.19 22.24 43.59
CA VAL A 3 32.80 23.50 43.95
C VAL A 3 31.81 24.63 43.90
N SER A 4 31.02 24.74 42.80
CA SER A 4 30.01 25.75 42.65
C SER A 4 28.73 24.99 42.78
N ARG A 5 28.20 24.92 44.01
CA ARG A 5 26.98 24.22 44.25
C ARG A 5 25.87 25.08 43.78
N ILE A 6 24.88 24.37 43.25
CA ILE A 6 23.81 24.91 42.49
C ILE A 6 22.58 24.68 43.33
N SER A 7 22.05 25.78 43.90
CA SER A 7 20.90 25.76 44.74
C SER A 7 19.75 25.79 43.82
N TYR A 8 18.53 25.59 44.37
CA TYR A 8 17.29 25.55 43.64
C TYR A 8 17.21 26.73 42.72
N GLU A 9 17.46 27.93 43.30
CA GLU A 9 17.32 29.20 42.67
C GLU A 9 18.03 29.35 41.36
N ASP A 10 19.13 28.61 41.13
CA ASP A 10 19.75 28.59 39.84
C ASP A 10 18.89 28.17 38.68
N ILE A 11 18.25 26.97 38.74
CA ILE A 11 17.44 26.52 37.63
C ILE A 11 16.03 26.95 37.83
N GLY A 12 15.79 27.69 38.93
CA GLY A 12 14.54 28.26 39.36
C GLY A 12 13.64 28.81 38.31
N GLY A 13 12.35 28.88 38.70
CA GLY A 13 11.27 29.29 37.86
C GLY A 13 10.56 28.05 37.41
N LEU A 14 11.15 26.86 37.70
CA LEU A 14 10.59 25.57 37.39
C LEU A 14 9.85 25.03 38.57
N SER A 15 9.65 25.85 39.63
CA SER A 15 9.14 25.50 40.93
C SER A 15 7.92 24.59 40.97
N GLU A 16 6.95 24.76 40.05
CA GLU A 16 5.79 23.92 39.87
C GLU A 16 6.16 22.50 39.58
N GLN A 17 7.08 22.35 38.62
CA GLN A 17 7.55 21.12 38.10
C GLN A 17 8.46 20.56 39.16
N LEU A 18 9.33 21.41 39.73
CA LEU A 18 10.27 21.08 40.77
C LEU A 18 9.59 20.56 41.98
N GLY A 19 8.40 21.07 42.35
CA GLY A 19 7.65 20.50 43.44
C GLY A 19 7.26 19.06 43.23
N LYS A 20 7.00 18.66 41.95
CA LYS A 20 6.79 17.27 41.57
C LYS A 20 7.99 16.46 41.94
N ILE A 21 9.16 16.89 41.44
CA ILE A 21 10.46 16.26 41.56
C ILE A 21 10.81 16.02 43.01
N ARG A 22 10.64 17.06 43.86
CA ARG A 22 10.84 17.08 45.27
C ARG A 22 10.10 15.93 45.87
N GLU A 23 8.77 15.99 45.71
CA GLU A 23 7.86 15.00 46.19
C GLU A 23 8.02 13.64 45.55
N MET A 24 8.69 13.50 44.39
CA MET A 24 8.72 12.22 43.74
C MET A 24 10.04 11.61 44.01
N ILE A 25 11.10 12.07 43.34
CA ILE A 25 12.36 11.43 43.51
C ILE A 25 13.09 11.89 44.73
N GLU A 26 13.05 13.20 45.08
CA GLU A 26 13.85 13.68 46.18
C GLU A 26 13.56 13.08 47.50
N LEU A 27 12.28 12.89 47.86
CA LEU A 27 11.93 12.28 49.14
C LEU A 27 12.62 10.95 49.42
N PRO A 28 12.51 9.88 48.63
CA PRO A 28 13.16 8.62 48.91
C PRO A 28 14.63 8.76 48.97
N LEU A 29 15.21 9.54 48.04
CA LEU A 29 16.61 9.83 48.01
C LEU A 29 17.08 10.40 49.31
N LYS A 30 16.24 11.22 50.01
CA LYS A 30 16.58 11.69 51.31
C LYS A 30 16.40 10.57 52.30
N HIS A 31 15.17 10.14 52.62
CA HIS A 31 14.98 9.01 53.47
C HIS A 31 14.04 8.14 52.71
N PRO A 32 14.41 6.93 52.30
CA PRO A 32 13.54 6.02 51.62
C PRO A 32 12.55 5.45 52.58
N GLU A 33 12.82 5.59 53.90
CA GLU A 33 12.19 4.89 54.97
C GLU A 33 10.70 5.00 54.87
N LEU A 34 10.20 6.16 54.40
CA LEU A 34 8.81 6.43 54.22
C LEU A 34 8.16 5.49 53.25
N PHE A 35 8.69 5.43 52.02
CA PHE A 35 8.11 4.60 51.02
C PHE A 35 8.46 3.17 51.24
N GLU A 36 9.70 2.91 51.71
CA GLU A 36 10.12 1.58 52.08
C GLU A 36 9.25 0.92 53.10
N ARG A 37 8.79 1.71 54.09
CA ARG A 37 8.01 1.15 55.15
C ARG A 37 6.62 1.06 54.68
N LEU A 38 6.16 2.10 53.97
CA LEU A 38 4.77 2.20 53.61
C LEU A 38 4.70 2.43 52.15
N GLY A 39 3.89 1.62 51.47
CA GLY A 39 3.63 1.79 50.08
C GLY A 39 4.76 1.28 49.29
N ILE A 40 4.61 1.40 47.95
CA ILE A 40 5.53 0.90 46.98
C ILE A 40 6.89 1.48 47.14
N THR A 41 7.90 0.65 46.82
CA THR A 41 9.28 1.02 46.86
C THR A 41 9.55 2.08 45.84
N PRO A 42 10.42 3.04 46.08
CA PRO A 42 10.67 4.11 45.15
C PRO A 42 11.50 3.55 44.02
N PRO A 43 11.33 3.89 42.75
CA PRO A 43 12.21 3.35 41.73
C PRO A 43 13.57 4.03 41.79
N LYS A 44 14.67 3.26 41.67
CA LYS A 44 16.02 3.74 41.82
C LYS A 44 16.59 4.10 40.49
N GLY A 45 15.75 4.05 39.44
CA GLY A 45 16.11 4.46 38.11
C GLY A 45 15.03 5.42 37.84
N VAL A 46 15.40 6.65 37.45
CA VAL A 46 14.46 7.68 37.11
C VAL A 46 15.07 8.51 36.03
N ILE A 47 14.19 8.88 35.10
CA ILE A 47 14.46 9.60 33.90
C ILE A 47 13.69 10.91 33.94
N LEU A 48 14.34 12.04 33.61
CA LEU A 48 13.67 13.31 33.50
C LEU A 48 13.60 13.48 32.00
N TYR A 49 12.36 13.38 31.50
CA TYR A 49 11.97 13.43 30.11
C TYR A 49 11.60 14.83 29.82
N GLY A 50 11.90 15.33 28.61
CA GLY A 50 11.45 16.64 28.28
C GLY A 50 11.70 16.90 26.83
N PRO A 51 11.07 17.93 26.24
CA PRO A 51 11.35 18.44 24.91
C PRO A 51 12.82 18.71 24.83
N PRO A 52 13.51 18.30 23.78
CA PRO A 52 14.96 18.24 23.73
C PRO A 52 15.61 19.48 24.20
N GLY A 53 16.41 19.35 25.28
CA GLY A 53 17.06 20.46 25.88
C GLY A 53 16.11 21.08 26.84
N THR A 54 16.68 21.50 27.94
CA THR A 54 16.05 22.28 28.94
C THR A 54 17.25 22.77 29.69
N GLY A 55 18.43 22.61 29.02
CA GLY A 55 19.75 22.75 29.56
C GLY A 55 19.78 21.45 30.25
N LYS A 56 19.70 20.33 29.47
CA LYS A 56 19.27 19.03 29.93
C LYS A 56 19.91 18.72 31.24
N THR A 57 21.24 18.59 31.15
CA THR A 57 22.13 18.29 32.23
C THR A 57 21.89 19.18 33.40
N LEU A 58 21.82 20.51 33.17
CA LEU A 58 21.70 21.48 34.23
C LEU A 58 20.49 21.28 35.10
N ILE A 59 19.37 20.77 34.52
CA ILE A 59 18.20 20.45 35.29
C ILE A 59 18.52 19.41 36.26
N ALA A 60 19.04 18.28 35.80
CA ALA A 60 19.28 17.23 36.74
C ALA A 60 20.51 17.52 37.57
N ARG A 61 21.51 18.25 37.05
CA ARG A 61 22.65 18.67 37.85
C ARG A 61 22.25 19.47 39.05
N ALA A 62 21.10 20.17 39.00
CA ALA A 62 20.66 20.90 40.16
C ALA A 62 19.75 20.13 41.04
N VAL A 63 19.40 18.89 40.66
CA VAL A 63 18.52 18.07 41.46
C VAL A 63 19.44 17.27 42.30
N ALA A 64 20.64 17.00 41.75
CA ALA A 64 21.69 16.33 42.43
C ALA A 64 22.08 17.08 43.66
N ASN A 65 22.23 18.40 43.52
CA ASN A 65 22.78 19.16 44.59
C ASN A 65 21.64 19.74 45.36
N GLU A 66 20.39 19.56 44.87
CA GLU A 66 19.24 19.92 45.65
C GLU A 66 19.13 18.93 46.75
N SER A 67 19.31 17.63 46.43
CA SER A 67 19.29 16.60 47.44
C SER A 67 20.55 16.68 48.23
N GLY A 68 21.60 17.24 47.60
CA GLY A 68 22.88 17.38 48.21
C GLY A 68 23.62 16.09 48.17
N ALA A 69 23.05 15.06 47.50
CA ALA A 69 23.60 13.73 47.35
C ALA A 69 24.89 13.77 46.58
N ASN A 70 25.84 12.83 46.86
CA ASN A 70 27.15 12.84 46.24
C ASN A 70 27.02 12.72 44.75
N PHE A 71 27.36 13.83 44.07
CA PHE A 71 27.12 14.11 42.68
C PHE A 71 28.02 13.33 41.81
N LEU A 72 27.72 12.03 41.66
CA LEU A 72 28.49 11.18 40.83
C LEU A 72 27.90 11.33 39.48
N SER A 73 28.78 11.65 38.53
CA SER A 73 28.44 12.00 37.21
C SER A 73 29.21 11.06 36.37
N ILE A 74 28.59 10.64 35.27
CA ILE A 74 29.24 10.03 34.15
C ILE A 74 28.27 10.44 33.12
N ASN A 75 28.69 10.58 31.86
CA ASN A 75 27.78 11.09 30.87
C ASN A 75 28.00 10.27 29.67
N GLY A 76 26.90 10.06 28.92
CA GLY A 76 26.76 9.18 27.79
C GLY A 76 27.80 9.27 26.72
N PRO A 77 28.19 10.44 26.26
CA PRO A 77 29.24 10.57 25.29
C PRO A 77 30.48 9.99 25.84
N GLU A 78 30.80 10.29 27.11
CA GLU A 78 32.06 9.82 27.60
C GLU A 78 31.94 8.39 28.05
N ILE A 79 30.72 7.86 28.31
CA ILE A 79 30.54 6.48 28.67
C ILE A 79 30.96 5.55 27.56
N MET A 80 30.62 5.89 26.31
CA MET A 80 31.04 5.07 25.22
C MET A 80 32.30 5.58 24.61
N SER A 81 32.92 6.65 25.16
CA SER A 81 34.18 7.09 24.63
C SER A 81 35.27 6.17 25.06
N LYS A 82 35.26 5.77 26.35
CA LYS A 82 36.32 4.98 26.91
C LYS A 82 36.41 3.65 26.24
N TYR A 83 37.68 3.19 26.09
CA TYR A 83 38.13 2.08 25.30
C TYR A 83 37.40 0.84 25.64
N TYR A 84 37.57 -0.20 24.81
CA TYR A 84 36.84 -1.42 25.00
C TYR A 84 37.31 -2.05 26.27
N GLY A 85 36.39 -2.21 27.24
CA GLY A 85 36.67 -2.73 28.55
C GLY A 85 37.30 -1.75 29.49
N GLN A 86 37.57 -0.51 29.05
CA GLN A 86 37.86 0.56 29.96
C GLN A 86 36.59 1.33 30.12
N SER A 87 35.58 0.94 29.32
CA SER A 87 34.25 1.41 29.45
C SER A 87 33.62 0.58 30.54
N GLU A 88 33.86 -0.75 30.52
CA GLU A 88 33.21 -1.65 31.44
C GLU A 88 33.58 -1.35 32.84
N GLN A 89 34.87 -1.13 33.14
CA GLN A 89 35.20 -0.83 34.50
C GLN A 89 34.64 0.47 35.01
N LYS A 90 34.34 1.48 34.14
CA LYS A 90 33.80 2.73 34.63
C LYS A 90 32.57 2.59 35.47
N LEU A 91 31.55 1.92 34.89
CA LEU A 91 30.25 1.80 35.47
C LEU A 91 30.28 1.27 36.83
N ARG A 92 30.91 0.07 36.95
CA ARG A 92 31.08 -0.56 38.21
C ARG A 92 31.77 0.28 39.22
N GLU A 93 32.82 1.04 38.81
CA GLU A 93 33.49 1.95 39.70
C GLU A 93 32.62 3.03 40.25
N ILE A 94 31.70 3.57 39.44
CA ILE A 94 30.92 4.68 39.91
C ILE A 94 29.89 4.17 40.84
N PHE A 95 29.21 3.07 40.48
CA PHE A 95 28.26 2.43 41.35
C PHE A 95 28.85 2.03 42.67
N SER A 96 30.05 1.42 42.69
CA SER A 96 30.66 1.08 43.95
C SER A 96 30.94 2.29 44.79
N LYS A 97 31.44 3.37 44.14
CA LYS A 97 31.64 4.62 44.83
C LYS A 97 30.37 5.21 45.30
N ALA A 98 29.24 4.77 44.74
CA ALA A 98 27.94 5.22 45.14
C ALA A 98 27.55 4.56 46.38
N GLU A 99 27.76 3.23 46.44
CA GLU A 99 27.23 2.43 47.50
C GLU A 99 27.87 2.85 48.78
N GLU A 100 29.20 3.08 48.76
CA GLU A 100 29.88 3.66 49.89
C GLU A 100 29.34 4.99 50.38
N THR A 101 29.14 5.98 49.46
CA THR A 101 28.87 7.37 49.80
C THR A 101 27.40 7.81 49.89
N ALA A 102 26.44 6.86 49.74
CA ALA A 102 25.00 7.00 49.85
C ALA A 102 24.53 8.01 50.92
N PRO A 103 23.72 9.04 50.72
CA PRO A 103 23.13 9.48 49.48
C PRO A 103 24.15 9.78 48.44
N SER A 104 23.96 9.18 47.25
CA SER A 104 24.80 9.38 46.11
C SER A 104 23.86 9.40 44.97
N ILE A 105 23.96 10.45 44.14
CA ILE A 105 23.11 10.61 43.01
C ILE A 105 23.98 10.24 41.88
N ILE A 106 23.63 9.09 41.28
CA ILE A 106 24.19 8.58 40.07
C ILE A 106 23.47 9.38 39.04
N PHE A 107 24.25 10.09 38.21
CA PHE A 107 23.80 11.09 37.32
C PHE A 107 24.49 10.55 36.13
N ILE A 108 23.67 10.21 35.14
CA ILE A 108 24.07 9.71 33.87
C ILE A 108 23.03 10.39 33.12
N ASP A 109 23.36 10.83 31.93
CA ASP A 109 22.47 11.70 31.23
C ASP A 109 22.55 11.15 29.88
N GLU A 110 21.58 11.56 29.02
CA GLU A 110 21.52 11.23 27.63
C GLU A 110 21.71 9.78 27.44
N ILE A 111 20.87 8.99 28.12
CA ILE A 111 21.10 7.59 28.22
C ILE A 111 20.55 6.96 26.99
N ASP A 112 19.78 7.77 26.22
CA ASP A 112 19.57 7.52 24.83
C ASP A 112 20.86 7.39 24.11
N SER A 113 21.87 8.23 24.39
CA SER A 113 23.08 8.15 23.62
C SER A 113 23.78 6.86 23.97
N ILE A 114 23.77 6.40 25.24
CA ILE A 114 24.44 5.15 25.53
C ILE A 114 23.72 3.99 24.94
N ALA A 115 22.39 3.92 25.10
CA ALA A 115 21.65 2.85 24.52
C ALA A 115 20.68 3.53 23.65
N PRO A 116 20.82 3.49 22.35
CA PRO A 116 19.86 4.16 21.50
C PRO A 116 18.88 3.09 21.07
N LYS A 117 18.82 2.78 19.76
CA LYS A 117 17.97 1.82 19.09
C LYS A 117 17.53 0.68 19.93
N ARG A 118 16.24 0.38 19.78
CA ARG A 118 15.47 -0.50 20.62
C ARG A 118 16.10 -1.85 20.69
N GLU A 119 16.64 -2.32 19.56
CA GLU A 119 17.11 -3.67 19.46
C GLU A 119 17.93 -3.71 18.22
N GLU A 120 18.04 -2.56 17.53
CA GLU A 120 18.77 -2.52 16.30
C GLU A 120 20.19 -2.24 16.71
N VAL A 121 20.38 -1.90 18.02
CA VAL A 121 21.67 -1.92 18.67
C VAL A 121 22.07 -3.36 18.74
N GLN A 122 23.37 -3.64 18.67
CA GLN A 122 23.83 -4.99 18.72
C GLN A 122 25.16 -4.94 19.40
N GLY A 123 25.80 -3.76 19.31
CA GLY A 123 27.15 -3.45 19.69
C GLY A 123 27.67 -4.18 20.87
N GLU A 124 28.96 -4.51 20.81
CA GLU A 124 29.67 -5.26 21.82
C GLU A 124 29.51 -4.58 23.13
N VAL A 125 30.11 -3.38 23.20
CA VAL A 125 30.03 -2.43 24.28
C VAL A 125 28.60 -2.10 24.58
N GLU A 126 27.76 -1.93 23.55
CA GLU A 126 26.37 -1.68 23.77
C GLU A 126 25.72 -2.72 24.61
N ARG A 127 25.92 -4.02 24.34
CA ARG A 127 25.34 -5.00 25.21
C ARG A 127 26.12 -5.14 26.47
N ARG A 128 27.43 -4.83 26.48
CA ARG A 128 28.21 -4.96 27.68
C ARG A 128 27.74 -3.99 28.71
N VAL A 129 27.73 -2.70 28.35
CA VAL A 129 27.49 -1.61 29.25
C VAL A 129 26.06 -1.51 29.59
N VAL A 130 25.17 -1.83 28.62
CA VAL A 130 23.75 -1.89 28.85
C VAL A 130 23.50 -2.90 29.90
N ALA A 131 24.16 -4.06 29.79
CA ALA A 131 23.98 -5.13 30.71
C ALA A 131 24.50 -4.74 32.04
N GLN A 132 25.70 -4.14 32.10
CA GLN A 132 26.31 -3.77 33.34
C GLN A 132 25.45 -2.86 34.13
N LEU A 133 24.97 -1.75 33.53
CA LEU A 133 24.05 -0.86 34.18
C LEU A 133 22.76 -1.51 34.59
N LEU A 134 22.16 -2.35 33.73
CA LEU A 134 20.99 -3.17 33.99
C LEU A 134 21.15 -4.02 35.19
N THR A 135 22.32 -4.68 35.31
CA THR A 135 22.65 -5.61 36.35
C THR A 135 23.02 -4.85 37.56
N LEU A 136 23.78 -3.74 37.44
CA LEU A 136 24.02 -2.84 38.53
C LEU A 136 22.75 -2.33 39.11
N MET A 137 21.70 -2.15 38.27
CA MET A 137 20.38 -1.86 38.78
C MET A 137 19.78 -3.04 39.50
N ASP A 138 19.85 -4.27 38.97
CA ASP A 138 19.37 -5.44 39.66
C ASP A 138 19.99 -5.76 40.99
N GLY A 139 21.33 -5.59 41.11
CA GLY A 139 22.09 -5.95 42.28
C GLY A 139 21.77 -5.29 43.59
N MET A 140 21.14 -4.11 43.48
CA MET A 140 20.81 -3.18 44.52
C MET A 140 20.31 -3.72 45.83
N LYS A 141 20.28 -2.77 46.78
CA LYS A 141 19.70 -2.91 48.06
C LYS A 141 18.68 -1.83 47.94
N GLU A 142 17.42 -2.15 48.31
CA GLU A 142 16.32 -1.26 48.17
C GLU A 142 16.25 -0.41 49.40
N ARG A 143 17.42 0.00 49.92
CA ARG A 143 17.56 0.81 51.08
C ARG A 143 18.93 1.44 50.95
N GLY A 144 19.75 0.93 50.00
CA GLY A 144 21.00 1.54 49.59
C GLY A 144 20.63 2.78 48.86
N HIS A 145 20.92 3.94 49.51
CA HIS A 145 20.51 5.26 49.10
C HIS A 145 21.28 5.76 47.93
N VAL A 146 20.96 5.23 46.75
CA VAL A 146 21.49 5.73 45.53
C VAL A 146 20.31 5.66 44.63
N ILE A 147 20.13 6.67 43.77
CA ILE A 147 19.13 6.61 42.74
C ILE A 147 19.95 7.00 41.56
N VAL A 148 19.37 6.78 40.37
CA VAL A 148 20.05 6.91 39.14
C VAL A 148 19.11 7.77 38.40
N ILE A 149 19.60 8.97 38.05
CA ILE A 149 18.81 9.96 37.40
C ILE A 149 19.42 10.01 36.05
N GLY A 150 18.58 10.34 35.07
CA GLY A 150 19.02 10.44 33.73
C GLY A 150 18.04 11.22 33.01
N ALA A 151 18.39 11.53 31.77
CA ALA A 151 17.57 12.35 30.93
C ALA A 151 17.63 11.73 29.59
N THR A 152 16.61 12.07 28.81
CA THR A 152 16.53 11.63 27.47
C THR A 152 15.66 12.68 26.90
N ASN A 153 15.69 12.78 25.57
CA ASN A 153 14.88 13.71 24.84
C ASN A 153 13.54 13.07 24.58
N ARG A 154 13.43 11.72 24.62
CA ARG A 154 12.19 11.08 24.25
C ARG A 154 12.08 9.74 24.94
N ILE A 155 10.82 9.35 25.25
CA ILE A 155 10.50 8.15 25.97
C ILE A 155 10.99 6.96 25.20
N ASP A 156 10.65 6.90 23.90
CA ASP A 156 11.17 5.89 23.04
C ASP A 156 12.48 6.42 22.56
N ALA A 157 13.58 5.84 23.04
CA ALA A 157 14.91 6.28 22.68
C ALA A 157 15.85 5.41 23.43
N ILE A 158 15.43 4.19 23.79
CA ILE A 158 16.24 3.25 24.53
C ILE A 158 15.70 1.89 24.16
N ASP A 159 16.31 0.84 24.76
CA ASP A 159 15.93 -0.53 24.59
C ASP A 159 14.73 -0.73 25.48
N PRO A 160 13.70 -1.49 25.15
CA PRO A 160 12.60 -1.74 26.05
C PRO A 160 13.02 -2.33 27.38
N ALA A 161 14.18 -3.04 27.40
CA ALA A 161 14.80 -3.55 28.60
C ALA A 161 15.09 -2.50 29.62
N LEU A 162 15.55 -1.32 29.17
CA LEU A 162 15.84 -0.22 30.05
C LEU A 162 14.62 0.49 30.50
N ARG A 163 13.45 0.18 29.93
CA ARG A 163 12.21 0.80 30.36
C ARG A 163 11.53 -0.14 31.29
N ARG A 164 11.87 -1.46 31.18
CA ARG A 164 11.30 -2.58 31.90
C ARG A 164 10.90 -2.20 33.29
N PRO A 165 9.68 -2.44 33.78
CA PRO A 165 9.23 -2.01 35.10
C PRO A 165 10.18 -2.49 36.15
N GLY A 166 10.46 -1.64 37.13
CA GLY A 166 11.46 -1.87 38.13
C GLY A 166 12.86 -1.57 37.66
N ARG A 167 13.08 -1.09 36.42
CA ARG A 167 14.40 -0.67 36.00
C ARG A 167 14.18 0.51 35.11
N PHE A 168 14.17 1.71 35.75
CA PHE A 168 13.88 3.00 35.22
C PHE A 168 12.43 3.00 34.83
N ASP A 169 11.56 3.66 35.63
CA ASP A 169 10.13 3.58 35.36
C ASP A 169 9.31 4.68 35.99
N ARG A 170 9.88 5.49 36.91
CA ARG A 170 9.16 6.62 37.47
C ARG A 170 9.55 7.71 36.53
N GLU A 171 8.62 8.64 36.18
CA GLU A 171 8.84 9.45 35.01
C GLU A 171 8.31 10.77 35.36
N ILE A 172 9.08 11.78 34.89
CA ILE A 172 8.89 13.18 35.18
C ILE A 172 9.10 13.94 33.91
N GLU A 173 8.12 14.78 33.52
CA GLU A 173 8.21 15.56 32.33
C GLU A 173 8.45 16.96 32.79
N ILE A 174 9.31 17.65 32.03
CA ILE A 174 9.71 19.00 32.27
C ILE A 174 9.65 19.53 30.86
N GLY A 175 8.88 20.62 30.63
CA GLY A 175 8.51 21.11 29.31
C GLY A 175 9.24 22.34 28.84
N VAL A 176 8.51 23.49 28.79
CA VAL A 176 9.02 24.77 28.40
C VAL A 176 8.69 25.62 29.59
N PRO A 177 9.53 26.52 30.06
CA PRO A 177 9.26 27.25 31.28
C PRO A 177 8.16 28.25 31.13
N ASP A 178 7.37 28.45 32.22
CA ASP A 178 6.28 29.39 32.28
C ASP A 178 6.83 30.78 32.22
N ARG A 179 6.02 31.72 31.71
CA ARG A 179 6.43 33.08 31.44
C ARG A 179 7.14 33.76 32.56
N ASN A 180 6.55 33.75 33.78
CA ASN A 180 7.20 34.31 34.93
C ASN A 180 8.41 33.56 35.33
N GLY A 181 8.42 32.23 35.15
CA GLY A 181 9.53 31.42 35.55
C GLY A 181 10.74 31.76 34.76
N ARG A 182 10.55 32.03 33.47
CA ARG A 182 11.55 32.48 32.55
C ARG A 182 12.28 33.67 33.04
N LYS A 183 11.55 34.59 33.72
CA LYS A 183 12.14 35.78 34.28
C LYS A 183 13.21 35.42 35.25
N GLU A 184 12.93 34.50 36.20
CA GLU A 184 13.87 34.05 37.18
C GLU A 184 15.16 33.63 36.57
N ILE A 185 15.08 32.77 35.54
CA ILE A 185 16.20 32.25 34.80
C ILE A 185 16.99 33.38 34.21
N LEU A 186 16.33 34.26 33.44
CA LEU A 186 16.97 35.34 32.75
C LEU A 186 17.55 36.31 33.74
N MET A 187 16.98 36.35 34.95
CA MET A 187 17.37 37.19 36.06
C MET A 187 18.65 36.68 36.55
N ILE A 188 18.82 35.35 36.71
CA ILE A 188 20.06 34.81 37.20
C ILE A 188 21.15 35.21 36.24
N HIS A 189 20.96 35.01 34.91
CA HIS A 189 21.89 35.46 33.92
C HIS A 189 22.13 36.95 33.88
N THR A 190 21.17 37.77 34.37
CA THR A 190 21.35 39.20 34.47
C THR A 190 22.44 39.56 35.45
N ARG A 191 22.81 38.67 36.40
CA ARG A 191 23.82 38.99 37.37
C ARG A 191 25.13 39.31 36.73
N ASN A 192 25.49 38.56 35.67
CA ASN A 192 26.72 38.77 34.94
C ASN A 192 26.61 40.01 34.10
N MET A 193 25.45 40.16 33.45
CA MET A 193 25.17 41.23 32.52
C MET A 193 25.14 42.61 33.11
N PRO A 194 25.54 43.60 32.30
CA PRO A 194 25.28 44.99 32.60
C PRO A 194 23.86 45.31 32.21
N LEU A 195 23.21 46.11 33.06
CA LEU A 195 21.95 46.76 32.81
C LEU A 195 22.19 48.15 33.34
N GLY A 196 23.27 48.33 34.14
CA GLY A 196 23.74 49.58 34.65
C GLY A 196 23.34 49.87 36.06
N MET A 197 22.17 49.36 36.51
CA MET A 197 21.69 49.60 37.86
C MET A 197 20.64 48.55 38.12
N SER A 198 20.32 48.35 39.43
CA SER A 198 19.38 47.39 39.96
C SER A 198 18.04 47.43 39.30
N GLU A 199 17.50 48.65 39.08
CA GLU A 199 16.37 48.95 38.23
C GLU A 199 15.33 47.87 38.24
N GLU A 200 14.54 47.80 39.32
CA GLU A 200 13.40 46.91 39.45
C GLU A 200 12.47 47.10 38.28
N GLU A 201 12.44 48.37 37.79
CA GLU A 201 11.75 48.78 36.62
C GLU A 201 12.26 48.07 35.40
N LYS A 202 13.58 48.04 35.14
CA LYS A 202 14.16 47.24 34.08
C LYS A 202 13.80 45.80 34.20
N ASN A 203 13.90 45.22 35.43
CA ASN A 203 13.45 43.88 35.70
C ASN A 203 12.03 43.68 35.28
N LYS A 204 11.10 44.56 35.69
CA LYS A 204 9.74 44.51 35.22
C LYS A 204 9.59 44.67 33.73
N PHE A 205 10.40 45.55 33.10
CA PHE A 205 10.43 45.71 31.68
C PHE A 205 10.86 44.44 31.04
N LEU A 206 11.98 43.87 31.50
CA LEU A 206 12.49 42.61 31.04
C LEU A 206 11.48 41.52 31.19
N GLU A 207 10.70 41.54 32.30
CA GLU A 207 9.63 40.61 32.52
C GLU A 207 8.66 40.59 31.38
N GLU A 208 8.09 41.76 31.02
CA GLU A 208 7.16 41.76 29.92
C GLU A 208 7.87 41.61 28.62
N MET A 209 9.14 42.04 28.52
CA MET A 209 9.97 41.87 27.36
C MET A 209 10.07 40.45 26.95
N ALA A 210 10.28 39.59 27.97
CA ALA A 210 10.42 38.19 27.79
C ALA A 210 9.11 37.60 27.47
N ASP A 211 8.02 38.11 28.06
CA ASP A 211 6.70 37.64 27.75
C ASP A 211 6.33 37.96 26.32
N TYR A 212 7.02 38.92 25.65
CA TYR A 212 6.81 39.25 24.24
C TYR A 212 7.05 38.06 23.37
N THR A 213 7.83 37.09 23.86
CA THR A 213 7.99 35.82 23.24
C THR A 213 7.34 34.88 24.17
N TYR A 214 6.68 33.86 23.62
CA TYR A 214 6.00 32.85 24.38
C TYR A 214 7.02 32.09 25.17
N GLY A 215 8.17 31.80 24.52
CA GLY A 215 9.21 31.16 25.24
C GLY A 215 10.44 31.04 24.43
N PHE A 216 11.44 30.50 25.15
CA PHE A 216 12.76 30.09 24.79
C PHE A 216 12.96 29.04 25.86
N VAL A 217 13.76 27.99 25.62
CA VAL A 217 14.03 26.98 26.64
C VAL A 217 15.17 27.49 27.49
N GLY A 218 15.61 26.81 28.57
CA GLY A 218 16.59 27.35 29.49
C GLY A 218 17.86 27.72 28.79
N ALA A 219 18.37 26.77 27.99
CA ALA A 219 19.49 26.99 27.12
C ALA A 219 19.27 28.17 26.21
N ASP A 220 18.16 28.14 25.46
CA ASP A 220 17.78 29.16 24.52
C ASP A 220 17.68 30.52 25.15
N LEU A 221 17.12 30.63 26.36
CA LEU A 221 17.05 31.84 27.15
C LEU A 221 18.43 32.36 27.30
N ALA A 222 19.36 31.48 27.75
CA ALA A 222 20.74 31.85 27.86
C ALA A 222 21.35 32.32 26.56
N ALA A 223 20.84 31.87 25.40
CA ALA A 223 21.35 32.35 24.17
C ALA A 223 20.84 33.70 23.89
N LEU A 224 19.59 34.01 24.30
CA LEU A 224 19.09 35.34 24.13
C LEU A 224 20.00 36.32 24.79
N VAL A 225 20.34 36.10 26.07
CA VAL A 225 21.30 36.91 26.76
C VAL A 225 22.65 36.95 26.14
N ARG A 226 23.15 35.84 25.55
CA ARG A 226 24.43 35.88 24.90
C ARG A 226 24.39 36.82 23.75
N GLU A 227 23.27 36.79 23.01
CA GLU A 227 23.02 37.68 21.92
C GLU A 227 23.11 39.11 22.32
N SER A 228 22.49 39.52 23.45
CA SER A 228 22.44 40.87 23.93
C SER A 228 23.82 41.42 24.06
N ALA A 229 24.71 40.69 24.74
CA ALA A 229 26.11 40.98 24.90
C ALA A 229 26.75 41.29 23.58
N MET A 230 26.72 40.31 22.66
CA MET A 230 27.26 40.42 21.34
C MET A 230 26.72 41.63 20.62
N ASN A 231 25.39 41.77 20.59
CA ASN A 231 24.66 42.79 19.91
C ASN A 231 25.09 44.10 20.48
N ALA A 232 25.08 44.25 21.82
CA ALA A 232 25.51 45.45 22.47
C ALA A 232 26.95 45.75 22.20
N LEU A 233 27.80 44.71 22.02
CA LEU A 233 29.18 44.94 21.69
C LEU A 233 29.33 45.55 20.32
N ARG A 234 28.31 45.42 19.45
CA ARG A 234 28.26 46.06 18.17
C ARG A 234 28.09 47.53 18.37
N ARG A 235 27.19 47.93 19.30
CA ARG A 235 26.96 49.31 19.66
C ARG A 235 28.23 49.98 20.11
N TYR A 236 29.10 49.23 20.80
CA TYR A 236 30.34 49.75 21.28
C TYR A 236 31.45 49.46 20.33
N LEU A 237 31.19 48.77 19.19
CA LEU A 237 32.21 48.50 18.20
C LEU A 237 32.69 49.80 17.59
N PRO A 238 31.89 50.82 17.28
CA PRO A 238 32.45 52.03 16.71
C PRO A 238 33.27 52.80 17.71
N GLU A 239 32.98 52.70 19.03
CA GLU A 239 33.68 53.50 20.00
C GLU A 239 35.01 52.91 20.37
N ILE A 240 35.01 51.62 20.72
CA ILE A 240 36.14 50.92 21.29
C ILE A 240 37.28 50.70 20.35
N ASP A 241 36.98 50.32 19.08
CA ASP A 241 37.95 49.88 18.09
C ASP A 241 39.07 50.86 17.93
N LEU A 242 38.68 52.16 18.03
CA LEU A 242 39.49 53.35 17.89
C LEU A 242 40.64 53.30 18.85
N ASP A 243 40.39 52.80 20.08
CA ASP A 243 41.41 52.66 21.08
C ASP A 243 41.94 51.26 20.88
N LYS A 244 43.06 51.17 20.13
CA LYS A 244 43.74 49.95 19.79
C LYS A 244 44.24 49.31 21.05
N PRO A 245 44.91 49.97 22.03
CA PRO A 245 45.17 49.33 23.30
C PRO A 245 43.89 49.47 24.05
N ILE A 246 43.46 48.41 24.76
CA ILE A 246 42.15 48.34 25.35
C ILE A 246 42.04 49.37 26.45
N PRO A 247 40.91 50.08 26.65
CA PRO A 247 40.78 51.02 27.75
C PRO A 247 40.05 50.35 28.91
N THR A 248 40.41 50.70 30.17
CA THR A 248 39.74 50.21 31.35
C THR A 248 38.77 51.26 31.79
N GLU A 249 38.66 52.35 30.99
CA GLU A 249 37.67 53.40 31.12
C GLU A 249 36.34 52.79 30.86
N ILE A 250 36.30 51.89 29.85
CA ILE A 250 35.22 50.95 29.74
C ILE A 250 35.48 49.93 30.82
N LEU A 251 34.56 49.95 31.77
CA LEU A 251 34.47 49.06 32.89
C LEU A 251 33.12 49.38 33.43
N GLU A 252 32.51 50.46 32.90
CA GLU A 252 31.20 50.90 33.20
C GLU A 252 30.84 51.74 32.01
N LYS A 253 31.52 51.55 30.86
CA LYS A 253 31.09 52.08 29.58
C LYS A 253 30.63 50.92 28.74
N MET A 254 30.26 49.82 29.43
CA MET A 254 29.47 48.76 28.89
C MET A 254 28.33 48.73 29.86
N VAL A 255 27.15 49.08 29.35
CA VAL A 255 25.93 49.20 30.08
C VAL A 255 25.05 49.00 28.90
N VAL A 256 24.50 47.78 28.74
CA VAL A 256 23.70 47.44 27.59
C VAL A 256 22.48 48.32 27.53
N THR A 257 22.08 48.80 26.31
CA THR A 257 20.91 49.64 26.18
C THR A 257 19.78 48.68 25.98
N GLU A 258 18.66 48.87 26.70
CA GLU A 258 17.51 47.99 26.74
C GLU A 258 16.97 47.64 25.40
N ASP A 259 17.06 48.59 24.45
CA ASP A 259 16.65 48.41 23.09
C ASP A 259 17.47 47.33 22.43
N ASP A 260 18.75 47.15 22.82
CA ASP A 260 19.60 46.08 22.34
C ASP A 260 19.00 44.74 22.58
N PHE A 261 18.53 44.46 23.83
CA PHE A 261 17.85 43.23 24.16
C PHE A 261 16.70 42.98 23.24
N LYS A 262 15.80 43.98 23.09
CA LYS A 262 14.71 43.95 22.13
C LYS A 262 15.12 43.70 20.69
N ASN A 263 16.27 44.27 20.27
CA ASN A 263 16.78 44.11 18.93
C ASN A 263 17.45 42.82 18.76
N ALA A 264 17.89 42.19 19.86
CA ALA A 264 18.45 40.87 19.78
C ALA A 264 17.30 39.93 19.73
N LEU A 265 16.18 40.29 20.41
CA LEU A 265 14.93 39.58 20.39
C LEU A 265 14.45 39.44 19.00
N LYS A 266 14.74 40.48 18.17
CA LYS A 266 14.52 40.42 16.77
C LYS A 266 15.68 39.69 16.19
N SER A 267 15.39 38.44 15.76
CA SER A 267 16.26 37.51 15.11
C SER A 267 17.04 36.81 16.16
N ILE A 268 16.58 35.60 16.51
CA ILE A 268 17.20 34.76 17.48
C ILE A 268 16.43 33.46 17.39
N GLU A 269 15.39 33.39 16.54
CA GLU A 269 14.55 32.23 16.29
C GLU A 269 14.10 31.62 17.59
N PRO A 270 13.32 32.34 18.43
CA PRO A 270 12.87 31.91 19.76
C PRO A 270 12.43 30.48 19.84
N SER A 271 12.76 29.79 20.95
CA SER A 271 12.52 28.36 21.13
C SER A 271 13.18 27.62 19.99
N SER A 272 12.73 26.39 19.75
CA SER A 272 13.23 25.63 18.66
C SER A 272 12.13 24.70 18.32
N LEU A 273 10.86 25.05 18.66
CA LEU A 273 9.71 24.20 18.48
C LEU A 273 9.55 23.78 17.05
N ARG A 274 9.27 22.48 16.88
CA ARG A 274 9.19 21.77 15.65
C ARG A 274 8.00 22.25 14.87
N GLU A 275 6.83 22.24 15.55
CA GLU A 275 5.58 22.66 15.00
C GLU A 275 5.45 24.14 15.24
N VAL A 276 4.64 24.79 14.38
CA VAL A 276 4.41 26.21 14.41
C VAL A 276 3.62 26.57 15.64
N MET A 277 3.94 27.70 16.28
CA MET A 277 3.24 28.15 17.45
C MET A 277 3.02 29.62 17.25
N VAL A 278 1.84 29.94 16.68
CA VAL A 278 1.46 31.30 16.48
C VAL A 278 1.01 31.73 17.84
N GLU A 279 1.27 32.99 18.17
CA GLU A 279 0.96 33.53 19.47
C GLU A 279 -0.44 34.06 19.35
N VAL A 280 -0.64 35.29 19.87
CA VAL A 280 -1.88 36.01 19.83
C VAL A 280 -1.75 37.01 18.69
N PRO A 281 -2.58 36.98 17.64
CA PRO A 281 -2.53 37.91 16.52
C PRO A 281 -2.92 39.28 17.00
N ASN A 282 -2.69 40.29 16.15
CA ASN A 282 -2.88 41.65 16.55
C ASN A 282 -4.18 42.19 16.05
N VAL A 283 -4.96 41.41 15.28
CA VAL A 283 -6.18 41.89 14.69
C VAL A 283 -7.18 42.28 15.76
N HIS A 284 -7.45 43.59 15.92
CA HIS A 284 -8.33 44.12 16.93
C HIS A 284 -9.75 43.92 16.52
N TRP A 285 -10.71 43.96 17.48
CA TRP A 285 -12.13 43.81 17.18
C TRP A 285 -12.53 44.85 16.19
N ASP A 286 -11.90 46.04 16.31
CA ASP A 286 -12.03 47.12 15.37
C ASP A 286 -11.74 46.75 13.95
N ASP A 287 -10.77 45.85 13.71
CA ASP A 287 -10.46 45.38 12.39
C ASP A 287 -11.44 44.41 11.80
N ILE A 288 -12.46 43.94 12.56
CA ILE A 288 -13.45 43.02 12.02
C ILE A 288 -14.37 43.76 11.10
N GLY A 289 -14.80 43.10 10.00
CA GLY A 289 -15.78 43.65 9.09
C GLY A 289 -17.11 43.57 9.77
N GLY A 290 -17.61 44.74 10.24
CA GLY A 290 -18.86 44.90 10.94
C GLY A 290 -19.06 43.94 12.07
N LEU A 291 -20.31 43.46 12.21
CA LEU A 291 -20.75 42.44 13.12
C LEU A 291 -20.54 42.81 14.56
N GLU A 292 -20.98 44.02 14.93
CA GLU A 292 -20.94 44.57 16.27
C GLU A 292 -21.67 43.71 17.27
N ASP A 293 -22.78 43.08 16.79
CA ASP A 293 -23.69 42.24 17.52
C ASP A 293 -22.96 40.99 17.92
N VAL A 294 -22.26 40.37 16.95
CA VAL A 294 -21.50 39.16 17.13
C VAL A 294 -20.46 39.47 18.15
N LYS A 295 -19.73 40.60 18.07
CA LYS A 295 -18.71 40.96 19.04
C LYS A 295 -19.24 40.91 20.45
N ARG A 296 -20.40 41.53 20.74
CA ARG A 296 -21.00 41.48 22.05
C ARG A 296 -21.27 40.05 22.49
N GLU A 297 -21.75 39.20 21.55
CA GLU A 297 -22.06 37.83 21.88
C GLU A 297 -20.82 37.00 21.99
N ILE A 298 -19.86 37.14 21.07
CA ILE A 298 -18.61 36.42 21.03
C ILE A 298 -17.84 36.71 22.25
N LYS A 299 -17.88 37.97 22.73
CA LYS A 299 -17.21 38.30 23.94
C LYS A 299 -17.75 37.51 25.08
N GLU A 300 -19.08 37.54 25.34
CA GLU A 300 -19.62 36.74 26.42
C GLU A 300 -19.46 35.25 26.25
N THR A 301 -19.36 34.74 25.01
CA THR A 301 -19.18 33.34 24.82
C THR A 301 -17.79 32.94 25.17
N VAL A 302 -16.77 33.68 24.71
CA VAL A 302 -15.40 33.32 24.94
C VAL A 302 -14.99 33.69 26.32
N GLU A 303 -15.36 34.91 26.77
CA GLU A 303 -14.85 35.51 27.97
C GLU A 303 -15.28 34.70 29.13
N LEU A 304 -16.54 34.23 29.21
CA LEU A 304 -16.95 33.39 30.32
C LEU A 304 -16.04 32.18 30.48
N PRO A 305 -15.79 31.29 29.52
CA PRO A 305 -14.81 30.24 29.69
C PRO A 305 -13.38 30.72 29.92
N LEU A 306 -12.85 31.74 29.22
CA LEU A 306 -11.45 32.04 29.41
C LEU A 306 -11.23 32.77 30.70
N LEU A 307 -12.04 33.81 30.97
CA LEU A 307 -11.88 34.68 32.10
C LEU A 307 -12.40 34.17 33.45
N LYS A 308 -13.57 33.47 33.52
CA LYS A 308 -14.18 33.20 34.83
C LYS A 308 -14.99 31.90 34.92
N PRO A 309 -14.42 30.71 34.89
CA PRO A 309 -15.12 29.47 35.12
C PRO A 309 -15.71 29.40 36.51
N ASP A 310 -14.96 29.92 37.50
CA ASP A 310 -15.15 29.73 38.91
C ASP A 310 -16.49 30.18 39.40
N VAL A 311 -16.88 31.43 39.09
CA VAL A 311 -18.13 31.97 39.55
C VAL A 311 -19.33 31.20 39.05
N PHE A 312 -19.19 30.46 37.92
CA PHE A 312 -20.30 29.70 37.40
C PHE A 312 -20.47 28.46 38.18
N LYS A 313 -19.40 27.97 38.83
CA LYS A 313 -19.51 26.82 39.67
C LYS A 313 -20.13 27.28 40.97
N ARG A 314 -19.91 28.56 41.37
CA ARG A 314 -20.55 29.11 42.54
C ARG A 314 -22.06 29.15 42.45
N LEU A 315 -22.60 29.39 41.22
CA LEU A 315 -24.02 29.29 40.97
C LEU A 315 -24.41 27.86 41.01
N GLY A 316 -23.67 27.10 40.17
CA GLY A 316 -23.77 25.70 40.04
C GLY A 316 -23.90 25.37 38.60
N ILE A 317 -23.97 26.37 37.68
CA ILE A 317 -24.10 26.06 36.27
C ILE A 317 -22.79 25.64 35.68
N ARG A 318 -22.87 24.75 34.65
CA ARG A 318 -21.76 24.10 33.98
C ARG A 318 -21.60 24.78 32.65
N PRO A 319 -20.52 25.53 32.41
CA PRO A 319 -20.25 26.13 31.12
C PRO A 319 -20.07 25.11 30.04
N SER A 320 -20.13 25.59 28.79
CA SER A 320 -20.03 24.84 27.57
C SER A 320 -18.64 24.28 27.39
N LYS A 321 -18.42 23.49 26.31
CA LYS A 321 -17.14 22.92 26.00
C LYS A 321 -16.63 23.40 24.67
N GLY A 322 -17.25 24.42 24.05
CA GLY A 322 -16.65 25.05 22.90
C GLY A 322 -17.72 25.57 22.01
N PHE A 323 -17.34 26.02 20.81
CA PHE A 323 -18.36 26.39 19.86
C PHE A 323 -17.73 26.31 18.53
N LEU A 324 -18.60 26.25 17.52
CA LEU A 324 -18.42 26.02 16.12
C LEU A 324 -18.92 27.27 15.45
N LEU A 325 -18.39 27.66 14.26
CA LEU A 325 -18.86 28.80 13.48
C LEU A 325 -19.36 28.13 12.24
N TYR A 326 -20.55 28.53 11.73
CA TYR A 326 -21.11 27.91 10.57
C TYR A 326 -21.81 29.00 9.84
N GLY A 327 -21.77 28.98 8.50
CA GLY A 327 -22.34 30.03 7.73
C GLY A 327 -21.68 30.00 6.39
N PRO A 328 -21.86 31.05 5.59
CA PRO A 328 -21.25 31.20 4.28
C PRO A 328 -19.76 31.11 4.38
N PRO A 329 -19.04 30.29 3.64
CA PRO A 329 -17.61 30.12 3.72
C PRO A 329 -16.82 31.37 3.89
N GLY A 330 -15.75 31.28 4.72
CA GLY A 330 -14.75 32.27 5.04
C GLY A 330 -15.19 33.66 4.80
N VAL A 331 -16.07 34.17 5.67
CA VAL A 331 -16.54 35.53 5.60
C VAL A 331 -15.53 36.38 6.32
N GLY A 332 -14.33 35.82 6.53
CA GLY A 332 -13.34 36.39 7.37
C GLY A 332 -13.67 35.70 8.65
N LYS A 333 -14.12 34.42 8.56
CA LYS A 333 -14.43 33.53 9.67
C LYS A 333 -13.24 33.52 10.58
N THR A 334 -12.09 33.20 9.95
CA THR A 334 -10.79 33.12 10.55
C THR A 334 -10.44 34.39 11.26
N LEU A 335 -10.94 35.52 10.76
CA LEU A 335 -10.65 36.81 11.30
C LEU A 335 -11.47 36.97 12.54
N LEU A 336 -12.74 36.51 12.57
CA LEU A 336 -13.59 36.62 13.73
C LEU A 336 -12.96 35.92 14.87
N ALA A 337 -12.63 34.62 14.70
CA ALA A 337 -11.95 33.86 15.72
C ALA A 337 -10.70 34.51 16.24
N LYS A 338 -9.79 34.93 15.33
CA LYS A 338 -8.57 35.61 15.67
C LYS A 338 -8.79 36.85 16.47
N ALA A 339 -9.85 37.60 16.14
CA ALA A 339 -10.20 38.84 16.77
C ALA A 339 -10.47 38.66 18.19
N VAL A 340 -11.39 37.74 18.54
CA VAL A 340 -11.75 37.46 19.90
C VAL A 340 -10.52 37.07 20.66
N ALA A 341 -9.61 36.31 20.01
CA ALA A 341 -8.39 35.90 20.64
C ALA A 341 -7.43 37.03 20.88
N THR A 342 -7.38 38.08 20.02
CA THR A 342 -6.49 39.22 20.18
C THR A 342 -6.73 39.95 21.48
N GLU A 343 -7.99 40.39 21.68
CA GLU A 343 -8.43 41.14 22.82
C GLU A 343 -8.31 40.33 24.06
N SER A 344 -8.50 38.99 23.98
CA SER A 344 -8.21 38.17 25.11
C SER A 344 -6.73 38.07 25.12
N ASN A 345 -6.12 38.00 26.30
CA ASN A 345 -4.67 37.94 26.35
C ASN A 345 -4.26 36.62 25.76
N ALA A 346 -4.94 35.52 26.19
CA ALA A 346 -4.91 34.14 25.74
C ALA A 346 -4.35 33.97 24.40
N ASN A 347 -3.36 33.07 24.30
CA ASN A 347 -2.65 32.76 23.11
C ASN A 347 -3.62 32.20 22.13
N PHE A 348 -3.34 32.32 20.84
CA PHE A 348 -4.25 31.79 19.88
C PHE A 348 -3.39 30.74 19.31
N ILE A 349 -4.02 29.65 18.86
CA ILE A 349 -3.29 28.64 18.19
C ILE A 349 -4.20 28.47 17.05
N SER A 350 -3.61 28.37 15.86
CA SER A 350 -4.31 28.11 14.65
C SER A 350 -3.39 27.08 14.12
N ILE A 351 -3.91 25.87 13.93
CA ILE A 351 -3.16 24.81 13.31
C ILE A 351 -4.20 24.37 12.40
N LYS A 352 -3.88 24.49 11.11
CA LYS A 352 -4.88 24.38 10.10
C LYS A 352 -5.26 22.96 9.94
N GLY A 353 -6.58 22.80 9.76
CA GLY A 353 -7.30 21.55 9.64
C GLY A 353 -6.66 20.64 8.63
N PRO A 354 -6.38 21.04 7.40
CA PRO A 354 -5.65 20.24 6.46
C PRO A 354 -4.25 19.96 6.91
N GLU A 355 -3.57 20.91 7.59
CA GLU A 355 -2.20 20.75 8.01
C GLU A 355 -2.09 19.55 8.88
N VAL A 356 -2.90 19.49 9.97
CA VAL A 356 -3.00 18.33 10.79
C VAL A 356 -3.43 17.11 10.01
N LEU A 357 -4.38 17.19 9.08
CA LEU A 357 -4.74 16.02 8.33
C LEU A 357 -3.66 15.52 7.41
N SER A 358 -2.65 16.33 7.03
CA SER A 358 -1.51 15.84 6.33
C SER A 358 -0.37 15.61 7.24
N LYS A 359 -0.53 15.91 8.55
CA LYS A 359 0.55 15.86 9.48
C LYS A 359 0.19 14.79 10.43
N TRP A 360 1.20 14.00 10.80
CA TRP A 360 1.01 12.85 11.62
C TRP A 360 2.39 12.62 12.12
N VAL A 361 2.59 11.80 13.17
CA VAL A 361 3.95 11.57 13.61
C VAL A 361 4.53 10.44 12.79
N GLY A 362 3.68 9.70 12.02
CA GLY A 362 4.17 8.86 10.98
C GLY A 362 3.04 8.12 10.38
N GLU A 363 1.93 8.83 10.04
CA GLU A 363 0.65 8.32 9.59
C GLU A 363 -0.06 7.91 10.85
N SER A 364 0.30 8.56 11.99
CA SER A 364 -0.13 8.23 13.31
C SER A 364 -0.54 9.50 13.96
N GLU A 365 -1.65 9.41 14.67
CA GLU A 365 -2.35 10.48 15.32
C GLU A 365 -1.61 11.15 16.43
N LYS A 366 -0.45 10.62 16.89
CA LYS A 366 0.26 11.14 18.04
C LYS A 366 0.57 12.60 17.94
N ALA A 367 0.64 13.15 16.70
CA ALA A 367 0.90 14.54 16.50
C ALA A 367 -0.27 15.33 17.00
N ILE A 368 -1.53 14.95 16.68
CA ILE A 368 -2.70 15.62 17.23
C ILE A 368 -2.74 15.55 18.73
N ARG A 369 -2.50 14.36 19.34
CA ARG A 369 -2.47 14.26 20.77
C ARG A 369 -1.44 15.17 21.37
N GLU A 370 -0.30 15.39 20.66
CA GLU A 370 0.66 16.37 21.07
C GLU A 370 0.19 17.75 20.81
N ILE A 371 -0.67 18.03 19.81
CA ILE A 371 -1.21 19.34 19.55
C ILE A 371 -1.93 19.82 20.76
N PHE A 372 -2.91 19.04 21.24
CA PHE A 372 -3.68 19.37 22.42
C PHE A 372 -2.78 19.49 23.61
N LYS A 373 -1.79 18.59 23.75
CA LYS A 373 -0.80 18.70 24.79
C LYS A 373 -0.11 20.03 24.81
N LYS A 374 0.41 20.48 23.64
CA LYS A 374 1.09 21.74 23.41
C LYS A 374 0.19 22.89 23.69
N ALA A 375 -1.12 22.70 23.45
CA ALA A 375 -2.12 23.69 23.67
C ALA A 375 -2.27 23.78 25.15
N LYS A 376 -2.39 22.63 25.86
CA LYS A 376 -2.50 22.60 27.30
C LYS A 376 -1.37 23.36 27.93
N GLN A 377 -0.15 23.07 27.46
CA GLN A 377 1.06 23.73 27.85
C GLN A 377 1.09 25.21 27.55
N VAL A 378 0.57 25.68 26.40
CA VAL A 378 0.66 27.08 26.06
C VAL A 378 -0.51 27.85 26.63
N ALA A 379 -1.44 27.19 27.36
CA ALA A 379 -2.65 27.80 27.90
C ALA A 379 -2.38 28.93 28.90
N PRO A 380 -3.21 29.97 29.16
CA PRO A 380 -4.50 30.30 28.57
C PRO A 380 -4.39 30.48 27.10
N ALA A 381 -5.22 29.75 26.35
CA ALA A 381 -5.13 29.77 24.93
C ALA A 381 -6.43 29.33 24.36
N ILE A 382 -6.63 29.67 23.08
CA ILE A 382 -7.78 29.25 22.34
C ILE A 382 -7.17 28.44 21.26
N VAL A 383 -7.50 27.13 21.19
CA VAL A 383 -7.14 26.37 20.04
C VAL A 383 -8.23 26.67 19.05
N PHE A 384 -7.84 26.82 17.77
CA PHE A 384 -8.74 27.11 16.70
C PHE A 384 -8.47 26.03 15.74
N LEU A 385 -9.54 25.41 15.25
CA LEU A 385 -9.44 24.43 14.22
C LEU A 385 -10.38 25.02 13.25
N ASP A 386 -9.85 25.33 12.07
CA ASP A 386 -10.60 25.94 11.02
C ASP A 386 -10.72 24.78 10.11
N GLU A 387 -11.86 24.65 9.44
CA GLU A 387 -12.21 23.47 8.69
C GLU A 387 -12.16 22.23 9.56
N ILE A 388 -12.80 22.28 10.75
CA ILE A 388 -12.87 21.16 11.66
C ILE A 388 -13.54 19.96 11.01
N ASP A 389 -14.38 20.22 9.98
CA ASP A 389 -15.00 19.24 9.15
C ASP A 389 -13.94 18.44 8.49
N SER A 390 -12.94 19.09 7.88
CA SER A 390 -11.83 18.46 7.23
C SER A 390 -11.11 17.51 8.15
N ILE A 391 -11.03 17.80 9.47
CA ILE A 391 -10.31 16.93 10.35
C ILE A 391 -11.22 15.88 10.90
N ALA A 392 -12.53 16.01 10.71
CA ALA A 392 -13.42 15.00 11.20
C ALA A 392 -14.65 15.03 10.39
N PRO A 393 -14.66 14.51 9.16
CA PRO A 393 -15.89 14.44 8.40
C PRO A 393 -16.69 13.31 8.96
N ARG A 394 -17.99 13.17 8.59
CA ARG A 394 -18.88 12.07 8.87
C ARG A 394 -18.11 10.82 8.81
N ARG A 395 -18.23 9.96 9.84
CA ARG A 395 -17.40 8.80 9.93
C ARG A 395 -17.76 7.82 8.85
N GLY A 396 -18.89 8.09 8.15
CA GLY A 396 -19.33 7.30 7.04
C GLY A 396 -18.52 7.57 5.80
N THR A 397 -17.59 8.56 5.79
CA THR A 397 -16.73 8.79 4.65
C THR A 397 -15.80 7.61 4.48
N THR A 398 -15.57 7.20 3.21
CA THR A 398 -14.89 5.96 2.89
C THR A 398 -13.47 6.23 2.45
N SER A 399 -13.10 7.52 2.30
CA SER A 399 -11.76 7.94 1.99
C SER A 399 -10.95 7.60 3.19
N ASP A 400 -11.56 7.89 4.36
CA ASP A 400 -11.10 7.51 5.67
C ASP A 400 -11.06 6.02 5.74
N SER A 401 -10.04 5.48 6.41
CA SER A 401 -9.91 4.06 6.56
C SER A 401 -9.52 3.91 7.97
N GLY A 402 -8.31 4.36 8.31
CA GLY A 402 -7.81 4.35 9.66
C GLY A 402 -7.86 5.72 10.19
N VAL A 403 -8.19 6.70 9.32
CA VAL A 403 -8.35 8.12 9.55
C VAL A 403 -9.30 8.27 10.69
N THR A 404 -10.46 7.61 10.60
CA THR A 404 -11.42 7.71 11.67
C THR A 404 -10.90 7.05 12.92
N GLU A 405 -10.41 5.80 12.85
CA GLU A 405 -9.95 5.09 14.02
C GLU A 405 -8.88 5.83 14.75
N ARG A 406 -7.77 6.11 14.05
CA ARG A 406 -6.64 6.79 14.60
C ARG A 406 -7.02 8.15 15.10
N ILE A 407 -7.31 9.07 14.16
CA ILE A 407 -7.24 10.48 14.40
C ILE A 407 -8.58 10.92 14.81
N VAL A 408 -9.68 10.77 14.04
CA VAL A 408 -10.98 11.31 14.41
C VAL A 408 -11.36 10.94 15.83
N ASN A 409 -11.16 9.67 16.24
CA ASN A 409 -11.46 9.28 17.59
C ASN A 409 -10.48 9.84 18.58
N GLN A 410 -9.19 10.01 18.22
CA GLN A 410 -8.23 10.63 19.11
C GLN A 410 -8.62 12.05 19.35
N LEU A 411 -9.02 12.73 18.27
CA LEU A 411 -9.59 14.05 18.23
C LEU A 411 -10.73 14.09 19.18
N LEU A 412 -11.65 13.12 19.08
CA LEU A 412 -12.82 12.99 19.92
C LEU A 412 -12.43 13.03 21.37
N THR A 413 -11.64 12.05 21.83
CA THR A 413 -11.17 11.96 23.18
C THR A 413 -10.38 13.17 23.62
N SER A 414 -9.67 13.85 22.70
CA SER A 414 -8.86 15.01 23.01
C SER A 414 -9.71 16.23 23.15
N LEU A 415 -10.87 16.26 22.46
CA LEU A 415 -11.81 17.33 22.54
C LEU A 415 -12.50 17.19 23.85
N ASP A 416 -12.85 15.94 24.23
CA ASP A 416 -13.36 15.57 25.53
C ASP A 416 -12.36 15.95 26.58
N GLY A 417 -11.07 15.99 26.16
CA GLY A 417 -9.93 16.36 26.93
C GLY A 417 -10.01 17.74 27.48
N ILE A 418 -10.91 18.62 26.97
CA ILE A 418 -11.15 19.93 27.55
C ILE A 418 -11.69 19.75 28.96
N GLU A 419 -11.20 20.57 29.92
CA GLU A 419 -11.58 20.49 31.31
C GLU A 419 -11.61 21.90 31.80
N VAL A 420 -12.35 22.11 32.90
CA VAL A 420 -12.60 23.40 33.51
C VAL A 420 -11.30 23.96 33.97
N MET A 421 -10.46 23.07 34.54
CA MET A 421 -9.14 23.42 34.96
C MET A 421 -8.27 23.82 33.82
N ASN A 422 -8.31 23.09 32.68
CA ASN A 422 -7.59 23.49 31.49
C ASN A 422 -8.08 24.82 31.02
N GLY A 423 -7.17 25.61 30.39
CA GLY A 423 -7.43 26.96 29.96
C GLY A 423 -7.76 27.04 28.49
N VAL A 424 -7.84 25.87 27.81
CA VAL A 424 -8.06 25.73 26.38
C VAL A 424 -9.52 25.92 26.06
N VAL A 425 -9.81 26.51 24.89
CA VAL A 425 -11.17 26.74 24.50
C VAL A 425 -11.09 26.47 23.05
N VAL A 426 -12.15 25.83 22.55
CA VAL A 426 -12.15 25.30 21.24
C VAL A 426 -13.10 26.16 20.53
N ILE A 427 -12.56 26.80 19.48
CA ILE A 427 -13.34 27.57 18.59
C ILE A 427 -13.08 26.80 17.35
N GLY A 428 -14.14 26.11 16.91
CA GLY A 428 -14.22 25.37 15.71
C GLY A 428 -14.88 26.30 14.75
N ALA A 429 -14.64 26.09 13.44
CA ALA A 429 -15.26 26.85 12.39
C ALA A 429 -15.39 25.92 11.23
N THR A 430 -16.51 25.99 10.49
CA THR A 430 -16.71 25.10 9.39
C THR A 430 -17.68 25.78 8.48
N ASN A 431 -17.62 25.33 7.21
CA ASN A 431 -18.31 25.91 6.12
C ASN A 431 -19.59 25.19 6.05
N ARG A 432 -19.53 23.83 5.96
CA ARG A 432 -20.72 23.03 5.86
C ARG A 432 -20.67 22.05 7.00
N PRO A 433 -21.51 22.22 8.04
CA PRO A 433 -21.63 21.32 9.16
C PRO A 433 -21.98 19.93 8.79
N ASP A 434 -22.87 19.75 7.79
CA ASP A 434 -23.43 18.47 7.48
C ASP A 434 -22.36 17.50 7.11
N ILE A 435 -21.30 18.00 6.45
CA ILE A 435 -20.15 17.21 6.09
C ILE A 435 -19.49 16.64 7.32
N MET A 436 -19.39 17.44 8.41
CA MET A 436 -18.78 17.06 9.66
C MET A 436 -19.49 15.92 10.33
N ASP A 437 -18.71 15.10 11.10
CA ASP A 437 -19.18 13.99 11.87
C ASP A 437 -19.98 14.53 13.02
N PRO A 438 -21.25 14.19 13.15
CA PRO A 438 -22.08 14.67 14.23
C PRO A 438 -21.58 14.34 15.59
N ALA A 439 -20.69 13.34 15.82
CA ALA A 439 -20.23 13.05 17.15
C ALA A 439 -19.57 14.24 17.79
N LEU A 440 -18.97 15.14 16.96
CA LEU A 440 -18.36 16.35 17.45
C LEU A 440 -19.41 17.38 17.75
N LEU A 441 -20.60 17.26 17.15
CA LEU A 441 -21.71 18.12 17.46
C LEU A 441 -22.51 17.58 18.60
N ARG A 442 -22.13 16.41 19.17
CA ARG A 442 -22.87 15.86 20.28
C ARG A 442 -22.42 16.47 21.55
N ALA A 443 -23.24 16.24 22.61
CA ALA A 443 -23.06 16.79 23.92
C ALA A 443 -21.76 16.32 24.47
N GLY A 444 -21.06 17.24 25.14
CA GLY A 444 -19.77 16.99 25.70
C GLY A 444 -18.71 17.49 24.78
N ARG A 445 -19.08 17.97 23.58
CA ARG A 445 -18.16 18.55 22.65
C ARG A 445 -18.81 19.85 22.31
N PHE A 446 -18.94 20.19 21.00
CA PHE A 446 -19.61 21.38 20.54
C PHE A 446 -21.03 21.45 20.99
N ASP A 447 -21.49 22.70 21.20
CA ASP A 447 -22.77 22.97 21.78
C ASP A 447 -23.49 23.93 20.90
N LYS A 448 -22.84 25.01 20.41
CA LYS A 448 -23.55 25.96 19.59
C LYS A 448 -22.76 26.16 18.34
N LEU A 449 -23.48 26.64 17.31
CA LEU A 449 -23.08 26.85 15.95
C LEU A 449 -23.31 28.30 15.66
N ILE A 450 -22.28 29.12 15.41
CA ILE A 450 -22.45 30.54 15.33
C ILE A 450 -22.67 30.83 13.88
N TYR A 451 -23.90 31.30 13.57
CA TYR A 451 -24.30 31.66 12.25
C TYR A 451 -23.75 33.02 12.04
N ILE A 452 -23.25 33.27 10.83
CA ILE A 452 -22.71 34.56 10.53
C ILE A 452 -23.62 34.99 9.44
N PRO A 453 -24.27 36.13 9.49
CA PRO A 453 -25.10 36.56 8.39
C PRO A 453 -24.12 37.11 7.39
N PRO A 454 -24.29 37.02 6.08
CA PRO A 454 -23.35 37.55 5.10
C PRO A 454 -23.29 39.05 5.21
N PRO A 455 -22.36 39.79 4.62
CA PRO A 455 -22.25 41.23 4.82
C PRO A 455 -23.48 42.05 4.49
N ASP A 456 -23.99 42.82 5.48
CA ASP A 456 -25.13 43.69 5.34
C ASP A 456 -24.64 44.92 4.64
N LYS A 457 -25.55 45.72 4.04
CA LYS A 457 -25.17 46.97 3.42
C LYS A 457 -24.38 47.88 4.32
N GLU A 458 -24.85 48.08 5.57
CA GLU A 458 -24.18 48.87 6.57
C GLU A 458 -22.82 48.33 6.89
N ALA A 459 -22.71 46.99 6.98
CA ALA A 459 -21.47 46.35 7.27
C ALA A 459 -20.49 46.40 6.14
N ARG A 460 -20.96 46.44 4.87
CA ARG A 460 -20.09 46.60 3.73
C ARG A 460 -19.22 47.81 3.85
N LEU A 461 -19.82 48.92 4.32
CA LEU A 461 -19.16 50.16 4.61
C LEU A 461 -18.05 50.03 5.60
N SER A 462 -18.27 49.19 6.63
CA SER A 462 -17.33 49.07 7.70
C SER A 462 -16.19 48.22 7.28
N ILE A 463 -16.42 47.07 6.58
CA ILE A 463 -15.34 46.28 6.03
C ILE A 463 -14.54 47.12 5.07
N LEU A 464 -15.21 48.05 4.38
CA LEU A 464 -14.61 48.81 3.34
C LEU A 464 -13.72 49.83 3.96
N LYS A 465 -14.13 50.58 5.02
CA LYS A 465 -13.27 51.59 5.59
C LYS A 465 -12.00 50.99 6.15
N VAL A 466 -12.15 49.91 6.93
CA VAL A 466 -11.08 49.15 7.52
C VAL A 466 -10.10 48.63 6.51
N HIS A 467 -10.59 48.15 5.35
CA HIS A 467 -9.75 47.50 4.38
C HIS A 467 -8.97 48.48 3.59
N THR A 468 -9.59 49.63 3.30
CA THR A 468 -9.02 50.63 2.45
C THR A 468 -8.12 51.50 3.26
N LYS A 469 -7.94 51.19 4.58
CA LYS A 469 -7.00 51.85 5.45
C LYS A 469 -5.63 51.87 4.82
N ASN A 470 -5.21 50.76 4.19
CA ASN A 470 -3.97 50.71 3.46
C ASN A 470 -3.96 51.58 2.23
N MET A 471 -5.02 51.49 1.39
CA MET A 471 -5.05 52.19 0.12
C MET A 471 -5.34 53.66 0.29
N PRO A 472 -4.76 54.55 -0.50
CA PRO A 472 -5.19 55.93 -0.56
C PRO A 472 -6.41 56.01 -1.44
N LEU A 473 -7.38 56.84 -1.05
CA LEU A 473 -8.64 56.99 -1.73
C LEU A 473 -8.53 58.31 -2.42
N ALA A 474 -9.42 58.59 -3.39
CA ALA A 474 -9.43 59.84 -4.13
C ALA A 474 -10.55 60.67 -3.56
N PRO A 475 -10.61 61.99 -3.72
CA PRO A 475 -11.71 62.81 -3.26
C PRO A 475 -12.93 62.41 -4.01
N ASP A 476 -12.70 61.82 -5.20
CA ASP A 476 -13.67 61.32 -6.12
C ASP A 476 -14.48 60.23 -5.48
N VAL A 477 -13.87 59.36 -4.63
CA VAL A 477 -14.58 58.24 -4.04
C VAL A 477 -15.76 58.66 -3.20
N ASP A 478 -16.77 57.78 -3.14
CA ASP A 478 -17.93 57.90 -2.30
C ASP A 478 -18.05 56.49 -1.86
N LEU A 479 -17.73 56.22 -0.58
CA LEU A 479 -17.60 54.86 -0.15
C LEU A 479 -18.95 54.28 0.06
N ASN A 480 -19.86 55.05 0.70
CA ASN A 480 -21.19 54.56 0.94
C ASN A 480 -21.93 54.26 -0.34
N ASP A 481 -21.53 54.92 -1.45
CA ASP A 481 -22.07 54.64 -2.73
C ASP A 481 -21.84 53.23 -3.18
N ILE A 482 -20.56 52.78 -3.17
CA ILE A 482 -20.20 51.47 -3.65
C ILE A 482 -20.79 50.37 -2.84
N ALA A 483 -20.97 50.62 -1.52
CA ALA A 483 -21.60 49.69 -0.62
C ALA A 483 -23.00 49.48 -1.09
N GLN A 484 -23.68 50.62 -1.28
CA GLN A 484 -25.00 50.70 -1.80
C GLN A 484 -25.08 50.22 -3.22
N ARG A 485 -23.96 50.00 -3.95
CA ARG A 485 -24.05 49.58 -5.33
C ARG A 485 -24.42 48.13 -5.25
N THR A 486 -23.78 47.34 -4.36
CA THR A 486 -24.31 46.01 -4.20
C THR A 486 -23.73 45.45 -2.94
N GLU A 487 -24.55 44.61 -2.30
CA GLU A 487 -24.30 43.90 -1.07
C GLU A 487 -23.93 42.52 -1.48
N GLY A 488 -23.70 42.31 -2.80
CA GLY A 488 -23.67 41.03 -3.44
C GLY A 488 -22.40 40.29 -3.19
N TYR A 489 -21.48 40.88 -2.42
CA TYR A 489 -20.18 40.34 -2.20
C TYR A 489 -20.10 39.89 -0.77
N VAL A 490 -19.05 39.08 -0.48
CA VAL A 490 -18.67 38.61 0.82
C VAL A 490 -17.50 39.50 1.19
N GLY A 491 -16.76 39.24 2.29
CA GLY A 491 -15.65 40.08 2.62
C GLY A 491 -14.45 39.77 1.81
N ALA A 492 -14.26 38.47 1.51
CA ALA A 492 -13.06 37.97 0.90
C ALA A 492 -12.90 38.49 -0.49
N ASP A 493 -13.98 38.55 -1.27
CA ASP A 493 -13.92 39.19 -2.56
C ASP A 493 -13.69 40.65 -2.39
N LEU A 494 -14.39 41.36 -1.48
CA LEU A 494 -14.19 42.80 -1.30
C LEU A 494 -12.78 43.21 -0.98
N GLU A 495 -12.02 42.35 -0.28
CA GLU A 495 -10.58 42.45 -0.18
C GLU A 495 -10.00 42.64 -1.54
N ASN A 496 -10.21 41.62 -2.39
CA ASN A 496 -9.78 41.62 -3.74
C ASN A 496 -10.41 42.75 -4.51
N LEU A 497 -11.62 43.23 -4.18
CA LEU A 497 -12.22 44.36 -4.84
C LEU A 497 -11.33 45.55 -4.73
N CYS A 498 -10.99 45.95 -3.49
CA CYS A 498 -10.10 47.07 -3.33
C CYS A 498 -8.79 46.87 -4.02
N ARG A 499 -8.29 45.61 -4.02
CA ARG A 499 -7.11 45.25 -4.76
C ARG A 499 -7.25 45.50 -6.23
N GLU A 500 -8.29 44.91 -6.83
CA GLU A 500 -8.57 44.89 -8.23
C GLU A 500 -8.74 46.26 -8.74
N ALA A 501 -9.27 47.17 -7.89
CA ALA A 501 -9.35 48.58 -8.18
C ALA A 501 -8.00 49.13 -8.50
N GLY A 502 -6.99 48.78 -7.68
CA GLY A 502 -5.61 49.05 -7.95
C GLY A 502 -5.13 48.52 -9.26
N MET A 503 -5.44 47.25 -9.59
CA MET A 503 -4.99 46.62 -10.82
C MET A 503 -5.46 47.33 -12.05
N ASN A 504 -6.76 47.65 -12.08
CA ASN A 504 -7.38 48.49 -13.08
C ASN A 504 -6.71 49.82 -13.12
N ALA A 505 -6.64 50.48 -11.95
CA ALA A 505 -6.10 51.80 -11.73
C ALA A 505 -4.68 51.97 -12.16
N TYR A 506 -3.82 50.97 -11.95
CA TYR A 506 -2.42 51.10 -12.29
C TYR A 506 -2.29 51.17 -13.78
N ARG A 507 -3.15 50.42 -14.48
CA ARG A 507 -3.22 50.48 -15.91
C ARG A 507 -3.64 51.85 -16.37
N GLU A 508 -4.67 52.41 -15.71
CA GLU A 508 -5.26 53.68 -16.01
C GLU A 508 -4.31 54.81 -15.83
N ASN A 509 -3.71 54.93 -14.63
CA ASN A 509 -2.81 55.98 -14.27
C ASN A 509 -1.49 55.27 -14.36
N PRO A 510 -0.64 55.46 -15.37
CA PRO A 510 0.62 54.73 -15.59
C PRO A 510 1.45 54.56 -14.38
N ASP A 511 1.53 55.61 -13.57
CA ASP A 511 2.09 55.58 -12.25
C ASP A 511 0.87 55.86 -11.45
N ALA A 512 0.72 55.13 -10.33
CA ALA A 512 -0.48 55.10 -9.52
C ALA A 512 -0.89 56.43 -8.91
N THR A 513 -2.21 56.62 -8.76
CA THR A 513 -2.82 57.75 -8.13
C THR A 513 -4.03 57.12 -7.51
N SER A 514 -4.29 57.43 -6.22
CA SER A 514 -5.37 56.99 -5.38
C SER A 514 -6.68 56.56 -6.05
N VAL A 515 -7.25 55.40 -5.61
CA VAL A 515 -8.41 54.78 -6.21
C VAL A 515 -9.62 55.68 -6.17
N SER A 516 -10.44 55.61 -7.24
CA SER A 516 -11.53 56.53 -7.49
C SER A 516 -12.80 55.74 -7.67
N GLN A 517 -13.97 56.46 -7.70
CA GLN A 517 -15.26 55.85 -7.89
C GLN A 517 -15.28 55.02 -9.12
N LYS A 518 -14.74 55.54 -10.25
CA LYS A 518 -14.67 54.76 -11.45
C LYS A 518 -13.87 53.50 -11.32
N ASN A 519 -12.72 53.55 -10.62
CA ASN A 519 -11.91 52.39 -10.35
C ASN A 519 -12.63 51.34 -9.57
N PHE A 520 -13.59 51.76 -8.74
CA PHE A 520 -14.33 50.82 -7.96
C PHE A 520 -15.38 50.23 -8.82
N LEU A 521 -16.03 51.03 -9.67
CA LEU A 521 -17.14 50.63 -10.49
C LEU A 521 -16.77 49.51 -11.39
N ASP A 522 -15.71 49.70 -12.21
CA ASP A 522 -15.22 48.71 -13.11
C ASP A 522 -14.90 47.42 -12.42
N ALA A 523 -14.28 47.50 -11.23
CA ALA A 523 -13.91 46.34 -10.48
C ALA A 523 -15.10 45.68 -9.88
N LEU A 524 -16.13 46.45 -9.50
CA LEU A 524 -17.40 45.94 -9.05
C LEU A 524 -17.96 44.97 -10.05
N LYS A 525 -17.92 45.40 -11.34
CA LYS A 525 -18.42 44.61 -12.42
C LYS A 525 -17.45 43.58 -12.86
N THR A 526 -16.21 43.59 -12.34
CA THR A 526 -15.28 42.54 -12.65
C THR A 526 -15.58 41.39 -11.73
N ILE A 527 -15.55 41.57 -10.39
CA ILE A 527 -15.83 40.48 -9.50
C ILE A 527 -17.27 40.07 -9.62
N ARG A 528 -17.52 38.74 -9.55
CA ARG A 528 -18.86 38.20 -9.65
C ARG A 528 -19.42 38.25 -8.27
N PRO A 529 -20.72 38.27 -8.05
CA PRO A 529 -21.25 38.35 -6.71
C PRO A 529 -21.03 37.02 -6.08
N SER A 530 -20.88 37.00 -4.75
CA SER A 530 -20.77 35.79 -4.01
C SER A 530 -21.46 36.05 -2.71
N VAL A 531 -22.75 35.62 -2.61
CA VAL A 531 -23.66 35.63 -1.46
C VAL A 531 -24.86 34.89 -2.01
N ASP A 532 -24.71 33.60 -2.40
CA ASP A 532 -25.81 32.89 -3.04
C ASP A 532 -27.00 32.82 -2.16
N GLU A 533 -28.15 33.30 -2.67
CA GLU A 533 -29.39 33.27 -1.93
C GLU A 533 -29.86 31.86 -1.74
N GLU A 534 -29.26 30.92 -2.47
CA GLU A 534 -29.53 29.53 -2.31
C GLU A 534 -28.82 29.08 -1.08
N VAL A 535 -27.55 29.51 -0.87
CA VAL A 535 -26.81 29.03 0.28
C VAL A 535 -27.28 29.67 1.55
N ILE A 536 -27.67 30.97 1.55
CA ILE A 536 -28.19 31.60 2.76
C ILE A 536 -29.34 30.84 3.32
N LYS A 537 -30.26 30.37 2.44
CA LYS A 537 -31.34 29.53 2.82
C LYS A 537 -30.90 28.20 3.36
N PHE A 538 -29.84 27.58 2.80
CA PHE A 538 -29.27 26.33 3.26
C PHE A 538 -28.95 26.43 4.70
N TYR A 539 -28.20 27.49 5.06
CA TYR A 539 -27.84 27.75 6.43
C TYR A 539 -29.04 28.16 7.23
N ARG A 540 -29.97 28.97 6.68
CA ARG A 540 -31.20 29.35 7.34
C ARG A 540 -32.00 28.16 7.80
N THR A 541 -32.11 27.11 6.96
CA THR A 541 -32.82 25.90 7.28
C THR A 541 -31.98 25.07 8.20
N LEU A 542 -30.65 24.99 7.94
CA LEU A 542 -29.74 24.29 8.81
C LEU A 542 -29.66 24.91 10.18
N SER A 543 -30.18 26.14 10.39
CA SER A 543 -30.19 26.77 11.69
C SER A 543 -31.06 26.09 12.67
N GLU A 544 -31.90 25.12 12.22
CA GLU A 544 -32.71 24.34 13.11
C GLU A 544 -31.80 23.49 13.92
N THR A 545 -30.85 22.84 13.22
CA THR A 545 -29.79 22.16 13.88
C THR A 545 -28.64 23.17 14.02
N GLU B 2 45.58 36.83 -3.68
CA GLU B 2 44.50 36.91 -4.68
C GLU B 2 43.98 35.53 -4.92
N VAL B 3 44.16 34.98 -6.15
CA VAL B 3 43.67 33.67 -6.54
C VAL B 3 44.35 32.69 -5.64
N SER B 4 45.68 32.83 -5.59
CA SER B 4 46.47 32.20 -4.59
C SER B 4 46.53 33.31 -3.58
N ARG B 5 46.12 32.98 -2.33
CA ARG B 5 46.11 33.85 -1.18
C ARG B 5 44.89 34.73 -1.09
N ILE B 6 43.70 34.12 -1.19
CA ILE B 6 42.43 34.80 -1.18
C ILE B 6 42.17 35.46 0.15
N SER B 7 41.55 36.66 0.12
CA SER B 7 41.15 37.38 1.28
C SER B 7 39.79 37.88 0.89
N TYR B 8 38.92 38.23 1.88
CA TYR B 8 37.54 38.62 1.64
C TYR B 8 37.43 39.68 0.59
N GLU B 9 38.22 40.76 0.74
CA GLU B 9 38.19 41.84 -0.22
C GLU B 9 38.48 41.41 -1.64
N ASP B 10 39.31 40.35 -1.86
CA ASP B 10 39.49 39.76 -3.16
C ASP B 10 38.22 39.26 -3.76
N ILE B 11 37.50 38.37 -3.05
CA ILE B 11 36.25 37.85 -3.54
C ILE B 11 35.42 37.70 -2.31
N GLY B 12 34.20 38.26 -2.34
CA GLY B 12 33.26 38.10 -1.27
C GLY B 12 31.96 38.32 -1.92
N GLY B 13 31.39 39.51 -1.65
CA GLY B 13 30.13 40.00 -2.16
C GLY B 13 28.98 39.40 -1.42
N LEU B 14 29.30 38.60 -0.39
CA LEU B 14 28.43 37.93 0.51
C LEU B 14 28.26 38.79 1.73
N SER B 15 28.73 40.05 1.66
CA SER B 15 29.05 40.94 2.75
C SER B 15 28.12 41.02 3.92
N GLU B 16 26.78 40.95 3.75
CA GLU B 16 25.86 40.91 4.89
C GLU B 16 26.15 39.72 5.78
N GLN B 17 26.26 38.56 5.12
CA GLN B 17 26.47 37.25 5.66
C GLN B 17 27.91 37.12 6.07
N LEU B 18 28.83 37.56 5.20
CA LEU B 18 30.25 37.54 5.40
C LEU B 18 30.60 38.33 6.63
N GLY B 19 29.86 39.43 6.81
CA GLY B 19 29.85 40.28 7.95
C GLY B 19 29.46 39.58 9.19
N LYS B 20 28.57 38.56 9.13
CA LYS B 20 28.30 37.71 10.27
C LYS B 20 29.59 37.08 10.70
N ILE B 21 30.29 36.38 9.79
CA ILE B 21 31.51 35.62 10.06
C ILE B 21 32.60 36.45 10.72
N ARG B 22 32.88 37.63 10.12
CA ARG B 22 33.83 38.60 10.58
C ARG B 22 33.52 38.92 12.01
N GLU B 23 32.33 39.49 12.21
CA GLU B 23 31.82 39.92 13.48
C GLU B 23 31.61 38.82 14.47
N MET B 24 31.61 37.54 14.06
CA MET B 24 31.27 36.50 14.98
C MET B 24 32.56 35.93 15.38
N ILE B 25 33.21 35.12 14.51
CA ILE B 25 34.39 34.48 14.99
C ILE B 25 35.58 35.39 14.95
N GLU B 26 35.74 36.23 13.90
CA GLU B 26 36.93 37.06 13.91
C GLU B 26 37.05 38.04 15.06
N LEU B 27 35.95 38.75 15.44
CA LEU B 27 36.01 39.78 16.48
C LEU B 27 36.62 39.39 17.80
N PRO B 28 36.17 38.38 18.55
CA PRO B 28 36.79 37.97 19.79
C PRO B 28 38.20 37.55 19.56
N LEU B 29 38.44 36.79 18.46
CA LEU B 29 39.73 36.24 18.14
C LEU B 29 40.82 37.28 18.11
N LYS B 30 40.49 38.52 17.68
CA LYS B 30 41.44 39.58 17.65
C LYS B 30 41.74 40.10 19.03
N HIS B 31 40.77 40.78 19.68
CA HIS B 31 40.99 41.27 21.03
C HIS B 31 39.97 40.60 21.88
N PRO B 32 40.24 39.48 22.54
CA PRO B 32 39.26 38.89 23.44
C PRO B 32 39.14 39.63 24.74
N GLU B 33 40.14 40.48 25.13
CA GLU B 33 40.22 41.06 26.45
C GLU B 33 38.98 41.81 26.88
N LEU B 34 38.38 42.53 25.90
CA LEU B 34 37.18 43.30 26.03
C LEU B 34 35.98 42.47 26.37
N PHE B 35 35.72 41.47 25.51
CA PHE B 35 34.53 40.67 25.58
C PHE B 35 34.63 39.70 26.69
N GLU B 36 35.85 39.16 26.94
CA GLU B 36 36.11 38.32 28.09
C GLU B 36 35.73 38.97 29.38
N ARG B 37 35.97 40.29 29.49
CA ARG B 37 35.71 41.01 30.71
C ARG B 37 34.26 41.39 30.80
N LEU B 38 33.69 41.84 29.68
CA LEU B 38 32.35 42.31 29.66
C LEU B 38 31.69 41.53 28.61
N GLY B 39 30.70 40.72 28.99
CA GLY B 39 29.95 39.95 28.06
C GLY B 39 30.56 38.61 27.81
N ILE B 40 29.92 37.91 26.85
CA ILE B 40 30.12 36.56 26.40
C ILE B 40 31.53 36.10 26.28
N THR B 41 31.69 34.78 26.36
CA THR B 41 32.90 34.08 26.07
C THR B 41 32.69 33.58 24.65
N PRO B 42 33.72 33.31 23.87
CA PRO B 42 33.60 32.87 22.49
C PRO B 42 32.76 31.62 22.29
N PRO B 43 32.29 31.32 21.09
CA PRO B 43 31.59 30.08 20.78
C PRO B 43 32.65 29.04 20.54
N LYS B 44 32.40 27.98 19.75
CA LYS B 44 33.42 26.99 19.53
C LYS B 44 33.22 26.25 18.24
N GLY B 45 32.06 26.40 17.58
CA GLY B 45 31.84 25.73 16.33
C GLY B 45 30.88 26.57 15.57
N VAL B 46 30.96 26.49 14.22
CA VAL B 46 29.99 27.11 13.36
C VAL B 46 29.93 26.18 12.23
N ILE B 47 28.69 25.97 11.77
CA ILE B 47 28.36 25.10 10.69
C ILE B 47 27.78 26.02 9.65
N LEU B 48 28.19 25.90 8.38
CA LEU B 48 27.73 26.75 7.32
C LEU B 48 26.79 25.91 6.49
N TYR B 49 25.49 26.25 6.56
CA TYR B 49 24.42 25.55 5.86
C TYR B 49 24.11 26.25 4.56
N GLY B 50 23.78 25.51 3.45
CA GLY B 50 23.33 26.14 2.22
C GLY B 50 23.63 25.32 0.98
N PRO B 51 23.64 25.90 -0.23
CA PRO B 51 24.07 25.25 -1.47
C PRO B 51 25.54 24.84 -1.34
N PRO B 52 25.94 23.61 -1.57
CA PRO B 52 27.23 23.05 -1.13
C PRO B 52 28.50 23.49 -1.82
N GLY B 53 29.56 23.72 -0.99
CA GLY B 53 30.92 24.05 -1.31
C GLY B 53 30.99 25.13 -2.33
N THR B 54 29.97 26.01 -2.36
CA THR B 54 29.75 26.96 -3.42
C THR B 54 30.37 28.27 -3.09
N GLY B 55 30.85 28.34 -1.86
CA GLY B 55 31.48 29.50 -1.38
C GLY B 55 31.91 29.12 -0.04
N LYS B 56 31.34 28.02 0.51
CA LYS B 56 31.51 27.54 1.85
C LYS B 56 32.96 27.54 2.20
N THR B 57 33.69 26.65 1.48
CA THR B 57 35.11 26.52 1.57
C THR B 57 35.83 27.82 1.37
N LEU B 58 35.48 28.58 0.31
CA LEU B 58 36.14 29.81 -0.03
C LEU B 58 36.10 30.85 1.04
N ILE B 59 35.04 30.86 1.86
CA ILE B 59 34.91 31.71 3.02
C ILE B 59 36.01 31.36 3.94
N ALA B 60 36.12 30.08 4.32
CA ALA B 60 37.12 29.75 5.28
C ALA B 60 38.47 29.72 4.66
N ARG B 61 38.59 29.41 3.36
CA ARG B 61 39.82 29.55 2.64
C ARG B 61 40.33 30.97 2.68
N ALA B 62 39.43 31.97 2.84
CA ALA B 62 39.87 33.33 2.96
C ALA B 62 40.09 33.71 4.38
N VAL B 63 39.82 32.77 5.30
CA VAL B 63 40.08 32.91 6.70
C VAL B 63 41.32 32.09 6.77
N ALA B 64 42.36 32.71 6.21
CA ALA B 64 43.69 32.22 6.08
C ALA B 64 44.47 33.46 5.80
N ASN B 65 43.79 34.61 5.69
CA ASN B 65 44.38 35.87 5.32
C ASN B 65 43.48 36.91 5.91
N GLU B 66 42.25 36.52 6.30
CA GLU B 66 41.38 37.36 7.09
C GLU B 66 41.67 36.99 8.51
N SER B 67 42.61 36.05 8.68
CA SER B 67 43.18 35.65 9.91
C SER B 67 44.64 35.48 9.60
N GLY B 68 45.21 34.30 9.92
CA GLY B 68 46.62 34.02 9.92
C GLY B 68 46.91 33.20 11.15
N ALA B 69 45.85 33.00 11.98
CA ALA B 69 45.76 32.01 13.03
C ALA B 69 45.84 30.70 12.28
N ASN B 70 46.46 29.65 12.87
CA ASN B 70 46.75 28.45 12.13
C ASN B 70 45.51 27.83 11.52
N PHE B 71 45.45 27.84 10.16
CA PHE B 71 44.37 27.38 9.35
C PHE B 71 44.51 25.89 9.20
N LEU B 72 44.32 25.15 10.31
CA LEU B 72 44.53 23.73 10.35
C LEU B 72 43.40 23.11 9.58
N SER B 73 43.76 22.47 8.46
CA SER B 73 42.83 22.02 7.47
C SER B 73 42.91 20.56 7.53
N ILE B 74 41.74 19.92 7.62
CA ILE B 74 41.57 18.50 7.54
C ILE B 74 40.18 18.41 7.03
N ASN B 75 39.82 17.31 6.38
CA ASN B 75 38.51 17.20 5.82
C ASN B 75 38.04 15.84 6.15
N GLY B 76 36.72 15.76 6.36
CA GLY B 76 35.97 14.66 6.90
C GLY B 76 36.25 13.32 6.30
N PRO B 77 36.34 13.14 4.99
CA PRO B 77 36.56 11.86 4.41
C PRO B 77 37.82 11.22 4.88
N GLU B 78 38.94 11.95 4.94
CA GLU B 78 40.16 11.30 5.31
C GLU B 78 40.27 11.19 6.80
N ILE B 79 39.49 11.98 7.57
CA ILE B 79 39.59 11.96 9.00
C ILE B 79 39.25 10.62 9.62
N MET B 80 38.18 9.96 9.13
CA MET B 80 37.74 8.72 9.73
C MET B 80 38.23 7.45 9.13
N SER B 81 39.12 7.50 8.12
CA SER B 81 39.47 6.26 7.47
C SER B 81 40.43 5.35 8.21
N LYS B 82 41.56 5.91 8.69
CA LYS B 82 42.76 5.17 9.05
C LYS B 82 42.68 4.11 10.11
N TYR B 83 43.40 2.96 9.83
CA TYR B 83 43.53 1.68 10.50
C TYR B 83 42.72 1.58 11.75
N TYR B 84 41.59 0.85 11.69
CA TYR B 84 40.53 0.89 12.68
C TYR B 84 40.90 0.98 14.14
N GLY B 85 40.32 2.04 14.77
CA GLY B 85 40.51 2.45 16.14
C GLY B 85 41.72 3.32 16.31
N GLN B 86 42.48 3.58 15.24
CA GLN B 86 43.54 4.57 15.20
C GLN B 86 43.03 5.81 14.57
N SER B 87 41.77 5.77 14.12
CA SER B 87 41.13 6.83 13.40
C SER B 87 40.78 7.85 14.44
N GLU B 88 40.28 7.41 15.62
CA GLU B 88 39.85 8.29 16.66
C GLU B 88 40.98 9.14 17.13
N GLN B 89 42.18 8.53 17.34
CA GLN B 89 43.32 9.31 17.72
C GLN B 89 43.77 10.25 16.65
N LYS B 90 43.47 10.03 15.34
CA LYS B 90 43.79 11.02 14.32
C LYS B 90 43.21 12.37 14.62
N LEU B 91 41.87 12.41 14.90
CA LEU B 91 41.18 13.63 15.22
C LEU B 91 41.82 14.34 16.37
N ARG B 92 41.97 13.59 17.49
CA ARG B 92 42.52 14.05 18.72
C ARG B 92 43.88 14.67 18.62
N GLU B 93 44.78 14.09 17.80
CA GLU B 93 46.10 14.60 17.55
C GLU B 93 46.08 15.97 16.99
N ILE B 94 45.10 16.23 16.13
CA ILE B 94 44.98 17.49 15.47
C ILE B 94 44.46 18.46 16.46
N PHE B 95 43.44 18.07 17.27
CA PHE B 95 42.95 18.91 18.33
C PHE B 95 44.04 19.32 19.29
N SER B 96 44.92 18.41 19.75
CA SER B 96 46.03 18.76 20.60
C SER B 96 46.99 19.73 19.95
N LYS B 97 47.29 19.50 18.65
CA LYS B 97 48.09 20.38 17.86
C LYS B 97 47.44 21.72 17.69
N ALA B 98 46.13 21.80 17.97
CA ALA B 98 45.39 23.02 17.89
C ALA B 98 45.70 23.80 19.11
N GLU B 99 45.69 23.17 20.30
CA GLU B 99 45.81 23.91 21.53
C GLU B 99 47.13 24.58 21.60
N GLU B 100 48.24 23.90 21.21
CA GLU B 100 49.54 24.51 21.17
C GLU B 100 49.60 25.77 20.34
N THR B 101 49.06 25.74 19.10
CA THR B 101 49.17 26.83 18.17
C THR B 101 47.99 27.77 18.22
N ALA B 102 47.05 27.58 19.17
CA ALA B 102 45.88 28.41 19.34
C ALA B 102 46.28 29.85 19.59
N PRO B 103 45.75 30.93 19.02
CA PRO B 103 44.67 31.02 18.05
C PRO B 103 44.90 30.20 16.82
N SER B 104 43.92 29.33 16.53
CA SER B 104 43.98 28.40 15.46
C SER B 104 42.57 28.31 14.98
N ILE B 105 42.42 28.27 13.65
CA ILE B 105 41.15 28.11 13.02
C ILE B 105 41.26 26.73 12.43
N ILE B 106 40.52 25.83 13.08
CA ILE B 106 40.27 24.46 12.77
C ILE B 106 39.22 24.39 11.73
N PHE B 107 39.55 23.76 10.61
CA PHE B 107 38.84 23.85 9.40
C PHE B 107 38.70 22.41 9.11
N ILE B 108 37.43 22.01 9.05
CA ILE B 108 36.93 20.70 8.82
C ILE B 108 35.69 21.01 8.05
N ASP B 109 35.33 20.15 7.09
CA ASP B 109 34.26 20.41 6.19
C ASP B 109 33.58 19.11 6.20
N GLU B 110 32.36 19.09 5.67
CA GLU B 110 31.56 17.91 5.54
C GLU B 110 31.32 17.29 6.88
N ILE B 111 30.66 18.06 7.77
CA ILE B 111 30.38 17.68 9.12
C ILE B 111 29.03 17.04 8.99
N ASP B 112 28.93 16.06 8.10
CA ASP B 112 27.89 15.10 8.03
C ASP B 112 28.62 13.83 7.98
N SER B 113 29.82 13.84 7.34
CA SER B 113 30.62 12.66 7.24
C SER B 113 31.20 12.50 8.60
N ILE B 114 31.47 13.66 9.24
CA ILE B 114 31.82 13.69 10.61
C ILE B 114 30.67 14.36 11.29
N ALA B 115 29.51 13.67 11.26
CA ALA B 115 28.35 13.96 12.05
C ALA B 115 27.24 13.14 11.51
N PRO B 116 27.05 11.89 11.93
CA PRO B 116 25.94 11.06 11.48
C PRO B 116 24.68 11.51 12.15
N LYS B 117 23.58 10.78 11.97
CA LYS B 117 22.34 11.07 12.65
C LYS B 117 22.44 10.45 14.01
N ARG B 118 21.51 10.86 14.89
CA ARG B 118 21.51 10.60 16.32
C ARG B 118 21.65 9.16 16.68
N GLU B 119 20.96 8.27 15.95
CA GLU B 119 20.83 6.91 16.34
C GLU B 119 20.38 6.21 15.10
N GLU B 120 19.88 7.00 14.11
CA GLU B 120 19.28 6.47 12.90
C GLU B 120 20.39 5.81 12.15
N VAL B 121 21.53 6.52 12.12
CA VAL B 121 22.75 6.00 11.62
C VAL B 121 23.48 5.52 12.83
N GLN B 122 24.06 4.33 12.66
CA GLN B 122 24.92 3.73 13.62
C GLN B 122 25.96 3.14 12.73
N GLY B 123 27.08 2.77 13.35
CA GLY B 123 28.21 2.27 12.65
C GLY B 123 29.28 2.47 13.64
N GLU B 124 30.21 1.51 13.75
CA GLU B 124 31.25 1.50 14.74
C GLU B 124 32.02 2.77 14.70
N VAL B 125 32.75 2.99 13.60
CA VAL B 125 33.52 4.18 13.35
C VAL B 125 32.68 5.41 13.46
N GLU B 126 31.44 5.36 12.92
CA GLU B 126 30.51 6.43 13.04
C GLU B 126 30.20 6.85 14.45
N ARG B 127 29.94 5.91 15.37
CA ARG B 127 29.62 6.28 16.73
C ARG B 127 30.86 6.63 17.46
N ARG B 128 32.00 6.08 17.01
CA ARG B 128 33.28 6.34 17.62
C ARG B 128 33.61 7.78 17.43
N VAL B 129 33.55 8.24 16.19
CA VAL B 129 34.01 9.56 15.87
C VAL B 129 33.02 10.56 16.36
N VAL B 130 31.71 10.25 16.36
CA VAL B 130 30.70 11.16 16.86
C VAL B 130 30.98 11.49 18.27
N ALA B 131 31.33 10.47 19.07
CA ALA B 131 31.62 10.61 20.47
C ALA B 131 32.86 11.42 20.63
N GLN B 132 33.91 11.14 19.85
CA GLN B 132 35.18 11.81 19.95
C GLN B 132 34.98 13.29 19.78
N LEU B 133 34.32 13.69 18.68
CA LEU B 133 34.04 15.08 18.40
C LEU B 133 33.22 15.74 19.47
N LEU B 134 32.21 15.04 19.99
CA LEU B 134 31.44 15.43 21.15
C LEU B 134 32.33 15.75 22.29
N THR B 135 33.35 14.91 22.54
CA THR B 135 34.27 15.11 23.61
C THR B 135 35.20 16.20 23.23
N LEU B 136 35.68 16.28 21.97
CA LEU B 136 36.49 17.40 21.54
C LEU B 136 35.84 18.74 21.74
N MET B 137 34.50 18.82 21.63
CA MET B 137 33.78 20.03 21.94
C MET B 137 33.85 20.34 23.39
N ASP B 138 33.68 19.33 24.26
CA ASP B 138 33.85 19.45 25.68
C ASP B 138 35.22 19.93 26.03
N GLY B 139 36.24 19.49 25.26
CA GLY B 139 37.62 19.85 25.44
C GLY B 139 37.90 21.32 25.38
N MET B 140 37.02 22.14 24.75
CA MET B 140 37.18 23.58 24.71
C MET B 140 37.23 24.16 26.09
N LYS B 141 38.14 25.12 26.30
CA LYS B 141 38.38 25.74 27.58
C LYS B 141 38.03 27.16 27.39
N GLU B 142 37.85 27.90 28.51
CA GLU B 142 37.59 29.32 28.51
C GLU B 142 38.82 29.99 27.96
N ARG B 143 40.00 29.47 28.35
CA ARG B 143 41.30 29.91 27.92
C ARG B 143 41.49 29.72 26.44
N GLY B 144 40.99 28.58 25.90
CA GLY B 144 41.03 28.19 24.52
C GLY B 144 40.79 29.31 23.55
N HIS B 145 41.36 29.17 22.35
CA HIS B 145 41.24 30.16 21.32
C HIS B 145 41.15 29.38 20.04
N VAL B 146 40.70 28.10 20.12
CA VAL B 146 40.49 27.27 18.96
C VAL B 146 39.10 27.52 18.48
N ILE B 147 38.98 27.78 17.17
CA ILE B 147 37.72 28.09 16.53
C ILE B 147 37.63 26.99 15.54
N VAL B 148 36.40 26.55 15.24
CA VAL B 148 36.14 25.44 14.38
C VAL B 148 35.11 25.93 13.41
N ILE B 149 35.45 25.97 12.10
CA ILE B 149 34.49 26.32 11.08
C ILE B 149 34.34 25.02 10.39
N GLY B 150 33.11 24.80 9.86
CA GLY B 150 32.80 23.65 9.07
C GLY B 150 31.53 23.84 8.35
N ALA B 151 31.32 22.91 7.41
CA ALA B 151 30.27 22.95 6.45
C ALA B 151 29.74 21.57 6.37
N THR B 152 28.51 21.40 5.83
CA THR B 152 27.82 20.13 5.78
C THR B 152 26.85 20.24 4.63
N ASN B 153 26.39 19.07 4.12
CA ASN B 153 25.45 19.03 3.03
C ASN B 153 24.15 19.64 3.43
N ARG B 154 23.65 19.35 4.66
CA ARG B 154 22.37 19.84 5.07
C ARG B 154 22.35 19.96 6.56
N ILE B 155 21.45 20.84 7.05
CA ILE B 155 21.27 21.25 8.42
C ILE B 155 20.95 20.07 9.24
N ASP B 156 19.97 19.29 8.75
CA ASP B 156 19.45 18.16 9.45
C ASP B 156 20.33 16.98 9.33
N ALA B 157 21.33 17.02 8.43
CA ALA B 157 22.23 15.91 8.26
C ALA B 157 23.11 15.66 9.46
N ILE B 158 23.21 16.65 10.38
CA ILE B 158 24.02 16.51 11.56
C ILE B 158 23.32 15.73 12.63
N ASP B 159 24.10 15.39 13.68
CA ASP B 159 23.66 14.70 14.85
C ASP B 159 23.14 15.83 15.70
N PRO B 160 21.90 15.90 16.15
CA PRO B 160 21.42 16.99 16.97
C PRO B 160 22.25 17.19 18.21
N ALA B 161 22.93 16.15 18.74
CA ALA B 161 23.84 16.32 19.85
C ALA B 161 24.94 17.32 19.58
N LEU B 162 25.49 17.29 18.36
CA LEU B 162 26.49 18.24 17.95
C LEU B 162 25.89 19.55 17.61
N ARG B 163 24.55 19.64 17.51
CA ARG B 163 23.89 20.89 17.27
C ARG B 163 23.75 21.57 18.59
N ARG B 164 23.28 20.81 19.61
CA ARG B 164 22.99 21.21 20.96
C ARG B 164 23.94 22.24 21.47
N PRO B 165 23.53 23.46 21.84
CA PRO B 165 24.39 24.53 22.30
C PRO B 165 25.40 24.12 23.31
N GLY B 166 26.56 24.77 23.28
CA GLY B 166 27.71 24.36 24.02
C GLY B 166 28.44 23.31 23.27
N ARG B 167 27.96 22.97 22.05
CA ARG B 167 28.58 22.07 21.12
C ARG B 167 28.07 22.58 19.82
N PHE B 168 28.94 23.29 19.06
CA PHE B 168 28.65 24.02 17.84
C PHE B 168 27.47 24.92 18.06
N ASP B 169 27.54 25.75 19.12
CA ASP B 169 26.48 26.62 19.57
C ASP B 169 26.11 27.65 18.54
N ARG B 170 27.12 28.23 17.86
CA ARG B 170 26.89 29.25 16.90
C ARG B 170 26.72 28.52 15.61
N GLU B 171 25.78 28.98 14.79
CA GLU B 171 25.39 28.27 13.61
C GLU B 171 25.08 29.39 12.70
N ILE B 172 25.47 29.25 11.42
CA ILE B 172 25.30 30.29 10.47
C ILE B 172 24.83 29.63 9.24
N GLU B 173 23.68 30.05 8.70
CA GLU B 173 23.22 29.55 7.44
C GLU B 173 23.50 30.72 6.59
N ILE B 174 23.97 30.49 5.35
CA ILE B 174 24.33 31.56 4.45
C ILE B 174 23.57 31.26 3.19
N GLY B 175 22.52 32.09 2.96
CA GLY B 175 21.53 31.91 1.93
C GLY B 175 21.95 32.44 0.59
N VAL B 176 20.98 32.43 -0.37
CA VAL B 176 21.15 32.92 -1.71
C VAL B 176 21.40 34.40 -1.62
N PRO B 177 22.32 34.98 -2.35
CA PRO B 177 22.67 36.37 -2.14
C PRO B 177 21.63 37.32 -2.66
N ASP B 178 21.47 38.45 -1.95
CA ASP B 178 20.53 39.52 -2.21
C ASP B 178 20.81 40.12 -3.54
N ARG B 179 19.77 40.67 -4.19
CA ARG B 179 19.87 41.26 -5.50
C ARG B 179 20.98 42.26 -5.63
N ASN B 180 21.02 43.23 -4.71
CA ASN B 180 22.05 44.22 -4.68
C ASN B 180 23.40 43.64 -4.35
N GLY B 181 23.42 42.62 -3.46
CA GLY B 181 24.66 41.97 -3.11
C GLY B 181 25.29 41.22 -4.24
N ARG B 182 24.45 40.54 -5.04
CA ARG B 182 24.83 39.76 -6.18
C ARG B 182 25.66 40.49 -7.17
N LYS B 183 25.35 41.79 -7.35
CA LYS B 183 26.04 42.65 -8.26
C LYS B 183 27.49 42.71 -7.88
N GLU B 184 27.78 42.94 -6.58
CA GLU B 184 29.12 42.92 -6.05
C GLU B 184 29.87 41.66 -6.41
N ILE B 185 29.24 40.49 -6.19
CA ILE B 185 29.83 39.20 -6.43
C ILE B 185 30.21 39.09 -7.87
N LEU B 186 29.27 39.30 -8.80
CA LEU B 186 29.57 39.14 -10.19
C LEU B 186 30.56 40.15 -10.70
N MET B 187 30.60 41.34 -10.08
CA MET B 187 31.44 42.43 -10.52
C MET B 187 32.84 42.05 -10.23
N ILE B 188 33.08 41.55 -9.01
CA ILE B 188 34.38 41.18 -8.57
C ILE B 188 34.91 40.10 -9.45
N HIS B 189 34.12 39.07 -9.74
CA HIS B 189 34.47 38.00 -10.63
C HIS B 189 34.80 38.50 -12.02
N THR B 190 34.28 39.67 -12.46
CA THR B 190 34.61 40.25 -13.75
C THR B 190 36.06 40.65 -13.92
N ARG B 191 36.81 40.86 -12.81
CA ARG B 191 38.16 41.40 -12.78
C ARG B 191 39.12 41.01 -13.88
N ASN B 192 39.22 39.71 -14.23
CA ASN B 192 40.16 39.23 -15.21
C ASN B 192 39.73 39.54 -16.61
N MET B 193 38.46 39.25 -16.94
CA MET B 193 37.92 39.44 -18.26
C MET B 193 37.74 40.91 -18.56
N PRO B 194 37.75 41.31 -19.82
CA PRO B 194 37.48 42.69 -20.18
C PRO B 194 36.00 42.79 -20.39
N LEU B 195 35.47 44.02 -20.34
CA LEU B 195 34.11 44.36 -20.64
C LEU B 195 34.31 45.36 -21.74
N GLY B 196 33.65 46.52 -21.63
CA GLY B 196 33.76 47.64 -22.52
C GLY B 196 34.76 48.55 -21.90
N MET B 197 34.47 49.87 -21.91
CA MET B 197 35.38 50.86 -21.37
C MET B 197 35.18 50.92 -19.88
N SER B 198 35.41 52.10 -19.28
CA SER B 198 35.26 52.36 -17.86
C SER B 198 33.86 52.07 -17.44
N GLU B 199 32.91 52.52 -18.28
CA GLU B 199 31.54 52.11 -18.35
C GLU B 199 30.96 51.67 -17.04
N GLU B 200 30.72 52.67 -16.17
CA GLU B 200 29.90 52.55 -14.99
C GLU B 200 28.55 52.03 -15.41
N GLU B 201 28.15 52.41 -16.64
CA GLU B 201 26.99 51.98 -17.35
C GLU B 201 27.01 50.51 -17.56
N LYS B 202 28.09 49.91 -18.07
CA LYS B 202 28.24 48.46 -18.11
C LYS B 202 28.13 47.82 -16.77
N ASN B 203 28.81 48.37 -15.74
CA ASN B 203 28.66 47.92 -14.37
C ASN B 203 27.20 47.92 -13.95
N LYS B 204 26.49 49.02 -14.20
CA LYS B 204 25.07 49.12 -14.01
C LYS B 204 24.32 48.14 -14.84
N PHE B 205 24.73 47.86 -16.10
CA PHE B 205 24.16 46.83 -16.93
C PHE B 205 24.34 45.53 -16.24
N LEU B 206 25.56 45.22 -15.78
CA LEU B 206 25.78 44.03 -15.02
C LEU B 206 24.88 43.96 -13.80
N GLU B 207 24.64 45.09 -13.10
CA GLU B 207 23.67 45.17 -12.04
C GLU B 207 22.29 44.73 -12.40
N GLU B 208 21.71 45.32 -13.46
CA GLU B 208 20.36 45.02 -13.84
C GLU B 208 20.27 43.71 -14.51
N MET B 209 21.39 43.28 -15.14
CA MET B 209 21.64 41.97 -15.67
C MET B 209 21.42 41.00 -14.59
N ALA B 210 21.95 41.36 -13.40
CA ALA B 210 21.84 40.49 -12.30
C ALA B 210 20.44 40.47 -11.81
N ASP B 211 19.65 41.57 -11.78
CA ASP B 211 18.26 41.34 -11.46
C ASP B 211 17.51 40.59 -12.55
N TYR B 212 17.98 40.66 -13.82
CA TYR B 212 17.55 39.85 -14.92
C TYR B 212 17.85 38.42 -14.73
N THR B 213 18.90 38.11 -13.91
CA THR B 213 19.21 36.77 -13.55
C THR B 213 18.44 36.58 -12.32
N TYR B 214 17.88 35.38 -12.28
CA TYR B 214 16.81 35.00 -11.42
C TYR B 214 17.30 34.84 -10.03
N GLY B 215 18.63 34.88 -9.90
CA GLY B 215 19.33 34.66 -8.71
C GLY B 215 20.17 33.55 -9.19
N PHE B 216 21.44 33.60 -8.82
CA PHE B 216 22.44 32.64 -9.19
C PHE B 216 23.25 32.59 -7.93
N VAL B 217 23.81 31.42 -7.58
CA VAL B 217 24.65 31.25 -6.43
C VAL B 217 26.02 31.64 -6.91
N GLY B 218 27.05 31.61 -6.03
CA GLY B 218 28.37 32.11 -6.34
C GLY B 218 28.91 31.42 -7.53
N ALA B 219 28.81 30.08 -7.54
CA ALA B 219 29.17 29.25 -8.65
C ALA B 219 28.50 29.65 -9.93
N ASP B 220 27.15 29.76 -9.94
CA ASP B 220 26.38 30.11 -11.09
C ASP B 220 26.77 31.46 -11.67
N LEU B 221 26.99 32.47 -10.80
CA LEU B 221 27.47 33.75 -11.23
C LEU B 221 28.75 33.59 -11.98
N ALA B 222 29.73 32.88 -11.38
CA ALA B 222 30.98 32.52 -12.00
C ALA B 222 30.83 31.77 -13.29
N ALA B 223 29.72 31.04 -13.45
CA ALA B 223 29.49 30.29 -14.63
C ALA B 223 29.11 31.23 -15.70
N LEU B 224 28.43 32.37 -15.38
CA LEU B 224 28.23 33.40 -16.36
C LEU B 224 29.55 33.81 -16.90
N VAL B 225 30.51 34.10 -16.01
CA VAL B 225 31.82 34.47 -16.43
C VAL B 225 32.46 33.44 -17.32
N ARG B 226 32.28 32.15 -17.01
CA ARG B 226 32.84 31.10 -17.83
C ARG B 226 32.27 31.06 -19.21
N GLU B 227 30.95 31.25 -19.28
CA GLU B 227 30.22 31.28 -20.50
C GLU B 227 30.73 32.31 -21.43
N SER B 228 30.94 33.53 -20.91
CA SER B 228 31.37 34.68 -21.64
C SER B 228 32.63 34.33 -22.35
N ALA B 229 33.59 33.77 -21.61
CA ALA B 229 34.83 33.29 -22.15
C ALA B 229 34.59 32.42 -23.33
N MET B 230 33.86 31.31 -23.14
CA MET B 230 33.52 30.40 -24.20
C MET B 230 32.88 31.10 -25.36
N ASN B 231 31.82 31.88 -25.12
CA ASN B 231 31.03 32.56 -26.09
C ASN B 231 31.85 33.53 -26.87
N ALA B 232 32.59 34.44 -26.21
CA ALA B 232 33.41 35.40 -26.89
C ALA B 232 34.48 34.73 -27.70
N LEU B 233 34.99 33.58 -27.19
CA LEU B 233 35.95 32.78 -27.92
C LEU B 233 35.38 32.19 -29.16
N ARG B 234 34.04 32.07 -29.27
CA ARG B 234 33.40 31.59 -30.47
C ARG B 234 33.61 32.62 -31.53
N ARG B 235 33.45 33.91 -31.15
CA ARG B 235 33.70 35.01 -32.04
C ARG B 235 35.10 34.97 -32.60
N TYR B 236 36.09 34.55 -31.79
CA TYR B 236 37.45 34.53 -32.21
C TYR B 236 37.85 33.17 -32.69
N LEU B 237 36.92 32.20 -32.67
CA LEU B 237 37.20 30.83 -33.04
C LEU B 237 37.69 30.69 -34.44
N PRO B 238 37.23 31.36 -35.50
CA PRO B 238 37.74 31.04 -36.81
C PRO B 238 38.78 32.09 -37.08
N GLU B 239 39.67 32.34 -36.08
CA GLU B 239 40.73 33.27 -36.21
C GLU B 239 41.93 32.68 -35.54
N ILE B 240 41.78 32.36 -34.23
CA ILE B 240 42.86 31.98 -33.34
C ILE B 240 43.67 30.74 -33.70
N ASP B 241 43.03 29.61 -34.11
CA ASP B 241 43.74 28.34 -34.25
C ASP B 241 44.47 28.22 -35.57
N LEU B 242 44.74 29.38 -36.21
CA LEU B 242 45.37 29.50 -37.49
C LEU B 242 46.76 28.93 -37.49
N ASP B 243 47.51 29.14 -36.40
CA ASP B 243 48.87 28.67 -36.33
C ASP B 243 49.12 28.09 -34.98
N LYS B 244 50.28 27.41 -34.87
CA LYS B 244 50.71 26.73 -33.67
C LYS B 244 50.95 27.65 -32.50
N PRO B 245 51.66 28.79 -32.49
CA PRO B 245 51.83 29.60 -31.28
C PRO B 245 50.61 30.43 -31.04
N ILE B 246 50.46 31.00 -29.83
CA ILE B 246 49.30 31.78 -29.45
C ILE B 246 49.46 33.13 -30.11
N PRO B 247 48.50 33.67 -30.87
CA PRO B 247 48.65 34.94 -31.58
C PRO B 247 48.88 36.09 -30.63
N THR B 248 49.60 37.13 -31.09
CA THR B 248 49.84 38.33 -30.33
C THR B 248 49.10 39.46 -30.98
N GLU B 249 48.67 39.26 -32.25
CA GLU B 249 47.83 40.19 -33.00
C GLU B 249 46.53 40.34 -32.29
N ILE B 250 46.10 39.26 -31.65
CA ILE B 250 44.98 39.26 -30.77
C ILE B 250 45.52 38.50 -29.61
N LEU B 251 45.55 39.12 -28.42
CA LEU B 251 45.98 38.41 -27.22
C LEU B 251 45.36 39.09 -26.05
N GLU B 252 44.97 40.33 -26.27
CA GLU B 252 44.24 41.12 -25.34
C GLU B 252 43.66 42.16 -26.23
N LYS B 253 43.78 41.94 -27.57
CA LYS B 253 43.08 42.69 -28.56
C LYS B 253 41.89 41.85 -28.97
N MET B 254 41.54 40.83 -28.14
CA MET B 254 40.26 40.18 -28.16
C MET B 254 39.35 41.05 -27.37
N VAL B 255 38.03 41.03 -27.66
CA VAL B 255 37.09 41.92 -27.03
C VAL B 255 35.95 41.07 -26.58
N VAL B 256 35.60 41.16 -25.28
CA VAL B 256 34.46 40.47 -24.72
C VAL B 256 33.42 41.55 -24.58
N THR B 257 32.44 41.50 -25.50
CA THR B 257 31.37 42.46 -25.63
C THR B 257 30.24 42.08 -24.73
N GLU B 258 29.43 43.08 -24.37
CA GLU B 258 28.24 42.97 -23.57
C GLU B 258 27.27 41.95 -24.08
N ASP B 259 27.19 41.77 -25.41
CA ASP B 259 26.29 40.84 -26.05
C ASP B 259 26.60 39.42 -25.67
N ASP B 260 27.89 39.10 -25.40
CA ASP B 260 28.27 37.79 -24.93
C ASP B 260 27.55 37.46 -23.68
N PHE B 261 27.60 38.39 -22.70
CA PHE B 261 26.85 38.32 -21.48
C PHE B 261 25.38 38.13 -21.72
N LYS B 262 24.77 38.97 -22.57
CA LYS B 262 23.39 38.88 -22.96
C LYS B 262 22.96 37.54 -23.49
N ASN B 263 23.83 36.87 -24.30
CA ASN B 263 23.53 35.56 -24.84
C ASN B 263 23.75 34.50 -23.82
N ALA B 264 24.54 34.83 -22.78
CA ALA B 264 24.81 33.96 -21.68
C ALA B 264 23.66 34.02 -20.74
N LEU B 265 22.95 35.18 -20.70
CA LEU B 265 21.92 35.50 -19.75
C LEU B 265 20.88 34.44 -19.68
N LYS B 266 20.63 33.82 -20.82
CA LYS B 266 19.86 32.63 -20.87
C LYS B 266 20.62 31.92 -21.91
N SER B 267 19.98 31.00 -22.62
CA SER B 267 20.53 30.28 -23.74
C SER B 267 21.83 29.62 -23.37
N ILE B 268 21.80 28.99 -22.17
CA ILE B 268 22.82 28.21 -21.53
C ILE B 268 22.35 28.12 -20.10
N GLU B 269 21.09 28.55 -19.83
CA GLU B 269 20.34 28.55 -18.58
C GLU B 269 21.19 28.43 -17.34
N PRO B 270 21.93 29.46 -16.94
CA PRO B 270 22.80 29.41 -15.79
C PRO B 270 22.05 29.30 -14.49
N SER B 271 20.69 29.30 -14.47
CA SER B 271 19.97 28.97 -13.27
C SER B 271 19.98 27.50 -13.35
N SER B 272 20.99 26.95 -12.69
CA SER B 272 21.23 25.57 -12.56
C SER B 272 21.09 25.33 -11.11
N LEU B 273 20.46 26.31 -10.38
CA LEU B 273 20.15 26.26 -8.97
C LEU B 273 19.28 25.05 -8.82
N ARG B 274 19.91 23.98 -8.31
CA ARG B 274 19.49 22.62 -8.30
C ARG B 274 18.49 22.16 -9.36
N GLU B 275 17.60 21.23 -8.95
CA GLU B 275 16.62 20.43 -9.61
C GLU B 275 16.37 20.62 -11.06
N VAL B 276 16.07 19.47 -11.68
CA VAL B 276 15.72 19.32 -13.04
C VAL B 276 14.50 20.16 -13.29
N MET B 277 14.52 20.87 -14.42
CA MET B 277 13.49 21.76 -14.81
C MET B 277 13.35 21.38 -16.23
N VAL B 278 12.18 20.85 -16.63
CA VAL B 278 11.97 20.37 -17.97
C VAL B 278 12.11 21.48 -18.97
N GLU B 279 12.61 21.13 -20.16
CA GLU B 279 12.94 22.09 -21.17
C GLU B 279 11.77 22.92 -21.65
N VAL B 280 12.12 24.18 -21.91
CA VAL B 280 11.36 25.32 -22.34
C VAL B 280 10.67 25.09 -23.68
N PRO B 281 9.63 25.83 -24.06
CA PRO B 281 9.06 25.80 -25.41
C PRO B 281 9.87 26.90 -26.09
N ASN B 282 9.28 28.01 -26.58
CA ASN B 282 10.08 29.07 -27.16
C ASN B 282 9.20 30.26 -27.43
N VAL B 283 7.90 30.12 -27.16
CA VAL B 283 6.91 31.07 -27.59
C VAL B 283 6.75 32.20 -26.62
N HIS B 284 6.52 33.43 -27.13
CA HIS B 284 6.30 34.63 -26.35
C HIS B 284 4.86 35.00 -26.56
N TRP B 285 4.24 35.79 -25.64
CA TRP B 285 2.80 36.02 -25.71
C TRP B 285 2.32 36.59 -27.01
N ASP B 286 3.09 37.49 -27.64
CA ASP B 286 2.77 37.99 -28.96
C ASP B 286 2.58 36.93 -30.00
N ASP B 287 3.43 35.88 -29.90
CA ASP B 287 3.39 34.72 -30.75
C ASP B 287 2.27 33.78 -30.42
N ILE B 288 1.53 34.03 -29.33
CA ILE B 288 0.39 33.22 -28.99
C ILE B 288 -0.74 34.12 -29.31
N GLY B 289 -1.89 33.53 -29.69
CA GLY B 289 -3.06 34.26 -30.05
C GLY B 289 -4.16 33.90 -29.13
N GLY B 290 -5.17 34.79 -29.11
CA GLY B 290 -6.39 34.61 -28.38
C GLY B 290 -6.28 35.11 -26.99
N LEU B 291 -7.43 35.56 -26.47
CA LEU B 291 -7.64 35.95 -25.10
C LEU B 291 -6.75 37.08 -24.70
N GLU B 292 -6.75 38.16 -25.51
CA GLU B 292 -5.94 39.33 -25.31
C GLU B 292 -6.16 39.97 -23.97
N ASP B 293 -7.42 39.93 -23.47
CA ASP B 293 -7.88 40.54 -22.23
C ASP B 293 -7.27 39.82 -21.07
N VAL B 294 -7.38 38.47 -21.11
CA VAL B 294 -6.89 37.56 -20.13
C VAL B 294 -5.42 37.78 -20.09
N LYS B 295 -4.76 37.83 -21.27
CA LYS B 295 -3.35 38.05 -21.39
C LYS B 295 -2.97 39.29 -20.65
N ARG B 296 -3.68 40.42 -20.84
CA ARG B 296 -3.41 41.64 -20.15
C ARG B 296 -3.47 41.46 -18.66
N GLU B 297 -4.45 40.71 -18.12
CA GLU B 297 -4.43 40.49 -16.68
C GLU B 297 -3.43 39.44 -16.24
N ILE B 298 -3.31 38.29 -16.92
CA ILE B 298 -2.43 37.20 -16.54
C ILE B 298 -1.00 37.65 -16.52
N LYS B 299 -0.64 38.49 -17.51
CA LYS B 299 0.64 39.10 -17.63
C LYS B 299 0.86 39.94 -16.42
N GLU B 300 -0.10 40.83 -16.13
CA GLU B 300 -0.02 41.69 -15.00
C GLU B 300 0.02 40.95 -13.69
N THR B 301 -0.52 39.71 -13.60
CA THR B 301 -0.44 38.99 -12.37
C THR B 301 0.95 38.50 -12.19
N VAL B 302 1.58 37.90 -13.21
CA VAL B 302 2.92 37.42 -12.98
C VAL B 302 3.93 38.53 -13.02
N GLU B 303 3.88 39.41 -14.04
CA GLU B 303 4.90 40.40 -14.24
C GLU B 303 4.95 41.48 -13.21
N LEU B 304 3.79 42.05 -12.81
CA LEU B 304 3.76 43.24 -11.99
C LEU B 304 4.61 43.17 -10.73
N PRO B 305 4.48 42.24 -9.79
CA PRO B 305 5.30 42.20 -8.59
C PRO B 305 6.76 42.07 -8.94
N LEU B 306 7.07 41.22 -9.94
CA LEU B 306 8.43 40.86 -10.22
C LEU B 306 9.11 41.99 -10.91
N LEU B 307 8.48 42.59 -11.92
CA LEU B 307 9.10 43.57 -12.75
C LEU B 307 9.12 44.89 -12.04
N LYS B 308 8.06 45.23 -11.29
CA LYS B 308 8.00 46.52 -10.65
C LYS B 308 7.21 46.34 -9.41
N PRO B 309 7.77 45.87 -8.30
CA PRO B 309 7.04 45.77 -7.05
C PRO B 309 6.63 47.14 -6.59
N ASP B 310 7.54 48.13 -6.78
CA ASP B 310 7.47 49.45 -6.24
C ASP B 310 6.26 50.26 -6.60
N VAL B 311 5.92 50.42 -7.90
CA VAL B 311 4.79 51.24 -8.27
C VAL B 311 3.46 50.73 -7.75
N PHE B 312 3.37 49.41 -7.49
CA PHE B 312 2.18 48.81 -6.94
C PHE B 312 2.12 49.08 -5.47
N LYS B 313 3.30 49.31 -4.85
CA LYS B 313 3.40 49.58 -3.45
C LYS B 313 3.03 51.00 -3.18
N ARG B 314 3.23 51.93 -4.15
CA ARG B 314 2.80 53.30 -3.95
C ARG B 314 1.30 53.37 -3.78
N LEU B 315 0.55 52.45 -4.44
CA LEU B 315 -0.85 52.24 -4.14
C LEU B 315 -0.99 51.52 -2.82
N GLY B 316 -0.28 50.39 -2.72
CA GLY B 316 -0.28 49.50 -1.61
C GLY B 316 -0.51 48.18 -2.26
N ILE B 317 0.42 47.22 -2.02
CA ILE B 317 0.34 45.89 -2.60
C ILE B 317 -0.57 45.04 -1.80
N ARG B 318 -0.93 43.91 -2.41
CA ARG B 318 -1.70 42.86 -1.82
C ARG B 318 -0.91 41.68 -2.26
N PRO B 319 -1.08 40.52 -1.65
CA PRO B 319 -0.60 39.26 -2.19
C PRO B 319 -1.31 38.99 -3.49
N SER B 320 -0.81 38.04 -4.29
CA SER B 320 -1.41 37.71 -5.55
C SER B 320 -0.77 36.39 -5.80
N LYS B 321 -0.95 35.47 -4.83
CA LYS B 321 -0.29 34.18 -4.77
C LYS B 321 -0.51 33.26 -5.94
N GLY B 322 -1.45 33.60 -6.85
CA GLY B 322 -1.54 32.81 -8.02
C GLY B 322 -2.92 32.84 -8.50
N PHE B 323 -3.17 31.99 -9.49
CA PHE B 323 -4.44 31.95 -10.12
C PHE B 323 -4.52 30.59 -10.71
N LEU B 324 -5.75 30.19 -11.03
CA LEU B 324 -6.10 28.90 -11.57
C LEU B 324 -6.65 29.24 -12.91
N LEU B 325 -6.52 28.34 -13.91
CA LEU B 325 -7.15 28.59 -15.17
C LEU B 325 -8.13 27.48 -15.21
N TYR B 326 -9.39 27.82 -15.55
CA TYR B 326 -10.45 26.86 -15.65
C TYR B 326 -11.35 27.33 -16.74
N GLY B 327 -11.88 26.37 -17.54
CA GLY B 327 -12.76 26.69 -18.63
C GLY B 327 -12.81 25.47 -19.47
N PRO B 328 -13.40 25.55 -20.66
CA PRO B 328 -13.43 24.45 -21.59
C PRO B 328 -12.02 24.16 -21.98
N PRO B 329 -11.48 22.96 -21.96
CA PRO B 329 -10.12 22.72 -22.40
C PRO B 329 -10.09 22.89 -23.88
N GLY B 330 -8.91 23.16 -24.48
CA GLY B 330 -8.82 23.27 -25.92
C GLY B 330 -8.43 24.61 -26.42
N VAL B 331 -7.89 25.49 -25.56
CA VAL B 331 -7.21 26.66 -26.05
C VAL B 331 -5.75 26.27 -25.99
N GLY B 332 -5.49 25.11 -25.33
CA GLY B 332 -4.24 24.51 -25.06
C GLY B 332 -3.96 25.26 -23.82
N LYS B 333 -4.47 24.76 -22.67
CA LYS B 333 -4.31 25.41 -21.39
C LYS B 333 -2.88 25.72 -21.15
N THR B 334 -2.10 24.65 -21.34
CA THR B 334 -0.68 24.60 -21.28
C THR B 334 -0.03 25.65 -22.15
N LEU B 335 -0.62 26.09 -23.28
CA LEU B 335 0.02 26.99 -24.19
C LEU B 335 0.00 28.36 -23.60
N LEU B 336 -1.10 28.77 -22.93
CA LEU B 336 -1.18 30.06 -22.28
C LEU B 336 -0.09 30.09 -21.24
N ALA B 337 -0.09 29.07 -20.37
CA ALA B 337 0.94 28.90 -19.37
C ALA B 337 2.36 28.93 -19.89
N LYS B 338 2.64 28.13 -20.94
CA LYS B 338 3.93 28.05 -21.57
C LYS B 338 4.43 29.37 -22.06
N ALA B 339 3.51 30.22 -22.56
CA ALA B 339 3.83 31.50 -23.09
C ALA B 339 4.45 32.36 -22.03
N VAL B 340 3.72 32.52 -20.90
CA VAL B 340 4.17 33.30 -19.77
C VAL B 340 5.50 32.83 -19.29
N ALA B 341 5.72 31.50 -19.27
CA ALA B 341 6.92 31.02 -18.67
C ALA B 341 8.10 31.38 -19.48
N THR B 342 8.01 31.41 -20.83
CA THR B 342 9.12 31.84 -21.62
C THR B 342 9.52 33.25 -21.32
N GLU B 343 8.56 34.18 -21.46
CA GLU B 343 8.77 35.59 -21.29
C GLU B 343 9.15 36.02 -19.92
N SER B 344 8.65 35.34 -18.86
CA SER B 344 8.88 35.75 -17.49
C SER B 344 10.33 35.84 -17.13
N ASN B 345 10.69 36.91 -16.38
CA ASN B 345 12.04 37.16 -15.97
C ASN B 345 12.44 36.15 -14.93
N ALA B 346 11.58 35.89 -13.93
CA ALA B 346 11.78 34.87 -12.94
C ALA B 346 11.78 33.51 -13.57
N ASN B 347 12.48 32.56 -12.94
CA ASN B 347 12.55 31.16 -13.33
C ASN B 347 11.19 30.56 -13.22
N PHE B 348 10.94 29.50 -14.00
CA PHE B 348 9.66 28.86 -14.02
C PHE B 348 10.01 27.56 -13.42
N ILE B 349 9.05 26.96 -12.71
CA ILE B 349 9.26 25.72 -12.07
C ILE B 349 8.04 25.04 -12.51
N SER B 350 8.24 23.79 -12.90
CA SER B 350 7.25 22.94 -13.49
C SER B 350 7.42 21.63 -12.83
N ILE B 351 6.38 21.10 -12.16
CA ILE B 351 6.47 19.74 -11.76
C ILE B 351 5.16 19.30 -12.25
N LYS B 352 5.27 18.37 -13.21
CA LYS B 352 4.19 17.81 -13.91
C LYS B 352 3.56 16.79 -13.03
N GLY B 353 2.23 16.83 -13.08
CA GLY B 353 1.32 16.11 -12.25
C GLY B 353 1.57 14.65 -12.11
N PRO B 354 1.72 13.86 -13.16
CA PRO B 354 1.94 12.44 -13.00
C PRO B 354 3.22 12.16 -12.29
N GLU B 355 4.28 12.95 -12.54
CA GLU B 355 5.56 12.72 -11.93
C GLU B 355 5.47 12.77 -10.43
N VAL B 356 4.96 13.89 -9.88
CA VAL B 356 4.78 14.03 -8.46
C VAL B 356 3.88 12.96 -7.87
N LEU B 357 2.78 12.66 -8.59
CA LEU B 357 1.81 11.69 -8.20
C LEU B 357 2.34 10.29 -8.21
N SER B 358 3.47 10.04 -8.92
CA SER B 358 4.09 8.74 -8.83
C SER B 358 5.21 8.79 -7.85
N LYS B 359 5.47 9.96 -7.25
CA LYS B 359 6.52 10.10 -6.30
C LYS B 359 5.92 9.78 -4.97
N TRP B 360 5.98 8.46 -4.69
CA TRP B 360 5.53 7.77 -3.53
C TRP B 360 6.41 6.55 -3.50
N VAL B 361 7.72 6.73 -3.82
CA VAL B 361 8.68 5.65 -3.93
C VAL B 361 8.92 5.23 -2.51
N GLY B 362 8.40 4.03 -2.16
CA GLY B 362 8.58 3.49 -0.84
C GLY B 362 7.66 4.20 0.11
N GLU B 363 6.75 5.03 -0.45
CA GLU B 363 5.87 5.92 0.22
C GLU B 363 6.65 7.05 0.79
N SER B 364 6.98 8.05 -0.07
CA SER B 364 7.76 9.19 0.33
C SER B 364 7.10 10.37 -0.27
N GLU B 365 6.14 10.96 0.49
CA GLU B 365 5.48 12.20 0.16
C GLU B 365 6.44 13.35 0.16
N LYS B 366 7.65 13.12 0.68
CA LYS B 366 8.70 14.07 0.88
C LYS B 366 9.04 14.82 -0.36
N ALA B 367 8.76 14.22 -1.53
CA ALA B 367 9.07 14.81 -2.79
C ALA B 367 8.23 16.02 -3.06
N ILE B 368 6.89 15.96 -2.83
CA ILE B 368 6.06 17.13 -2.98
C ILE B 368 6.54 18.18 -2.03
N ARG B 369 6.81 17.78 -0.77
CA ARG B 369 7.36 18.68 0.22
C ARG B 369 8.66 19.30 -0.22
N GLU B 370 9.49 18.58 -1.00
CA GLU B 370 10.70 19.13 -1.54
C GLU B 370 10.45 20.12 -2.63
N ILE B 371 9.33 20.01 -3.39
CA ILE B 371 9.06 20.90 -4.49
C ILE B 371 9.04 22.32 -4.02
N PHE B 372 8.15 22.58 -3.06
CA PHE B 372 7.96 23.87 -2.47
C PHE B 372 9.19 24.36 -1.80
N LYS B 373 9.88 23.47 -1.05
CA LYS B 373 11.13 23.80 -0.41
C LYS B 373 12.11 24.36 -1.38
N LYS B 374 12.31 23.64 -2.50
CA LYS B 374 13.14 24.04 -3.59
C LYS B 374 12.65 25.27 -4.23
N ALA B 375 11.34 25.48 -4.24
CA ALA B 375 10.77 26.62 -4.88
C ALA B 375 11.10 27.79 -4.03
N LYS B 376 10.90 27.68 -2.70
CA LYS B 376 11.21 28.74 -1.78
C LYS B 376 12.63 29.20 -1.93
N GLN B 377 13.57 28.25 -1.98
CA GLN B 377 14.95 28.56 -2.19
C GLN B 377 15.23 29.23 -3.51
N VAL B 378 14.55 28.81 -4.59
CA VAL B 378 14.81 29.31 -5.92
C VAL B 378 14.02 30.55 -6.23
N ALA B 379 13.20 31.04 -5.29
CA ALA B 379 12.33 32.20 -5.48
C ALA B 379 13.10 33.44 -5.89
N PRO B 380 12.57 34.46 -6.60
CA PRO B 380 11.21 34.58 -7.09
C PRO B 380 11.03 33.64 -8.23
N ALA B 381 9.87 32.94 -8.27
CA ALA B 381 9.64 31.91 -9.24
C ALA B 381 8.16 31.70 -9.39
N ILE B 382 7.76 31.07 -10.51
CA ILE B 382 6.39 30.71 -10.72
C ILE B 382 6.45 29.21 -10.77
N VAL B 383 5.79 28.54 -9.81
CA VAL B 383 5.57 27.12 -9.82
C VAL B 383 4.36 26.88 -10.68
N PHE B 384 4.37 25.78 -11.47
CA PHE B 384 3.34 25.45 -12.41
C PHE B 384 2.88 24.09 -12.05
N LEU B 385 1.56 23.96 -11.97
CA LEU B 385 0.90 22.73 -11.74
C LEU B 385 -0.05 22.71 -12.89
N ASP B 386 0.03 21.66 -13.73
CA ASP B 386 -0.89 21.50 -14.83
C ASP B 386 -1.72 20.35 -14.39
N GLU B 387 -3.04 20.38 -14.71
CA GLU B 387 -4.02 19.42 -14.27
C GLU B 387 -3.91 19.19 -12.79
N ILE B 388 -4.03 20.27 -11.99
CA ILE B 388 -3.87 20.26 -10.56
C ILE B 388 -4.83 19.31 -9.90
N ASP B 389 -5.94 19.01 -10.58
CA ASP B 389 -6.93 18.03 -10.22
C ASP B 389 -6.26 16.71 -10.11
N SER B 390 -5.47 16.31 -11.13
CA SER B 390 -4.74 15.08 -11.10
C SER B 390 -3.83 14.96 -9.90
N ILE B 391 -3.24 16.06 -9.38
CA ILE B 391 -2.41 15.92 -8.19
C ILE B 391 -3.20 16.14 -6.95
N ALA B 392 -4.43 16.61 -7.07
CA ALA B 392 -5.21 16.88 -5.90
C ALA B 392 -6.60 16.82 -6.37
N PRO B 393 -7.28 15.69 -6.26
CA PRO B 393 -8.68 15.61 -6.58
C PRO B 393 -9.39 16.01 -5.32
N ARG B 394 -10.67 15.65 -5.18
CA ARG B 394 -11.43 15.82 -3.99
C ARG B 394 -10.81 15.05 -2.86
N ARG B 395 -10.88 15.55 -1.61
CA ARG B 395 -10.31 14.84 -0.48
C ARG B 395 -11.36 13.91 0.04
N GLY B 396 -12.48 13.82 -0.69
CA GLY B 396 -13.55 12.92 -0.46
C GLY B 396 -13.28 11.65 -1.20
N THR B 397 -12.13 11.55 -1.93
CA THR B 397 -11.74 10.32 -2.59
C THR B 397 -11.44 9.28 -1.55
N THR B 398 -11.66 8.00 -1.89
CA THR B 398 -11.62 6.91 -0.94
C THR B 398 -10.98 5.71 -1.61
N SER B 399 -10.29 5.93 -2.75
CA SER B 399 -9.56 4.91 -3.46
C SER B 399 -8.10 5.04 -3.08
N ASP B 400 -7.82 5.99 -2.16
CA ASP B 400 -6.54 6.33 -1.60
C ASP B 400 -5.96 5.23 -0.79
N SER B 401 -4.61 5.19 -0.76
CA SER B 401 -3.88 4.32 0.11
C SER B 401 -3.33 5.34 1.04
N GLY B 402 -2.27 5.99 0.58
CA GLY B 402 -1.69 7.11 1.21
C GLY B 402 -2.07 8.29 0.39
N VAL B 403 -2.73 8.09 -0.77
CA VAL B 403 -2.85 9.09 -1.81
C VAL B 403 -3.33 10.42 -1.29
N THR B 404 -4.46 10.50 -0.58
CA THR B 404 -4.87 11.78 -0.04
C THR B 404 -3.94 12.23 1.02
N GLU B 405 -3.62 11.37 1.99
CA GLU B 405 -2.81 11.73 3.13
C GLU B 405 -1.48 12.28 2.73
N ARG B 406 -0.71 11.49 1.95
CA ARG B 406 0.61 11.78 1.49
C ARG B 406 0.62 13.07 0.74
N ILE B 407 0.01 13.10 -0.46
CA ILE B 407 0.33 14.16 -1.39
C ILE B 407 -0.67 15.22 -1.17
N VAL B 408 -1.97 14.96 -1.36
CA VAL B 408 -2.98 16.00 -1.30
C VAL B 408 -2.89 16.89 -0.07
N ASN B 409 -2.75 16.31 1.14
CA ASN B 409 -2.66 17.09 2.36
C ASN B 409 -1.37 17.83 2.45
N GLN B 410 -0.28 17.26 1.90
CA GLN B 410 0.97 17.97 1.90
C GLN B 410 0.84 19.19 1.06
N LEU B 411 0.15 19.07 -0.11
CA LEU B 411 -0.16 20.13 -1.03
C LEU B 411 -0.79 21.24 -0.29
N LEU B 412 -1.80 20.92 0.54
CA LEU B 412 -2.55 21.86 1.34
C LEU B 412 -1.61 22.72 2.13
N THR B 413 -0.87 22.08 3.06
CA THR B 413 0.07 22.72 3.94
C THR B 413 1.16 23.46 3.20
N SER B 414 1.54 22.97 2.02
CA SER B 414 2.57 23.56 1.23
C SER B 414 2.09 24.77 0.49
N LEU B 415 0.78 24.83 0.14
CA LEU B 415 0.25 25.97 -0.57
C LEU B 415 0.16 27.07 0.42
N ASP B 416 -0.31 26.75 1.65
CA ASP B 416 -0.30 27.66 2.77
C ASP B 416 1.11 28.10 3.06
N GLY B 417 2.09 27.23 2.76
CA GLY B 417 3.50 27.46 2.89
C GLY B 417 4.03 28.60 2.09
N ILE B 418 3.31 29.09 1.06
CA ILE B 418 3.74 30.22 0.29
C ILE B 418 3.41 31.40 1.14
N GLU B 419 4.41 32.30 1.34
CA GLU B 419 4.28 33.44 2.19
C GLU B 419 4.24 34.63 1.30
N VAL B 420 3.72 35.75 1.85
CA VAL B 420 3.50 36.99 1.16
C VAL B 420 4.81 37.54 0.70
N MET B 421 5.82 37.49 1.58
CA MET B 421 7.15 37.96 1.27
C MET B 421 7.75 37.22 0.11
N ASN B 422 7.50 35.90 0.04
CA ASN B 422 7.96 35.07 -1.06
C ASN B 422 7.42 35.50 -2.39
N GLY B 423 8.26 35.23 -3.41
CA GLY B 423 8.07 35.58 -4.80
C GLY B 423 7.60 34.36 -5.53
N VAL B 424 7.18 33.28 -4.82
CA VAL B 424 6.71 32.07 -5.43
C VAL B 424 5.31 32.39 -5.85
N VAL B 425 4.83 31.89 -7.00
CA VAL B 425 3.52 32.23 -7.51
C VAL B 425 3.08 30.96 -8.16
N VAL B 426 1.78 30.65 -8.05
CA VAL B 426 1.18 29.39 -8.41
C VAL B 426 0.37 29.66 -9.61
N ILE B 427 0.69 28.95 -10.71
CA ILE B 427 -0.05 29.09 -11.92
C ILE B 427 -0.57 27.72 -12.01
N GLY B 428 -1.89 27.63 -11.74
CA GLY B 428 -2.67 26.43 -11.76
C GLY B 428 -3.37 26.34 -13.07
N ALA B 429 -3.69 25.09 -13.46
CA ALA B 429 -4.51 24.79 -14.59
C ALA B 429 -5.27 23.52 -14.30
N THR B 430 -6.54 23.50 -14.72
CA THR B 430 -7.39 22.36 -14.53
C THR B 430 -8.42 22.54 -15.59
N ASN B 431 -9.07 21.45 -15.97
CA ASN B 431 -10.02 21.49 -17.02
C ASN B 431 -11.33 21.51 -16.34
N ARG B 432 -11.42 20.75 -15.22
CA ARG B 432 -12.61 20.61 -14.46
C ARG B 432 -12.29 20.94 -13.03
N PRO B 433 -12.74 22.07 -12.50
CA PRO B 433 -12.63 22.44 -11.12
C PRO B 433 -13.27 21.46 -10.21
N ASP B 434 -14.42 20.90 -10.61
CA ASP B 434 -15.25 20.13 -9.74
C ASP B 434 -14.49 18.94 -9.24
N ILE B 435 -13.59 18.37 -10.06
CA ILE B 435 -12.79 17.27 -9.64
C ILE B 435 -11.90 17.60 -8.46
N MET B 436 -11.27 18.80 -8.41
CA MET B 436 -10.43 19.19 -7.28
C MET B 436 -11.25 19.54 -6.08
N ASP B 437 -10.68 19.29 -4.86
CA ASP B 437 -11.31 19.46 -3.58
C ASP B 437 -11.70 20.90 -3.41
N PRO B 438 -12.90 21.23 -2.94
CA PRO B 438 -13.28 22.61 -2.76
C PRO B 438 -12.40 23.40 -1.87
N ALA B 439 -11.61 22.78 -0.97
CA ALA B 439 -10.68 23.52 -0.17
C ALA B 439 -9.66 24.29 -0.96
N LEU B 440 -9.31 23.81 -2.18
CA LEU B 440 -8.37 24.53 -3.01
C LEU B 440 -9.05 25.68 -3.68
N LEU B 441 -10.40 25.64 -3.81
CA LEU B 441 -11.14 26.72 -4.38
C LEU B 441 -11.47 27.68 -3.32
N ARG B 442 -11.04 27.42 -2.06
CA ARG B 442 -11.13 28.41 -1.04
C ARG B 442 -9.98 29.31 -1.30
N ALA B 443 -10.22 30.61 -1.03
CA ALA B 443 -9.32 31.69 -1.28
C ALA B 443 -8.07 31.53 -0.50
N GLY B 444 -6.99 32.12 -1.05
CA GLY B 444 -5.66 32.10 -0.50
C GLY B 444 -4.99 30.81 -0.82
N ARG B 445 -5.73 29.90 -1.49
CA ARG B 445 -5.27 28.67 -2.03
C ARG B 445 -5.73 28.67 -3.46
N PHE B 446 -5.94 29.90 -3.96
CA PHE B 446 -6.06 30.33 -5.33
C PHE B 446 -6.70 31.65 -5.15
N ASP B 447 -5.96 32.73 -5.52
CA ASP B 447 -6.37 34.08 -5.21
C ASP B 447 -7.46 34.48 -6.15
N LYS B 448 -7.27 34.28 -7.47
CA LYS B 448 -8.35 34.57 -8.38
C LYS B 448 -8.49 33.35 -9.21
N LEU B 449 -9.68 33.24 -9.82
CA LEU B 449 -10.07 32.11 -10.61
C LEU B 449 -10.36 32.63 -11.96
N ILE B 450 -9.54 32.25 -12.96
CA ILE B 450 -9.66 32.77 -14.28
C ILE B 450 -10.51 31.81 -15.02
N TYR B 451 -11.72 32.28 -15.39
CA TYR B 451 -12.62 31.55 -16.23
C TYR B 451 -12.09 31.85 -17.59
N ILE B 452 -12.09 30.85 -18.47
CA ILE B 452 -11.63 31.04 -19.81
C ILE B 452 -12.91 30.98 -20.56
N PRO B 453 -13.43 32.06 -21.12
CA PRO B 453 -14.62 32.01 -21.93
C PRO B 453 -14.12 31.54 -23.27
N PRO B 454 -14.83 30.77 -24.07
CA PRO B 454 -14.35 30.27 -25.35
C PRO B 454 -13.97 31.41 -26.27
N PRO B 455 -13.10 31.26 -27.26
CA PRO B 455 -12.65 32.35 -28.10
C PRO B 455 -13.76 33.07 -28.83
N ASP B 456 -13.83 34.41 -28.67
CA ASP B 456 -14.77 35.25 -29.36
C ASP B 456 -14.33 35.29 -30.80
N LYS B 457 -15.26 35.53 -31.74
CA LYS B 457 -15.05 35.66 -33.17
C LYS B 457 -13.96 36.64 -33.52
N GLU B 458 -13.98 37.84 -32.90
CA GLU B 458 -12.99 38.86 -33.11
C GLU B 458 -11.63 38.37 -32.73
N ALA B 459 -11.54 37.62 -31.61
CA ALA B 459 -10.29 37.03 -31.23
C ALA B 459 -9.90 35.87 -32.11
N ARG B 460 -10.89 35.11 -32.69
CA ARG B 460 -10.59 34.05 -33.62
C ARG B 460 -9.77 34.55 -34.76
N LEU B 461 -10.11 35.75 -35.26
CA LEU B 461 -9.39 36.41 -36.32
C LEU B 461 -7.94 36.58 -36.01
N SER B 462 -7.61 36.95 -34.76
CA SER B 462 -6.24 37.18 -34.47
C SER B 462 -5.53 35.88 -34.27
N ILE B 463 -6.10 34.91 -33.53
CA ILE B 463 -5.45 33.63 -33.35
C ILE B 463 -5.23 32.90 -34.66
N LEU B 464 -6.15 33.08 -35.62
CA LEU B 464 -6.14 32.37 -36.85
C LEU B 464 -5.07 32.95 -37.70
N LYS B 465 -4.97 34.29 -37.79
CA LYS B 465 -3.99 34.95 -38.61
C LYS B 465 -2.60 34.59 -38.19
N VAL B 466 -2.35 34.66 -36.87
CA VAL B 466 -1.13 34.28 -36.20
C VAL B 466 -0.78 32.86 -36.52
N HIS B 467 -1.76 31.95 -36.62
CA HIS B 467 -1.44 30.57 -36.83
C HIS B 467 -1.08 30.33 -38.27
N THR B 468 -1.75 31.00 -39.22
CA THR B 468 -1.53 30.76 -40.63
C THR B 468 -0.41 31.60 -41.18
N LYS B 469 0.24 32.42 -40.32
CA LYS B 469 1.39 33.23 -40.69
C LYS B 469 2.45 32.39 -41.33
N ASN B 470 2.68 31.19 -40.76
CA ASN B 470 3.60 30.22 -41.27
C ASN B 470 3.18 29.71 -42.63
N MET B 471 1.89 29.35 -42.82
CA MET B 471 1.43 28.71 -44.03
C MET B 471 1.62 29.57 -45.28
N PRO B 472 2.05 29.03 -46.43
CA PRO B 472 1.96 29.69 -47.74
C PRO B 472 0.52 29.96 -48.05
N LEU B 473 0.14 31.22 -48.33
CA LEU B 473 -1.23 31.65 -48.32
C LEU B 473 -1.57 32.26 -49.66
N ALA B 474 -2.59 31.70 -50.37
CA ALA B 474 -3.01 32.19 -51.67
C ALA B 474 -3.91 33.37 -51.47
N PRO B 475 -4.12 34.26 -52.44
CA PRO B 475 -5.02 35.38 -52.30
C PRO B 475 -6.46 34.94 -52.34
N ASP B 476 -6.73 33.64 -52.62
CA ASP B 476 -8.06 33.12 -52.71
C ASP B 476 -8.70 33.10 -51.35
N VAL B 477 -7.88 33.02 -50.27
CA VAL B 477 -8.37 33.01 -48.91
C VAL B 477 -9.10 34.27 -48.55
N ASP B 478 -10.02 34.14 -47.59
CA ASP B 478 -10.76 35.23 -47.02
C ASP B 478 -10.75 34.75 -45.61
N LEU B 479 -9.81 35.27 -44.80
CA LEU B 479 -9.56 34.71 -43.50
C LEU B 479 -10.60 35.17 -42.55
N ASN B 480 -10.95 36.48 -42.61
CA ASN B 480 -11.98 36.98 -41.74
C ASN B 480 -13.30 36.31 -41.99
N ASP B 481 -13.53 35.76 -43.22
CA ASP B 481 -14.71 35.01 -43.55
C ASP B 481 -14.89 33.79 -42.71
N ILE B 482 -13.87 32.90 -42.68
CA ILE B 482 -13.91 31.66 -41.94
C ILE B 482 -14.01 31.88 -40.47
N ALA B 483 -13.40 32.99 -39.98
CA ALA B 483 -13.43 33.37 -38.59
C ALA B 483 -14.85 33.62 -38.19
N GLN B 484 -15.49 34.48 -38.99
CA GLN B 484 -16.87 34.85 -38.91
C GLN B 484 -17.80 33.69 -39.18
N ARG B 485 -17.34 32.53 -39.71
CA ARG B 485 -18.27 31.48 -40.05
C ARG B 485 -18.69 30.76 -38.81
N THR B 486 -17.78 30.42 -37.88
CA THR B 486 -18.26 29.71 -36.73
C THR B 486 -17.30 29.97 -35.62
N GLU B 487 -17.84 30.11 -34.40
CA GLU B 487 -17.07 30.26 -33.21
C GLU B 487 -17.08 28.91 -32.57
N GLY B 488 -17.61 27.88 -33.27
CA GLY B 488 -17.91 26.59 -32.70
C GLY B 488 -16.68 25.80 -32.48
N TYR B 489 -15.58 26.23 -33.13
CA TYR B 489 -14.29 25.64 -32.97
C TYR B 489 -13.74 26.14 -31.66
N VAL B 490 -12.66 25.49 -31.20
CA VAL B 490 -11.94 25.90 -30.04
C VAL B 490 -10.63 26.35 -30.65
N GLY B 491 -9.57 26.57 -29.85
CA GLY B 491 -8.33 27.03 -30.40
C GLY B 491 -7.60 25.91 -31.03
N ALA B 492 -7.72 24.73 -30.41
CA ALA B 492 -7.10 23.52 -30.82
C ALA B 492 -7.67 23.16 -32.14
N ASP B 493 -8.98 23.35 -32.31
CA ASP B 493 -9.56 23.10 -33.58
C ASP B 493 -9.08 24.08 -34.60
N LEU B 494 -9.09 25.41 -34.39
CA LEU B 494 -8.64 26.29 -35.44
C LEU B 494 -7.23 26.08 -35.90
N GLU B 495 -6.35 25.63 -34.97
CA GLU B 495 -5.05 25.10 -35.31
C GLU B 495 -5.17 24.06 -36.39
N ASN B 496 -5.92 22.99 -36.06
CA ASN B 496 -6.16 21.87 -36.92
C ASN B 496 -6.88 22.27 -38.16
N LEU B 497 -7.71 23.33 -38.15
CA LEU B 497 -8.40 23.84 -39.30
C LEU B 497 -7.41 24.21 -40.34
N CYS B 498 -6.49 25.12 -39.98
CA CYS B 498 -5.42 25.47 -40.89
C CYS B 498 -4.59 24.28 -41.32
N ARG B 499 -4.34 23.32 -40.41
CA ARG B 499 -3.63 22.11 -40.72
C ARG B 499 -4.31 21.30 -41.78
N GLU B 500 -5.57 20.91 -41.52
CA GLU B 500 -6.38 20.07 -42.34
C GLU B 500 -6.58 20.68 -43.68
N ALA B 501 -6.67 22.02 -43.77
CA ALA B 501 -6.74 22.74 -45.01
C ALA B 501 -5.61 22.40 -45.91
N GLY B 502 -4.40 22.39 -45.32
CA GLY B 502 -3.19 21.95 -45.93
C GLY B 502 -3.29 20.56 -46.44
N MET B 503 -3.85 19.64 -45.63
CA MET B 503 -4.02 18.26 -46.01
C MET B 503 -4.87 18.13 -47.22
N ASN B 504 -6.01 18.85 -47.25
CA ASN B 504 -6.87 18.93 -48.40
C ASN B 504 -6.08 19.42 -49.56
N ALA B 505 -5.40 20.56 -49.43
CA ALA B 505 -4.58 21.13 -50.46
C ALA B 505 -3.47 20.26 -50.99
N TYR B 506 -2.75 19.52 -50.12
CA TYR B 506 -1.63 18.71 -50.55
C TYR B 506 -2.10 17.57 -51.38
N ARG B 507 -3.28 17.01 -51.00
CA ARG B 507 -3.92 15.98 -51.75
C ARG B 507 -4.30 16.48 -53.11
N GLU B 508 -4.89 17.70 -53.17
CA GLU B 508 -5.39 18.33 -54.36
C GLU B 508 -4.29 18.58 -55.32
N ASN B 509 -3.25 19.29 -54.88
CA ASN B 509 -2.17 19.63 -55.74
C ASN B 509 -1.01 19.01 -55.03
N PRO B 510 -0.41 17.93 -55.54
CA PRO B 510 0.75 17.33 -54.92
C PRO B 510 1.87 18.30 -55.08
N ASP B 511 1.94 18.95 -56.26
CA ASP B 511 2.79 20.09 -56.50
C ASP B 511 2.31 21.18 -55.60
N ALA B 512 3.24 21.89 -54.94
CA ALA B 512 2.89 22.83 -53.90
C ALA B 512 2.06 23.95 -54.46
N THR B 513 1.07 24.41 -53.66
CA THR B 513 0.24 25.53 -54.02
C THR B 513 -0.05 26.19 -52.69
N SER B 514 -0.09 27.53 -52.66
CA SER B 514 -0.41 28.29 -51.48
C SER B 514 -1.88 28.06 -51.17
N VAL B 515 -2.26 27.84 -49.88
CA VAL B 515 -3.60 27.39 -49.51
C VAL B 515 -4.68 28.38 -49.88
N SER B 516 -5.88 27.86 -50.26
CA SER B 516 -6.95 28.64 -50.83
C SER B 516 -8.19 28.52 -50.00
N GLN B 517 -9.18 29.44 -50.28
CA GLN B 517 -10.45 29.47 -49.60
C GLN B 517 -11.15 28.16 -49.69
N LYS B 518 -11.15 27.54 -50.90
CA LYS B 518 -11.75 26.25 -51.12
C LYS B 518 -11.15 25.18 -50.27
N ASN B 519 -9.81 25.22 -50.11
CA ASN B 519 -9.09 24.36 -49.21
C ASN B 519 -9.55 24.54 -47.80
N PHE B 520 -10.06 25.74 -47.44
CA PHE B 520 -10.62 25.96 -46.14
C PHE B 520 -12.01 25.43 -46.07
N LEU B 521 -12.85 25.58 -47.10
CA LEU B 521 -14.25 25.20 -47.07
C LEU B 521 -14.46 23.73 -46.80
N ASP B 522 -13.85 22.87 -47.62
CA ASP B 522 -13.94 21.44 -47.44
C ASP B 522 -13.52 21.00 -46.07
N ALA B 523 -12.44 21.62 -45.56
CA ALA B 523 -11.88 21.35 -44.27
C ALA B 523 -12.76 21.86 -43.18
N LEU B 524 -13.47 22.98 -43.42
CA LEU B 524 -14.47 23.52 -42.53
C LEU B 524 -15.47 22.46 -42.21
N LYS B 525 -15.91 21.73 -43.26
CA LYS B 525 -16.83 20.65 -43.08
C LYS B 525 -16.20 19.35 -42.66
N THR B 526 -14.86 19.22 -42.65
CA THR B 526 -14.22 18.01 -42.16
C THR B 526 -14.16 18.06 -40.66
N ILE B 527 -13.63 19.17 -40.10
CA ILE B 527 -13.58 19.35 -38.67
C ILE B 527 -14.90 19.87 -38.25
N ARG B 528 -15.21 19.75 -36.96
CA ARG B 528 -16.49 20.14 -36.48
C ARG B 528 -16.27 20.94 -35.23
N PRO B 529 -17.25 21.73 -34.81
CA PRO B 529 -17.23 22.50 -33.58
C PRO B 529 -16.96 21.62 -32.40
N SER B 530 -15.94 21.93 -31.57
CA SER B 530 -15.75 21.20 -30.34
C SER B 530 -16.73 21.69 -29.32
N VAL B 531 -16.89 23.03 -29.26
CA VAL B 531 -17.67 23.72 -28.27
C VAL B 531 -19.11 23.26 -28.30
N ASP B 532 -19.67 23.02 -27.11
CA ASP B 532 -21.05 22.68 -26.90
C ASP B 532 -21.42 23.64 -25.83
N GLU B 533 -22.44 24.49 -26.09
CA GLU B 533 -22.90 25.51 -25.19
C GLU B 533 -23.55 24.94 -23.95
N GLU B 534 -23.81 23.62 -23.95
CA GLU B 534 -24.32 22.92 -22.82
C GLU B 534 -23.17 22.74 -21.89
N VAL B 535 -21.99 22.40 -22.43
CA VAL B 535 -20.83 22.16 -21.61
C VAL B 535 -20.29 23.47 -21.13
N ILE B 536 -20.33 24.54 -21.97
CA ILE B 536 -19.97 25.87 -21.52
C ILE B 536 -20.80 26.25 -20.35
N LYS B 537 -22.11 25.91 -20.38
CA LYS B 537 -23.02 26.20 -19.30
C LYS B 537 -22.60 25.50 -18.04
N PHE B 538 -22.10 24.25 -18.09
CA PHE B 538 -21.56 23.54 -16.95
C PHE B 538 -20.51 24.34 -16.27
N TYR B 539 -19.51 24.82 -17.03
CA TYR B 539 -18.45 25.62 -16.46
C TYR B 539 -18.94 26.97 -16.02
N ARG B 540 -19.83 27.60 -16.80
CA ARG B 540 -20.48 28.86 -16.54
C ARG B 540 -21.18 28.88 -15.22
N THR B 541 -21.88 27.78 -14.88
CA THR B 541 -22.53 27.62 -13.61
C THR B 541 -21.51 27.29 -12.56
N LEU B 542 -20.52 26.43 -12.89
CA LEU B 542 -19.46 26.05 -11.97
C LEU B 542 -18.60 27.22 -11.55
N SER B 543 -18.70 28.41 -12.21
CA SER B 543 -17.95 29.59 -11.81
C SER B 543 -18.35 30.12 -10.47
N GLU B 544 -19.44 29.58 -9.90
CA GLU B 544 -19.81 29.75 -8.54
C GLU B 544 -19.53 28.35 -8.16
N THR B 545 -18.54 28.15 -7.27
CA THR B 545 -18.04 26.84 -6.93
C THR B 545 -19.19 25.92 -6.48
N GLU C 2 40.82 2.70 -31.88
CA GLU C 2 41.29 2.21 -30.56
C GLU C 2 42.69 1.73 -30.76
N VAL C 3 42.83 0.45 -31.19
CA VAL C 3 44.07 -0.23 -31.47
C VAL C 3 44.69 0.42 -32.66
N SER C 4 43.85 0.67 -33.70
CA SER C 4 44.22 1.50 -34.80
C SER C 4 43.75 2.83 -34.28
N ARG C 5 44.66 3.50 -33.53
CA ARG C 5 44.55 4.71 -32.74
C ARG C 5 43.22 5.41 -32.79
N ILE C 6 42.52 5.50 -31.64
CA ILE C 6 41.25 6.16 -31.59
C ILE C 6 41.57 7.63 -31.51
N SER C 7 40.96 8.42 -32.40
CA SER C 7 41.24 9.82 -32.53
C SER C 7 39.91 10.42 -32.81
N TYR C 8 39.83 11.77 -32.91
CA TYR C 8 38.59 12.47 -33.14
C TYR C 8 37.87 11.86 -34.30
N GLU C 9 38.59 11.70 -35.43
CA GLU C 9 38.08 11.12 -36.63
C GLU C 9 37.49 9.74 -36.49
N ASP C 10 37.99 8.92 -35.54
CA ASP C 10 37.38 7.65 -35.19
C ASP C 10 35.97 7.81 -34.76
N ILE C 11 35.71 8.68 -33.75
CA ILE C 11 34.37 8.98 -33.31
C ILE C 11 33.69 9.65 -34.45
N GLY C 12 32.40 9.37 -34.67
CA GLY C 12 31.73 10.06 -35.71
C GLY C 12 30.31 9.91 -35.45
N GLY C 13 29.51 10.70 -36.20
CA GLY C 13 28.08 10.75 -36.14
C GLY C 13 27.62 11.61 -35.03
N LEU C 14 28.45 11.71 -33.98
CA LEU C 14 28.18 12.48 -32.82
C LEU C 14 28.83 13.78 -33.06
N SER C 15 29.34 14.07 -34.26
CA SER C 15 30.11 15.22 -34.63
C SER C 15 29.61 16.56 -34.14
N GLU C 16 28.28 16.78 -34.14
CA GLU C 16 27.65 17.95 -33.60
C GLU C 16 27.97 18.13 -32.14
N GLN C 17 27.80 17.03 -31.41
CA GLN C 17 27.93 16.86 -29.99
C GLN C 17 29.39 16.83 -29.67
N LEU C 18 30.18 16.10 -30.47
CA LEU C 18 31.59 15.91 -30.38
C LEU C 18 32.24 17.25 -30.48
N GLY C 19 31.67 18.12 -31.33
CA GLY C 19 32.11 19.48 -31.45
C GLY C 19 31.99 20.24 -30.18
N LYS C 20 31.00 19.93 -29.32
CA LYS C 20 30.94 20.43 -27.97
C LYS C 20 32.17 20.00 -27.22
N ILE C 21 32.47 18.68 -27.17
CA ILE C 21 33.56 18.14 -26.36
C ILE C 21 34.89 18.80 -26.69
N ARG C 22 35.18 18.84 -28.00
CA ARG C 22 36.33 19.42 -28.60
C ARG C 22 36.48 20.82 -28.13
N GLU C 23 35.47 21.64 -28.49
CA GLU C 23 35.45 23.03 -28.17
C GLU C 23 35.39 23.32 -26.71
N MET C 24 35.07 22.34 -25.84
CA MET C 24 34.90 22.67 -24.46
C MET C 24 36.15 22.25 -23.82
N ILE C 25 36.37 20.96 -23.58
CA ILE C 25 37.56 20.62 -22.85
C ILE C 25 38.80 20.59 -23.69
N GLU C 26 38.72 20.06 -24.93
CA GLU C 26 39.97 19.91 -25.65
C GLU C 26 40.69 21.18 -25.97
N LEU C 27 39.97 22.22 -26.41
CA LEU C 27 40.59 23.47 -26.80
C LEU C 27 41.48 24.10 -25.77
N PRO C 28 41.08 24.44 -24.54
CA PRO C 28 41.97 25.05 -23.57
C PRO C 28 43.13 24.18 -23.27
N LEU C 29 42.87 22.87 -23.11
CA LEU C 29 43.87 21.91 -22.74
C LEU C 29 45.07 21.93 -23.65
N LYS C 30 44.87 22.17 -24.96
CA LYS C 30 45.94 22.20 -25.92
C LYS C 30 46.78 23.43 -25.84
N HIS C 31 46.22 24.59 -26.22
CA HIS C 31 46.90 25.84 -26.15
C HIS C 31 46.28 26.58 -25.02
N PRO C 32 46.64 26.39 -23.75
CA PRO C 32 46.03 27.16 -22.69
C PRO C 32 46.52 28.56 -22.69
N GLU C 33 47.67 28.86 -23.35
CA GLU C 33 48.34 30.13 -23.28
C GLU C 33 47.44 31.28 -23.64
N LEU C 34 46.56 31.04 -24.61
CA LEU C 34 45.59 31.97 -25.12
C LEU C 34 44.64 32.41 -24.06
N PHE C 35 43.99 31.42 -23.42
CA PHE C 35 42.96 31.65 -22.46
C PHE C 35 43.63 32.11 -21.21
N GLU C 36 44.83 31.60 -20.91
CA GLU C 36 45.66 32.05 -19.84
C GLU C 36 45.91 33.53 -19.91
N ARG C 37 46.07 34.07 -21.14
CA ARG C 37 46.41 35.45 -21.33
C ARG C 37 45.18 36.29 -21.20
N LEU C 38 44.07 35.81 -21.76
CA LEU C 38 42.85 36.51 -21.64
C LEU C 38 41.93 35.38 -21.79
N GLY C 39 41.15 35.09 -20.74
CA GLY C 39 40.29 33.95 -20.81
C GLY C 39 40.16 33.33 -19.47
N ILE C 40 38.99 32.68 -19.38
CA ILE C 40 38.35 31.94 -18.34
C ILE C 40 39.21 30.97 -17.63
N THR C 41 38.61 30.44 -16.55
CA THR C 41 39.04 29.23 -15.92
C THR C 41 38.35 28.18 -16.75
N PRO C 42 39.01 27.18 -17.33
CA PRO C 42 38.37 26.21 -18.21
C PRO C 42 37.35 25.36 -17.49
N PRO C 43 36.74 24.38 -18.14
CA PRO C 43 35.92 23.38 -17.49
C PRO C 43 36.77 22.46 -16.64
N LYS C 44 36.21 21.37 -16.07
CA LYS C 44 37.00 20.45 -15.27
C LYS C 44 36.35 19.09 -15.16
N GLY C 45 35.05 18.96 -15.55
CA GLY C 45 34.36 17.70 -15.48
C GLY C 45 33.18 17.76 -16.40
N VAL C 46 32.79 16.59 -16.92
CA VAL C 46 31.67 16.45 -17.79
C VAL C 46 31.05 15.13 -17.51
N ILE C 47 29.71 15.15 -17.54
CA ILE C 47 28.87 14.02 -17.31
C ILE C 47 28.18 13.83 -18.63
N LEU C 48 28.13 12.58 -19.14
CA LEU C 48 27.53 12.32 -20.42
C LEU C 48 26.22 11.63 -20.14
N TYR C 49 25.08 12.34 -20.42
CA TYR C 49 23.74 11.80 -20.19
C TYR C 49 23.21 11.24 -21.48
N GLY C 50 22.46 10.10 -21.44
CA GLY C 50 21.83 9.51 -22.61
C GLY C 50 21.90 7.99 -22.59
N PRO C 51 21.57 7.29 -23.68
CA PRO C 51 21.65 5.82 -23.80
C PRO C 51 23.07 5.32 -23.53
N PRO C 52 23.31 4.46 -22.56
CA PRO C 52 24.65 4.19 -22.02
C PRO C 52 25.64 3.41 -22.83
N GLY C 53 26.91 3.84 -22.75
CA GLY C 53 28.09 3.23 -23.27
C GLY C 53 28.12 3.35 -24.75
N THR C 54 27.08 4.00 -25.33
CA THR C 54 26.77 4.08 -26.74
C THR C 54 27.89 4.68 -27.52
N GLY C 55 28.65 5.47 -26.80
CA GLY C 55 29.72 6.19 -27.33
C GLY C 55 30.34 6.77 -26.15
N LYS C 56 29.74 6.62 -24.93
CA LYS C 56 30.17 7.25 -23.72
C LYS C 56 31.64 7.10 -23.59
N THR C 57 32.03 5.83 -23.40
CA THR C 57 33.40 5.40 -23.33
C THR C 57 34.19 5.87 -24.50
N LEU C 58 33.67 5.67 -25.73
CA LEU C 58 34.36 5.97 -26.93
C LEU C 58 34.76 7.40 -27.04
N ILE C 59 33.96 8.32 -26.46
CA ILE C 59 34.28 9.71 -26.38
C ILE C 59 35.53 9.88 -25.60
N ALA C 60 35.57 9.37 -24.37
CA ALA C 60 36.73 9.61 -23.56
C ALA C 60 37.87 8.75 -23.97
N ARG C 61 37.59 7.55 -24.52
CA ARG C 61 38.60 6.73 -25.12
C ARG C 61 39.32 7.43 -26.23
N ALA C 62 38.69 8.43 -26.89
CA ALA C 62 39.38 9.16 -27.93
C ALA C 62 40.10 10.36 -27.44
N VAL C 63 40.03 10.63 -26.13
CA VAL C 63 40.76 11.72 -25.56
C VAL C 63 42.01 11.05 -25.09
N ALA C 64 41.92 9.72 -24.81
CA ALA C 64 43.01 8.90 -24.35
C ALA C 64 44.20 8.99 -25.24
N ASN C 65 43.97 8.95 -26.57
CA ASN C 65 45.07 8.94 -27.49
C ASN C 65 44.90 10.17 -28.29
N GLU C 66 44.98 11.36 -27.63
CA GLU C 66 44.79 12.58 -28.38
C GLU C 66 45.30 13.80 -27.67
N SER C 67 45.77 13.75 -26.39
CA SER C 67 46.16 15.02 -25.81
C SER C 67 47.17 14.98 -24.71
N GLY C 68 47.75 13.82 -24.35
CA GLY C 68 48.77 13.82 -23.30
C GLY C 68 48.20 13.98 -21.93
N ALA C 69 46.87 13.95 -21.84
CA ALA C 69 46.17 13.97 -20.61
C ALA C 69 46.07 12.50 -20.38
N ASN C 70 46.72 12.04 -19.30
CA ASN C 70 46.87 10.65 -19.04
C ASN C 70 45.54 10.08 -18.68
N PHE C 71 45.06 9.16 -19.53
CA PHE C 71 43.82 8.45 -19.37
C PHE C 71 43.96 7.69 -18.10
N LEU C 72 42.92 7.62 -17.26
CA LEU C 72 43.12 6.99 -16.00
C LEU C 72 41.81 6.48 -15.59
N SER C 73 41.51 5.30 -16.14
CA SER C 73 40.30 4.57 -15.98
C SER C 73 40.34 3.96 -14.63
N ILE C 74 39.22 4.03 -13.94
CA ILE C 74 38.92 3.34 -12.74
C ILE C 74 37.46 3.28 -12.95
N ASN C 75 36.78 2.32 -12.35
CA ASN C 75 35.40 2.21 -12.64
C ASN C 75 34.90 2.02 -11.30
N GLY C 76 33.70 2.58 -11.16
CA GLY C 76 33.05 2.80 -9.91
C GLY C 76 33.01 1.65 -8.97
N PRO C 77 32.69 0.45 -9.39
CA PRO C 77 32.56 -0.65 -8.47
C PRO C 77 33.80 -0.92 -7.69
N GLU C 78 35.00 -0.93 -8.31
CA GLU C 78 36.12 -1.36 -7.54
C GLU C 78 36.65 -0.25 -6.68
N ILE C 79 36.35 1.03 -6.98
CA ILE C 79 36.86 2.09 -6.16
C ILE C 79 36.38 2.08 -4.72
N MET C 80 35.08 1.79 -4.51
CA MET C 80 34.49 1.78 -3.19
C MET C 80 34.36 0.45 -2.51
N SER C 81 34.86 -0.64 -3.10
CA SER C 81 34.59 -1.93 -2.50
C SER C 81 35.36 -2.18 -1.22
N LYS C 82 36.69 -1.91 -1.26
CA LYS C 82 37.75 -2.28 -0.33
C LYS C 82 37.52 -2.10 1.14
N TYR C 83 38.42 -2.77 1.94
CA TYR C 83 38.40 -2.89 3.38
C TYR C 83 38.19 -1.55 3.96
N TYR C 84 37.21 -1.47 4.87
CA TYR C 84 36.58 -0.24 5.30
C TYR C 84 37.49 0.88 5.65
N GLY C 85 37.14 2.08 5.14
CA GLY C 85 37.84 3.32 5.32
C GLY C 85 39.06 3.44 4.48
N GLN C 86 39.44 2.38 3.74
CA GLN C 86 40.50 2.45 2.78
C GLN C 86 39.92 2.58 1.42
N SER C 87 38.59 2.51 1.34
CA SER C 87 37.91 2.57 0.09
C SER C 87 37.90 4.02 -0.26
N GLU C 88 37.63 4.87 0.75
CA GLU C 88 37.64 6.29 0.58
C GLU C 88 39.00 6.73 0.20
N GLN C 89 40.05 6.24 0.88
CA GLN C 89 41.37 6.69 0.51
C GLN C 89 41.78 6.31 -0.88
N LYS C 90 41.19 5.25 -1.50
CA LYS C 90 41.50 4.89 -2.88
C LYS C 90 41.31 6.05 -3.77
N LEU C 91 40.11 6.67 -3.67
CA LEU C 91 39.75 7.84 -4.42
C LEU C 91 40.76 8.91 -4.24
N ARG C 92 41.05 9.27 -2.96
CA ARG C 92 41.98 10.33 -2.66
C ARG C 92 43.33 10.15 -3.29
N GLU C 93 43.85 8.92 -3.33
CA GLU C 93 45.10 8.60 -3.98
C GLU C 93 45.12 8.90 -5.43
N ILE C 94 43.98 8.70 -6.10
CA ILE C 94 43.94 8.86 -7.52
C ILE C 94 43.93 10.30 -7.81
N PHE C 95 43.13 11.08 -7.08
CA PHE C 95 43.11 12.50 -7.20
C PHE C 95 44.48 13.09 -7.01
N SER C 96 45.21 12.70 -5.94
CA SER C 96 46.54 13.18 -5.74
C SER C 96 47.46 12.83 -6.86
N LYS C 97 47.35 11.57 -7.36
CA LYS C 97 48.13 11.12 -8.47
C LYS C 97 47.80 11.88 -9.70
N ALA C 98 46.66 12.59 -9.71
CA ALA C 98 46.26 13.40 -10.79
C ALA C 98 47.07 14.63 -10.71
N GLU C 99 47.18 15.23 -9.50
CA GLU C 99 47.83 16.49 -9.35
C GLU C 99 49.27 16.38 -9.71
N GLU C 100 49.97 15.31 -9.29
CA GLU C 100 51.32 15.11 -9.73
C GLU C 100 51.50 15.09 -11.23
N THR C 101 50.67 14.30 -11.95
CA THR C 101 50.84 14.06 -13.36
C THR C 101 50.06 14.96 -14.31
N ALA C 102 49.34 16.00 -13.81
CA ALA C 102 48.50 16.84 -14.63
C ALA C 102 49.18 17.47 -15.83
N PRO C 103 48.56 17.65 -17.00
CA PRO C 103 47.18 17.35 -17.33
C PRO C 103 46.97 15.86 -17.43
N SER C 104 45.78 15.40 -16.99
CA SER C 104 45.45 14.01 -16.89
C SER C 104 43.96 13.84 -17.13
N ILE C 105 43.54 12.86 -17.96
CA ILE C 105 42.13 12.58 -18.09
C ILE C 105 41.92 11.46 -17.14
N ILE C 106 41.42 11.85 -15.96
CA ILE C 106 40.98 11.03 -14.88
C ILE C 106 39.62 10.58 -15.26
N PHE C 107 39.40 9.26 -15.34
CA PHE C 107 38.28 8.70 -16.02
C PHE C 107 37.70 7.75 -15.04
N ILE C 108 36.43 7.99 -14.67
CA ILE C 108 35.68 7.06 -13.89
C ILE C 108 34.38 7.29 -14.53
N ASP C 109 33.59 6.23 -14.68
CA ASP C 109 32.38 6.27 -15.44
C ASP C 109 31.47 5.54 -14.53
N GLU C 110 30.16 5.70 -14.82
CA GLU C 110 29.09 5.17 -14.03
C GLU C 110 29.08 6.01 -12.78
N ILE C 111 28.91 7.34 -12.95
CA ILE C 111 29.10 8.31 -11.90
C ILE C 111 28.09 8.07 -10.83
N ASP C 112 26.92 7.52 -11.18
CA ASP C 112 26.02 6.96 -10.22
C ASP C 112 26.64 6.03 -9.22
N SER C 113 27.51 5.08 -9.58
CA SER C 113 27.94 4.15 -8.56
C SER C 113 28.85 4.87 -7.62
N ILE C 114 29.60 5.86 -8.15
CA ILE C 114 30.48 6.64 -7.31
C ILE C 114 29.77 7.83 -6.81
N ALA C 115 28.44 7.88 -6.90
CA ALA C 115 27.71 8.97 -6.31
C ALA C 115 26.30 8.57 -6.44
N PRO C 116 25.82 7.64 -5.62
CA PRO C 116 24.53 7.04 -5.81
C PRO C 116 23.37 7.95 -5.54
N LYS C 117 23.36 8.70 -4.43
CA LYS C 117 22.21 9.48 -4.10
C LYS C 117 22.71 10.68 -3.43
N ARG C 118 21.76 11.60 -3.19
CA ARG C 118 22.01 12.88 -2.62
C ARG C 118 22.32 12.66 -1.18
N GLU C 119 21.45 11.86 -0.53
CA GLU C 119 21.52 11.63 0.87
C GLU C 119 20.56 10.51 1.10
N GLU C 120 19.82 10.10 0.05
CA GLU C 120 18.68 9.25 0.15
C GLU C 120 19.05 7.87 0.62
N VAL C 121 20.17 7.30 0.12
CA VAL C 121 20.67 6.00 0.54
C VAL C 121 20.97 6.00 2.00
N GLN C 122 20.85 4.82 2.63
CA GLN C 122 21.11 4.68 4.03
C GLN C 122 22.54 4.22 4.19
N GLY C 123 23.29 4.05 3.08
CA GLY C 123 24.64 3.50 3.10
C GLY C 123 25.68 4.43 3.67
N GLU C 124 26.37 3.97 4.73
CA GLU C 124 27.44 4.66 5.40
C GLU C 124 28.51 5.03 4.43
N VAL C 125 29.19 4.00 3.91
CA VAL C 125 30.23 4.08 2.92
C VAL C 125 29.76 4.80 1.73
N GLU C 126 28.51 4.55 1.31
CA GLU C 126 27.91 5.29 0.23
C GLU C 126 27.93 6.75 0.47
N ARG C 127 27.58 7.19 1.69
CA ARG C 127 27.56 8.58 1.98
C ARG C 127 28.95 9.04 2.16
N ARG C 128 29.88 8.15 2.56
CA ARG C 128 31.24 8.53 2.72
C ARG C 128 31.80 8.92 1.41
N VAL C 129 31.68 8.06 0.39
CA VAL C 129 32.44 8.27 -0.80
C VAL C 129 31.87 9.41 -1.56
N VAL C 130 30.53 9.58 -1.54
CA VAL C 130 29.93 10.70 -2.18
C VAL C 130 30.44 12.01 -1.66
N ALA C 131 30.52 12.15 -0.32
CA ALA C 131 30.89 13.39 0.30
C ALA C 131 32.29 13.70 -0.10
N GLN C 132 33.14 12.67 -0.01
CA GLN C 132 34.52 12.76 -0.35
C GLN C 132 34.67 13.26 -1.75
N LEU C 133 33.97 12.65 -2.71
CA LEU C 133 34.05 13.02 -4.09
C LEU C 133 33.69 14.47 -4.27
N LEU C 134 32.64 14.96 -3.57
CA LEU C 134 32.28 16.36 -3.51
C LEU C 134 33.45 17.19 -3.15
N THR C 135 34.20 16.73 -2.14
CA THR C 135 35.32 17.45 -1.64
C THR C 135 36.44 17.30 -2.59
N LEU C 136 36.65 16.11 -3.18
CA LEU C 136 37.62 15.94 -4.23
C LEU C 136 37.40 16.90 -5.36
N MET C 137 36.14 17.27 -5.68
CA MET C 137 35.98 18.35 -6.60
C MET C 137 36.42 19.68 -6.05
N ASP C 138 36.06 20.02 -4.80
CA ASP C 138 36.44 21.25 -4.12
C ASP C 138 37.91 21.55 -3.88
N GLY C 139 38.75 20.54 -3.52
CA GLY C 139 40.17 20.69 -3.19
C GLY C 139 41.08 21.22 -4.28
N MET C 140 40.59 21.04 -5.52
CA MET C 140 41.13 21.31 -6.83
C MET C 140 42.17 22.37 -6.92
N LYS C 141 43.16 22.05 -7.76
CA LYS C 141 44.22 22.92 -8.10
C LYS C 141 43.94 23.09 -9.55
N GLU C 142 44.20 24.30 -10.08
CA GLU C 142 43.94 24.70 -11.43
C GLU C 142 44.85 23.94 -12.35
N ARG C 143 46.10 23.72 -11.87
CA ARG C 143 47.19 22.98 -12.47
C ARG C 143 46.69 21.61 -12.75
N GLY C 144 45.83 21.13 -11.83
CA GLY C 144 45.00 19.99 -12.04
C GLY C 144 43.95 20.48 -12.99
N HIS C 145 44.27 20.35 -14.29
CA HIS C 145 43.40 20.69 -15.39
C HIS C 145 42.70 19.41 -15.70
N VAL C 146 42.89 18.41 -14.80
CA VAL C 146 42.39 17.10 -14.86
C VAL C 146 40.93 17.10 -15.09
N ILE C 147 40.60 16.66 -16.31
CA ILE C 147 39.27 16.62 -16.76
C ILE C 147 38.79 15.32 -16.23
N VAL C 148 37.48 15.25 -15.93
CA VAL C 148 36.93 14.07 -15.36
C VAL C 148 35.77 13.81 -16.25
N ILE C 149 35.82 12.67 -16.97
CA ILE C 149 34.73 12.31 -17.83
C ILE C 149 34.22 11.11 -17.12
N GLY C 150 32.90 10.92 -17.25
CA GLY C 150 32.14 9.85 -16.68
C GLY C 150 30.76 10.05 -17.22
N ALA C 151 29.96 8.98 -17.13
CA ALA C 151 28.65 8.91 -17.70
C ALA C 151 27.74 8.25 -16.73
N THR C 152 26.42 8.47 -16.93
CA THR C 152 25.42 7.88 -16.07
C THR C 152 24.13 7.83 -16.85
N ASN C 153 23.22 6.96 -16.37
CA ASN C 153 21.92 6.76 -16.93
C ASN C 153 20.95 7.41 -16.00
N ARG C 154 21.45 8.10 -14.96
CA ARG C 154 20.61 8.74 -13.99
C ARG C 154 21.14 10.11 -13.96
N ILE C 155 20.33 11.10 -14.35
CA ILE C 155 20.82 12.43 -14.49
C ILE C 155 21.02 13.07 -13.16
N ASP C 156 20.37 12.51 -12.12
CA ASP C 156 20.34 13.11 -10.82
C ASP C 156 20.73 12.17 -9.71
N ALA C 157 21.43 11.05 -10.00
CA ALA C 157 21.89 10.16 -8.94
C ALA C 157 22.79 10.88 -7.97
N ILE C 158 23.73 11.64 -8.54
CA ILE C 158 24.62 12.51 -7.85
C ILE C 158 23.92 13.46 -6.92
N ASP C 159 24.68 13.97 -5.92
CA ASP C 159 24.26 15.02 -5.03
C ASP C 159 24.09 16.21 -5.93
N PRO C 160 23.19 17.14 -5.71
CA PRO C 160 23.07 18.29 -6.56
C PRO C 160 24.36 19.04 -6.69
N ALA C 161 25.24 18.93 -5.67
CA ALA C 161 26.55 19.50 -5.68
C ALA C 161 27.41 19.10 -6.84
N LEU C 162 27.37 17.83 -7.26
CA LEU C 162 28.17 17.46 -8.40
C LEU C 162 27.56 17.95 -9.66
N ARG C 163 26.31 18.47 -9.65
CA ARG C 163 25.76 19.09 -10.83
C ARG C 163 26.29 20.49 -10.90
N ARG C 164 26.07 21.23 -9.79
CA ARG C 164 26.29 22.65 -9.60
C ARG C 164 27.44 23.19 -10.39
N PRO C 165 27.30 24.24 -11.20
CA PRO C 165 28.38 24.78 -11.98
C PRO C 165 29.56 25.11 -11.12
N GLY C 166 30.73 24.64 -11.54
CA GLY C 166 31.93 24.70 -10.76
C GLY C 166 32.23 23.33 -10.27
N ARG C 167 31.28 22.39 -10.41
CA ARG C 167 31.50 21.00 -10.07
C ARG C 167 30.79 20.27 -11.16
N PHE C 168 31.60 19.67 -12.07
CA PHE C 168 31.23 19.04 -13.32
C PHE C 168 30.41 20.03 -14.08
N ASP C 169 30.97 21.25 -14.22
CA ASP C 169 30.29 22.43 -14.71
C ASP C 169 29.63 22.20 -16.03
N ARG C 170 30.38 21.64 -16.99
CA ARG C 170 29.88 21.40 -18.31
C ARG C 170 29.33 20.02 -18.24
N GLU C 171 28.19 19.81 -18.91
CA GLU C 171 27.51 18.56 -18.87
C GLU C 171 27.00 18.55 -20.25
N ILE C 172 27.08 17.37 -20.86
CA ILE C 172 26.87 17.23 -22.26
C ILE C 172 26.07 16.00 -22.38
N GLU C 173 24.91 16.06 -23.04
CA GLU C 173 24.09 14.91 -23.18
C GLU C 173 24.31 14.53 -24.60
N ILE C 174 24.38 13.22 -24.88
CA ILE C 174 24.58 12.69 -26.20
C ILE C 174 23.42 11.74 -26.33
N GLY C 175 22.71 11.80 -27.48
CA GLY C 175 21.48 11.06 -27.69
C GLY C 175 21.47 10.40 -29.03
N VAL C 176 20.26 10.03 -29.52
CA VAL C 176 20.07 9.35 -30.76
C VAL C 176 20.61 10.21 -31.88
N PRO C 177 21.33 9.70 -32.84
CA PRO C 177 21.91 10.51 -33.88
C PRO C 177 20.91 11.16 -34.76
N ASP C 178 21.40 12.08 -35.63
CA ASP C 178 20.63 12.69 -36.68
C ASP C 178 20.81 11.76 -37.83
N ARG C 179 19.87 11.80 -38.78
CA ARG C 179 19.89 11.00 -39.97
C ARG C 179 21.18 11.07 -40.72
N ASN C 180 21.69 12.30 -40.96
CA ASN C 180 22.95 12.51 -41.63
C ASN C 180 24.10 11.96 -40.86
N GLY C 181 23.99 11.99 -39.52
CA GLY C 181 24.99 11.48 -38.63
C GLY C 181 25.16 10.01 -38.77
N ARG C 182 24.07 9.25 -39.01
CA ARG C 182 24.12 7.81 -39.16
C ARG C 182 25.14 7.38 -40.16
N LYS C 183 25.25 8.16 -41.27
CA LYS C 183 26.14 7.86 -42.33
C LYS C 183 27.53 7.81 -41.84
N GLU C 184 27.97 8.83 -41.09
CA GLU C 184 29.30 8.88 -40.54
C GLU C 184 29.65 7.62 -39.80
N ILE C 185 28.76 7.17 -38.90
CA ILE C 185 28.99 5.98 -38.12
C ILE C 185 29.19 4.79 -39.00
N LEU C 186 28.22 4.49 -39.89
CA LEU C 186 28.28 3.34 -40.74
C LEU C 186 29.40 3.41 -41.71
N MET C 187 29.81 4.64 -42.08
CA MET C 187 30.82 4.91 -43.05
C MET C 187 32.09 4.51 -42.46
N ILE C 188 32.32 4.88 -41.18
CA ILE C 188 33.53 4.56 -40.49
C ILE C 188 33.65 3.07 -40.43
N HIS C 189 32.57 2.35 -40.05
CA HIS C 189 32.57 0.91 -40.09
C HIS C 189 32.81 0.28 -41.45
N THR C 190 32.54 0.98 -42.58
CA THR C 190 32.84 0.45 -43.90
C THR C 190 34.32 0.27 -44.13
N ARG C 191 35.18 0.99 -43.37
CA ARG C 191 36.61 0.88 -43.55
C ARG C 191 37.11 -0.41 -43.02
N ASN C 192 36.29 -1.08 -42.19
CA ASN C 192 36.64 -2.33 -41.59
C ASN C 192 36.05 -3.45 -42.38
N MET C 193 35.11 -3.18 -43.32
CA MET C 193 34.55 -4.24 -44.09
C MET C 193 33.96 -3.68 -45.36
N PRO C 194 34.38 -4.14 -46.52
CA PRO C 194 33.77 -3.73 -47.78
C PRO C 194 32.36 -4.24 -47.92
N LEU C 195 31.59 -3.65 -48.86
CA LEU C 195 30.29 -4.12 -49.27
C LEU C 195 30.49 -4.90 -50.53
N GLY C 196 31.73 -4.88 -51.04
CA GLY C 196 32.09 -5.58 -52.23
C GLY C 196 33.43 -5.06 -52.57
N MET C 197 33.63 -3.73 -52.35
CA MET C 197 34.90 -3.10 -52.51
C MET C 197 34.73 -1.77 -51.84
N SER C 198 33.86 -0.91 -52.42
CA SER C 198 33.49 0.35 -51.85
C SER C 198 32.33 0.78 -52.69
N GLU C 199 32.64 1.49 -53.81
CA GLU C 199 31.77 1.88 -54.88
C GLU C 199 31.06 3.07 -54.33
N GLU C 200 31.45 4.29 -54.77
CA GLU C 200 30.84 5.53 -54.36
C GLU C 200 29.36 5.53 -54.58
N GLU C 201 28.93 4.82 -55.65
CA GLU C 201 27.55 4.56 -55.92
C GLU C 201 26.92 3.77 -54.81
N LYS C 202 27.51 2.62 -54.40
CA LYS C 202 27.06 1.87 -53.23
C LYS C 202 27.04 2.67 -51.98
N ASN C 203 28.11 3.44 -51.68
CA ASN C 203 28.19 4.34 -50.55
C ASN C 203 27.03 5.29 -50.51
N LYS C 204 26.73 5.98 -51.63
CA LYS C 204 25.56 6.81 -51.72
C LYS C 204 24.28 6.04 -51.52
N PHE C 205 24.19 4.81 -52.07
CA PHE C 205 23.08 3.93 -51.83
C PHE C 205 22.94 3.59 -50.39
N LEU C 206 24.02 3.12 -49.73
CA LEU C 206 24.02 2.83 -48.33
C LEU C 206 23.62 4.03 -47.54
N GLU C 207 24.07 5.23 -47.95
CA GLU C 207 23.67 6.48 -47.36
C GLU C 207 22.20 6.65 -47.29
N GLU C 208 21.50 6.55 -48.44
CA GLU C 208 20.08 6.72 -48.38
C GLU C 208 19.40 5.52 -47.79
N MET C 209 20.03 4.33 -47.90
CA MET C 209 19.58 3.10 -47.30
C MET C 209 19.40 3.26 -45.85
N ALA C 210 20.40 3.92 -45.26
CA ALA C 210 20.40 4.13 -43.85
C ALA C 210 19.36 5.12 -43.52
N ASP C 211 19.14 6.17 -44.34
CA ASP C 211 18.05 7.07 -44.10
C ASP C 211 16.70 6.39 -44.27
N TYR C 212 16.63 5.25 -45.01
CA TYR C 212 15.45 4.43 -45.12
C TYR C 212 15.00 3.87 -43.81
N THR C 213 15.91 3.81 -42.82
CA THR C 213 15.52 3.53 -41.47
C THR C 213 15.74 4.83 -40.76
N TYR C 214 14.72 5.23 -39.99
CA TYR C 214 14.65 6.48 -39.26
C TYR C 214 15.81 6.60 -38.31
N GLY C 215 16.14 5.50 -37.59
CA GLY C 215 17.19 5.63 -36.68
C GLY C 215 17.38 4.37 -35.97
N PHE C 216 18.41 4.46 -35.15
CA PHE C 216 18.96 3.48 -34.27
C PHE C 216 19.78 4.38 -33.37
N VAL C 217 20.41 3.82 -32.31
CA VAL C 217 21.31 4.56 -31.47
C VAL C 217 22.68 4.25 -32.02
N GLY C 218 23.78 4.87 -31.53
CA GLY C 218 25.09 4.70 -32.11
C GLY C 218 25.51 3.27 -32.10
N ALA C 219 25.34 2.64 -30.93
CA ALA C 219 25.56 1.22 -30.72
C ALA C 219 24.77 0.39 -31.69
N ASP C 220 23.45 0.61 -31.75
CA ASP C 220 22.56 -0.08 -32.63
C ASP C 220 22.94 0.08 -34.06
N LEU C 221 23.35 1.28 -34.51
CA LEU C 221 23.80 1.48 -35.85
C LEU C 221 24.92 0.55 -36.12
N ALA C 222 25.93 0.54 -35.23
CA ALA C 222 27.00 -0.40 -35.30
C ALA C 222 26.57 -1.85 -35.27
N ALA C 223 25.43 -2.14 -34.63
CA ALA C 223 24.98 -3.48 -34.59
C ALA C 223 24.42 -3.82 -35.91
N LEU C 224 23.79 -2.85 -36.60
CA LEU C 224 23.31 -3.08 -37.92
C LEU C 224 24.41 -3.56 -38.79
N VAL C 225 25.57 -2.87 -38.82
CA VAL C 225 26.66 -3.37 -39.59
C VAL C 225 27.09 -4.75 -39.19
N ARG C 226 27.07 -5.06 -37.87
CA ARG C 226 27.42 -6.39 -37.43
C ARG C 226 26.48 -7.42 -37.96
N GLU C 227 25.20 -7.08 -38.01
CA GLU C 227 24.16 -7.93 -38.53
C GLU C 227 24.48 -8.32 -39.93
N SER C 228 24.88 -7.35 -40.75
CA SER C 228 25.17 -7.50 -42.16
C SER C 228 26.18 -8.55 -42.32
N ALA C 229 27.28 -8.44 -41.56
CA ALA C 229 28.33 -9.40 -41.45
C ALA C 229 27.76 -10.76 -41.24
N MET C 230 27.01 -10.92 -40.13
CA MET C 230 26.37 -12.15 -39.75
C MET C 230 25.56 -12.68 -40.90
N ASN C 231 24.70 -11.85 -41.48
CA ASN C 231 23.80 -12.18 -42.54
C ASN C 231 24.60 -12.66 -43.71
N ALA C 232 25.62 -11.91 -44.16
CA ALA C 232 26.45 -12.32 -45.25
C ALA C 232 27.19 -13.59 -44.97
N LEU C 233 27.57 -13.86 -43.70
CA LEU C 233 28.22 -15.09 -43.39
C LEU C 233 27.29 -16.26 -43.55
N ARG C 234 25.96 -16.02 -43.49
CA ARG C 234 24.97 -17.01 -43.78
C ARG C 234 25.02 -17.30 -45.24
N ARG C 235 25.09 -16.21 -46.06
CA ARG C 235 25.14 -16.29 -47.50
C ARG C 235 26.26 -17.13 -47.98
N TYR C 236 27.43 -17.07 -47.30
CA TYR C 236 28.56 -17.84 -47.72
C TYR C 236 28.63 -19.10 -46.93
N LEU C 237 27.70 -19.34 -45.97
CA LEU C 237 27.70 -20.52 -45.14
C LEU C 237 27.68 -21.81 -45.91
N PRO C 238 26.97 -22.07 -46.99
CA PRO C 238 27.00 -23.38 -47.61
C PRO C 238 28.37 -23.69 -48.15
N GLU C 239 29.08 -22.67 -48.69
CA GLU C 239 30.38 -22.83 -49.27
C GLU C 239 31.44 -22.96 -48.22
N ILE C 240 31.33 -22.19 -47.13
CA ILE C 240 32.30 -22.12 -46.06
C ILE C 240 32.45 -23.43 -45.34
N ASP C 241 31.34 -24.16 -45.06
CA ASP C 241 31.34 -25.35 -44.24
C ASP C 241 32.31 -26.39 -44.73
N LEU C 242 32.44 -26.46 -46.08
CA LEU C 242 33.25 -27.38 -46.81
C LEU C 242 34.66 -27.30 -46.33
N ASP C 243 35.15 -26.08 -46.07
CA ASP C 243 36.49 -25.84 -45.67
C ASP C 243 36.71 -26.09 -44.20
N LYS C 244 37.93 -26.59 -43.92
CA LYS C 244 38.47 -26.75 -42.60
C LYS C 244 39.70 -25.85 -42.71
N PRO C 245 40.63 -25.91 -43.69
CA PRO C 245 41.66 -24.89 -43.81
C PRO C 245 41.12 -23.88 -44.80
N ILE C 246 40.92 -22.62 -44.35
CA ILE C 246 40.25 -21.57 -45.10
C ILE C 246 40.95 -21.23 -46.42
N PRO C 247 40.28 -21.04 -47.56
CA PRO C 247 40.93 -20.68 -48.82
C PRO C 247 41.22 -19.20 -48.79
N THR C 248 42.38 -18.78 -49.34
CA THR C 248 42.69 -17.38 -49.48
C THR C 248 42.02 -16.82 -50.70
N GLU C 249 41.57 -17.72 -51.62
CA GLU C 249 40.94 -17.40 -52.87
C GLU C 249 39.70 -16.59 -52.71
N ILE C 250 38.85 -16.98 -51.76
CA ILE C 250 37.79 -16.15 -51.34
C ILE C 250 38.14 -16.00 -49.91
N LEU C 251 38.53 -14.78 -49.51
CA LEU C 251 38.89 -14.51 -48.14
C LEU C 251 38.42 -13.12 -47.88
N GLU C 252 38.35 -12.30 -48.93
CA GLU C 252 37.79 -10.98 -48.84
C GLU C 252 37.27 -10.74 -50.21
N LYS C 253 37.10 -11.83 -51.00
CA LYS C 253 36.41 -11.82 -52.26
C LYS C 253 35.02 -12.33 -52.05
N MET C 254 34.62 -12.38 -50.77
CA MET C 254 33.24 -12.44 -50.37
C MET C 254 32.76 -11.02 -50.53
N VAL C 255 31.47 -10.85 -50.83
CA VAL C 255 30.90 -9.56 -51.16
C VAL C 255 29.75 -9.47 -50.24
N VAL C 256 29.65 -8.39 -49.43
CA VAL C 256 28.51 -8.21 -48.57
C VAL C 256 27.56 -7.38 -49.37
N THR C 257 26.68 -8.03 -50.16
CA THR C 257 25.78 -7.38 -51.10
C THR C 257 24.79 -6.44 -50.46
N GLU C 258 24.44 -5.35 -51.19
CA GLU C 258 23.50 -4.34 -50.76
C GLU C 258 22.19 -4.90 -50.33
N ASP C 259 21.73 -5.99 -50.99
CA ASP C 259 20.53 -6.66 -50.60
C ASP C 259 20.65 -7.30 -49.25
N ASP C 260 21.86 -7.77 -48.86
CA ASP C 260 22.13 -8.29 -47.54
C ASP C 260 21.82 -7.27 -46.49
N PHE C 261 22.35 -6.04 -46.66
CA PHE C 261 22.08 -4.94 -45.77
C PHE C 261 20.62 -4.71 -45.61
N LYS C 262 19.90 -4.58 -46.74
CA LYS C 262 18.47 -4.43 -46.79
C LYS C 262 17.71 -5.52 -46.07
N ASN C 263 18.18 -6.77 -46.17
CA ASN C 263 17.56 -7.87 -45.49
C ASN C 263 17.90 -7.93 -44.05
N ALA C 264 18.99 -7.27 -43.63
CA ALA C 264 19.32 -7.21 -42.23
C ALA C 264 18.46 -6.15 -41.63
N LEU C 265 18.15 -5.13 -42.46
CA LEU C 265 17.32 -4.01 -42.14
C LEU C 265 15.98 -4.46 -41.65
N LYS C 266 15.46 -5.58 -42.18
CA LYS C 266 14.30 -6.21 -41.62
C LYS C 266 14.90 -7.21 -40.72
N SER C 267 14.43 -7.26 -39.46
CA SER C 267 14.93 -8.17 -38.48
C SER C 267 16.29 -7.71 -38.07
N ILE C 268 16.31 -6.52 -37.47
CA ILE C 268 17.42 -5.98 -36.75
C ILE C 268 16.66 -5.54 -35.56
N GLU C 269 17.34 -5.30 -34.42
CA GLU C 269 16.73 -4.83 -33.20
C GLU C 269 16.11 -3.49 -33.51
N PRO C 270 14.94 -3.15 -33.05
CA PRO C 270 14.35 -1.91 -33.47
C PRO C 270 14.89 -0.78 -32.66
N SER C 271 14.67 -0.86 -31.34
CA SER C 271 15.06 0.13 -30.39
C SER C 271 15.92 -0.57 -29.44
N SER C 272 16.98 0.14 -29.02
CA SER C 272 17.98 -0.39 -28.15
C SER C 272 17.33 -0.73 -26.85
N LEU C 273 16.58 0.23 -26.29
CA LEU C 273 15.86 0.02 -25.06
C LEU C 273 14.45 -0.18 -25.45
N ARG C 274 13.70 -0.87 -24.54
CA ARG C 274 12.36 -1.38 -24.67
C ARG C 274 12.34 -2.12 -25.93
N GLU C 275 13.35 -3.00 -26.05
CA GLU C 275 13.60 -3.84 -27.17
C GLU C 275 12.62 -4.95 -27.03
N VAL C 276 12.11 -5.14 -25.78
CA VAL C 276 11.02 -6.04 -25.46
C VAL C 276 9.83 -5.57 -26.23
N MET C 277 9.64 -4.23 -26.29
CA MET C 277 8.75 -3.54 -27.17
C MET C 277 7.44 -4.25 -27.27
N VAL C 278 7.15 -4.85 -28.43
CA VAL C 278 5.95 -5.55 -28.75
C VAL C 278 6.32 -6.79 -29.50
N GLU C 279 5.29 -7.59 -29.85
CA GLU C 279 5.31 -8.84 -30.56
C GLU C 279 5.48 -8.55 -32.03
N VAL C 280 4.77 -9.27 -32.94
CA VAL C 280 4.93 -9.04 -34.35
C VAL C 280 3.58 -9.27 -35.04
N PRO C 281 3.15 -8.45 -36.01
CA PRO C 281 1.91 -8.66 -36.76
C PRO C 281 2.39 -9.26 -38.04
N ASN C 282 1.65 -9.17 -39.16
CA ASN C 282 2.18 -9.72 -40.39
C ASN C 282 1.43 -9.24 -41.60
N VAL C 283 0.26 -8.60 -41.41
CA VAL C 283 -0.60 -8.14 -42.48
C VAL C 283 0.10 -7.10 -43.33
N HIS C 284 -0.16 -7.06 -44.66
CA HIS C 284 0.48 -6.13 -45.57
C HIS C 284 -0.60 -5.22 -46.08
N TRP C 285 -0.26 -3.96 -46.46
CA TRP C 285 -1.26 -2.92 -46.72
C TRP C 285 -2.29 -3.26 -47.75
N ASP C 286 -1.89 -3.99 -48.80
CA ASP C 286 -2.79 -4.56 -49.78
C ASP C 286 -3.86 -5.44 -49.21
N ASP C 287 -3.49 -6.19 -48.15
CA ASP C 287 -4.34 -7.11 -47.46
C ASP C 287 -5.34 -6.43 -46.59
N ILE C 288 -5.27 -5.09 -46.45
CA ILE C 288 -6.31 -4.41 -45.76
C ILE C 288 -7.26 -4.16 -46.85
N GLY C 289 -8.44 -4.78 -46.68
CA GLY C 289 -9.51 -4.76 -47.61
C GLY C 289 -10.57 -3.97 -46.94
N GLY C 290 -11.40 -3.32 -47.77
CA GLY C 290 -12.50 -2.51 -47.36
C GLY C 290 -11.97 -1.24 -46.81
N LEU C 291 -12.87 -0.25 -46.73
CA LEU C 291 -12.60 1.03 -46.16
C LEU C 291 -11.45 1.69 -46.85
N GLU C 292 -11.52 1.68 -48.20
CA GLU C 292 -10.57 2.26 -49.10
C GLU C 292 -10.40 3.72 -48.80
N ASP C 293 -11.49 4.38 -48.38
CA ASP C 293 -11.57 5.78 -48.05
C ASP C 293 -10.77 6.05 -46.81
N VAL C 294 -11.00 5.22 -45.75
CA VAL C 294 -10.35 5.32 -44.48
C VAL C 294 -8.91 5.12 -44.75
N LYS C 295 -8.55 4.08 -45.54
CA LYS C 295 -7.19 3.79 -45.92
C LYS C 295 -6.57 5.00 -46.52
N ARG C 296 -7.23 5.67 -47.48
CA ARG C 296 -6.73 6.83 -48.13
C ARG C 296 -6.43 7.94 -47.18
N GLU C 297 -7.30 8.20 -46.19
CA GLU C 297 -7.00 9.23 -45.22
C GLU C 297 -6.02 8.79 -44.15
N ILE C 298 -6.18 7.58 -43.56
CA ILE C 298 -5.31 7.11 -42.49
C ILE C 298 -3.90 6.99 -42.98
N LYS C 299 -3.73 6.47 -44.21
CA LYS C 299 -2.45 6.31 -44.82
C LYS C 299 -1.82 7.62 -44.97
N GLU C 300 -2.49 8.60 -45.61
CA GLU C 300 -1.91 9.90 -45.76
C GLU C 300 -1.60 10.58 -44.46
N THR C 301 -2.30 10.26 -43.35
CA THR C 301 -1.92 10.87 -42.11
C THR C 301 -0.66 10.24 -41.60
N VAL C 302 -0.50 8.92 -41.57
CA VAL C 302 0.70 8.37 -41.01
C VAL C 302 1.85 8.48 -41.97
N GLU C 303 1.61 8.09 -43.23
CA GLU C 303 2.65 7.96 -44.19
C GLU C 303 3.26 9.26 -44.56
N LEU C 304 2.47 10.32 -44.82
CA LEU C 304 3.00 11.57 -45.32
C LEU C 304 4.14 12.13 -44.53
N PRO C 305 4.09 12.40 -43.22
CA PRO C 305 5.17 13.02 -42.49
C PRO C 305 6.36 12.16 -42.66
N LEU C 306 6.17 10.84 -42.62
CA LEU C 306 7.25 9.93 -42.68
C LEU C 306 7.85 9.84 -44.06
N LEU C 307 7.05 9.74 -45.14
CA LEU C 307 7.57 9.36 -46.42
C LEU C 307 8.30 10.49 -47.08
N LYS C 308 7.83 11.73 -46.94
CA LYS C 308 8.54 12.83 -47.55
C LYS C 308 8.44 13.95 -46.58
N PRO C 309 9.44 14.14 -45.71
CA PRO C 309 9.48 15.26 -44.78
C PRO C 309 9.50 16.55 -45.52
N ASP C 310 10.25 16.60 -46.63
CA ASP C 310 10.51 17.79 -47.37
C ASP C 310 9.24 18.43 -47.84
N VAL C 311 8.37 17.69 -48.56
CA VAL C 311 7.12 18.24 -49.00
C VAL C 311 6.21 18.61 -47.87
N PHE C 312 6.40 17.99 -46.68
CA PHE C 312 5.57 18.29 -45.56
C PHE C 312 5.97 19.59 -44.93
N LYS C 313 7.24 19.98 -45.09
CA LYS C 313 7.72 21.24 -44.59
C LYS C 313 7.27 22.31 -45.52
N ARG C 314 7.10 21.95 -46.81
CA ARG C 314 6.56 22.83 -47.80
C ARG C 314 5.16 23.23 -47.44
N LEU C 315 4.41 22.32 -46.77
CA LEU C 315 3.14 22.68 -46.23
C LEU C 315 3.38 23.58 -45.07
N GLY C 316 4.23 23.09 -44.15
CA GLY C 316 4.63 23.83 -42.99
C GLY C 316 3.65 23.58 -41.89
N ILE C 317 2.61 22.75 -42.12
CA ILE C 317 1.70 22.37 -41.08
C ILE C 317 2.43 21.38 -40.24
N ARG C 318 2.16 21.37 -38.92
CA ARG C 318 2.79 20.44 -38.02
C ARG C 318 2.17 19.10 -38.32
N PRO C 319 2.83 17.97 -38.18
CA PRO C 319 2.24 16.65 -38.33
C PRO C 319 0.93 16.47 -37.62
N SER C 320 0.06 15.57 -38.14
CA SER C 320 -1.25 15.31 -37.58
C SER C 320 -1.07 14.83 -36.19
N LYS C 321 -1.85 15.41 -35.24
CA LYS C 321 -1.80 15.09 -33.82
C LYS C 321 -2.10 13.64 -33.56
N GLY C 322 -3.03 13.05 -34.35
CA GLY C 322 -3.31 11.64 -34.24
C GLY C 322 -4.73 11.48 -34.64
N PHE C 323 -5.29 10.28 -34.43
CA PHE C 323 -6.66 10.08 -34.77
C PHE C 323 -7.07 8.92 -33.95
N LEU C 324 -8.38 8.75 -33.79
CA LEU C 324 -9.03 7.76 -32.97
C LEU C 324 -9.79 6.94 -33.95
N LEU C 325 -10.03 5.63 -33.72
CA LEU C 325 -10.87 4.88 -34.61
C LEU C 325 -11.99 4.51 -33.71
N TYR C 326 -13.23 4.74 -34.18
CA TYR C 326 -14.41 4.40 -33.46
C TYR C 326 -15.46 4.05 -34.44
N GLY C 327 -16.27 3.05 -34.09
CA GLY C 327 -17.35 2.61 -34.91
C GLY C 327 -17.96 1.53 -34.11
N PRO C 328 -18.79 0.71 -34.73
CA PRO C 328 -19.35 -0.42 -34.06
C PRO C 328 -18.21 -1.41 -34.00
N PRO C 329 -18.01 -2.17 -32.95
CA PRO C 329 -16.93 -3.14 -32.87
C PRO C 329 -17.06 -4.15 -33.95
N GLY C 330 -16.04 -4.98 -34.15
CA GLY C 330 -16.14 -6.01 -35.17
C GLY C 330 -15.81 -5.50 -36.52
N VAL C 331 -15.22 -4.27 -36.60
CA VAL C 331 -14.66 -3.80 -37.83
C VAL C 331 -13.20 -4.18 -37.76
N GLY C 332 -12.80 -4.91 -36.68
CA GLY C 332 -11.48 -5.46 -36.45
C GLY C 332 -10.55 -4.34 -36.50
N LYS C 333 -10.79 -3.37 -35.61
CA LYS C 333 -10.13 -2.10 -35.54
C LYS C 333 -8.67 -2.30 -35.57
N THR C 334 -8.24 -3.20 -34.67
CA THR C 334 -6.89 -3.60 -34.44
C THR C 334 -6.19 -4.04 -35.70
N LEU C 335 -6.90 -4.60 -36.70
CA LEU C 335 -6.24 -5.13 -37.86
C LEU C 335 -5.84 -3.97 -38.71
N LEU C 336 -6.71 -2.95 -38.81
CA LEU C 336 -6.42 -1.75 -39.57
C LEU C 336 -5.19 -1.15 -39.00
N ALA C 337 -5.20 -0.92 -37.68
CA ALA C 337 -4.06 -0.43 -36.96
C ALA C 337 -2.78 -1.21 -37.17
N LYS C 338 -2.82 -2.55 -36.99
CA LYS C 338 -1.66 -3.38 -37.14
C LYS C 338 -1.04 -3.26 -38.48
N ALA C 339 -1.88 -3.11 -39.52
CA ALA C 339 -1.42 -2.98 -40.87
C ALA C 339 -0.59 -1.77 -41.09
N VAL C 340 -1.13 -0.58 -40.72
CA VAL C 340 -0.45 0.69 -40.92
C VAL C 340 0.89 0.62 -40.29
N ALA C 341 0.94 -0.02 -39.12
CA ALA C 341 2.17 -0.17 -38.43
C ALA C 341 3.13 -1.09 -39.11
N THR C 342 2.68 -2.16 -39.81
CA THR C 342 3.61 -3.05 -40.46
C THR C 342 4.43 -2.32 -41.47
N GLU C 343 3.78 -1.68 -42.44
CA GLU C 343 4.42 -0.94 -43.49
C GLU C 343 5.19 0.26 -43.05
N SER C 344 4.74 0.98 -42.00
CA SER C 344 5.39 2.21 -41.61
C SER C 344 6.83 2.01 -41.26
N ASN C 345 7.69 2.97 -41.69
CA ASN C 345 9.10 2.90 -41.46
C ASN C 345 9.34 3.16 -40.01
N ALA C 346 8.63 4.15 -39.44
CA ALA C 346 8.65 4.47 -38.03
C ALA C 346 8.23 3.30 -37.19
N ASN C 347 8.68 3.30 -35.92
CA ASN C 347 8.42 2.29 -34.91
C ASN C 347 6.96 2.22 -34.61
N PHE C 348 6.49 1.06 -34.13
CA PHE C 348 5.12 0.92 -33.76
C PHE C 348 5.31 0.75 -32.32
N ILE C 349 4.35 1.23 -31.52
CA ILE C 349 4.37 0.96 -30.13
C ILE C 349 2.95 0.58 -30.03
N SER C 350 2.67 -0.48 -29.29
CA SER C 350 1.35 -0.95 -29.05
C SER C 350 1.36 -1.26 -27.61
N ILE C 351 0.49 -0.66 -26.80
CA ILE C 351 0.52 -0.99 -25.41
C ILE C 351 -0.89 -1.26 -25.13
N LYS C 352 -1.15 -2.53 -24.74
CA LYS C 352 -2.47 -2.92 -24.43
C LYS C 352 -2.77 -2.40 -23.08
N GLY C 353 -3.99 -1.86 -23.02
CA GLY C 353 -4.54 -1.16 -21.92
C GLY C 353 -4.45 -1.87 -20.61
N PRO C 354 -4.87 -3.10 -20.44
CA PRO C 354 -4.84 -3.71 -19.14
C PRO C 354 -3.46 -3.89 -18.61
N GLU C 355 -2.49 -4.21 -19.48
CA GLU C 355 -1.15 -4.49 -19.04
C GLU C 355 -0.63 -3.28 -18.31
N VAL C 356 -0.67 -2.13 -18.99
CA VAL C 356 -0.29 -0.89 -18.38
C VAL C 356 -1.09 -0.54 -17.14
N LEU C 357 -2.40 -0.77 -17.18
CA LEU C 357 -3.28 -0.39 -16.12
C LEU C 357 -3.05 -1.13 -14.84
N SER C 358 -2.36 -2.27 -14.84
CA SER C 358 -2.02 -2.86 -13.57
C SER C 358 -0.65 -2.46 -13.21
N LYS C 359 -0.01 -1.69 -14.10
CA LYS C 359 1.31 -1.18 -13.91
C LYS C 359 1.07 0.10 -13.20
N TRP C 360 1.41 0.04 -11.91
CA TRP C 360 1.20 1.03 -10.90
C TRP C 360 2.31 0.70 -9.97
N VAL C 361 3.54 0.95 -10.49
CA VAL C 361 4.83 0.51 -10.04
C VAL C 361 5.22 0.95 -8.65
N GLY C 362 4.37 1.73 -7.97
CA GLY C 362 4.48 1.88 -6.56
C GLY C 362 3.30 2.69 -6.28
N GLU C 363 2.15 2.21 -6.84
CA GLU C 363 0.93 2.95 -6.95
C GLU C 363 1.27 4.06 -7.90
N SER C 364 2.06 3.74 -8.95
CA SER C 364 2.69 4.73 -9.74
C SER C 364 2.58 4.40 -11.18
N GLU C 365 1.92 5.34 -11.86
CA GLU C 365 1.69 5.47 -13.27
C GLU C 365 2.96 5.60 -14.04
N LYS C 366 4.12 5.76 -13.38
CA LYS C 366 5.40 6.09 -13.94
C LYS C 366 5.78 5.19 -15.07
N ALA C 367 5.20 3.98 -15.13
CA ALA C 367 5.46 3.07 -16.21
C ALA C 367 4.85 3.59 -17.48
N ILE C 368 3.58 4.07 -17.47
CA ILE C 368 2.98 4.66 -18.65
C ILE C 368 3.80 5.84 -19.06
N ARG C 369 4.19 6.70 -18.10
CA ARG C 369 5.03 7.82 -18.37
C ARG C 369 6.34 7.42 -18.98
N GLU C 370 6.89 6.25 -18.60
CA GLU C 370 8.10 5.78 -19.21
C GLU C 370 7.87 5.30 -20.61
N ILE C 371 6.66 4.78 -20.93
CA ILE C 371 6.33 4.33 -22.26
C ILE C 371 6.51 5.48 -23.20
N PHE C 372 5.82 6.58 -22.90
CA PHE C 372 5.94 7.78 -23.65
C PHE C 372 7.35 8.29 -23.64
N LYS C 373 8.04 8.26 -22.48
CA LYS C 373 9.41 8.72 -22.37
C LYS C 373 10.34 8.07 -23.35
N LYS C 374 10.34 6.74 -23.42
CA LYS C 374 11.08 5.96 -24.36
C LYS C 374 10.65 6.24 -25.76
N ALA C 375 9.36 6.54 -25.94
CA ALA C 375 8.77 6.73 -27.22
C ALA C 375 9.31 8.01 -27.72
N LYS C 376 9.30 9.02 -26.85
CA LYS C 376 9.84 10.32 -27.10
C LYS C 376 11.27 10.17 -27.56
N GLN C 377 12.07 9.38 -26.83
CA GLN C 377 13.42 9.15 -27.25
C GLN C 377 13.52 8.47 -28.58
N VAL C 378 12.67 7.48 -28.89
CA VAL C 378 12.82 6.72 -30.10
C VAL C 378 12.16 7.34 -31.28
N ALA C 379 11.52 8.51 -31.12
CA ALA C 379 10.77 9.17 -32.14
C ALA C 379 11.52 9.36 -33.46
N PRO C 380 10.91 9.40 -34.65
CA PRO C 380 9.49 9.31 -34.93
C PRO C 380 8.98 7.91 -34.73
N ALA C 381 7.74 7.77 -34.24
CA ALA C 381 7.16 6.48 -33.92
C ALA C 381 5.68 6.65 -33.93
N ILE C 382 4.93 5.56 -34.06
CA ILE C 382 3.49 5.64 -33.98
C ILE C 382 3.14 4.80 -32.80
N VAL C 383 2.56 5.45 -31.76
CA VAL C 383 1.96 4.79 -30.64
C VAL C 383 0.55 4.42 -31.02
N PHE C 384 0.09 3.23 -30.58
CA PHE C 384 -1.21 2.70 -30.82
C PHE C 384 -1.67 2.44 -29.44
N LEU C 385 -2.89 2.88 -29.15
CA LEU C 385 -3.53 2.71 -27.90
C LEU C 385 -4.76 2.04 -28.34
N ASP C 386 -4.98 0.82 -27.82
CA ASP C 386 -6.12 0.03 -28.14
C ASP C 386 -6.89 0.13 -26.87
N GLU C 387 -8.23 0.18 -26.98
CA GLU C 387 -9.17 0.45 -25.91
C GLU C 387 -8.70 1.58 -25.08
N ILE C 388 -8.45 2.74 -25.72
CA ILE C 388 -7.94 3.89 -25.06
C ILE C 388 -8.89 4.31 -23.96
N ASP C 389 -10.19 3.96 -24.13
CA ASP C 389 -11.21 4.12 -23.16
C ASP C 389 -10.88 3.38 -21.91
N SER C 390 -10.50 2.09 -22.04
CA SER C 390 -10.19 1.27 -20.91
C SER C 390 -9.12 1.87 -20.05
N ILE C 391 -8.14 2.57 -20.65
CA ILE C 391 -7.16 3.24 -19.83
C ILE C 391 -7.55 4.64 -19.55
N ALA C 392 -8.59 5.17 -20.22
CA ALA C 392 -8.98 6.54 -20.03
C ALA C 392 -10.43 6.74 -19.82
N PRO C 393 -11.08 6.28 -18.76
CA PRO C 393 -12.45 6.65 -18.47
C PRO C 393 -12.54 8.13 -18.17
N ARG C 394 -13.74 8.71 -18.25
CA ARG C 394 -13.94 10.09 -17.93
C ARG C 394 -13.59 10.48 -16.55
N ARG C 395 -13.24 11.78 -16.37
CA ARG C 395 -12.92 12.34 -15.10
C ARG C 395 -14.21 12.85 -14.55
N GLY C 396 -15.30 12.63 -15.32
CA GLY C 396 -16.65 12.88 -14.92
C GLY C 396 -17.10 11.74 -14.05
N THR C 397 -16.27 10.68 -13.92
CA THR C 397 -16.49 9.61 -12.99
C THR C 397 -15.33 9.74 -12.08
N THR C 398 -15.63 9.53 -10.78
CA THR C 398 -14.78 9.79 -9.65
C THR C 398 -15.07 8.65 -8.70
N SER C 399 -15.52 7.53 -9.31
CA SER C 399 -15.79 6.28 -8.65
C SER C 399 -14.53 5.53 -8.87
N ASP C 400 -13.46 6.05 -8.24
CA ASP C 400 -12.12 5.59 -8.36
C ASP C 400 -11.46 6.03 -7.10
N SER C 401 -10.23 5.50 -6.90
CA SER C 401 -9.33 5.89 -5.84
C SER C 401 -8.31 6.72 -6.57
N GLY C 402 -7.24 6.07 -7.09
CA GLY C 402 -6.19 6.71 -7.84
C GLY C 402 -6.27 6.39 -9.30
N VAL C 403 -7.15 5.45 -9.70
CA VAL C 403 -7.19 4.81 -10.99
C VAL C 403 -7.16 5.80 -12.12
N THR C 404 -8.09 6.76 -12.13
CA THR C 404 -8.20 7.80 -13.13
C THR C 404 -7.02 8.72 -13.01
N GLU C 405 -6.74 9.16 -11.78
CA GLU C 405 -5.76 10.16 -11.41
C GLU C 405 -4.48 9.76 -12.01
N ARG C 406 -4.05 8.53 -11.70
CA ARG C 406 -2.83 7.94 -12.16
C ARG C 406 -2.80 7.98 -13.64
N ILE C 407 -3.66 7.25 -14.37
CA ILE C 407 -3.32 6.98 -15.74
C ILE C 407 -3.90 8.08 -16.53
N VAL C 408 -5.22 8.33 -16.52
CA VAL C 408 -5.82 9.33 -17.37
C VAL C 408 -5.13 10.66 -17.36
N ASN C 409 -4.79 11.19 -16.16
CA ASN C 409 -4.09 12.46 -16.16
C ASN C 409 -2.71 12.34 -16.68
N GLN C 410 -2.03 11.20 -16.45
CA GLN C 410 -0.72 11.02 -16.99
C GLN C 410 -0.80 10.96 -18.47
N LEU C 411 -1.81 10.26 -19.02
CA LEU C 411 -2.08 10.17 -20.43
C LEU C 411 -2.14 11.53 -20.99
N LEU C 412 -2.93 12.40 -20.34
CA LEU C 412 -3.10 13.77 -20.71
C LEU C 412 -1.79 14.47 -20.81
N THR C 413 -1.07 14.56 -19.69
CA THR C 413 0.17 15.26 -19.59
C THR C 413 1.18 14.72 -20.54
N SER C 414 1.11 13.42 -20.86
CA SER C 414 2.00 12.76 -21.75
C SER C 414 1.66 13.04 -23.17
N LEU C 415 0.38 13.31 -23.48
CA LEU C 415 0.01 13.62 -24.83
C LEU C 415 0.50 15.01 -25.06
N ASP C 416 0.30 15.88 -24.06
CA ASP C 416 0.87 17.19 -23.98
C ASP C 416 2.38 17.18 -24.00
N GLY C 417 3.00 16.07 -23.52
CA GLY C 417 4.42 15.89 -23.38
C GLY C 417 5.25 15.96 -24.65
N ILE C 418 4.59 15.83 -25.82
CA ILE C 418 5.12 15.88 -27.16
C ILE C 418 6.00 17.08 -27.41
N GLU C 419 6.89 16.98 -28.41
CA GLU C 419 7.61 18.11 -28.92
C GLU C 419 7.36 17.86 -30.36
N VAL C 420 7.58 18.89 -31.20
CA VAL C 420 7.30 18.82 -32.62
C VAL C 420 8.15 17.75 -33.22
N MET C 421 9.41 17.71 -32.78
CA MET C 421 10.37 16.71 -33.20
C MET C 421 10.04 15.34 -32.68
N ASN C 422 9.18 15.24 -31.64
CA ASN C 422 8.71 13.94 -31.21
C ASN C 422 7.52 13.62 -32.03
N GLY C 423 7.82 12.70 -32.99
CA GLY C 423 6.99 12.27 -34.06
C GLY C 423 6.25 11.07 -33.62
N VAL C 424 5.70 11.13 -32.40
CA VAL C 424 4.84 10.14 -31.84
C VAL C 424 3.55 10.44 -32.51
N VAL C 425 2.73 9.44 -32.83
CA VAL C 425 1.50 9.72 -33.55
C VAL C 425 0.63 8.72 -32.91
N VAL C 426 -0.62 9.14 -32.68
CA VAL C 426 -1.53 8.45 -31.83
C VAL C 426 -2.54 7.86 -32.72
N ILE C 427 -2.66 6.53 -32.65
CA ILE C 427 -3.61 5.81 -33.41
C ILE C 427 -4.39 5.26 -32.28
N GLY C 428 -5.61 5.78 -32.12
CA GLY C 428 -6.52 5.44 -31.08
C GLY C 428 -7.46 4.44 -31.64
N ALA C 429 -8.04 3.61 -30.76
CA ALA C 429 -9.10 2.72 -31.10
C ALA C 429 -9.95 2.59 -29.87
N THR C 430 -11.29 2.56 -30.04
CA THR C 430 -12.16 2.39 -28.92
C THR C 430 -13.43 1.87 -29.50
N ASN C 431 -14.23 1.19 -28.67
CA ASN C 431 -15.46 0.61 -29.11
C ASN C 431 -16.46 1.69 -28.99
N ARG C 432 -16.46 2.38 -27.83
CA ARG C 432 -17.41 3.41 -27.52
C ARG C 432 -16.61 4.61 -27.17
N PRO C 433 -16.69 5.72 -27.89
CA PRO C 433 -16.02 6.95 -27.53
C PRO C 433 -16.43 7.44 -26.19
N ASP C 434 -17.73 7.31 -25.86
CA ASP C 434 -18.34 7.98 -24.75
C ASP C 434 -17.74 7.63 -23.43
N ILE C 435 -17.24 6.40 -23.26
CA ILE C 435 -16.63 5.98 -22.02
C ILE C 435 -15.43 6.85 -21.71
N MET C 436 -14.65 7.19 -22.76
CA MET C 436 -13.46 8.00 -22.67
C MET C 436 -13.65 9.35 -22.02
N ASP C 437 -12.56 9.90 -21.43
CA ASP C 437 -12.50 11.22 -20.86
C ASP C 437 -12.55 12.18 -21.99
N PRO C 438 -13.48 13.11 -22.06
CA PRO C 438 -13.53 14.03 -23.17
C PRO C 438 -12.29 14.85 -23.34
N ALA C 439 -11.45 15.04 -22.31
CA ALA C 439 -10.23 15.78 -22.51
C ALA C 439 -9.33 15.16 -23.54
N LEU C 440 -9.39 13.81 -23.68
CA LEU C 440 -8.63 13.11 -24.68
C LEU C 440 -9.27 13.22 -26.02
N LEU C 441 -10.58 13.51 -26.06
CA LEU C 441 -11.30 13.64 -27.30
C LEU C 441 -11.15 15.05 -27.80
N ARG C 442 -10.44 15.92 -27.05
CA ARG C 442 -10.16 17.24 -27.51
C ARG C 442 -9.06 17.20 -28.50
N ALA C 443 -9.00 18.28 -29.30
CA ALA C 443 -8.03 18.50 -30.33
C ALA C 443 -6.70 18.62 -29.66
N GLY C 444 -5.65 18.16 -30.35
CA GLY C 444 -4.32 18.13 -29.82
C GLY C 444 -4.12 16.79 -29.21
N ARG C 445 -5.16 16.26 -28.53
CA ARG C 445 -5.11 14.95 -27.96
C ARG C 445 -5.62 14.01 -29.00
N PHE C 446 -6.10 14.54 -30.15
CA PHE C 446 -6.34 13.81 -31.35
C PHE C 446 -6.43 14.89 -32.36
N ASP C 447 -6.45 14.52 -33.65
CA ASP C 447 -6.51 15.47 -34.72
C ASP C 447 -7.74 15.09 -35.46
N LYS C 448 -7.97 13.78 -35.70
CA LYS C 448 -9.13 13.42 -36.46
C LYS C 448 -9.82 12.41 -35.64
N LEU C 449 -11.11 12.26 -35.95
CA LEU C 449 -12.00 11.38 -35.29
C LEU C 449 -12.46 10.52 -36.41
N ILE C 450 -12.08 9.24 -36.42
CA ILE C 450 -12.48 8.39 -37.50
C ILE C 450 -13.69 7.67 -36.99
N TYR C 451 -14.85 7.99 -37.59
CA TYR C 451 -16.04 7.20 -37.44
C TYR C 451 -15.79 6.15 -38.48
N ILE C 452 -16.14 4.89 -38.21
CA ILE C 452 -15.95 3.85 -39.17
C ILE C 452 -17.32 3.67 -39.71
N PRO C 453 -17.61 3.87 -40.99
CA PRO C 453 -18.93 3.62 -41.51
C PRO C 453 -18.95 2.13 -41.65
N PRO C 454 -20.01 1.40 -41.34
CA PRO C 454 -20.00 -0.05 -41.41
C PRO C 454 -19.74 -0.52 -42.81
N PRO C 455 -19.30 -1.74 -43.07
CA PRO C 455 -18.97 -2.21 -44.40
C PRO C 455 -20.12 -2.08 -45.35
N ASP C 456 -19.89 -1.44 -46.51
CA ASP C 456 -20.91 -1.24 -47.52
C ASP C 456 -20.84 -2.46 -48.36
N LYS C 457 -21.91 -2.79 -49.12
CA LYS C 457 -21.97 -3.90 -50.04
C LYS C 457 -20.81 -3.92 -50.98
N GLU C 458 -20.50 -2.75 -51.59
CA GLU C 458 -19.38 -2.60 -52.46
C GLU C 458 -18.10 -2.91 -51.76
N ALA C 459 -17.94 -2.45 -50.50
CA ALA C 459 -16.75 -2.79 -49.79
C ALA C 459 -16.69 -4.22 -49.34
N ARG C 460 -17.85 -4.86 -49.06
CA ARG C 460 -17.92 -6.26 -48.70
C ARG C 460 -17.28 -7.11 -49.73
N LEU C 461 -17.52 -6.79 -51.01
CA LEU C 461 -16.92 -7.45 -52.13
C LEU C 461 -15.43 -7.44 -52.10
N SER C 462 -14.84 -6.30 -51.68
CA SER C 462 -13.42 -6.20 -51.72
C SER C 462 -12.83 -6.96 -50.58
N ILE C 463 -13.39 -6.82 -49.35
CA ILE C 463 -12.95 -7.60 -48.20
C ILE C 463 -13.10 -9.08 -48.44
N LEU C 464 -14.14 -9.44 -49.21
CA LEU C 464 -14.55 -10.80 -49.46
C LEU C 464 -13.56 -11.39 -50.38
N LYS C 465 -13.15 -10.67 -51.45
CA LYS C 465 -12.22 -11.20 -52.41
C LYS C 465 -10.92 -11.51 -51.74
N VAL C 466 -10.45 -10.56 -50.92
CA VAL C 466 -9.29 -10.69 -50.06
C VAL C 466 -9.45 -11.86 -49.15
N HIS C 467 -10.66 -12.13 -48.63
CA HIS C 467 -10.80 -13.17 -47.65
C HIS C 467 -10.76 -14.50 -48.31
N THR C 468 -11.36 -14.68 -49.51
CA THR C 468 -11.37 -15.96 -50.15
C THR C 468 -10.13 -16.15 -51.00
N LYS C 469 -9.21 -15.17 -51.05
CA LYS C 469 -8.00 -15.24 -51.86
C LYS C 469 -7.17 -16.46 -51.61
N ASN C 470 -7.01 -16.84 -50.34
CA ASN C 470 -6.32 -18.05 -49.96
C ASN C 470 -7.13 -19.25 -50.32
N MET C 471 -8.45 -19.22 -50.03
CA MET C 471 -9.34 -20.35 -50.16
C MET C 471 -9.42 -20.87 -51.58
N PRO C 472 -9.52 -22.19 -51.81
CA PRO C 472 -9.88 -22.77 -53.10
C PRO C 472 -11.23 -22.25 -53.51
N LEU C 473 -11.33 -21.64 -54.70
CA LEU C 473 -12.50 -20.91 -55.13
C LEU C 473 -13.08 -21.71 -56.24
N ALA C 474 -14.43 -21.92 -56.28
CA ALA C 474 -15.04 -22.72 -57.33
C ALA C 474 -15.50 -21.81 -58.43
N PRO C 475 -15.80 -22.30 -59.62
CA PRO C 475 -16.38 -21.48 -60.66
C PRO C 475 -17.84 -21.39 -60.37
N ASP C 476 -18.35 -22.25 -59.46
CA ASP C 476 -19.72 -22.30 -59.07
C ASP C 476 -20.10 -21.02 -58.37
N VAL C 477 -19.26 -20.52 -57.43
CA VAL C 477 -19.55 -19.32 -56.67
C VAL C 477 -19.63 -18.08 -57.53
N ASP C 478 -20.46 -17.12 -57.08
CA ASP C 478 -20.56 -15.83 -57.68
C ASP C 478 -20.35 -14.99 -56.48
N LEU C 479 -19.20 -14.27 -56.45
CA LEU C 479 -18.80 -13.59 -55.25
C LEU C 479 -19.57 -12.34 -55.13
N ASN C 480 -19.74 -11.59 -56.25
CA ASN C 480 -20.50 -10.36 -56.20
C ASN C 480 -21.93 -10.60 -55.80
N ASP C 481 -22.43 -11.84 -56.03
CA ASP C 481 -23.74 -12.21 -55.60
C ASP C 481 -23.89 -12.13 -54.11
N ILE C 482 -23.01 -12.83 -53.35
CA ILE C 482 -23.09 -12.85 -51.91
C ILE C 482 -22.86 -11.52 -51.27
N ALA C 483 -22.03 -10.66 -51.90
CA ALA C 483 -21.75 -9.33 -51.41
C ALA C 483 -23.02 -8.56 -51.41
N GLN C 484 -23.69 -8.57 -52.57
CA GLN C 484 -25.02 -8.04 -52.74
C GLN C 484 -26.07 -8.80 -51.97
N ARG C 485 -25.82 -10.02 -51.43
CA ARG C 485 -26.85 -10.79 -50.78
C ARG C 485 -27.06 -10.24 -49.42
N THR C 486 -25.98 -9.89 -48.68
CA THR C 486 -26.18 -9.49 -47.31
C THR C 486 -25.20 -8.40 -47.04
N GLU C 487 -25.51 -7.56 -46.02
CA GLU C 487 -24.72 -6.41 -45.69
C GLU C 487 -24.70 -6.26 -44.22
N GLY C 488 -25.70 -6.84 -43.50
CA GLY C 488 -25.85 -6.62 -42.07
C GLY C 488 -24.87 -7.47 -41.33
N TYR C 489 -24.20 -8.33 -42.11
CA TYR C 489 -23.22 -9.26 -41.74
C TYR C 489 -21.99 -8.41 -41.81
N VAL C 490 -21.16 -8.44 -40.75
CA VAL C 490 -19.95 -7.67 -40.64
C VAL C 490 -18.83 -8.42 -41.32
N GLY C 491 -17.62 -7.85 -41.35
CA GLY C 491 -16.50 -8.45 -42.03
C GLY C 491 -15.94 -9.52 -41.20
N ALA C 492 -15.97 -9.33 -39.87
CA ALA C 492 -15.41 -10.28 -38.95
C ALA C 492 -16.23 -11.52 -39.04
N ASP C 493 -17.56 -11.38 -39.14
CA ASP C 493 -18.38 -12.53 -39.39
C ASP C 493 -18.13 -13.10 -40.76
N LEU C 494 -18.03 -12.31 -41.86
CA LEU C 494 -17.82 -12.91 -43.16
C LEU C 494 -16.59 -13.75 -43.23
N GLU C 495 -15.56 -13.41 -42.43
CA GLU C 495 -14.46 -14.30 -42.14
C GLU C 495 -14.99 -15.66 -41.75
N ASN C 496 -15.77 -15.74 -40.66
CA ASN C 496 -16.37 -16.97 -40.20
C ASN C 496 -17.29 -17.55 -41.22
N LEU C 497 -17.94 -16.72 -42.07
CA LEU C 497 -18.80 -17.21 -43.11
C LEU C 497 -18.05 -18.12 -44.00
N CYS C 498 -16.96 -17.62 -44.59
CA CYS C 498 -16.12 -18.44 -45.41
C CYS C 498 -15.63 -19.64 -44.68
N ARG C 499 -15.33 -19.51 -43.36
CA ARG C 499 -14.94 -20.62 -42.53
C ARG C 499 -15.99 -21.69 -42.50
N GLU C 500 -17.22 -21.32 -42.10
CA GLU C 500 -18.31 -22.22 -41.96
C GLU C 500 -18.65 -22.89 -43.26
N ALA C 501 -18.47 -22.20 -44.41
CA ALA C 501 -18.68 -22.76 -45.72
C ALA C 501 -17.87 -24.00 -45.91
N GLY C 502 -16.60 -23.92 -45.51
CA GLY C 502 -15.70 -25.02 -45.42
C GLY C 502 -16.20 -26.13 -44.57
N MET C 503 -16.73 -25.82 -43.36
CA MET C 503 -17.21 -26.80 -42.41
C MET C 503 -18.27 -27.62 -43.04
N ASN C 504 -19.20 -26.92 -43.72
CA ASN C 504 -20.21 -27.52 -44.53
C ASN C 504 -19.56 -28.37 -45.58
N ALA C 505 -18.63 -27.83 -46.38
CA ALA C 505 -17.99 -28.57 -47.44
C ALA C 505 -17.29 -29.82 -47.01
N TYR C 506 -16.59 -29.81 -45.86
CA TYR C 506 -15.85 -30.95 -45.37
C TYR C 506 -16.80 -32.01 -44.95
N ARG C 507 -17.92 -31.58 -44.36
CA ARG C 507 -18.96 -32.47 -43.93
C ARG C 507 -19.52 -33.22 -45.10
N GLU C 508 -19.80 -32.51 -46.22
CA GLU C 508 -20.33 -33.09 -47.43
C GLU C 508 -19.38 -34.07 -47.99
N ASN C 509 -18.15 -33.62 -48.26
CA ASN C 509 -17.19 -34.43 -48.90
C ASN C 509 -16.00 -34.32 -48.05
N PRO C 510 -15.45 -35.39 -47.49
CA PRO C 510 -14.21 -35.32 -46.74
C PRO C 510 -13.09 -34.95 -47.68
N ASP C 511 -13.23 -35.27 -48.98
CA ASP C 511 -12.32 -34.83 -50.00
C ASP C 511 -12.63 -33.40 -50.25
N ALA C 512 -11.60 -32.52 -50.13
CA ALA C 512 -11.81 -31.10 -50.08
C ALA C 512 -11.87 -30.54 -51.46
N THR C 513 -13.08 -30.15 -51.87
CA THR C 513 -13.35 -29.53 -53.14
C THR C 513 -13.60 -28.08 -52.86
N SER C 514 -13.41 -27.21 -53.88
CA SER C 514 -13.60 -25.79 -53.76
C SER C 514 -15.02 -25.40 -53.41
N VAL C 515 -15.17 -24.35 -52.56
CA VAL C 515 -16.44 -23.92 -52.00
C VAL C 515 -17.42 -23.50 -53.05
N SER C 516 -18.72 -23.77 -52.82
CA SER C 516 -19.79 -23.52 -53.76
C SER C 516 -20.71 -22.47 -53.22
N GLN C 517 -21.63 -21.96 -54.09
CA GLN C 517 -22.59 -20.94 -53.73
C GLN C 517 -23.41 -21.41 -52.58
N LYS C 518 -23.86 -22.68 -52.65
CA LYS C 518 -24.62 -23.34 -51.62
C LYS C 518 -23.90 -23.41 -50.34
N ASN C 519 -22.58 -23.68 -50.39
CA ASN C 519 -21.74 -23.68 -49.22
C ASN C 519 -21.76 -22.36 -48.55
N PHE C 520 -21.97 -21.27 -49.31
CA PHE C 520 -22.12 -20.00 -48.69
C PHE C 520 -23.51 -19.86 -48.17
N LEU C 521 -24.55 -20.29 -48.90
CA LEU C 521 -25.93 -20.06 -48.53
C LEU C 521 -26.32 -20.63 -47.19
N ASP C 522 -26.11 -21.95 -46.99
CA ASP C 522 -26.38 -22.62 -45.75
C ASP C 522 -25.68 -21.97 -44.61
N ALA C 523 -24.42 -21.56 -44.84
CA ALA C 523 -23.60 -20.90 -43.87
C ALA C 523 -24.07 -19.51 -43.63
N LEU C 524 -24.61 -18.83 -44.65
CA LEU C 524 -25.19 -17.52 -44.56
C LEU C 524 -26.22 -17.53 -43.50
N LYS C 525 -27.09 -18.57 -43.52
CA LYS C 525 -28.08 -18.72 -42.49
C LYS C 525 -27.55 -19.37 -41.24
N THR C 526 -26.31 -19.91 -41.20
CA THR C 526 -25.75 -20.42 -39.97
C THR C 526 -25.33 -19.26 -39.14
N ILE C 527 -24.59 -18.31 -39.73
CA ILE C 527 -24.26 -17.09 -39.06
C ILE C 527 -25.45 -16.19 -39.24
N ARG C 528 -25.43 -15.06 -38.54
CA ARG C 528 -26.52 -14.15 -38.53
C ARG C 528 -25.87 -12.82 -38.67
N PRO C 529 -26.53 -11.69 -38.86
CA PRO C 529 -25.88 -10.40 -38.98
C PRO C 529 -25.31 -10.05 -37.64
N SER C 530 -24.49 -8.99 -37.56
CA SER C 530 -23.99 -8.58 -36.28
C SER C 530 -24.30 -7.13 -36.15
N VAL C 531 -24.21 -6.38 -37.27
CA VAL C 531 -24.44 -4.95 -37.29
C VAL C 531 -25.88 -4.73 -36.91
N ASP C 532 -26.12 -3.79 -35.96
CA ASP C 532 -27.44 -3.46 -35.49
C ASP C 532 -27.54 -1.99 -35.68
N GLU C 533 -28.54 -1.56 -36.45
CA GLU C 533 -28.69 -0.18 -36.82
C GLU C 533 -29.03 0.72 -35.67
N GLU C 534 -29.40 0.17 -34.50
CA GLU C 534 -29.74 1.01 -33.40
C GLU C 534 -28.49 1.53 -32.83
N VAL C 535 -27.45 0.68 -32.69
CA VAL C 535 -26.22 1.14 -32.15
C VAL C 535 -25.49 1.97 -33.14
N ILE C 536 -25.51 1.64 -34.47
CA ILE C 536 -24.85 2.48 -35.46
C ILE C 536 -25.33 3.89 -35.41
N LYS C 537 -26.66 4.07 -35.27
CA LYS C 537 -27.22 5.39 -35.18
C LYS C 537 -26.71 6.10 -33.97
N PHE C 538 -26.56 5.38 -32.83
CA PHE C 538 -25.97 5.88 -31.62
C PHE C 538 -24.60 6.43 -31.88
N TYR C 539 -23.69 5.67 -32.50
CA TYR C 539 -22.36 6.15 -32.75
C TYR C 539 -22.30 7.23 -33.77
N ARG C 540 -23.09 7.12 -34.85
CA ARG C 540 -23.19 8.10 -35.89
C ARG C 540 -23.56 9.43 -35.33
N THR C 541 -24.52 9.44 -34.39
CA THR C 541 -24.96 10.65 -33.72
C THR C 541 -23.93 11.04 -32.73
N LEU C 542 -23.33 10.09 -32.00
CA LEU C 542 -22.34 10.40 -31.01
C LEU C 542 -21.13 11.05 -31.63
N SER C 543 -20.96 11.02 -32.99
CA SER C 543 -19.91 11.76 -33.61
C SER C 543 -20.10 13.25 -33.50
N GLU C 544 -21.29 13.68 -33.03
CA GLU C 544 -21.55 15.07 -32.77
C GLU C 544 -20.86 15.43 -31.49
N THR C 545 -21.02 14.63 -30.42
CA THR C 545 -20.36 14.92 -29.17
C THR C 545 -18.93 14.39 -29.17
N GLU D 2 25.24 -37.67 -26.70
CA GLU D 2 24.97 -39.10 -26.45
C GLU D 2 25.80 -39.59 -25.29
N VAL D 3 26.93 -40.27 -25.59
CA VAL D 3 27.87 -40.87 -24.65
C VAL D 3 28.58 -39.82 -23.82
N SER D 4 28.90 -38.68 -24.46
CA SER D 4 29.54 -37.52 -23.88
C SER D 4 28.85 -37.02 -22.65
N ARG D 5 29.57 -36.22 -21.84
CA ARG D 5 29.07 -35.65 -20.63
C ARG D 5 27.90 -34.76 -20.96
N ILE D 6 28.04 -33.99 -22.06
CA ILE D 6 27.06 -33.07 -22.55
C ILE D 6 27.81 -32.39 -23.69
N SER D 7 27.34 -32.59 -24.94
CA SER D 7 28.02 -32.12 -26.13
C SER D 7 26.98 -31.93 -27.20
N TYR D 8 27.37 -31.47 -28.43
CA TYR D 8 26.48 -31.19 -29.54
C TYR D 8 25.56 -32.33 -29.78
N GLU D 9 26.14 -33.55 -29.92
CA GLU D 9 25.39 -34.74 -30.17
C GLU D 9 24.34 -35.00 -29.13
N ASP D 10 24.58 -34.59 -27.86
CA ASP D 10 23.56 -34.57 -26.86
C ASP D 10 22.41 -33.69 -27.22
N ILE D 11 22.71 -32.40 -27.47
CA ILE D 11 21.69 -31.40 -27.74
C ILE D 11 20.97 -31.76 -28.98
N GLY D 12 19.64 -31.51 -28.96
CA GLY D 12 18.84 -31.78 -30.11
C GLY D 12 17.48 -31.27 -29.86
N GLY D 13 16.71 -31.20 -30.98
CA GLY D 13 15.34 -30.74 -31.07
C GLY D 13 15.30 -29.27 -31.17
N LEU D 14 16.41 -28.65 -30.78
CA LEU D 14 16.58 -27.26 -30.74
C LEU D 14 17.21 -26.85 -32.00
N SER D 15 17.36 -27.72 -33.02
CA SER D 15 18.21 -27.48 -34.16
C SER D 15 18.14 -26.10 -34.78
N GLU D 16 16.97 -25.47 -34.90
CA GLU D 16 16.84 -24.09 -35.30
C GLU D 16 17.56 -23.11 -34.40
N GLN D 17 17.29 -23.26 -33.10
CA GLN D 17 17.69 -22.43 -32.01
C GLN D 17 19.13 -22.67 -31.72
N LEU D 18 19.55 -23.95 -31.68
CA LEU D 18 20.89 -24.44 -31.52
C LEU D 18 21.66 -23.89 -32.67
N GLY D 19 20.99 -23.85 -33.84
CA GLY D 19 21.50 -23.24 -35.03
C GLY D 19 21.78 -21.79 -34.85
N LYS D 20 21.03 -21.07 -34.01
CA LYS D 20 21.42 -19.75 -33.61
C LYS D 20 22.76 -19.82 -32.92
N ILE D 21 22.92 -20.63 -31.85
CA ILE D 21 24.12 -20.67 -31.02
C ILE D 21 25.37 -20.93 -31.83
N ARG D 22 25.32 -21.98 -32.67
CA ARG D 22 26.34 -22.39 -33.57
C ARG D 22 26.74 -21.24 -34.42
N GLU D 23 25.77 -20.77 -35.21
CA GLU D 23 25.94 -19.73 -36.17
C GLU D 23 26.31 -18.43 -35.56
N MET D 24 26.16 -18.26 -34.23
CA MET D 24 26.48 -16.99 -33.69
C MET D 24 27.80 -17.13 -33.04
N ILE D 25 27.87 -17.74 -31.85
CA ILE D 25 29.12 -17.76 -31.18
C ILE D 25 30.07 -18.81 -31.63
N GLU D 26 29.59 -20.03 -31.91
CA GLU D 26 30.55 -21.07 -32.21
C GLU D 26 31.41 -20.85 -33.42
N LEU D 27 30.83 -20.38 -34.55
CA LEU D 27 31.57 -20.19 -35.77
C LEU D 27 32.84 -19.36 -35.68
N PRO D 28 32.86 -18.10 -35.24
CA PRO D 28 34.08 -17.28 -35.19
C PRO D 28 35.10 -17.88 -34.30
N LEU D 29 34.62 -18.39 -33.14
CA LEU D 29 35.44 -18.95 -32.12
C LEU D 29 36.34 -20.03 -32.67
N LYS D 30 35.82 -20.80 -33.65
CA LYS D 30 36.60 -21.82 -34.30
C LYS D 30 37.61 -21.26 -35.24
N HIS D 31 37.19 -20.69 -36.39
CA HIS D 31 38.13 -20.13 -37.33
C HIS D 31 38.04 -18.66 -37.19
N PRO D 32 38.98 -17.94 -36.57
CA PRO D 32 38.92 -16.49 -36.54
C PRO D 32 39.28 -15.95 -37.89
N GLU D 33 39.91 -16.79 -38.73
CA GLU D 33 40.43 -16.41 -40.01
C GLU D 33 39.39 -15.75 -40.86
N LEU D 34 38.14 -16.25 -40.76
CA LEU D 34 36.99 -15.79 -41.49
C LEU D 34 36.64 -14.35 -41.22
N PHE D 35 36.42 -14.02 -39.95
CA PHE D 35 35.98 -12.72 -39.53
C PHE D 35 37.16 -11.80 -39.62
N GLU D 36 38.39 -12.32 -39.35
CA GLU D 36 39.61 -11.56 -39.47
C GLU D 36 39.75 -10.94 -40.83
N ARG D 37 39.30 -11.66 -41.87
CA ARG D 37 39.38 -11.19 -43.21
C ARG D 37 38.24 -10.27 -43.47
N LEU D 38 37.04 -10.62 -42.99
CA LEU D 38 35.89 -9.83 -43.34
C LEU D 38 35.30 -9.25 -42.12
N GLY D 39 35.34 -7.91 -42.09
CA GLY D 39 34.76 -6.99 -41.16
C GLY D 39 34.68 -7.35 -39.72
N ILE D 40 33.63 -6.76 -39.12
CA ILE D 40 33.20 -6.67 -37.75
C ILE D 40 33.58 -7.75 -36.79
N THR D 41 33.60 -7.33 -35.52
CA THR D 41 33.79 -8.16 -34.37
C THR D 41 32.60 -9.07 -34.18
N PRO D 42 32.77 -10.27 -33.65
CA PRO D 42 31.68 -11.17 -33.35
C PRO D 42 30.90 -10.66 -32.15
N PRO D 43 29.93 -11.39 -31.62
CA PRO D 43 29.27 -11.06 -30.36
C PRO D 43 30.18 -11.28 -29.20
N LYS D 44 29.88 -10.66 -28.04
CA LYS D 44 30.64 -10.79 -26.82
C LYS D 44 29.83 -11.62 -25.86
N GLY D 45 28.53 -11.86 -26.17
CA GLY D 45 27.64 -12.61 -25.31
C GLY D 45 26.29 -12.81 -25.95
N VAL D 46 25.47 -13.69 -25.33
CA VAL D 46 24.16 -14.06 -25.78
C VAL D 46 23.37 -14.31 -24.53
N ILE D 47 22.10 -13.90 -24.54
CA ILE D 47 21.21 -14.07 -23.42
C ILE D 47 20.18 -15.01 -23.94
N LEU D 48 19.81 -16.06 -23.18
CA LEU D 48 18.90 -17.08 -23.63
C LEU D 48 17.61 -16.82 -22.91
N TYR D 49 16.59 -16.37 -23.68
CA TYR D 49 15.23 -16.10 -23.27
C TYR D 49 14.42 -17.32 -23.60
N GLY D 50 13.41 -17.72 -22.78
CA GLY D 50 12.59 -18.84 -23.16
C GLY D 50 11.76 -19.28 -21.98
N PRO D 51 10.98 -20.37 -22.08
CA PRO D 51 10.20 -20.91 -20.97
C PRO D 51 11.15 -21.22 -19.85
N PRO D 52 10.94 -20.72 -18.66
CA PRO D 52 11.95 -20.72 -17.61
C PRO D 52 12.62 -22.05 -17.37
N GLY D 53 13.96 -22.01 -17.16
CA GLY D 53 14.86 -23.09 -16.80
C GLY D 53 14.56 -24.35 -17.48
N THR D 54 14.26 -24.30 -18.81
CA THR D 54 13.81 -25.39 -19.65
C THR D 54 14.93 -26.31 -20.00
N GLY D 55 15.81 -26.50 -19.00
CA GLY D 55 17.04 -27.17 -19.09
C GLY D 55 17.91 -26.09 -19.65
N LYS D 56 17.62 -24.81 -19.29
CA LYS D 56 18.21 -23.60 -19.80
C LYS D 56 19.66 -23.82 -19.86
N THR D 57 20.19 -24.01 -18.64
CA THR D 57 21.57 -24.25 -18.35
C THR D 57 22.16 -25.33 -19.20
N LEU D 58 21.50 -26.49 -19.36
CA LEU D 58 22.03 -27.64 -20.07
C LEU D 58 22.41 -27.35 -21.50
N ILE D 59 21.69 -26.42 -22.13
CA ILE D 59 21.94 -25.91 -23.45
C ILE D 59 23.28 -25.32 -23.43
N ALA D 60 23.50 -24.40 -22.52
CA ALA D 60 24.77 -23.74 -22.46
C ALA D 60 25.80 -24.64 -21.85
N ARG D 61 25.40 -25.59 -20.98
CA ARG D 61 26.24 -26.60 -20.39
C ARG D 61 26.95 -27.43 -21.42
N ALA D 62 26.47 -27.51 -22.69
CA ALA D 62 27.22 -28.29 -23.64
C ALA D 62 28.25 -27.48 -24.33
N VAL D 63 28.32 -26.17 -24.00
CA VAL D 63 29.41 -25.34 -24.39
C VAL D 63 30.28 -25.55 -23.21
N ALA D 64 31.02 -26.65 -23.27
CA ALA D 64 31.85 -27.13 -22.23
C ALA D 64 32.64 -28.23 -22.86
N ASN D 65 32.36 -28.51 -24.13
CA ASN D 65 32.96 -29.58 -24.85
C ASN D 65 32.68 -29.25 -26.27
N GLU D 66 31.76 -28.29 -26.52
CA GLU D 66 31.39 -27.89 -27.86
C GLU D 66 32.34 -26.89 -28.44
N SER D 67 33.23 -26.27 -27.65
CA SER D 67 34.06 -25.23 -28.24
C SER D 67 35.48 -25.40 -27.90
N GLY D 68 35.80 -25.99 -26.73
CA GLY D 68 37.17 -26.11 -26.31
C GLY D 68 37.70 -24.81 -25.77
N ALA D 69 36.87 -23.75 -25.74
CA ALA D 69 37.19 -22.51 -25.09
C ALA D 69 37.18 -22.85 -23.63
N ASN D 70 38.06 -22.24 -22.82
CA ASN D 70 38.19 -22.64 -21.44
C ASN D 70 36.89 -22.46 -20.70
N PHE D 71 36.52 -23.46 -19.87
CA PHE D 71 35.31 -23.50 -19.08
C PHE D 71 35.31 -22.33 -18.16
N LEU D 72 34.18 -21.64 -17.92
CA LEU D 72 34.29 -20.56 -16.99
C LEU D 72 32.92 -20.23 -16.56
N SER D 73 32.43 -21.13 -15.70
CA SER D 73 31.15 -21.01 -15.08
C SER D 73 31.37 -20.10 -13.92
N ILE D 74 30.31 -19.36 -13.54
CA ILE D 74 30.17 -18.61 -12.33
C ILE D 74 28.68 -18.65 -12.22
N ASN D 75 28.08 -18.51 -11.04
CA ASN D 75 26.65 -18.61 -10.98
C ASN D 75 26.31 -17.50 -10.07
N GLY D 76 25.13 -16.93 -10.38
CA GLY D 76 24.66 -15.70 -9.79
C GLY D 76 24.73 -15.53 -8.30
N PRO D 77 24.33 -16.48 -7.47
CA PRO D 77 24.26 -16.25 -6.05
C PRO D 77 25.53 -15.83 -5.41
N GLU D 78 26.67 -16.46 -5.73
CA GLU D 78 27.86 -16.20 -4.97
C GLU D 78 28.51 -14.95 -5.45
N ILE D 79 28.15 -14.48 -6.66
CA ILE D 79 28.75 -13.30 -7.20
C ILE D 79 28.50 -12.07 -6.36
N MET D 80 27.27 -11.92 -5.85
CA MET D 80 26.91 -10.78 -5.04
C MET D 80 26.99 -10.97 -3.56
N SER D 81 27.45 -12.13 -3.08
CA SER D 81 27.38 -12.38 -1.66
C SER D 81 28.30 -11.57 -0.77
N LYS D 82 29.58 -11.40 -1.18
CA LYS D 82 30.69 -10.96 -0.37
C LYS D 82 30.51 -9.79 0.56
N TYR D 83 31.42 -9.69 1.56
CA TYR D 83 31.41 -8.71 2.62
C TYR D 83 31.64 -7.41 1.95
N TYR D 84 30.61 -6.55 2.01
CA TYR D 84 30.36 -5.34 1.24
C TYR D 84 31.45 -4.79 0.37
N GLY D 85 31.15 -4.65 -0.95
CA GLY D 85 32.01 -4.05 -1.93
C GLY D 85 33.15 -4.91 -2.35
N GLN D 86 33.20 -6.17 -1.85
CA GLN D 86 34.16 -7.13 -2.28
C GLN D 86 33.47 -8.01 -3.28
N SER D 87 32.18 -7.77 -3.48
CA SER D 87 31.38 -8.53 -4.38
C SER D 87 31.74 -8.01 -5.72
N GLU D 88 31.85 -6.67 -5.85
CA GLU D 88 32.22 -6.08 -7.10
C GLU D 88 33.59 -6.53 -7.52
N GLN D 89 34.58 -6.50 -6.60
CA GLN D 89 35.85 -6.97 -7.04
C GLN D 89 35.86 -8.42 -7.34
N LYS D 90 34.93 -9.23 -6.76
CA LYS D 90 34.79 -10.62 -7.12
C LYS D 90 34.58 -10.81 -8.59
N LEU D 91 33.55 -10.11 -9.14
CA LEU D 91 33.18 -10.20 -10.54
C LEU D 91 34.36 -9.94 -11.41
N ARG D 92 34.98 -8.76 -11.18
CA ARG D 92 36.11 -8.32 -11.95
C ARG D 92 37.21 -9.32 -11.94
N GLU D 93 37.47 -9.97 -10.79
CA GLU D 93 38.50 -10.97 -10.65
C GLU D 93 38.31 -12.13 -11.54
N ILE D 94 37.05 -12.55 -11.75
CA ILE D 94 36.82 -13.67 -12.60
C ILE D 94 36.98 -13.19 -13.99
N PHE D 95 36.44 -11.99 -14.29
CA PHE D 95 36.54 -11.38 -15.58
C PHE D 95 37.95 -11.26 -16.05
N SER D 96 38.89 -10.79 -15.22
CA SER D 96 40.28 -10.74 -15.58
C SER D 96 40.83 -12.10 -15.87
N LYS D 97 40.47 -13.11 -15.04
CA LYS D 97 40.86 -14.48 -15.27
C LYS D 97 40.28 -15.01 -16.53
N ALA D 98 39.25 -14.35 -17.06
CA ALA D 98 38.65 -14.72 -18.29
C ALA D 98 39.53 -14.26 -19.38
N GLU D 99 40.01 -13.00 -19.31
CA GLU D 99 40.81 -12.41 -20.35
C GLU D 99 42.10 -13.15 -20.45
N GLU D 100 42.67 -13.51 -19.30
CA GLU D 100 43.82 -14.34 -19.21
C GLU D 100 43.65 -15.64 -19.94
N THR D 101 42.54 -16.35 -19.70
CA THR D 101 42.33 -17.68 -20.23
C THR D 101 41.58 -17.67 -21.53
N ALA D 102 41.31 -16.48 -22.10
CA ALA D 102 40.56 -16.31 -23.33
C ALA D 102 41.14 -17.10 -24.48
N PRO D 103 40.39 -17.69 -25.40
CA PRO D 103 38.93 -17.70 -25.47
C PRO D 103 38.35 -18.52 -24.35
N SER D 104 37.20 -18.07 -23.78
CA SER D 104 36.63 -18.66 -22.62
C SER D 104 35.13 -18.54 -22.66
N ILE D 105 34.44 -19.59 -22.16
CA ILE D 105 33.02 -19.62 -22.04
C ILE D 105 32.76 -19.14 -20.65
N ILE D 106 32.47 -17.83 -20.56
CA ILE D 106 31.96 -17.19 -19.39
C ILE D 106 30.52 -17.51 -19.39
N PHE D 107 30.08 -18.17 -18.32
CA PHE D 107 28.81 -18.83 -18.23
C PHE D 107 28.38 -18.29 -16.92
N ILE D 108 27.26 -17.56 -16.88
CA ILE D 108 26.70 -17.13 -15.64
C ILE D 108 25.29 -17.24 -16.04
N ASP D 109 24.39 -17.66 -15.16
CA ASP D 109 23.03 -17.84 -15.54
C ASP D 109 22.26 -17.27 -14.44
N GLU D 110 20.96 -17.05 -14.78
CA GLU D 110 19.95 -16.42 -13.98
C GLU D 110 20.45 -15.03 -13.78
N ILE D 111 20.93 -14.42 -14.88
CA ILE D 111 21.74 -13.26 -14.81
C ILE D 111 20.99 -12.08 -14.33
N ASP D 112 19.65 -12.15 -14.36
CA ASP D 112 18.78 -11.32 -13.57
C ASP D 112 19.23 -11.10 -12.17
N SER D 113 19.82 -12.12 -11.53
CA SER D 113 20.14 -12.02 -10.14
C SER D 113 21.23 -11.01 -10.01
N ILE D 114 22.21 -11.08 -10.93
CA ILE D 114 23.28 -10.13 -10.96
C ILE D 114 22.94 -9.03 -11.89
N ALA D 115 21.68 -8.93 -12.33
CA ALA D 115 21.30 -7.86 -13.17
C ALA D 115 19.90 -7.55 -12.84
N PRO D 116 19.61 -6.81 -11.80
CA PRO D 116 18.27 -6.39 -11.52
C PRO D 116 17.96 -5.24 -12.46
N LYS D 117 16.81 -4.60 -12.26
CA LYS D 117 16.38 -3.45 -13.01
C LYS D 117 17.35 -2.31 -12.85
N ARG D 118 17.41 -1.43 -13.85
CA ARG D 118 18.38 -0.37 -13.98
C ARG D 118 18.37 0.60 -12.85
N GLU D 119 17.17 0.89 -12.34
CA GLU D 119 17.01 2.00 -11.46
C GLU D 119 15.72 1.72 -10.79
N GLU D 120 15.05 0.61 -11.14
CA GLU D 120 13.73 0.39 -10.59
C GLU D 120 13.93 -0.45 -9.36
N VAL D 121 15.19 -0.74 -8.97
CA VAL D 121 15.50 -1.34 -7.69
C VAL D 121 16.25 -0.25 -7.01
N GLN D 122 16.14 -0.13 -5.68
CA GLN D 122 16.75 0.97 -5.00
C GLN D 122 18.02 0.53 -4.35
N GLY D 123 18.21 -0.79 -4.17
CA GLY D 123 19.34 -1.36 -3.46
C GLY D 123 20.70 -0.86 -3.84
N GLU D 124 21.50 -0.46 -2.82
CA GLU D 124 22.85 0.01 -2.97
C GLU D 124 23.71 -0.96 -3.70
N VAL D 125 23.98 -2.11 -3.05
CA VAL D 125 24.77 -3.22 -3.53
C VAL D 125 24.27 -3.70 -4.82
N GLU D 126 22.93 -3.77 -4.94
CA GLU D 126 22.31 -4.13 -6.18
C GLU D 126 22.73 -3.23 -7.27
N ARG D 127 22.75 -1.91 -7.01
CA ARG D 127 23.11 -0.95 -7.99
C ARG D 127 24.57 -0.98 -8.16
N ARG D 128 25.32 -1.42 -7.14
CA ARG D 128 26.74 -1.51 -7.23
C ARG D 128 27.07 -2.51 -8.27
N VAL D 129 26.51 -3.72 -8.17
CA VAL D 129 26.94 -4.77 -9.03
C VAL D 129 26.40 -4.54 -10.40
N VAL D 130 25.19 -3.98 -10.50
CA VAL D 130 24.59 -3.71 -11.78
C VAL D 130 25.44 -2.82 -12.59
N ALA D 131 25.95 -1.76 -11.95
CA ALA D 131 26.75 -0.79 -12.59
C ALA D 131 28.00 -1.46 -12.99
N GLN D 132 28.58 -2.23 -12.08
CA GLN D 132 29.80 -2.89 -12.36
C GLN D 132 29.71 -3.76 -13.55
N LEU D 133 28.71 -4.64 -13.63
CA LEU D 133 28.56 -5.53 -14.74
C LEU D 133 28.46 -4.78 -16.03
N LEU D 134 27.67 -3.68 -16.02
CA LEU D 134 27.59 -2.76 -17.12
C LEU D 134 28.93 -2.31 -17.55
N THR D 135 29.79 -1.97 -16.58
CA THR D 135 31.10 -1.44 -16.80
C THR D 135 32.01 -2.54 -17.21
N LEU D 136 31.89 -3.74 -16.62
CA LEU D 136 32.61 -4.89 -17.05
C LEU D 136 32.37 -5.16 -18.49
N MET D 137 31.15 -4.86 -19.00
CA MET D 137 31.05 -4.84 -20.43
C MET D 137 31.80 -3.69 -21.10
N ASP D 138 31.66 -2.44 -20.60
CA ASP D 138 32.24 -1.20 -21.13
C ASP D 138 33.72 -0.95 -21.26
N GLY D 139 34.58 -1.36 -20.30
CA GLY D 139 36.02 -1.08 -20.39
C GLY D 139 36.71 -1.68 -21.58
N MET D 140 36.01 -2.72 -22.08
CA MET D 140 36.21 -3.65 -23.16
C MET D 140 37.52 -3.72 -23.86
N LYS D 141 37.95 -4.98 -23.95
CA LYS D 141 39.03 -5.40 -24.77
C LYS D 141 38.29 -6.38 -25.60
N GLU D 142 38.51 -6.30 -26.91
CA GLU D 142 37.96 -7.15 -27.94
C GLU D 142 38.66 -8.48 -27.82
N ARG D 143 39.88 -8.42 -27.21
CA ARG D 143 40.75 -9.51 -26.87
C ARG D 143 40.02 -10.43 -25.93
N GLY D 144 38.97 -9.89 -25.26
CA GLY D 144 37.98 -10.65 -24.58
C GLY D 144 37.19 -11.29 -25.66
N HIS D 145 37.71 -12.44 -26.14
CA HIS D 145 37.22 -13.33 -27.15
C HIS D 145 36.51 -14.36 -26.35
N VAL D 146 35.97 -13.91 -25.21
CA VAL D 146 35.22 -14.63 -24.25
C VAL D 146 33.80 -14.35 -24.61
N ILE D 147 32.96 -15.36 -24.46
CA ILE D 147 31.56 -15.25 -24.71
C ILE D 147 31.00 -15.23 -23.34
N VAL D 148 29.81 -14.63 -23.17
CA VAL D 148 29.20 -14.51 -21.89
C VAL D 148 27.85 -15.03 -22.19
N ILE D 149 27.46 -16.15 -21.56
CA ILE D 149 26.16 -16.70 -21.81
C ILE D 149 25.49 -16.48 -20.51
N GLY D 150 24.14 -16.28 -20.60
CA GLY D 150 23.27 -16.02 -19.49
C GLY D 150 21.87 -16.27 -19.91
N ALA D 151 21.02 -16.57 -18.91
CA ALA D 151 19.65 -16.94 -19.11
C ALA D 151 18.89 -16.23 -18.05
N THR D 152 17.57 -16.07 -18.26
CA THR D 152 16.78 -15.32 -17.32
C THR D 152 15.34 -15.75 -17.44
N ASN D 153 14.57 -15.44 -16.38
CA ASN D 153 13.18 -15.74 -16.26
C ASN D 153 12.37 -14.64 -16.85
N ARG D 154 12.94 -13.43 -17.07
CA ARG D 154 12.20 -12.38 -17.68
C ARG D 154 13.17 -11.59 -18.45
N ILE D 155 12.81 -11.32 -19.71
CA ILE D 155 13.60 -10.75 -20.74
C ILE D 155 14.12 -9.44 -20.27
N ASP D 156 13.22 -8.64 -19.71
CA ASP D 156 13.53 -7.30 -19.30
C ASP D 156 13.88 -7.25 -17.87
N ALA D 157 14.03 -8.41 -17.18
CA ALA D 157 14.44 -8.39 -15.79
C ALA D 157 15.77 -7.72 -15.68
N ILE D 158 16.65 -8.03 -16.64
CA ILE D 158 17.93 -7.42 -16.77
C ILE D 158 17.77 -5.96 -17.00
N ASP D 159 18.78 -5.21 -16.53
CA ASP D 159 18.95 -3.78 -16.61
C ASP D 159 18.69 -3.40 -18.05
N PRO D 160 17.76 -2.55 -18.43
CA PRO D 160 17.53 -2.26 -19.82
C PRO D 160 18.75 -1.78 -20.53
N ALA D 161 19.68 -1.14 -19.82
CA ALA D 161 20.97 -0.82 -20.34
C ALA D 161 21.75 -2.01 -20.86
N LEU D 162 21.65 -3.16 -20.15
CA LEU D 162 22.37 -4.35 -20.53
C LEU D 162 21.74 -4.98 -21.70
N ARG D 163 20.55 -4.52 -22.14
CA ARG D 163 19.97 -5.06 -23.34
C ARG D 163 20.60 -4.50 -24.59
N ARG D 164 21.26 -3.31 -24.52
CA ARG D 164 21.67 -2.57 -25.69
C ARG D 164 22.40 -3.33 -26.79
N PRO D 165 22.38 -2.88 -28.04
CA PRO D 165 23.01 -3.60 -29.13
C PRO D 165 24.46 -3.24 -29.10
N GLY D 166 25.15 -3.82 -28.13
CA GLY D 166 26.48 -3.51 -27.78
C GLY D 166 26.61 -4.39 -26.61
N ARG D 167 26.24 -3.89 -25.40
CA ARG D 167 26.21 -4.67 -24.18
C ARG D 167 25.15 -5.70 -24.29
N PHE D 168 25.61 -6.96 -24.50
CA PHE D 168 24.81 -8.12 -24.80
C PHE D 168 24.05 -7.83 -26.06
N ASP D 169 24.83 -7.58 -27.14
CA ASP D 169 24.29 -7.22 -28.42
C ASP D 169 23.42 -8.32 -28.95
N ARG D 170 23.95 -9.58 -28.89
CA ARG D 170 23.28 -10.72 -29.42
C ARG D 170 22.45 -11.30 -28.35
N GLU D 171 21.26 -11.73 -28.76
CA GLU D 171 20.19 -12.07 -27.89
C GLU D 171 19.53 -13.17 -28.62
N ILE D 172 19.10 -14.17 -27.84
CA ILE D 172 18.59 -15.42 -28.35
C ILE D 172 17.39 -15.78 -27.54
N GLU D 173 16.27 -16.04 -28.19
CA GLU D 173 15.11 -16.53 -27.54
C GLU D 173 15.11 -17.97 -27.99
N ILE D 174 14.75 -18.91 -27.11
CA ILE D 174 14.72 -20.30 -27.37
C ILE D 174 13.27 -20.59 -27.12
N GLY D 175 12.60 -21.20 -28.11
CA GLY D 175 11.17 -21.39 -28.14
C GLY D 175 10.73 -22.60 -27.41
N VAL D 176 9.39 -22.87 -27.46
CA VAL D 176 8.78 -24.01 -26.84
C VAL D 176 9.01 -25.17 -27.76
N PRO D 177 9.14 -26.41 -27.32
CA PRO D 177 9.39 -27.54 -28.20
C PRO D 177 8.35 -27.65 -29.26
N ASP D 178 8.73 -27.61 -30.54
CA ASP D 178 7.78 -27.76 -31.62
C ASP D 178 7.51 -29.22 -31.69
N ARG D 179 6.30 -29.61 -32.15
CA ARG D 179 5.88 -30.99 -32.28
C ARG D 179 6.83 -31.85 -33.03
N ASN D 180 7.27 -31.41 -34.22
CA ASN D 180 8.24 -32.14 -35.02
C ASN D 180 9.55 -32.19 -34.32
N GLY D 181 9.86 -31.13 -33.57
CA GLY D 181 11.04 -31.04 -32.75
C GLY D 181 11.08 -32.05 -31.64
N ARG D 182 9.91 -32.35 -31.01
CA ARG D 182 9.84 -33.25 -29.88
C ARG D 182 10.51 -34.55 -30.13
N LYS D 183 10.39 -35.08 -31.35
CA LYS D 183 10.87 -36.39 -31.67
C LYS D 183 12.31 -36.50 -31.38
N GLU D 184 13.11 -35.52 -31.86
CA GLU D 184 14.51 -35.43 -31.57
C GLU D 184 14.76 -35.50 -30.10
N ILE D 185 14.01 -34.69 -29.33
CA ILE D 185 14.14 -34.59 -27.91
C ILE D 185 13.95 -35.96 -27.32
N LEU D 186 12.83 -36.61 -27.62
CA LEU D 186 12.52 -37.90 -27.09
C LEU D 186 13.50 -38.92 -27.58
N MET D 187 14.12 -38.70 -28.75
CA MET D 187 14.95 -39.67 -29.36
C MET D 187 16.16 -39.78 -28.55
N ILE D 188 16.78 -38.64 -28.15
CA ILE D 188 17.91 -38.77 -27.27
C ILE D 188 17.51 -39.41 -25.98
N HIS D 189 16.43 -38.96 -25.31
CA HIS D 189 16.08 -39.58 -24.07
C HIS D 189 15.77 -41.05 -24.13
N THR D 190 15.29 -41.61 -25.27
CA THR D 190 15.15 -43.04 -25.44
C THR D 190 16.39 -43.88 -25.51
N ARG D 191 17.57 -43.31 -25.88
CA ARG D 191 18.74 -44.12 -26.16
C ARG D 191 19.52 -44.43 -24.93
N ASN D 192 18.79 -44.83 -23.88
CA ASN D 192 19.35 -45.07 -22.60
C ASN D 192 18.49 -46.10 -21.94
N MET D 193 17.36 -46.55 -22.57
CA MET D 193 16.51 -47.53 -21.91
C MET D 193 15.85 -48.41 -22.95
N PRO D 194 15.31 -49.58 -22.58
CA PRO D 194 14.62 -50.49 -23.48
C PRO D 194 13.47 -49.86 -24.23
N LEU D 195 13.49 -49.98 -25.57
CA LEU D 195 12.48 -49.50 -26.48
C LEU D 195 11.43 -50.58 -26.59
N GLY D 196 11.45 -51.34 -27.71
CA GLY D 196 10.50 -52.36 -28.00
C GLY D 196 11.25 -53.34 -28.83
N MET D 197 12.35 -52.89 -29.51
CA MET D 197 13.29 -53.63 -30.34
C MET D 197 13.92 -52.53 -31.16
N SER D 198 14.40 -52.81 -32.40
CA SER D 198 14.91 -51.85 -33.36
C SER D 198 13.81 -50.91 -33.70
N GLU D 199 12.59 -51.50 -33.83
CA GLU D 199 11.32 -50.86 -33.78
C GLU D 199 11.30 -49.53 -34.44
N GLU D 200 11.26 -49.56 -35.78
CA GLU D 200 10.88 -48.45 -36.63
C GLU D 200 9.50 -48.00 -36.20
N GLU D 201 8.73 -49.01 -35.74
CA GLU D 201 7.44 -48.95 -35.14
C GLU D 201 7.50 -48.10 -33.92
N LYS D 202 8.44 -48.29 -32.97
CA LYS D 202 8.66 -47.37 -31.88
C LYS D 202 8.95 -45.97 -32.29
N ASN D 203 9.84 -45.75 -33.28
CA ASN D 203 10.08 -44.41 -33.80
C ASN D 203 8.79 -43.76 -34.22
N LYS D 204 7.99 -44.50 -35.00
CA LYS D 204 6.64 -44.10 -35.29
C LYS D 204 5.77 -43.98 -34.07
N PHE D 205 5.87 -44.85 -33.05
CA PHE D 205 5.15 -44.77 -31.82
C PHE D 205 5.47 -43.52 -31.12
N LEU D 206 6.75 -43.22 -30.93
CA LEU D 206 7.17 -41.97 -30.37
C LEU D 206 6.65 -40.81 -31.16
N GLU D 207 6.66 -40.89 -32.51
CA GLU D 207 6.05 -39.85 -33.30
C GLU D 207 4.63 -39.56 -32.96
N GLU D 208 3.75 -40.59 -33.00
CA GLU D 208 2.36 -40.35 -32.79
C GLU D 208 2.07 -40.09 -31.36
N MET D 209 2.91 -40.63 -30.46
CA MET D 209 2.88 -40.35 -29.06
C MET D 209 3.00 -38.89 -28.84
N ALA D 210 3.96 -38.31 -29.57
CA ALA D 210 4.23 -36.95 -29.37
C ALA D 210 3.15 -36.13 -29.92
N ASP D 211 2.61 -36.53 -31.09
CA ASP D 211 1.46 -35.88 -31.64
C ASP D 211 0.21 -36.07 -30.82
N TYR D 212 0.14 -37.11 -29.95
CA TYR D 212 -1.02 -37.34 -29.12
C TYR D 212 -1.30 -36.21 -28.21
N THR D 213 -0.27 -35.41 -27.89
CA THR D 213 -0.44 -34.25 -27.09
C THR D 213 0.26 -33.15 -27.79
N TYR D 214 0.12 -31.94 -27.22
CA TYR D 214 0.82 -30.76 -27.65
C TYR D 214 2.19 -30.85 -27.07
N GLY D 215 2.40 -31.84 -26.18
CA GLY D 215 3.64 -32.07 -25.59
C GLY D 215 3.69 -31.30 -24.36
N PHE D 216 4.85 -31.40 -23.75
CA PHE D 216 5.14 -30.87 -22.47
C PHE D 216 6.46 -30.21 -22.73
N VAL D 217 7.06 -29.53 -21.73
CA VAL D 217 8.34 -28.86 -21.81
C VAL D 217 9.40 -29.91 -21.97
N GLY D 218 10.64 -29.57 -22.42
CA GLY D 218 11.67 -30.54 -22.73
C GLY D 218 12.00 -31.39 -21.55
N ALA D 219 12.18 -30.71 -20.40
CA ALA D 219 12.37 -31.33 -19.12
C ALA D 219 11.25 -32.30 -18.84
N ASP D 220 10.00 -31.82 -18.96
CA ASP D 220 8.82 -32.61 -18.80
C ASP D 220 8.79 -33.78 -19.74
N LEU D 221 9.20 -33.64 -21.02
CA LEU D 221 9.25 -34.74 -21.94
C LEU D 221 10.11 -35.81 -21.36
N ALA D 222 11.31 -35.43 -20.93
CA ALA D 222 12.20 -36.32 -20.21
C ALA D 222 11.60 -36.90 -18.97
N ALA D 223 10.67 -36.19 -18.33
CA ALA D 223 10.07 -36.69 -17.15
C ALA D 223 9.12 -37.73 -17.57
N LEU D 224 8.51 -37.59 -18.76
CA LEU D 224 7.70 -38.62 -19.32
C LEU D 224 8.46 -39.87 -19.42
N VAL D 225 9.68 -39.86 -20.00
CA VAL D 225 10.44 -41.07 -20.04
C VAL D 225 10.66 -41.66 -18.67
N ARG D 226 10.89 -40.80 -17.65
CA ARG D 226 11.02 -41.26 -16.29
C ARG D 226 9.79 -41.92 -15.79
N GLU D 227 8.61 -41.36 -16.13
CA GLU D 227 7.34 -41.92 -15.75
C GLU D 227 7.23 -43.33 -16.21
N SER D 228 7.60 -43.58 -17.48
CA SER D 228 7.56 -44.86 -18.14
C SER D 228 8.33 -45.83 -17.32
N ALA D 229 9.57 -45.45 -16.96
CA ALA D 229 10.43 -46.19 -16.07
C ALA D 229 9.69 -46.57 -14.84
N MET D 230 9.18 -45.59 -14.07
CA MET D 230 8.42 -45.77 -12.86
C MET D 230 7.30 -46.73 -13.07
N ASN D 231 6.49 -46.49 -14.12
CA ASN D 231 5.34 -47.26 -14.45
C ASN D 231 5.78 -48.68 -14.72
N ALA D 232 6.77 -48.90 -15.60
CA ALA D 232 7.25 -50.23 -15.88
C ALA D 232 7.84 -50.88 -14.65
N LEU D 233 8.46 -50.09 -13.75
CA LEU D 233 9.01 -50.62 -12.53
C LEU D 233 7.93 -51.09 -11.62
N ARG D 234 6.67 -50.60 -11.79
CA ARG D 234 5.54 -51.10 -11.06
C ARG D 234 5.23 -52.47 -11.54
N ARG D 235 5.25 -52.65 -12.89
CA ARG D 235 5.01 -53.90 -13.54
C ARG D 235 5.95 -54.96 -13.07
N TYR D 236 7.21 -54.58 -12.83
CA TYR D 236 8.21 -55.52 -12.40
C TYR D 236 8.33 -55.49 -10.92
N LEU D 237 7.56 -54.63 -10.22
CA LEU D 237 7.68 -54.50 -8.79
C LEU D 237 7.43 -55.79 -8.07
N PRO D 238 6.45 -56.64 -8.34
CA PRO D 238 6.28 -57.81 -7.51
C PRO D 238 7.36 -58.79 -7.79
N GLU D 239 7.72 -58.96 -9.08
CA GLU D 239 8.70 -59.94 -9.47
C GLU D 239 10.05 -59.64 -8.91
N ILE D 240 10.47 -58.37 -9.00
CA ILE D 240 11.75 -57.93 -8.52
C ILE D 240 11.81 -58.00 -7.04
N ASP D 241 10.71 -57.60 -6.36
CA ASP D 241 10.69 -57.50 -4.91
C ASP D 241 10.54 -58.84 -4.23
N LEU D 242 11.12 -59.91 -4.81
CA LEU D 242 11.09 -61.22 -4.21
C LEU D 242 12.27 -61.35 -3.27
N ASP D 243 13.37 -60.57 -3.46
CA ASP D 243 14.54 -60.72 -2.62
C ASP D 243 15.29 -59.43 -2.43
N LYS D 244 15.88 -59.31 -1.22
CA LYS D 244 16.70 -58.20 -0.81
C LYS D 244 17.96 -58.10 -1.63
N PRO D 245 18.77 -59.13 -1.93
CA PRO D 245 19.91 -58.99 -2.84
C PRO D 245 19.39 -58.79 -4.24
N ILE D 246 20.25 -58.35 -5.16
CA ILE D 246 19.82 -57.97 -6.48
C ILE D 246 19.89 -59.17 -7.40
N PRO D 247 18.84 -59.56 -8.12
CA PRO D 247 18.88 -60.68 -9.05
C PRO D 247 19.52 -60.15 -10.31
N THR D 248 20.34 -60.97 -10.98
CA THR D 248 21.01 -60.56 -12.19
C THR D 248 20.35 -61.23 -13.36
N GLU D 249 19.47 -62.22 -13.11
CA GLU D 249 18.74 -62.94 -14.13
C GLU D 249 17.85 -62.00 -14.86
N ILE D 250 17.10 -61.23 -14.08
CA ILE D 250 16.38 -60.12 -14.58
C ILE D 250 17.27 -59.01 -14.15
N LEU D 251 17.77 -58.31 -15.17
CA LEU D 251 18.71 -57.22 -15.09
C LEU D 251 19.04 -56.92 -16.52
N GLU D 252 18.47 -57.68 -17.45
CA GLU D 252 18.54 -57.36 -18.84
C GLU D 252 17.32 -57.99 -19.40
N LYS D 253 16.71 -58.93 -18.63
CA LYS D 253 15.39 -59.41 -18.90
C LYS D 253 14.38 -58.49 -18.29
N MET D 254 14.76 -57.20 -18.10
CA MET D 254 13.84 -56.12 -17.84
C MET D 254 13.58 -55.56 -19.19
N VAL D 255 12.29 -55.39 -19.54
CA VAL D 255 11.91 -54.94 -20.84
C VAL D 255 10.79 -54.00 -20.60
N VAL D 256 10.94 -52.78 -21.13
CA VAL D 256 9.93 -51.76 -21.09
C VAL D 256 9.49 -51.74 -22.51
N THR D 257 8.17 -51.51 -22.75
CA THR D 257 7.56 -51.58 -24.06
C THR D 257 6.58 -50.44 -24.17
N GLU D 258 6.08 -50.21 -25.40
CA GLU D 258 5.20 -49.14 -25.79
C GLU D 258 3.96 -48.94 -24.97
N ASP D 259 3.30 -49.99 -24.43
CA ASP D 259 2.13 -49.81 -23.60
C ASP D 259 2.39 -49.10 -22.30
N ASP D 260 3.60 -49.28 -21.72
CA ASP D 260 4.02 -48.59 -20.51
C ASP D 260 3.96 -47.11 -20.69
N PHE D 261 4.58 -46.66 -21.81
CA PHE D 261 4.60 -45.32 -22.29
C PHE D 261 3.21 -44.81 -22.42
N LYS D 262 2.31 -45.58 -23.09
CA LYS D 262 0.92 -45.28 -23.22
C LYS D 262 0.21 -45.05 -21.91
N ASN D 263 0.57 -45.82 -20.86
CA ASN D 263 -0.02 -45.58 -19.56
C ASN D 263 0.60 -44.41 -18.89
N ALA D 264 1.82 -44.01 -19.29
CA ALA D 264 2.45 -42.86 -18.71
C ALA D 264 1.93 -41.57 -19.30
N LEU D 265 1.54 -41.58 -20.60
CA LEU D 265 1.10 -40.41 -21.33
C LEU D 265 -0.02 -39.70 -20.65
N LYS D 266 -0.86 -40.50 -20.00
CA LYS D 266 -1.91 -40.05 -19.17
C LYS D 266 -1.35 -40.25 -17.83
N SER D 267 -1.77 -39.40 -16.90
CA SER D 267 -1.43 -39.50 -15.51
C SER D 267 -0.02 -39.08 -15.29
N ILE D 268 0.62 -38.45 -16.30
CA ILE D 268 1.78 -37.66 -16.03
C ILE D 268 1.18 -36.32 -16.11
N GLU D 269 1.58 -35.40 -15.19
CA GLU D 269 1.05 -34.07 -15.15
C GLU D 269 1.45 -33.39 -16.43
N PRO D 270 0.57 -32.87 -17.24
CA PRO D 270 0.95 -32.35 -18.53
C PRO D 270 1.44 -30.96 -18.32
N SER D 271 1.09 -30.36 -17.16
CA SER D 271 1.37 -29.01 -16.76
C SER D 271 2.75 -28.56 -17.12
N SER D 272 2.76 -27.77 -18.21
CA SER D 272 3.91 -27.17 -18.80
C SER D 272 4.41 -26.26 -17.75
N LEU D 273 3.46 -25.56 -17.13
CA LEU D 273 3.74 -24.81 -15.97
C LEU D 273 2.43 -24.66 -15.27
N ARG D 274 2.51 -23.93 -14.14
CA ARG D 274 1.51 -23.53 -13.18
C ARG D 274 0.61 -24.56 -12.58
N GLU D 275 0.07 -24.15 -11.42
CA GLU D 275 -0.83 -24.87 -10.58
C GLU D 275 -2.16 -24.77 -11.22
N VAL D 276 -2.29 -23.83 -12.17
CA VAL D 276 -3.37 -23.70 -13.10
C VAL D 276 -3.49 -25.02 -13.78
N MET D 277 -4.75 -25.51 -13.84
CA MET D 277 -5.22 -26.78 -14.32
C MET D 277 -5.38 -27.61 -13.08
N VAL D 278 -6.61 -28.05 -12.80
CA VAL D 278 -6.97 -28.81 -11.64
C VAL D 278 -7.75 -29.94 -12.23
N GLU D 279 -7.83 -31.12 -11.55
CA GLU D 279 -8.49 -32.31 -12.03
C GLU D 279 -9.96 -32.09 -12.30
N VAL D 280 -10.50 -32.86 -13.27
CA VAL D 280 -11.86 -32.76 -13.75
C VAL D 280 -12.39 -34.17 -13.73
N PRO D 281 -13.62 -34.49 -13.34
CA PRO D 281 -14.11 -35.86 -13.34
C PRO D 281 -14.22 -36.40 -14.73
N ASN D 282 -14.11 -37.74 -14.89
CA ASN D 282 -14.11 -38.41 -16.16
C ASN D 282 -15.50 -38.46 -16.70
N VAL D 283 -15.62 -38.60 -18.04
CA VAL D 283 -16.82 -38.60 -18.83
C VAL D 283 -16.27 -38.29 -20.19
N HIS D 284 -16.69 -38.99 -21.26
CA HIS D 284 -16.17 -38.75 -22.60
C HIS D 284 -17.31 -38.25 -23.43
N TRP D 285 -17.05 -37.67 -24.63
CA TRP D 285 -18.11 -37.08 -25.41
C TRP D 285 -19.19 -38.06 -25.73
N ASP D 286 -18.81 -39.33 -25.97
CA ASP D 286 -19.73 -40.44 -26.06
C ASP D 286 -20.61 -40.65 -24.86
N ASP D 287 -20.06 -40.45 -23.65
CA ASP D 287 -20.80 -40.57 -22.43
C ASP D 287 -21.71 -39.44 -22.10
N ILE D 288 -21.69 -38.32 -22.86
CA ILE D 288 -22.62 -37.24 -22.61
C ILE D 288 -23.67 -37.50 -23.62
N GLY D 289 -24.93 -37.21 -23.24
CA GLY D 289 -26.08 -37.45 -24.04
C GLY D 289 -26.71 -36.16 -24.43
N GLY D 290 -27.56 -36.26 -25.47
CA GLY D 290 -28.39 -35.23 -26.00
C GLY D 290 -27.63 -34.29 -26.85
N LEU D 291 -28.38 -33.50 -27.63
CA LEU D 291 -27.88 -32.40 -28.43
C LEU D 291 -26.87 -32.87 -29.42
N GLU D 292 -27.23 -33.91 -30.20
CA GLU D 292 -26.41 -34.58 -31.17
C GLU D 292 -25.89 -33.62 -32.19
N ASP D 293 -26.70 -32.59 -32.53
CA ASP D 293 -26.39 -31.57 -33.50
C ASP D 293 -25.28 -30.72 -32.97
N VAL D 294 -25.42 -30.27 -31.70
CA VAL D 294 -24.48 -29.41 -31.04
C VAL D 294 -23.22 -30.17 -30.96
N LYS D 295 -23.28 -31.45 -30.54
CA LYS D 295 -22.15 -32.32 -30.46
C LYS D 295 -21.41 -32.40 -31.75
N ARG D 296 -22.12 -32.62 -32.86
CA ARG D 296 -21.54 -32.74 -34.16
C ARG D 296 -20.79 -31.49 -34.51
N GLU D 297 -21.34 -30.31 -34.20
CA GLU D 297 -20.59 -29.12 -34.47
C GLU D 297 -19.52 -28.80 -33.45
N ILE D 298 -19.79 -28.92 -32.13
CA ILE D 298 -18.86 -28.54 -31.08
C ILE D 298 -17.62 -29.37 -31.20
N LYS D 299 -17.83 -30.67 -31.49
CA LYS D 299 -16.76 -31.57 -31.76
C LYS D 299 -16.01 -31.13 -32.95
N GLU D 300 -16.68 -30.92 -34.09
CA GLU D 300 -15.97 -30.56 -35.29
C GLU D 300 -15.23 -29.27 -35.19
N THR D 301 -15.66 -28.34 -34.32
CA THR D 301 -14.92 -27.13 -34.18
C THR D 301 -13.67 -27.40 -33.41
N VAL D 302 -13.74 -28.13 -32.28
CA VAL D 302 -12.51 -28.29 -31.52
C VAL D 302 -11.65 -29.35 -32.11
N GLU D 303 -12.24 -30.49 -32.43
CA GLU D 303 -11.49 -31.63 -32.83
C GLU D 303 -10.83 -31.44 -34.15
N LEU D 304 -11.52 -30.90 -35.17
CA LEU D 304 -10.94 -30.83 -36.50
C LEU D 304 -9.59 -30.22 -36.58
N PRO D 305 -9.28 -29.00 -36.18
CA PRO D 305 -7.95 -28.46 -36.32
C PRO D 305 -6.97 -29.31 -35.60
N LEU D 306 -7.33 -29.76 -34.39
CA LEU D 306 -6.36 -30.43 -33.56
C LEU D 306 -6.10 -31.82 -34.04
N LEU D 307 -7.12 -32.61 -34.34
CA LEU D 307 -6.96 -33.99 -34.67
C LEU D 307 -6.45 -34.09 -36.05
N LYS D 308 -6.92 -33.23 -36.95
CA LYS D 308 -6.49 -33.30 -38.31
C LYS D 308 -6.19 -31.90 -38.73
N PRO D 309 -4.98 -31.42 -38.51
CA PRO D 309 -4.53 -30.13 -39.00
C PRO D 309 -4.55 -30.09 -40.50
N ASP D 310 -4.13 -31.21 -41.13
CA ASP D 310 -3.81 -31.28 -42.52
C ASP D 310 -4.96 -30.90 -43.39
N VAL D 311 -6.13 -31.53 -43.20
CA VAL D 311 -7.31 -31.20 -43.96
C VAL D 311 -7.78 -29.80 -43.71
N PHE D 312 -7.43 -29.20 -42.56
CA PHE D 312 -7.85 -27.85 -42.29
C PHE D 312 -7.02 -26.88 -43.06
N LYS D 313 -5.75 -27.25 -43.37
CA LYS D 313 -4.90 -26.42 -44.18
C LYS D 313 -5.30 -26.59 -45.61
N ARG D 314 -5.83 -27.77 -45.94
CA ARG D 314 -6.36 -28.05 -47.25
C ARG D 314 -7.51 -27.14 -47.57
N LEU D 315 -8.29 -26.74 -46.53
CA LEU D 315 -9.30 -25.73 -46.66
C LEU D 315 -8.65 -24.40 -46.82
N GLY D 316 -7.73 -24.10 -45.89
CA GLY D 316 -6.99 -22.88 -45.88
C GLY D 316 -7.70 -21.81 -45.11
N ILE D 317 -8.87 -22.12 -44.49
CA ILE D 317 -9.57 -21.17 -43.68
C ILE D 317 -8.96 -21.23 -42.32
N ARG D 318 -8.95 -20.09 -41.58
CA ARG D 318 -8.38 -20.02 -40.27
C ARG D 318 -9.19 -20.89 -39.36
N PRO D 319 -8.67 -21.62 -38.41
CA PRO D 319 -9.47 -22.36 -37.47
C PRO D 319 -10.33 -21.43 -36.68
N SER D 320 -11.46 -21.96 -36.14
CA SER D 320 -12.37 -21.22 -35.33
C SER D 320 -11.66 -20.99 -34.04
N LYS D 321 -11.90 -19.86 -33.36
CA LYS D 321 -11.23 -19.56 -32.12
C LYS D 321 -12.05 -19.93 -30.92
N GLY D 322 -13.34 -20.31 -31.09
CA GLY D 322 -14.13 -20.74 -29.96
C GLY D 322 -15.57 -20.47 -30.15
N PHE D 323 -16.34 -20.68 -29.07
CA PHE D 323 -17.76 -20.63 -29.13
C PHE D 323 -18.21 -20.37 -27.74
N LEU D 324 -19.48 -19.97 -27.60
CA LEU D 324 -20.10 -19.62 -26.35
C LEU D 324 -21.17 -20.64 -26.18
N LEU D 325 -21.54 -21.03 -24.93
CA LEU D 325 -22.65 -21.93 -24.74
C LEU D 325 -23.60 -21.06 -24.00
N TYR D 326 -24.88 -21.03 -24.43
CA TYR D 326 -25.86 -20.22 -23.79
C TYR D 326 -27.14 -20.92 -23.90
N GLY D 327 -27.97 -20.85 -22.84
CA GLY D 327 -29.23 -21.51 -22.81
C GLY D 327 -29.82 -21.20 -21.48
N PRO D 328 -30.95 -21.80 -21.15
CA PRO D 328 -31.59 -21.60 -19.87
C PRO D 328 -30.75 -22.32 -18.88
N PRO D 329 -30.54 -21.87 -17.66
CA PRO D 329 -29.71 -22.56 -16.69
C PRO D 329 -30.27 -23.91 -16.41
N GLY D 330 -29.47 -24.83 -15.86
CA GLY D 330 -29.94 -26.16 -15.56
C GLY D 330 -29.86 -27.07 -16.73
N VAL D 331 -29.12 -26.66 -17.79
CA VAL D 331 -28.82 -27.53 -18.89
C VAL D 331 -27.47 -28.11 -18.62
N GLY D 332 -26.89 -27.79 -17.43
CA GLY D 332 -25.63 -28.30 -16.94
C GLY D 332 -24.61 -28.03 -17.96
N LYS D 333 -24.40 -26.73 -18.24
CA LYS D 333 -23.52 -26.21 -19.25
C LYS D 333 -22.19 -26.85 -19.13
N THR D 334 -21.68 -26.81 -17.91
CA THR D 334 -20.42 -27.34 -17.46
C THR D 334 -20.21 -28.79 -17.84
N LEU D 335 -21.26 -29.61 -17.98
CA LEU D 335 -21.09 -31.01 -18.21
C LEU D 335 -20.69 -31.21 -19.63
N LEU D 336 -21.29 -30.43 -20.55
CA LEU D 336 -20.95 -30.44 -21.94
C LEU D 336 -19.51 -30.06 -22.01
N ALA D 337 -19.18 -28.92 -21.39
CA ALA D 337 -17.83 -28.45 -21.31
C ALA D 337 -16.83 -29.44 -20.79
N LYS D 338 -17.11 -30.07 -19.64
CA LYS D 338 -16.21 -31.03 -19.06
C LYS D 338 -15.89 -32.14 -19.98
N ALA D 339 -16.89 -32.56 -20.79
CA ALA D 339 -16.73 -33.61 -21.74
C ALA D 339 -15.69 -33.27 -22.74
N VAL D 340 -15.82 -32.09 -23.41
CA VAL D 340 -14.89 -31.66 -24.41
C VAL D 340 -13.52 -31.64 -23.83
N ALA D 341 -13.38 -31.22 -22.57
CA ALA D 341 -12.07 -31.21 -22.01
C ALA D 341 -11.51 -32.57 -21.76
N THR D 342 -12.31 -33.57 -21.38
CA THR D 342 -11.77 -34.88 -21.09
C THR D 342 -11.09 -35.49 -22.28
N GLU D 343 -11.86 -35.63 -23.37
CA GLU D 343 -11.38 -36.25 -24.56
C GLU D 343 -10.27 -35.50 -25.23
N SER D 344 -10.28 -34.14 -25.17
CA SER D 344 -9.35 -33.30 -25.90
C SER D 344 -7.92 -33.76 -25.92
N ASN D 345 -7.38 -33.89 -27.14
CA ASN D 345 -6.07 -34.44 -27.40
C ASN D 345 -5.01 -33.49 -26.97
N ALA D 346 -5.37 -32.20 -26.92
CA ALA D 346 -4.51 -31.18 -26.40
C ALA D 346 -5.20 -30.77 -25.15
N ASN D 347 -4.42 -30.48 -24.10
CA ASN D 347 -4.91 -30.13 -22.79
C ASN D 347 -5.69 -28.84 -22.78
N PHE D 348 -6.58 -28.75 -21.80
CA PHE D 348 -7.60 -27.77 -21.62
C PHE D 348 -7.18 -27.09 -20.37
N ILE D 349 -7.53 -25.81 -20.23
CA ILE D 349 -7.13 -25.02 -19.13
C ILE D 349 -8.43 -24.44 -18.78
N SER D 350 -8.70 -24.39 -17.47
CA SER D 350 -9.93 -23.94 -16.90
C SER D 350 -9.58 -23.06 -15.75
N ILE D 351 -10.00 -21.79 -15.76
CA ILE D 351 -9.78 -20.94 -14.63
C ILE D 351 -11.11 -20.35 -14.49
N LYS D 352 -11.71 -20.60 -13.33
CA LYS D 352 -13.06 -20.20 -13.09
C LYS D 352 -13.06 -18.72 -12.81
N GLY D 353 -14.06 -18.10 -13.44
CA GLY D 353 -14.30 -16.69 -13.50
C GLY D 353 -14.27 -15.94 -12.20
N PRO D 354 -15.01 -16.32 -11.17
CA PRO D 354 -15.05 -15.57 -9.95
C PRO D 354 -13.71 -15.51 -9.32
N GLU D 355 -12.95 -16.61 -9.44
CA GLU D 355 -11.65 -16.70 -8.87
C GLU D 355 -10.81 -15.61 -9.44
N VAL D 356 -10.71 -15.50 -10.78
CA VAL D 356 -9.95 -14.41 -11.34
C VAL D 356 -10.41 -13.03 -10.92
N LEU D 357 -11.72 -12.77 -10.87
CA LEU D 357 -12.21 -11.46 -10.47
C LEU D 357 -11.94 -11.11 -9.03
N SER D 358 -11.67 -12.11 -8.19
CA SER D 358 -11.21 -11.85 -6.86
C SER D 358 -9.73 -11.99 -6.75
N LYS D 359 -9.02 -12.35 -7.84
CA LYS D 359 -7.62 -12.74 -7.71
C LYS D 359 -6.74 -11.61 -7.30
N TRP D 360 -6.03 -11.86 -6.18
CA TRP D 360 -5.18 -10.94 -5.49
C TRP D 360 -3.77 -11.14 -5.97
N VAL D 361 -3.28 -10.08 -6.61
CA VAL D 361 -1.98 -9.93 -7.23
C VAL D 361 -1.86 -8.41 -7.36
N GLY D 362 -2.73 -7.72 -6.59
CA GLY D 362 -2.83 -6.30 -6.41
C GLY D 362 -4.30 -6.02 -6.60
N GLU D 363 -5.09 -7.11 -6.86
CA GLU D 363 -6.47 -7.16 -7.28
C GLU D 363 -6.47 -6.68 -8.68
N SER D 364 -5.45 -7.10 -9.44
CA SER D 364 -5.17 -6.52 -10.70
C SER D 364 -5.64 -7.43 -11.76
N GLU D 365 -5.87 -6.77 -12.89
CA GLU D 365 -6.17 -7.35 -14.17
C GLU D 365 -5.00 -8.12 -14.64
N LYS D 366 -3.84 -7.97 -13.98
CA LYS D 366 -2.62 -8.70 -14.24
C LYS D 366 -2.93 -10.15 -14.14
N ALA D 367 -3.96 -10.50 -13.35
CA ALA D 367 -4.43 -11.83 -13.23
C ALA D 367 -5.11 -12.32 -14.45
N ILE D 368 -6.05 -11.55 -15.05
CA ILE D 368 -6.73 -12.02 -16.24
C ILE D 368 -5.75 -12.25 -17.34
N ARG D 369 -4.85 -11.28 -17.53
CA ARG D 369 -3.76 -11.32 -18.44
C ARG D 369 -2.86 -12.48 -18.19
N GLU D 370 -2.70 -12.91 -16.93
CA GLU D 370 -1.86 -14.03 -16.65
C GLU D 370 -2.50 -15.30 -17.11
N ILE D 371 -3.85 -15.36 -17.15
CA ILE D 371 -4.52 -16.51 -17.69
C ILE D 371 -4.09 -16.71 -19.10
N PHE D 372 -4.29 -15.67 -19.92
CA PHE D 372 -3.95 -15.70 -21.31
C PHE D 372 -2.50 -15.93 -21.53
N LYS D 373 -1.63 -15.27 -20.75
CA LYS D 373 -0.21 -15.44 -20.83
C LYS D 373 0.19 -16.87 -20.72
N LYS D 374 -0.32 -17.52 -19.66
CA LYS D 374 -0.13 -18.92 -19.41
C LYS D 374 -0.71 -19.73 -20.51
N ALA D 375 -1.81 -19.29 -21.10
CA ALA D 375 -2.45 -20.04 -22.13
C ALA D 375 -1.62 -19.98 -23.35
N LYS D 376 -1.18 -18.77 -23.73
CA LYS D 376 -0.40 -18.55 -24.91
C LYS D 376 0.80 -19.42 -24.89
N GLN D 377 1.53 -19.48 -23.77
CA GLN D 377 2.65 -20.37 -23.68
C GLN D 377 2.25 -21.82 -23.85
N VAL D 378 1.12 -22.23 -23.28
CA VAL D 378 0.76 -23.62 -23.27
C VAL D 378 0.00 -24.03 -24.49
N ALA D 379 -0.26 -23.11 -25.43
CA ALA D 379 -1.00 -23.43 -26.63
C ALA D 379 -0.30 -24.47 -27.48
N PRO D 380 -0.92 -25.36 -28.31
CA PRO D 380 -2.34 -25.59 -28.54
C PRO D 380 -3.06 -25.97 -27.27
N ALA D 381 -4.16 -25.27 -26.94
CA ALA D 381 -4.82 -25.44 -25.67
C ALA D 381 -6.24 -24.94 -25.77
N ILE D 382 -7.12 -25.33 -24.82
CA ILE D 382 -8.45 -24.82 -24.82
C ILE D 382 -8.55 -24.07 -23.51
N VAL D 383 -8.73 -22.73 -23.55
CA VAL D 383 -9.05 -21.96 -22.37
C VAL D 383 -10.55 -22.07 -22.19
N PHE D 384 -11.01 -22.18 -20.93
CA PHE D 384 -12.41 -22.32 -20.62
C PHE D 384 -12.68 -21.21 -19.67
N LEU D 385 -13.75 -20.49 -19.95
CA LEU D 385 -14.25 -19.45 -19.14
C LEU D 385 -15.63 -19.92 -18.96
N ASP D 386 -15.99 -20.15 -17.70
CA ASP D 386 -17.31 -20.57 -17.32
C ASP D 386 -17.82 -19.32 -16.70
N GLU D 387 -19.13 -19.03 -16.91
CA GLU D 387 -19.79 -17.80 -16.55
C GLU D 387 -19.00 -16.60 -16.97
N ILE D 388 -18.79 -16.46 -18.30
CA ILE D 388 -18.09 -15.34 -18.87
C ILE D 388 -18.78 -14.06 -18.51
N ASP D 389 -20.10 -14.14 -18.23
CA ASP D 389 -20.90 -13.06 -17.76
C ASP D 389 -20.34 -12.57 -16.46
N SER D 390 -20.09 -13.50 -15.53
CA SER D 390 -19.52 -13.17 -14.26
C SER D 390 -18.22 -12.42 -14.39
N ILE D 391 -17.38 -12.72 -15.41
CA ILE D 391 -16.18 -11.96 -15.57
C ILE D 391 -16.37 -10.80 -16.48
N ALA D 392 -17.52 -10.68 -17.14
CA ALA D 392 -17.72 -9.59 -18.03
C ALA D 392 -19.16 -9.32 -18.20
N PRO D 393 -19.63 -8.21 -17.65
CA PRO D 393 -20.93 -7.68 -17.98
C PRO D 393 -20.75 -6.79 -19.18
N ARG D 394 -21.72 -5.88 -19.43
CA ARG D 394 -21.63 -4.88 -20.46
C ARG D 394 -20.50 -3.93 -20.17
N ARG D 395 -19.74 -3.53 -21.21
CA ARG D 395 -18.71 -2.50 -21.13
C ARG D 395 -19.41 -1.27 -21.58
N GLY D 396 -20.68 -1.46 -21.96
CA GLY D 396 -21.64 -0.47 -22.26
C GLY D 396 -22.16 0.05 -20.96
N THR D 397 -21.66 -0.46 -19.80
CA THR D 397 -22.00 0.10 -18.51
C THR D 397 -21.45 1.50 -18.48
N THR D 398 -22.34 2.47 -18.21
CA THR D 398 -22.09 3.90 -18.35
C THR D 398 -21.34 4.42 -17.15
N SER D 399 -21.41 3.66 -16.04
CA SER D 399 -20.72 3.96 -14.81
C SER D 399 -19.76 2.84 -14.71
N ASP D 400 -18.45 3.18 -14.78
CA ASP D 400 -17.38 2.24 -14.80
C ASP D 400 -16.66 2.35 -13.49
N SER D 401 -16.26 1.18 -12.95
CA SER D 401 -15.47 1.06 -11.77
C SER D 401 -14.18 0.50 -12.29
N GLY D 402 -13.44 -0.23 -11.44
CA GLY D 402 -12.23 -0.85 -11.91
C GLY D 402 -12.58 -2.26 -12.07
N VAL D 403 -13.79 -2.67 -11.61
CA VAL D 403 -14.40 -3.94 -11.92
C VAL D 403 -14.45 -4.03 -13.42
N THR D 404 -15.10 -3.01 -14.02
CA THR D 404 -15.16 -2.93 -15.43
C THR D 404 -13.84 -2.58 -16.01
N GLU D 405 -13.18 -1.50 -15.52
CA GLU D 405 -11.97 -1.03 -16.14
C GLU D 405 -10.91 -2.07 -16.20
N ARG D 406 -10.53 -2.60 -15.04
CA ARG D 406 -9.49 -3.57 -14.90
C ARG D 406 -9.80 -4.78 -15.71
N ILE D 407 -10.82 -5.58 -15.35
CA ILE D 407 -10.85 -6.93 -15.83
C ILE D 407 -11.67 -6.90 -17.05
N VAL D 408 -12.94 -6.49 -16.99
CA VAL D 408 -13.81 -6.62 -18.13
C VAL D 408 -13.20 -6.08 -19.41
N ASN D 409 -12.63 -4.86 -19.41
CA ASN D 409 -12.02 -4.36 -20.62
C ASN D 409 -10.77 -5.09 -20.97
N GLN D 410 -10.00 -5.55 -19.98
CA GLN D 410 -8.80 -6.27 -20.24
C GLN D 410 -9.11 -7.53 -20.92
N LEU D 411 -10.20 -8.22 -20.51
CA LEU D 411 -10.65 -9.46 -21.05
C LEU D 411 -10.73 -9.31 -22.52
N LEU D 412 -11.40 -8.23 -22.97
CA LEU D 412 -11.54 -7.89 -24.35
C LEU D 412 -10.23 -7.82 -25.03
N THR D 413 -9.38 -6.88 -24.59
CA THR D 413 -8.11 -6.62 -25.19
C THR D 413 -7.20 -7.81 -25.18
N SER D 414 -7.31 -8.67 -24.17
CA SER D 414 -6.48 -9.81 -24.01
C SER D 414 -6.93 -10.93 -24.88
N LEU D 415 -8.23 -11.01 -25.19
CA LEU D 415 -8.74 -12.08 -26.03
C LEU D 415 -8.30 -11.73 -27.40
N ASP D 416 -8.44 -10.42 -27.73
CA ASP D 416 -7.91 -9.78 -28.92
C ASP D 416 -6.42 -9.92 -28.97
N GLY D 417 -5.80 -10.01 -27.79
CA GLY D 417 -4.39 -10.18 -27.57
C GLY D 417 -3.80 -11.43 -28.13
N ILE D 418 -4.64 -12.45 -28.44
CA ILE D 418 -4.27 -13.75 -28.97
C ILE D 418 -3.19 -13.74 -30.03
N GLU D 419 -2.20 -14.66 -29.91
CA GLU D 419 -1.17 -14.81 -30.90
C GLU D 419 -1.89 -15.71 -31.83
N VAL D 420 -2.11 -15.19 -33.05
CA VAL D 420 -3.09 -15.70 -33.96
C VAL D 420 -2.89 -17.15 -34.24
N MET D 421 -1.64 -17.56 -34.46
CA MET D 421 -1.31 -18.93 -34.70
C MET D 421 -1.70 -19.84 -33.58
N ASN D 422 -1.57 -19.35 -32.31
CA ASN D 422 -1.89 -20.15 -31.15
C ASN D 422 -3.26 -20.77 -31.18
N GLY D 423 -3.23 -22.09 -30.87
CA GLY D 423 -4.30 -23.03 -30.94
C GLY D 423 -5.09 -22.98 -29.70
N VAL D 424 -5.38 -21.74 -29.25
CA VAL D 424 -6.17 -21.41 -28.11
C VAL D 424 -7.55 -21.58 -28.63
N VAL D 425 -8.48 -22.05 -27.79
CA VAL D 425 -9.83 -22.23 -28.25
C VAL D 425 -10.50 -21.80 -27.00
N VAL D 426 -11.59 -21.06 -27.17
CA VAL D 426 -12.26 -20.38 -26.10
C VAL D 426 -13.54 -21.09 -25.98
N ILE D 427 -13.82 -21.66 -24.79
CA ILE D 427 -15.10 -22.27 -24.62
C ILE D 427 -15.63 -21.42 -23.53
N GLY D 428 -16.59 -20.57 -23.96
CA GLY D 428 -17.31 -19.63 -23.17
C GLY D 428 -18.60 -20.26 -22.80
N ALA D 429 -19.17 -19.78 -21.68
CA ALA D 429 -20.48 -20.19 -21.23
C ALA D 429 -21.12 -19.03 -20.53
N THR D 430 -22.45 -18.85 -20.71
CA THR D 430 -23.15 -17.79 -20.06
C THR D 430 -24.57 -18.24 -20.01
N ASN D 431 -25.32 -17.68 -19.05
CA ASN D 431 -26.67 -18.08 -18.77
C ASN D 431 -27.51 -17.14 -19.52
N ARG D 432 -27.31 -15.84 -19.27
CA ARG D 432 -28.03 -14.79 -19.93
C ARG D 432 -27.00 -14.13 -20.78
N PRO D 433 -27.03 -14.25 -22.10
CA PRO D 433 -26.11 -13.62 -23.01
C PRO D 433 -26.09 -12.16 -22.85
N ASP D 434 -27.27 -11.57 -22.63
CA ASP D 434 -27.45 -10.15 -22.69
C ASP D 434 -26.57 -9.45 -21.70
N ILE D 435 -26.28 -10.09 -20.54
CA ILE D 435 -25.50 -9.46 -19.51
C ILE D 435 -24.12 -9.06 -19.96
N MET D 436 -23.40 -9.85 -20.77
CA MET D 436 -22.08 -9.47 -21.23
C MET D 436 -22.06 -8.27 -22.13
N ASP D 437 -20.84 -7.82 -22.49
CA ASP D 437 -20.66 -6.72 -23.40
C ASP D 437 -20.77 -7.34 -24.73
N PRO D 438 -21.51 -6.78 -25.66
CA PRO D 438 -21.62 -7.33 -26.98
C PRO D 438 -20.32 -7.47 -27.68
N ALA D 439 -19.24 -6.77 -27.31
CA ALA D 439 -17.98 -6.99 -27.96
C ALA D 439 -17.50 -8.40 -27.83
N LEU D 440 -17.89 -9.11 -26.74
CA LEU D 440 -17.52 -10.49 -26.61
C LEU D 440 -18.37 -11.33 -27.47
N LEU D 441 -19.57 -10.84 -27.83
CA LEU D 441 -20.45 -11.53 -28.73
C LEU D 441 -20.09 -11.13 -30.12
N ARG D 442 -19.06 -10.27 -30.30
CA ARG D 442 -18.58 -10.00 -31.61
C ARG D 442 -17.54 -11.01 -31.86
N ALA D 443 -17.45 -11.36 -33.15
CA ALA D 443 -16.61 -12.34 -33.71
C ALA D 443 -15.17 -12.08 -33.39
N GLY D 444 -14.36 -13.13 -33.55
CA GLY D 444 -12.96 -13.06 -33.30
C GLY D 444 -12.78 -13.72 -32.00
N ARG D 445 -13.72 -13.44 -31.07
CA ARG D 445 -13.77 -14.09 -29.80
C ARG D 445 -14.46 -15.38 -30.11
N PHE D 446 -15.78 -15.40 -29.98
CA PHE D 446 -16.56 -16.53 -30.39
C PHE D 446 -16.67 -16.51 -31.86
N ASP D 447 -17.02 -17.69 -32.42
CA ASP D 447 -17.05 -17.91 -33.83
C ASP D 447 -18.33 -18.63 -34.04
N LYS D 448 -18.86 -19.33 -33.00
CA LYS D 448 -20.20 -19.82 -33.10
C LYS D 448 -20.83 -19.35 -31.84
N LEU D 449 -22.16 -19.25 -31.82
CA LEU D 449 -22.91 -18.96 -30.63
C LEU D 449 -23.82 -20.11 -30.50
N ILE D 450 -23.61 -20.94 -29.47
CA ILE D 450 -24.38 -22.15 -29.32
C ILE D 450 -25.50 -21.81 -28.39
N TYR D 451 -26.74 -21.82 -28.93
CA TYR D 451 -27.95 -21.75 -28.17
C TYR D 451 -28.12 -23.18 -27.78
N ILE D 452 -28.57 -23.45 -26.55
CA ILE D 452 -28.78 -24.79 -26.08
C ILE D 452 -30.27 -24.84 -26.01
N PRO D 453 -30.97 -25.57 -26.87
CA PRO D 453 -32.41 -25.65 -26.78
C PRO D 453 -32.72 -26.55 -25.63
N PRO D 454 -33.86 -26.50 -24.99
CA PRO D 454 -34.19 -27.41 -23.91
C PRO D 454 -34.32 -28.82 -24.48
N PRO D 455 -34.19 -29.90 -23.74
CA PRO D 455 -34.26 -31.23 -24.30
C PRO D 455 -35.68 -31.57 -24.61
N ASP D 456 -35.93 -32.21 -25.76
CA ASP D 456 -37.26 -32.67 -26.11
C ASP D 456 -37.43 -33.96 -25.40
N LYS D 457 -38.65 -34.53 -25.37
CA LYS D 457 -38.94 -35.84 -24.85
C LYS D 457 -38.02 -36.87 -25.45
N GLU D 458 -37.84 -36.86 -26.78
CA GLU D 458 -36.96 -37.78 -27.46
C GLU D 458 -35.55 -37.65 -27.00
N ALA D 459 -35.05 -36.41 -26.81
CA ALA D 459 -33.71 -36.30 -26.28
C ALA D 459 -33.67 -36.67 -24.83
N ARG D 460 -34.77 -36.40 -24.09
CA ARG D 460 -34.92 -36.82 -22.73
C ARG D 460 -34.73 -38.27 -22.62
N LEU D 461 -35.30 -39.03 -23.56
CA LEU D 461 -35.18 -40.46 -23.61
C LEU D 461 -33.78 -40.91 -23.61
N SER D 462 -32.91 -40.20 -24.36
CA SER D 462 -31.56 -40.65 -24.42
C SER D 462 -30.84 -40.26 -23.19
N ILE D 463 -30.97 -39.01 -22.71
CA ILE D 463 -30.34 -38.60 -21.46
C ILE D 463 -30.78 -39.43 -20.29
N LEU D 464 -32.05 -39.88 -20.33
CA LEU D 464 -32.73 -40.54 -19.25
C LEU D 464 -32.16 -41.89 -19.20
N LYS D 465 -31.98 -42.55 -20.38
CA LYS D 465 -31.46 -43.89 -20.43
C LYS D 465 -30.08 -43.90 -19.84
N VAL D 466 -29.27 -42.92 -20.25
CA VAL D 466 -27.96 -42.63 -19.77
C VAL D 466 -27.96 -42.40 -18.28
N HIS D 467 -29.00 -41.74 -17.73
CA HIS D 467 -28.95 -41.38 -16.34
C HIS D 467 -29.25 -42.57 -15.49
N THR D 468 -30.16 -43.44 -15.92
CA THR D 468 -30.50 -44.60 -15.15
C THR D 468 -29.58 -45.75 -15.49
N LYS D 469 -28.60 -45.54 -16.41
CA LYS D 469 -27.66 -46.57 -16.83
C LYS D 469 -26.96 -47.22 -15.68
N ASN D 470 -26.54 -46.41 -14.69
CA ASN D 470 -25.92 -46.88 -13.50
C ASN D 470 -26.91 -47.62 -12.64
N MET D 471 -28.11 -47.02 -12.45
CA MET D 471 -29.14 -47.52 -11.59
C MET D 471 -29.71 -48.85 -12.05
N PRO D 472 -30.29 -49.67 -11.17
CA PRO D 472 -30.92 -50.90 -11.55
C PRO D 472 -32.38 -50.69 -11.84
N LEU D 473 -32.76 -50.93 -13.11
CA LEU D 473 -34.09 -50.78 -13.64
C LEU D 473 -34.76 -52.11 -13.38
N ALA D 474 -36.09 -52.22 -13.63
CA ALA D 474 -36.83 -53.46 -13.49
C ALA D 474 -37.66 -53.66 -14.73
N PRO D 475 -38.22 -54.85 -14.98
CA PRO D 475 -39.07 -55.09 -16.13
C PRO D 475 -40.30 -54.24 -16.08
N ASP D 476 -40.69 -53.78 -14.86
CA ASP D 476 -41.86 -52.97 -14.67
C ASP D 476 -41.67 -51.64 -15.37
N VAL D 477 -40.50 -50.97 -15.20
CA VAL D 477 -40.25 -49.72 -15.87
C VAL D 477 -40.05 -49.93 -17.35
N ASP D 478 -40.36 -48.88 -18.13
CA ASP D 478 -40.10 -48.79 -19.54
C ASP D 478 -39.85 -47.33 -19.70
N LEU D 479 -38.77 -47.01 -20.42
CA LEU D 479 -38.21 -45.69 -20.42
C LEU D 479 -39.00 -44.78 -21.28
N ASN D 480 -39.44 -45.24 -22.46
CA ASN D 480 -40.17 -44.40 -23.37
C ASN D 480 -41.43 -43.87 -22.74
N ASP D 481 -41.96 -44.58 -21.72
CA ASP D 481 -43.05 -44.11 -20.92
C ASP D 481 -42.73 -42.82 -20.21
N ILE D 482 -41.61 -42.79 -19.45
CA ILE D 482 -41.19 -41.63 -18.67
C ILE D 482 -40.88 -40.49 -19.57
N ALA D 483 -40.38 -40.76 -20.79
CA ALA D 483 -40.10 -39.73 -21.77
C ALA D 483 -41.37 -39.02 -22.10
N GLN D 484 -42.39 -39.81 -22.45
CA GLN D 484 -43.71 -39.32 -22.69
C GLN D 484 -44.37 -38.75 -21.46
N ARG D 485 -43.82 -38.98 -20.23
CA ARG D 485 -44.46 -38.52 -19.03
C ARG D 485 -44.19 -37.07 -18.87
N THR D 486 -42.95 -36.63 -19.13
CA THR D 486 -42.68 -35.25 -18.85
C THR D 486 -41.69 -34.84 -19.87
N GLU D 487 -41.88 -33.59 -20.34
CA GLU D 487 -41.13 -32.99 -21.39
C GLU D 487 -40.65 -31.72 -20.79
N GLY D 488 -41.40 -31.23 -19.78
CA GLY D 488 -41.20 -29.96 -19.13
C GLY D 488 -40.09 -30.07 -18.14
N TYR D 489 -39.57 -31.29 -17.97
CA TYR D 489 -38.47 -31.55 -17.10
C TYR D 489 -37.24 -31.09 -17.83
N VAL D 490 -36.28 -30.46 -17.09
CA VAL D 490 -35.00 -30.05 -17.58
C VAL D 490 -34.09 -31.22 -17.31
N GLY D 491 -32.80 -31.13 -17.68
CA GLY D 491 -31.93 -32.24 -17.50
C GLY D 491 -31.52 -32.35 -16.08
N ALA D 492 -31.35 -31.18 -15.45
CA ALA D 492 -30.92 -31.10 -14.08
C ALA D 492 -31.96 -31.70 -13.22
N ASP D 493 -33.26 -31.43 -13.48
CA ASP D 493 -34.26 -32.12 -12.72
C ASP D 493 -34.31 -33.59 -13.02
N LEU D 494 -34.30 -34.08 -14.28
CA LEU D 494 -34.38 -35.51 -14.49
C LEU D 494 -33.29 -36.29 -13.83
N GLU D 495 -32.10 -35.69 -13.68
CA GLU D 495 -31.05 -36.15 -12.78
C GLU D 495 -31.58 -36.44 -11.40
N ASN D 496 -32.10 -35.40 -10.73
CA ASN D 496 -32.69 -35.52 -9.43
C ASN D 496 -33.85 -36.44 -9.44
N LEU D 497 -34.62 -36.57 -10.54
CA LEU D 497 -35.76 -37.44 -10.67
C LEU D 497 -35.40 -38.84 -10.41
N CYS D 498 -34.44 -39.37 -11.19
CA CYS D 498 -33.96 -40.71 -10.97
C CYS D 498 -33.45 -40.90 -9.58
N ARG D 499 -32.80 -39.85 -9.03
CA ARG D 499 -32.33 -39.82 -7.68
C ARG D 499 -33.44 -40.00 -6.69
N GLU D 500 -34.45 -39.11 -6.78
CA GLU D 500 -35.59 -39.05 -5.91
C GLU D 500 -36.37 -40.33 -5.94
N ALA D 501 -36.41 -41.02 -7.11
CA ALA D 501 -37.04 -42.29 -7.28
C ALA D 501 -36.52 -43.28 -6.29
N GLY D 502 -35.18 -43.29 -6.12
CA GLY D 502 -34.50 -44.03 -5.10
C GLY D 502 -34.93 -43.71 -3.70
N MET D 503 -35.08 -42.42 -3.37
CA MET D 503 -35.47 -41.98 -2.05
C MET D 503 -36.80 -42.56 -1.71
N ASN D 504 -37.74 -42.46 -2.67
CA ASN D 504 -39.03 -43.08 -2.62
C ASN D 504 -38.89 -44.56 -2.43
N ALA D 505 -38.13 -45.22 -3.32
CA ALA D 505 -37.94 -46.64 -3.36
C ALA D 505 -37.39 -47.20 -2.08
N TYR D 506 -36.44 -46.50 -1.44
CA TYR D 506 -35.82 -46.98 -0.22
C TYR D 506 -36.82 -46.98 0.89
N ARG D 507 -37.72 -45.98 0.90
CA ARG D 507 -38.80 -45.90 1.84
C ARG D 507 -39.72 -47.07 1.69
N GLU D 508 -40.06 -47.44 0.44
CA GLU D 508 -40.96 -48.53 0.18
C GLU D 508 -40.43 -49.83 0.68
N ASN D 509 -39.22 -50.25 0.25
CA ASN D 509 -38.72 -51.53 0.65
C ASN D 509 -37.40 -51.26 1.32
N PRO D 510 -37.18 -51.60 2.58
CA PRO D 510 -35.91 -51.35 3.25
C PRO D 510 -34.80 -52.14 2.62
N ASP D 511 -35.07 -53.41 2.22
CA ASP D 511 -34.11 -54.15 1.45
C ASP D 511 -34.24 -53.63 0.06
N ALA D 512 -33.09 -53.47 -0.63
CA ALA D 512 -33.04 -52.81 -1.91
C ALA D 512 -33.73 -53.61 -2.96
N THR D 513 -34.38 -52.92 -3.93
CA THR D 513 -35.04 -53.54 -5.04
C THR D 513 -34.89 -52.56 -6.16
N SER D 514 -34.79 -53.08 -7.39
CA SER D 514 -34.72 -52.35 -8.63
C SER D 514 -35.99 -51.55 -8.84
N VAL D 515 -35.90 -50.36 -9.50
CA VAL D 515 -36.99 -49.40 -9.62
C VAL D 515 -38.18 -49.85 -10.44
N SER D 516 -39.39 -49.31 -10.11
CA SER D 516 -40.64 -49.60 -10.73
C SER D 516 -41.20 -48.32 -11.26
N GLN D 517 -42.23 -48.43 -12.12
CA GLN D 517 -42.93 -47.33 -12.74
C GLN D 517 -43.43 -46.38 -11.72
N LYS D 518 -44.01 -46.94 -10.63
CA LYS D 518 -44.48 -46.21 -9.49
C LYS D 518 -43.41 -45.45 -8.79
N ASN D 519 -42.19 -46.01 -8.66
CA ASN D 519 -41.08 -45.30 -8.06
C ASN D 519 -40.76 -44.04 -8.80
N PHE D 520 -41.05 -44.02 -10.12
CA PHE D 520 -40.92 -42.84 -10.92
C PHE D 520 -42.11 -41.95 -10.76
N LEU D 521 -43.34 -42.48 -10.67
CA LEU D 521 -44.57 -41.72 -10.61
C LEU D 521 -44.58 -40.80 -9.43
N ASP D 522 -44.37 -41.35 -8.23
CA ASP D 522 -44.27 -40.65 -6.98
C ASP D 522 -43.27 -39.55 -7.03
N ALA D 523 -42.11 -39.83 -7.64
CA ALA D 523 -41.06 -38.87 -7.79
C ALA D 523 -41.41 -37.82 -8.80
N LEU D 524 -42.18 -38.18 -9.85
CA LEU D 524 -42.74 -37.28 -10.83
C LEU D 524 -43.52 -36.22 -10.13
N LYS D 525 -44.33 -36.65 -9.14
CA LYS D 525 -45.11 -35.76 -8.33
C LYS D 525 -44.34 -35.14 -7.22
N THR D 526 -43.08 -35.54 -6.95
CA THR D 526 -42.31 -34.88 -5.91
C THR D 526 -41.71 -33.66 -6.51
N ILE D 527 -40.77 -33.80 -7.46
CA ILE D 527 -40.11 -32.68 -8.07
C ILE D 527 -40.92 -32.21 -9.22
N ARG D 528 -40.70 -30.93 -9.56
CA ARG D 528 -41.46 -30.20 -10.52
C ARG D 528 -40.71 -30.20 -11.82
N PRO D 529 -41.36 -29.78 -12.90
CA PRO D 529 -40.69 -29.54 -14.17
C PRO D 529 -39.98 -28.25 -13.99
N SER D 530 -38.97 -27.92 -14.81
CA SER D 530 -38.29 -26.66 -14.61
C SER D 530 -38.26 -25.89 -15.88
N VAL D 531 -38.36 -26.53 -17.07
CA VAL D 531 -38.39 -25.82 -18.33
C VAL D 531 -39.66 -25.03 -18.36
N ASP D 532 -39.53 -23.70 -18.18
CA ASP D 532 -40.65 -22.80 -18.13
C ASP D 532 -40.73 -22.25 -19.49
N GLU D 533 -41.96 -22.19 -20.05
CA GLU D 533 -42.13 -21.66 -21.36
C GLU D 533 -41.86 -20.18 -21.39
N GLU D 534 -41.77 -19.54 -20.21
CA GLU D 534 -41.48 -18.15 -20.10
C GLU D 534 -40.04 -17.91 -20.32
N VAL D 535 -39.14 -18.74 -19.72
CA VAL D 535 -37.74 -18.49 -19.86
C VAL D 535 -37.28 -18.89 -21.22
N ILE D 536 -37.82 -20.03 -21.76
CA ILE D 536 -37.54 -20.46 -23.12
C ILE D 536 -37.90 -19.40 -24.09
N LYS D 537 -39.03 -18.70 -23.89
CA LYS D 537 -39.41 -17.66 -24.80
C LYS D 537 -38.36 -16.58 -24.78
N PHE D 538 -37.79 -16.25 -23.60
CA PHE D 538 -36.70 -15.32 -23.46
C PHE D 538 -35.53 -15.69 -24.32
N TYR D 539 -35.04 -16.93 -24.21
CA TYR D 539 -33.92 -17.36 -25.01
C TYR D 539 -34.24 -17.51 -26.46
N ARG D 540 -35.43 -18.05 -26.80
CA ARG D 540 -35.94 -18.20 -28.14
C ARG D 540 -35.96 -16.89 -28.85
N THR D 541 -36.40 -15.83 -28.16
CA THR D 541 -36.39 -14.51 -28.74
C THR D 541 -35.00 -13.95 -28.71
N LEU D 542 -34.23 -14.12 -27.61
CA LEU D 542 -32.90 -13.58 -27.62
C LEU D 542 -32.00 -14.25 -28.62
N SER D 543 -32.33 -15.44 -29.17
CA SER D 543 -31.59 -16.02 -30.26
C SER D 543 -31.78 -15.28 -31.56
N GLU D 544 -32.74 -14.33 -31.61
CA GLU D 544 -32.98 -13.47 -32.74
C GLU D 544 -31.81 -12.56 -32.78
N THR D 545 -31.36 -12.14 -31.58
CA THR D 545 -30.09 -11.50 -31.44
C THR D 545 -29.10 -12.66 -31.59
N GLU E 2 7.12 -46.33 22.76
CA GLU E 2 8.19 -45.74 21.92
C GLU E 2 9.35 -46.68 21.85
N VAL E 3 10.00 -46.77 20.66
CA VAL E 3 11.08 -47.69 20.41
C VAL E 3 12.19 -46.93 19.71
N SER E 4 11.86 -45.84 18.96
CA SER E 4 12.84 -45.10 18.22
C SER E 4 12.44 -43.66 18.26
N ARG E 5 13.30 -42.78 17.70
CA ARG E 5 13.00 -41.39 17.63
C ARG E 5 11.97 -41.17 16.56
N ILE E 6 11.86 -42.14 15.60
CA ILE E 6 10.98 -42.09 14.46
C ILE E 6 11.36 -43.29 13.63
N SER E 7 10.40 -43.97 12.94
CA SER E 7 10.69 -45.18 12.16
C SER E 7 9.60 -45.40 11.13
N TYR E 8 9.79 -46.37 10.18
CA TYR E 8 8.85 -46.67 9.10
C TYR E 8 7.47 -46.86 9.64
N GLU E 9 7.38 -47.79 10.64
CA GLU E 9 6.18 -48.14 11.33
C GLU E 9 5.47 -47.01 11.97
N ASP E 10 6.23 -45.97 12.40
CA ASP E 10 5.69 -44.76 12.96
C ASP E 10 4.72 -44.11 12.05
N ILE E 11 5.13 -43.82 10.79
CA ILE E 11 4.24 -43.23 9.81
C ILE E 11 3.12 -44.20 9.63
N GLY E 12 1.89 -43.69 9.70
CA GLY E 12 0.77 -44.57 9.63
C GLY E 12 -0.42 -43.77 9.30
N GLY E 13 -1.34 -44.44 8.57
CA GLY E 13 -2.57 -43.93 8.06
C GLY E 13 -2.34 -43.21 6.80
N LEU E 14 -1.06 -42.89 6.55
CA LEU E 14 -0.61 -42.18 5.40
C LEU E 14 -0.19 -43.19 4.41
N SER E 15 -0.44 -44.49 4.62
CA SER E 15 0.04 -45.58 3.82
C SER E 15 -0.06 -45.41 2.32
N GLU E 16 -1.15 -44.81 1.82
CA GLU E 16 -1.38 -44.48 0.43
C GLU E 16 -0.30 -43.59 -0.10
N GLN E 17 -0.06 -42.56 0.70
CA GLN E 17 0.85 -41.48 0.48
C GLN E 17 2.24 -41.99 0.72
N LEU E 18 2.46 -42.74 1.81
CA LEU E 18 3.73 -43.29 2.23
C LEU E 18 4.24 -44.17 1.16
N GLY E 19 3.31 -44.91 0.52
CA GLY E 19 3.59 -45.72 -0.62
C GLY E 19 4.10 -44.94 -1.77
N LYS E 20 3.68 -43.67 -1.95
CA LYS E 20 4.28 -42.79 -2.92
C LYS E 20 5.74 -42.63 -2.60
N ILE E 21 6.05 -42.19 -1.36
CA ILE E 21 7.38 -41.81 -0.93
C ILE E 21 8.36 -42.91 -1.16
N ARG E 22 7.95 -44.10 -0.68
CA ARG E 22 8.64 -45.35 -0.77
C ARG E 22 9.00 -45.60 -2.19
N GLU E 23 7.97 -45.73 -3.03
CA GLU E 23 8.12 -46.02 -4.41
C GLU E 23 8.84 -44.95 -5.18
N MET E 24 8.99 -43.72 -4.66
CA MET E 24 9.55 -42.70 -5.47
C MET E 24 10.95 -42.49 -5.07
N ILE E 25 11.20 -41.81 -3.94
CA ILE E 25 12.56 -41.49 -3.62
C ILE E 25 13.25 -42.65 -2.99
N GLU E 26 12.56 -43.40 -2.11
CA GLU E 26 13.23 -44.46 -1.43
C GLU E 26 13.77 -45.58 -2.29
N LEU E 27 13.04 -46.05 -3.33
CA LEU E 27 13.49 -47.20 -4.11
C LEU E 27 14.89 -47.11 -4.69
N PRO E 28 15.29 -46.13 -5.51
CA PRO E 28 16.64 -46.03 -6.01
C PRO E 28 17.59 -45.89 -4.87
N LEU E 29 17.22 -45.05 -3.87
CA LEU E 29 18.05 -44.80 -2.73
C LEU E 29 18.49 -46.06 -2.02
N LYS E 30 17.63 -47.10 -1.99
CA LYS E 30 17.93 -48.36 -1.35
C LYS E 30 18.88 -49.18 -2.18
N HIS E 31 18.43 -49.71 -3.33
CA HIS E 31 19.31 -50.42 -4.21
C HIS E 31 19.24 -49.61 -5.45
N PRO E 32 20.22 -48.78 -5.79
CA PRO E 32 20.15 -48.07 -7.05
C PRO E 32 20.47 -49.00 -8.17
N GLU E 33 21.12 -50.15 -7.88
CA GLU E 33 21.75 -50.99 -8.86
C GLU E 33 20.87 -51.41 -9.99
N LEU E 34 19.58 -51.68 -9.69
CA LEU E 34 18.61 -52.09 -10.67
C LEU E 34 18.40 -51.05 -11.72
N PHE E 35 18.05 -49.84 -11.27
CA PHE E 35 17.69 -48.76 -12.13
C PHE E 35 18.92 -48.18 -12.73
N GLU E 36 20.02 -48.16 -11.93
CA GLU E 36 21.34 -47.77 -12.31
C GLU E 36 21.79 -48.55 -13.49
N ARG E 37 21.39 -49.84 -13.58
CA ARG E 37 21.88 -50.64 -14.66
C ARG E 37 21.09 -50.37 -15.89
N LEU E 38 19.75 -50.22 -15.81
CA LEU E 38 19.04 -49.94 -17.02
C LEU E 38 17.88 -49.11 -16.67
N GLY E 39 17.61 -48.11 -17.53
CA GLY E 39 16.52 -47.22 -17.33
C GLY E 39 16.97 -45.98 -16.65
N ILE E 40 15.96 -45.41 -15.98
CA ILE E 40 15.82 -44.13 -15.36
C ILE E 40 16.97 -43.51 -14.64
N THR E 41 16.80 -42.19 -14.44
CA THR E 41 17.57 -41.34 -13.59
C THR E 41 16.57 -41.07 -12.49
N PRO E 42 16.93 -41.12 -11.24
CA PRO E 42 16.02 -41.03 -10.11
C PRO E 42 15.36 -39.67 -10.02
N PRO E 43 14.38 -39.48 -9.15
CA PRO E 43 13.80 -38.18 -8.86
C PRO E 43 14.74 -37.52 -7.88
N LYS E 44 14.82 -36.18 -7.87
CA LYS E 44 15.78 -35.47 -7.04
C LYS E 44 15.10 -34.78 -5.90
N GLY E 45 13.75 -34.79 -5.83
CA GLY E 45 13.06 -34.10 -4.76
C GLY E 45 11.56 -34.19 -4.87
N VAL E 46 10.87 -33.91 -3.73
CA VAL E 46 9.44 -34.00 -3.60
C VAL E 46 9.00 -32.93 -2.67
N ILE E 47 7.86 -32.32 -2.99
CA ILE E 47 7.26 -31.25 -2.25
C ILE E 47 5.97 -31.83 -1.74
N LEU E 48 5.64 -31.65 -0.44
CA LEU E 48 4.47 -32.21 0.18
C LEU E 48 3.48 -31.09 0.37
N TYR E 49 2.34 -31.13 -0.38
CA TYR E 49 1.25 -30.16 -0.31
C TYR E 49 0.16 -30.68 0.62
N GLY E 50 -0.53 -29.83 1.46
CA GLY E 50 -1.64 -30.26 2.32
C GLY E 50 -1.71 -29.49 3.65
N PRO E 51 -2.59 -29.81 4.61
CA PRO E 51 -2.64 -29.22 5.96
C PRO E 51 -1.29 -29.38 6.63
N PRO E 52 -0.58 -28.38 7.13
CA PRO E 52 0.86 -28.49 7.40
C PRO E 52 1.34 -29.02 8.74
N GLY E 53 2.57 -29.62 8.71
CA GLY E 53 3.36 -30.10 9.79
C GLY E 53 2.79 -31.31 10.40
N THR E 54 1.62 -31.74 9.88
CA THR E 54 0.78 -32.81 10.38
C THR E 54 1.40 -34.13 10.15
N GLY E 55 2.32 -34.13 9.20
CA GLY E 55 2.91 -35.32 8.75
C GLY E 55 3.96 -34.89 7.85
N LYS E 56 4.03 -33.58 7.49
CA LYS E 56 5.05 -33.03 6.61
C LYS E 56 6.35 -33.53 7.08
N THR E 57 6.68 -33.02 8.28
CA THR E 57 7.83 -33.38 9.03
C THR E 57 7.94 -34.86 9.20
N LEU E 58 6.86 -35.54 9.63
CA LEU E 58 6.89 -36.93 9.93
C LEU E 58 7.33 -37.80 8.80
N ILE E 59 7.00 -37.41 7.55
CA ILE E 59 7.48 -38.10 6.39
C ILE E 59 8.95 -38.04 6.38
N ALA E 60 9.50 -36.83 6.39
CA ALA E 60 10.91 -36.70 6.22
C ALA E 60 11.69 -37.04 7.44
N ARG E 61 11.15 -36.81 8.64
CA ARG E 61 11.76 -37.25 9.85
C ARG E 61 11.98 -38.73 9.84
N ALA E 62 11.11 -39.47 9.09
CA ALA E 62 11.31 -40.88 8.97
C ALA E 62 12.13 -41.25 7.80
N VAL E 63 12.60 -40.33 6.94
CA VAL E 63 13.45 -40.72 5.85
C VAL E 63 14.80 -40.99 6.44
N ALA E 64 15.11 -40.28 7.56
CA ALA E 64 16.33 -40.45 8.31
C ALA E 64 16.53 -41.88 8.74
N ASN E 65 15.47 -42.52 9.24
CA ASN E 65 15.60 -43.83 9.79
C ASN E 65 15.11 -44.81 8.77
N GLU E 66 14.54 -44.33 7.63
CA GLU E 66 14.07 -45.22 6.58
C GLU E 66 15.18 -45.45 5.63
N SER E 67 16.35 -44.79 5.75
CA SER E 67 17.38 -45.14 4.82
C SER E 67 18.71 -44.87 5.38
N GLY E 68 18.83 -43.97 6.36
CA GLY E 68 20.15 -43.65 6.85
C GLY E 68 20.89 -42.71 5.92
N ALA E 69 20.21 -42.21 4.86
CA ALA E 69 20.74 -41.19 3.98
C ALA E 69 20.84 -39.96 4.82
N ASN E 70 21.99 -39.25 4.80
CA ASN E 70 22.25 -38.20 5.74
C ASN E 70 21.22 -37.08 5.73
N PHE E 71 20.41 -37.04 6.82
CA PHE E 71 19.37 -36.09 7.07
C PHE E 71 20.03 -34.78 7.27
N LEU E 72 19.65 -33.78 6.48
CA LEU E 72 20.30 -32.50 6.51
C LEU E 72 19.21 -31.51 6.45
N SER E 73 18.89 -30.99 7.65
CA SER E 73 17.83 -30.08 7.92
C SER E 73 18.37 -28.72 7.64
N ILE E 74 17.51 -27.85 7.12
CA ILE E 74 17.75 -26.45 7.07
C ILE E 74 16.33 -26.04 7.10
N ASN E 75 16.03 -24.84 7.59
CA ASN E 75 14.67 -24.45 7.72
C ASN E 75 14.68 -23.07 7.23
N GLY E 76 13.55 -22.71 6.61
CA GLY E 76 13.37 -21.50 5.85
C GLY E 76 13.82 -20.22 6.47
N PRO E 77 13.57 -19.93 7.73
CA PRO E 77 13.96 -18.66 8.29
C PRO E 77 15.43 -18.38 8.21
N GLU E 78 16.30 -19.35 8.51
CA GLU E 78 17.69 -19.00 8.64
C GLU E 78 18.42 -18.95 7.32
N ILE E 79 17.87 -19.53 6.25
CA ILE E 79 18.58 -19.58 4.99
C ILE E 79 18.87 -18.21 4.43
N MET E 80 17.87 -17.32 4.54
CA MET E 80 17.94 -15.99 4.04
C MET E 80 18.35 -14.95 5.02
N SER E 81 18.72 -15.32 6.26
CA SER E 81 18.97 -14.32 7.26
C SER E 81 20.17 -13.40 7.07
N LYS E 82 21.34 -13.97 6.68
CA LYS E 82 22.62 -13.32 6.77
C LYS E 82 22.85 -12.22 5.77
N TYR E 83 24.00 -11.51 5.91
CA TYR E 83 24.42 -10.35 5.16
C TYR E 83 24.41 -10.64 3.69
N TYR E 84 24.23 -9.59 2.85
CA TYR E 84 23.99 -9.72 1.44
C TYR E 84 24.96 -10.59 0.69
N GLY E 85 24.40 -11.62 0.03
CA GLY E 85 25.12 -12.60 -0.72
C GLY E 85 25.78 -13.68 0.10
N GLN E 86 25.53 -13.73 1.42
CA GLN E 86 26.02 -14.82 2.24
C GLN E 86 24.94 -15.82 2.46
N SER E 87 23.73 -15.54 1.98
CA SER E 87 22.62 -16.41 2.19
C SER E 87 22.73 -17.54 1.21
N GLU E 88 23.09 -17.19 -0.03
CA GLU E 88 23.16 -18.12 -1.12
C GLU E 88 24.15 -19.19 -0.88
N GLN E 89 25.34 -18.82 -0.41
CA GLN E 89 26.31 -19.83 -0.17
C GLN E 89 25.92 -20.78 0.93
N LYS E 90 25.03 -20.40 1.88
CA LYS E 90 24.70 -21.29 2.98
C LYS E 90 24.24 -22.64 2.58
N LEU E 91 23.19 -22.67 1.74
CA LEU E 91 22.62 -23.87 1.23
C LEU E 91 23.64 -24.72 0.58
N ARG E 92 24.37 -24.11 -0.38
CA ARG E 92 25.37 -24.75 -1.16
C ARG E 92 26.42 -25.42 -0.35
N GLU E 93 26.85 -24.82 0.77
CA GLU E 93 27.85 -25.40 1.64
C GLU E 93 27.42 -26.71 2.16
N ILE E 94 26.12 -26.83 2.44
CA ILE E 94 25.59 -28.05 2.92
C ILE E 94 25.52 -28.96 1.76
N PHE E 95 25.04 -28.46 0.60
CA PHE E 95 24.88 -29.23 -0.59
C PHE E 95 26.13 -29.93 -1.05
N SER E 96 27.29 -29.27 -1.10
CA SER E 96 28.49 -29.97 -1.49
C SER E 96 28.84 -31.11 -0.58
N LYS E 97 28.73 -30.86 0.75
CA LYS E 97 28.91 -31.88 1.74
C LYS E 97 27.86 -32.92 1.68
N ALA E 98 26.74 -32.61 1.00
CA ALA E 98 25.63 -33.48 0.84
C ALA E 98 26.03 -34.45 -0.19
N GLU E 99 26.62 -33.95 -1.29
CA GLU E 99 27.05 -34.76 -2.39
C GLU E 99 28.13 -35.67 -1.92
N GLU E 100 29.05 -35.16 -1.07
CA GLU E 100 30.08 -35.95 -0.45
C GLU E 100 29.50 -37.14 0.28
N THR E 101 28.47 -36.91 1.12
CA THR E 101 27.88 -37.94 1.94
C THR E 101 26.69 -38.61 1.29
N ALA E 102 26.38 -38.30 0.01
CA ALA E 102 25.26 -38.84 -0.72
C ALA E 102 25.31 -40.33 -0.72
N PRO E 103 24.33 -41.12 -0.31
CA PRO E 103 22.98 -40.77 0.16
C PRO E 103 22.86 -39.75 1.25
N SER E 104 22.12 -38.67 0.94
CA SER E 104 21.88 -37.59 1.82
C SER E 104 20.50 -37.12 1.47
N ILE E 105 19.68 -36.85 2.51
CA ILE E 105 18.38 -36.31 2.32
C ILE E 105 18.50 -34.93 2.88
N ILE E 106 18.38 -33.96 1.95
CA ILE E 106 18.25 -32.54 2.12
C ILE E 106 16.83 -32.27 2.48
N PHE E 107 16.60 -31.64 3.63
CA PHE E 107 15.32 -31.56 4.25
C PHE E 107 15.26 -30.10 4.52
N ILE E 108 14.24 -29.48 3.92
CA ILE E 108 13.98 -28.09 4.05
C ILE E 108 12.50 -28.13 4.01
N ASP E 109 11.83 -27.24 4.75
CA ASP E 109 10.40 -27.21 4.75
C ASP E 109 10.16 -25.76 4.66
N GLU E 110 8.90 -25.41 4.30
CA GLU E 110 8.40 -24.08 4.16
C GLU E 110 9.18 -23.39 3.08
N ILE E 111 9.32 -24.02 1.91
CA ILE E 111 10.21 -23.52 0.90
C ILE E 111 9.60 -22.35 0.22
N ASP E 112 8.28 -22.14 0.41
CA ASP E 112 7.64 -20.88 0.18
C ASP E 112 8.38 -19.73 0.79
N SER E 113 8.88 -19.88 2.03
CA SER E 113 9.42 -18.76 2.73
C SER E 113 10.67 -18.34 2.06
N ILE E 114 11.46 -19.31 1.56
CA ILE E 114 12.66 -18.95 0.90
C ILE E 114 12.41 -18.69 -0.53
N ALA E 115 11.18 -18.88 -1.03
CA ALA E 115 10.94 -18.56 -2.40
C ALA E 115 9.50 -18.81 -2.64
N PRO E 116 8.68 -17.82 -2.94
CA PRO E 116 7.31 -18.12 -3.23
C PRO E 116 7.05 -17.95 -4.70
N LYS E 117 7.56 -16.91 -5.37
CA LYS E 117 7.32 -16.69 -6.77
C LYS E 117 8.40 -15.78 -7.19
N ARG E 118 8.68 -15.69 -8.49
CA ARG E 118 9.68 -14.80 -9.00
C ARG E 118 8.91 -13.62 -9.46
N GLU E 119 7.58 -13.77 -9.61
CA GLU E 119 6.78 -12.79 -10.25
C GLU E 119 6.43 -11.81 -9.19
N GLU E 120 5.78 -12.27 -8.12
CA GLU E 120 5.16 -11.35 -7.21
C GLU E 120 6.15 -10.60 -6.41
N VAL E 121 7.16 -11.30 -5.85
CA VAL E 121 8.18 -10.74 -4.98
C VAL E 121 8.83 -9.47 -5.46
N GLN E 122 9.45 -8.77 -4.49
CA GLN E 122 10.16 -7.55 -4.75
C GLN E 122 11.49 -7.72 -4.09
N GLY E 123 11.60 -8.56 -3.03
CA GLY E 123 12.83 -8.77 -2.31
C GLY E 123 14.01 -9.22 -3.14
N GLU E 124 15.15 -8.53 -2.94
CA GLU E 124 16.45 -8.79 -3.54
C GLU E 124 16.80 -10.20 -3.22
N VAL E 125 16.99 -10.43 -1.92
CA VAL E 125 17.29 -11.67 -1.30
C VAL E 125 16.29 -12.70 -1.66
N GLU E 126 15.01 -12.34 -1.72
CA GLU E 126 14.00 -13.27 -2.15
C GLU E 126 14.31 -13.82 -3.50
N ARG E 127 14.73 -12.95 -4.43
CA ARG E 127 15.08 -13.42 -5.74
C ARG E 127 16.40 -14.09 -5.68
N ARG E 128 17.26 -13.75 -4.70
CA ARG E 128 18.54 -14.38 -4.61
C ARG E 128 18.36 -15.82 -4.34
N VAL E 129 17.58 -16.15 -3.31
CA VAL E 129 17.56 -17.50 -2.85
C VAL E 129 16.79 -18.30 -3.82
N VAL E 130 15.78 -17.74 -4.49
CA VAL E 130 15.10 -18.49 -5.50
C VAL E 130 16.02 -18.95 -6.57
N ALA E 131 16.90 -18.06 -7.02
CA ALA E 131 17.81 -18.40 -8.08
C ALA E 131 18.72 -19.46 -7.60
N GLN E 132 19.26 -19.30 -6.39
CA GLN E 132 20.19 -20.22 -5.82
C GLN E 132 19.62 -21.59 -5.79
N LEU E 133 18.41 -21.74 -5.22
CA LEU E 133 17.75 -23.00 -5.14
C LEU E 133 17.52 -23.64 -6.47
N LEU E 134 17.10 -22.85 -7.46
CA LEU E 134 16.99 -23.26 -8.84
C LEU E 134 18.25 -23.85 -9.34
N THR E 135 19.39 -23.19 -9.01
CA THR E 135 20.67 -23.63 -9.45
C THR E 135 21.03 -24.81 -8.63
N LEU E 136 20.75 -24.81 -7.33
CA LEU E 136 20.91 -25.99 -6.51
C LEU E 136 20.18 -27.19 -7.02
N MET E 137 19.01 -27.02 -7.68
CA MET E 137 18.36 -28.15 -8.26
C MET E 137 19.18 -28.68 -9.39
N ASP E 138 19.69 -27.79 -10.26
CA ASP E 138 20.58 -28.11 -11.35
C ASP E 138 21.91 -28.77 -10.99
N GLY E 139 22.54 -28.34 -9.86
CA GLY E 139 23.85 -28.82 -9.44
C GLY E 139 23.93 -30.27 -9.15
N MET E 140 22.76 -30.88 -8.86
CA MET E 140 22.48 -32.28 -8.66
C MET E 140 23.30 -33.12 -9.58
N LYS E 141 23.94 -34.12 -8.99
CA LYS E 141 24.59 -35.12 -9.76
C LYS E 141 23.67 -36.20 -9.38
N GLU E 142 23.31 -37.08 -10.33
CA GLU E 142 22.33 -38.13 -10.10
C GLU E 142 22.91 -39.12 -9.14
N ARG E 143 24.22 -39.41 -9.36
CA ARG E 143 25.07 -40.27 -8.58
C ARG E 143 25.17 -39.74 -7.18
N GLY E 144 25.23 -38.38 -7.07
CA GLY E 144 25.14 -37.68 -5.83
C GLY E 144 23.69 -37.51 -5.57
N HIS E 145 23.01 -38.63 -5.27
CA HIS E 145 21.60 -38.73 -5.00
C HIS E 145 21.38 -37.89 -3.79
N VAL E 146 20.87 -36.67 -4.01
CA VAL E 146 20.56 -35.81 -2.93
C VAL E 146 19.15 -35.52 -3.23
N ILE E 147 18.29 -36.11 -2.38
CA ILE E 147 16.88 -35.97 -2.47
C ILE E 147 16.63 -34.78 -1.63
N VAL E 148 15.63 -34.00 -2.01
CA VAL E 148 15.37 -32.72 -1.46
C VAL E 148 13.94 -32.77 -1.14
N ILE E 149 13.58 -32.63 0.15
CA ILE E 149 12.20 -32.67 0.49
C ILE E 149 11.96 -31.24 0.84
N GLY E 150 10.72 -30.82 0.54
CA GLY E 150 10.22 -29.49 0.62
C GLY E 150 8.81 -29.58 1.08
N ALA E 151 8.35 -28.51 1.76
CA ALA E 151 7.00 -28.39 2.19
C ALA E 151 6.65 -26.98 1.91
N THR E 152 5.33 -26.70 1.80
CA THR E 152 4.87 -25.38 1.54
C THR E 152 3.45 -25.34 2.04
N ASN E 153 2.93 -24.10 2.28
CA ASN E 153 1.60 -23.86 2.74
C ASN E 153 0.65 -24.27 1.68
N ARG E 154 0.95 -23.91 0.42
CA ARG E 154 0.11 -24.27 -0.66
C ARG E 154 0.96 -24.39 -1.86
N ILE E 155 0.46 -25.17 -2.83
CA ILE E 155 1.07 -25.61 -4.06
C ILE E 155 1.52 -24.39 -4.81
N ASP E 156 0.58 -23.43 -4.88
CA ASP E 156 0.74 -22.18 -5.52
C ASP E 156 1.38 -21.23 -4.58
N ALA E 157 2.51 -21.63 -4.01
CA ALA E 157 3.26 -20.76 -3.18
C ALA E 157 4.68 -21.16 -3.36
N ILE E 158 5.02 -21.77 -4.52
CA ILE E 158 6.40 -22.05 -4.84
C ILE E 158 6.57 -21.43 -6.17
N ASP E 159 7.83 -21.09 -6.52
CA ASP E 159 8.15 -20.37 -7.73
C ASP E 159 7.71 -21.19 -8.88
N PRO E 160 7.08 -20.71 -9.93
CA PRO E 160 6.68 -21.57 -11.02
C PRO E 160 7.83 -22.30 -11.61
N ALA E 161 9.04 -21.72 -11.53
CA ALA E 161 10.25 -22.39 -11.86
C ALA E 161 10.49 -23.64 -11.07
N LEU E 162 10.18 -23.56 -9.76
CA LEU E 162 10.31 -24.65 -8.85
C LEU E 162 9.18 -25.59 -9.04
N ARG E 163 8.15 -25.22 -9.84
CA ARG E 163 7.14 -26.19 -10.17
C ARG E 163 7.67 -27.08 -11.24
N ARG E 164 8.36 -26.48 -12.25
CA ARG E 164 8.82 -27.13 -13.46
C ARG E 164 9.28 -28.55 -13.27
N PRO E 165 8.66 -29.59 -13.85
CA PRO E 165 9.04 -30.96 -13.63
C PRO E 165 10.45 -31.10 -14.08
N GLY E 166 11.32 -31.46 -13.15
CA GLY E 166 12.72 -31.39 -13.38
C GLY E 166 13.17 -30.70 -12.16
N ARG E 167 12.99 -29.36 -12.12
CA ARG E 167 13.26 -28.51 -10.97
C ARG E 167 12.12 -28.69 -10.02
N PHE E 168 12.25 -29.85 -9.33
CA PHE E 168 11.30 -30.57 -8.53
C PHE E 168 10.50 -31.25 -9.58
N ASP E 169 10.81 -32.54 -9.82
CA ASP E 169 10.17 -33.32 -10.84
C ASP E 169 9.00 -33.99 -10.22
N ARG E 170 9.25 -34.64 -9.08
CA ARG E 170 8.26 -35.39 -8.39
C ARG E 170 7.64 -34.44 -7.42
N GLU E 171 6.31 -34.52 -7.29
CA GLU E 171 5.55 -33.59 -6.50
C GLU E 171 4.48 -34.47 -5.97
N ILE E 172 4.13 -34.27 -4.68
CA ILE E 172 3.25 -35.15 -3.99
C ILE E 172 2.34 -34.31 -3.18
N GLU E 173 1.02 -34.51 -3.33
CA GLU E 173 0.08 -33.82 -2.51
C GLU E 173 -0.36 -34.90 -1.58
N ILE E 174 -0.57 -34.56 -0.30
CA ILE E 174 -0.93 -35.49 0.72
C ILE E 174 -2.16 -34.92 1.36
N GLY E 175 -3.26 -35.70 1.27
CA GLY E 175 -4.60 -35.32 1.67
C GLY E 175 -4.83 -35.44 3.13
N VAL E 176 -6.13 -35.45 3.52
CA VAL E 176 -6.54 -35.57 4.90
C VAL E 176 -6.75 -37.04 5.15
N PRO E 177 -6.62 -37.52 6.37
CA PRO E 177 -6.77 -38.93 6.70
C PRO E 177 -8.07 -39.57 6.28
N ASP E 178 -7.96 -40.67 5.51
CA ASP E 178 -9.08 -41.50 5.12
C ASP E 178 -9.55 -42.23 6.33
N ARG E 179 -10.86 -42.57 6.35
CA ARG E 179 -11.51 -43.32 7.40
C ARG E 179 -10.79 -44.58 7.71
N ASN E 180 -10.44 -45.38 6.66
CA ASN E 180 -9.69 -46.60 6.82
C ASN E 180 -8.29 -46.33 7.33
N GLY E 181 -7.68 -45.22 6.93
CA GLY E 181 -6.38 -44.82 7.39
C GLY E 181 -6.30 -44.51 8.85
N ARG E 182 -7.35 -43.89 9.41
CA ARG E 182 -7.41 -43.43 10.79
C ARG E 182 -7.06 -44.49 11.77
N LYS E 183 -7.48 -45.76 11.50
CA LYS E 183 -7.28 -46.86 12.40
C LYS E 183 -5.83 -47.02 12.69
N GLU E 184 -5.00 -47.01 11.63
CA GLU E 184 -3.58 -46.98 11.73
C GLU E 184 -3.08 -45.88 12.64
N ILE E 185 -3.58 -44.64 12.46
CA ILE E 185 -3.16 -43.50 13.22
C ILE E 185 -3.37 -43.72 14.70
N LEU E 186 -4.60 -44.03 15.14
CA LEU E 186 -4.83 -44.24 16.56
C LEU E 186 -4.10 -45.45 17.07
N MET E 187 -3.84 -46.42 16.19
CA MET E 187 -3.22 -47.66 16.53
C MET E 187 -1.80 -47.38 16.87
N ILE E 188 -1.08 -46.58 16.05
CA ILE E 188 0.31 -46.29 16.32
C ILE E 188 0.39 -45.62 17.65
N HIS E 189 -0.44 -44.61 17.93
CA HIS E 189 -0.44 -43.99 19.23
C HIS E 189 -0.76 -44.92 20.38
N THR E 190 -1.49 -46.05 20.14
CA THR E 190 -1.72 -47.05 21.16
C THR E 190 -0.47 -47.78 21.59
N ARG E 191 0.61 -47.82 20.77
CA ARG E 191 1.79 -48.57 21.13
C ARG E 191 2.39 -48.01 22.36
N ASN E 192 2.38 -46.67 22.41
CA ASN E 192 2.97 -45.94 23.48
C ASN E 192 2.22 -46.11 24.74
N MET E 193 0.89 -45.93 24.71
CA MET E 193 0.13 -45.92 25.93
C MET E 193 -0.91 -46.98 25.92
N PRO E 194 -1.22 -47.60 27.07
CA PRO E 194 -2.35 -48.51 27.20
C PRO E 194 -3.59 -47.69 27.12
N LEU E 195 -4.71 -48.29 26.68
CA LEU E 195 -5.96 -47.60 26.56
C LEU E 195 -6.71 -47.73 27.84
N GLY E 196 -6.06 -48.24 28.91
CA GLY E 196 -6.69 -48.44 30.18
C GLY E 196 -7.49 -49.71 30.18
N MET E 197 -7.50 -50.45 29.05
CA MET E 197 -8.11 -51.73 28.89
C MET E 197 -8.08 -51.95 27.41
N SER E 198 -7.55 -53.12 27.03
CA SER E 198 -7.42 -53.54 25.67
C SER E 198 -7.94 -54.94 25.60
N GLU E 199 -8.28 -55.38 24.37
CA GLU E 199 -8.58 -56.74 23.99
C GLU E 199 -8.46 -56.60 22.49
N GLU E 200 -8.45 -57.71 21.72
CA GLU E 200 -8.62 -57.66 20.28
C GLU E 200 -9.91 -56.93 19.93
N GLU E 201 -10.88 -57.13 20.86
CA GLU E 201 -12.15 -56.49 20.93
C GLU E 201 -12.00 -55.02 21.07
N LYS E 202 -11.16 -54.51 22.01
CA LYS E 202 -10.85 -53.11 22.09
C LYS E 202 -10.29 -52.53 20.81
N ASN E 203 -9.35 -53.23 20.12
CA ASN E 203 -8.93 -52.86 18.78
C ASN E 203 -10.11 -52.71 17.84
N LYS E 204 -11.04 -53.67 17.83
CA LYS E 204 -12.30 -53.46 17.12
C LYS E 204 -13.13 -52.29 17.62
N PHE E 205 -13.18 -52.01 18.94
CA PHE E 205 -13.83 -50.84 19.53
C PHE E 205 -13.20 -49.61 19.02
N LEU E 206 -11.87 -49.55 19.01
CA LEU E 206 -11.13 -48.51 18.38
C LEU E 206 -11.49 -48.39 16.93
N GLU E 207 -11.74 -49.52 16.21
CA GLU E 207 -12.23 -49.47 14.85
C GLU E 207 -13.44 -48.61 14.73
N GLU E 208 -14.49 -48.85 15.55
CA GLU E 208 -15.67 -48.01 15.48
C GLU E 208 -15.45 -46.65 16.10
N MET E 209 -14.50 -46.51 17.05
CA MET E 209 -14.06 -45.25 17.63
C MET E 209 -13.66 -44.34 16.52
N ALA E 210 -12.93 -44.93 15.55
CA ALA E 210 -12.42 -44.22 14.43
C ALA E 210 -13.51 -43.84 13.49
N ASP E 211 -14.51 -44.71 13.30
CA ASP E 211 -15.66 -44.34 12.53
C ASP E 211 -16.46 -43.23 13.18
N TYR E 212 -16.30 -43.00 14.51
CA TYR E 212 -17.04 -41.97 15.22
C TYR E 212 -16.85 -40.58 14.73
N THR E 213 -15.73 -40.26 14.05
CA THR E 213 -15.67 -39.02 13.33
C THR E 213 -15.13 -39.44 12.03
N TYR E 214 -15.12 -38.52 11.05
CA TYR E 214 -14.65 -38.76 9.72
C TYR E 214 -13.17 -38.96 9.75
N GLY E 215 -12.58 -38.49 10.85
CA GLY E 215 -11.19 -38.55 11.10
C GLY E 215 -10.81 -37.16 10.88
N PHE E 216 -10.01 -36.64 11.82
CA PHE E 216 -9.50 -35.30 11.81
C PHE E 216 -8.31 -35.25 10.88
N VAL E 217 -7.31 -34.43 11.25
CA VAL E 217 -6.04 -34.27 10.59
C VAL E 217 -5.14 -35.12 11.44
N GLY E 218 -3.96 -35.56 10.96
CA GLY E 218 -3.15 -36.55 11.65
C GLY E 218 -2.78 -36.10 13.02
N ALA E 219 -2.28 -34.86 13.10
CA ALA E 219 -1.97 -34.19 14.33
C ALA E 219 -3.14 -34.16 15.27
N ASP E 220 -4.29 -33.65 14.79
CA ASP E 220 -5.51 -33.54 15.56
C ASP E 220 -5.96 -34.86 16.10
N LEU E 221 -5.91 -35.92 15.30
CA LEU E 221 -6.24 -37.25 15.73
C LEU E 221 -5.41 -37.60 16.90
N ALA E 222 -4.09 -37.43 16.80
CA ALA E 222 -3.23 -37.62 17.94
C ALA E 222 -3.55 -36.76 19.14
N ALA E 223 -4.13 -35.57 18.93
CA ALA E 223 -4.46 -34.70 20.01
C ALA E 223 -5.65 -35.21 20.70
N LEU E 224 -6.57 -35.87 19.96
CA LEU E 224 -7.71 -36.49 20.56
C LEU E 224 -7.25 -37.44 21.61
N VAL E 225 -6.29 -38.30 21.27
CA VAL E 225 -5.77 -39.22 22.24
C VAL E 225 -5.24 -38.54 23.47
N ARG E 226 -4.56 -37.38 23.32
CA ARG E 226 -4.08 -36.66 24.46
C ARG E 226 -5.15 -36.17 25.36
N GLU E 227 -6.26 -35.68 24.80
CA GLU E 227 -7.37 -35.22 25.59
C GLU E 227 -7.91 -36.27 26.50
N SER E 228 -8.13 -37.47 25.95
CA SER E 228 -8.72 -38.60 26.60
C SER E 228 -7.96 -38.92 27.82
N ALA E 229 -6.63 -39.04 27.62
CA ALA E 229 -5.64 -39.23 28.64
C ALA E 229 -5.82 -38.25 29.75
N MET E 230 -5.71 -36.95 29.44
CA MET E 230 -5.84 -35.87 30.39
C MET E 230 -7.11 -35.97 31.17
N ASN E 231 -8.24 -36.10 30.44
CA ASN E 231 -9.55 -36.15 31.01
C ASN E 231 -9.64 -37.32 31.94
N ALA E 232 -9.29 -38.54 31.47
CA ALA E 232 -9.33 -39.72 32.30
C ALA E 232 -8.43 -39.64 33.49
N LEU E 233 -7.28 -38.95 33.33
CA LEU E 233 -6.34 -38.75 34.39
C LEU E 233 -6.90 -37.89 35.46
N ARG E 234 -7.94 -37.09 35.16
CA ARG E 234 -8.62 -36.27 36.14
C ARG E 234 -9.33 -37.19 37.07
N ARG E 235 -9.98 -38.23 36.54
CA ARG E 235 -10.70 -39.21 37.32
C ARG E 235 -9.83 -39.85 38.36
N TYR E 236 -8.56 -40.14 38.03
CA TYR E 236 -7.69 -40.75 38.99
C TYR E 236 -6.88 -39.69 39.67
N LEU E 237 -7.06 -38.41 39.29
CA LEU E 237 -6.30 -37.34 39.87
C LEU E 237 -6.49 -37.22 41.34
N PRO E 238 -7.64 -37.25 42.01
CA PRO E 238 -7.63 -36.98 43.43
C PRO E 238 -7.09 -38.15 44.19
N GLU E 239 -6.95 -39.32 43.54
CA GLU E 239 -6.51 -40.50 44.24
C GLU E 239 -5.02 -40.51 44.33
N ILE E 240 -4.34 -40.42 43.17
CA ILE E 240 -2.91 -40.48 43.10
C ILE E 240 -2.36 -39.26 43.76
N ASP E 241 -2.92 -38.10 43.37
CA ASP E 241 -2.50 -36.83 43.89
C ASP E 241 -3.33 -36.68 45.11
N LEU E 242 -2.62 -36.85 46.21
CA LEU E 242 -3.13 -36.92 47.52
C LEU E 242 -1.90 -36.75 48.34
N ASP E 243 -0.70 -36.77 47.69
CA ASP E 243 0.53 -36.63 48.39
C ASP E 243 1.52 -36.06 47.45
N LYS E 244 2.46 -35.32 48.05
CA LYS E 244 3.55 -34.66 47.39
C LYS E 244 4.45 -35.70 46.79
N PRO E 245 4.94 -36.78 47.42
CA PRO E 245 5.72 -37.77 46.72
C PRO E 245 4.82 -38.52 45.80
N ILE E 246 5.39 -39.15 44.75
CA ILE E 246 4.63 -39.81 43.73
C ILE E 246 4.83 -41.28 43.97
N PRO E 247 3.80 -42.04 44.35
CA PRO E 247 3.96 -43.44 44.65
C PRO E 247 3.68 -44.19 43.38
N THR E 248 4.72 -44.90 42.90
CA THR E 248 4.60 -45.75 41.76
C THR E 248 4.21 -47.11 42.24
N GLU E 249 3.91 -47.24 43.55
CA GLU E 249 3.39 -48.44 44.14
C GLU E 249 2.06 -48.71 43.51
N ILE E 250 1.27 -47.62 43.37
CA ILE E 250 0.13 -47.63 42.53
C ILE E 250 0.66 -47.23 41.19
N LEU E 251 0.59 -48.15 40.20
CA LEU E 251 1.11 -47.91 38.88
C LEU E 251 0.25 -48.69 37.98
N GLU E 252 -0.14 -48.05 36.86
CA GLU E 252 -1.00 -48.59 35.84
C GLU E 252 -2.31 -49.00 36.45
N LYS E 253 -2.85 -48.10 37.30
CA LYS E 253 -4.18 -48.24 37.81
C LYS E 253 -4.96 -47.07 37.30
N MET E 254 -4.29 -46.12 36.59
CA MET E 254 -5.00 -45.17 35.78
C MET E 254 -5.53 -45.94 34.60
N VAL E 255 -6.70 -45.52 34.11
CA VAL E 255 -7.44 -46.24 33.12
C VAL E 255 -8.03 -45.13 32.31
N VAL E 256 -8.21 -45.38 31.00
CA VAL E 256 -8.90 -44.50 30.11
C VAL E 256 -10.04 -45.39 29.70
N THR E 257 -11.27 -44.84 29.57
CA THR E 257 -12.44 -45.62 29.23
C THR E 257 -12.85 -45.15 27.88
N GLU E 258 -13.55 -46.02 27.12
CA GLU E 258 -14.06 -45.68 25.81
C GLU E 258 -14.88 -44.42 25.85
N ASP E 259 -15.62 -44.21 26.96
CA ASP E 259 -16.40 -43.04 27.23
C ASP E 259 -15.58 -41.79 27.36
N ASP E 260 -14.34 -41.87 27.88
CA ASP E 260 -13.43 -40.75 27.95
C ASP E 260 -13.19 -40.19 26.58
N PHE E 261 -12.86 -41.08 25.62
CA PHE E 261 -12.75 -40.71 24.23
C PHE E 261 -14.00 -40.04 23.74
N LYS E 262 -15.17 -40.65 23.98
CA LYS E 262 -16.46 -40.09 23.64
C LYS E 262 -16.69 -38.70 24.19
N ASN E 263 -16.22 -38.43 25.42
CA ASN E 263 -16.37 -37.13 26.02
C ASN E 263 -15.38 -36.18 25.46
N ALA E 264 -14.29 -36.66 24.87
CA ALA E 264 -13.34 -35.81 24.23
C ALA E 264 -13.84 -35.45 22.87
N LEU E 265 -14.59 -36.35 22.20
CA LEU E 265 -15.14 -36.11 20.89
C LEU E 265 -15.96 -34.88 20.86
N LYS E 266 -16.64 -34.58 21.99
CA LYS E 266 -17.24 -33.29 22.16
C LYS E 266 -16.12 -32.53 22.79
N SER E 267 -15.72 -31.46 22.07
CA SER E 267 -14.67 -30.58 22.44
C SER E 267 -13.37 -31.24 22.11
N ILE E 268 -13.09 -31.32 20.79
CA ILE E 268 -11.79 -31.67 20.30
C ILE E 268 -11.74 -31.10 18.91
N GLU E 269 -12.89 -30.70 18.36
CA GLU E 269 -13.07 -30.07 17.08
C GLU E 269 -12.64 -30.93 15.90
N PRO E 270 -13.12 -30.72 14.68
CA PRO E 270 -12.83 -31.60 13.56
C PRO E 270 -11.42 -31.38 13.16
N SER E 271 -11.14 -30.19 12.67
CA SER E 271 -9.83 -29.73 12.39
C SER E 271 -10.06 -28.31 12.64
N SER E 272 -9.13 -27.67 13.35
CA SER E 272 -9.27 -26.31 13.79
C SER E 272 -9.51 -25.40 12.63
N LEU E 273 -8.90 -25.81 11.50
CA LEU E 273 -8.88 -25.23 10.20
C LEU E 273 -9.81 -24.10 9.93
N ARG E 274 -9.16 -23.09 9.34
CA ARG E 274 -9.60 -21.78 8.94
C ARG E 274 -10.07 -20.92 10.08
N GLU E 275 -10.01 -19.59 9.79
CA GLU E 275 -10.23 -18.47 10.66
C GLU E 275 -11.65 -18.37 11.10
N VAL E 276 -12.55 -18.98 10.32
CA VAL E 276 -13.95 -19.12 10.60
C VAL E 276 -14.11 -20.03 11.78
N MET E 277 -13.04 -20.83 12.04
CA MET E 277 -12.81 -21.66 13.17
C MET E 277 -13.93 -22.62 13.17
N VAL E 278 -14.89 -22.40 14.10
CA VAL E 278 -16.15 -23.09 14.20
C VAL E 278 -17.03 -22.08 14.93
N GLU E 279 -18.02 -22.59 15.68
CA GLU E 279 -19.03 -21.93 16.48
C GLU E 279 -19.45 -23.08 17.34
N VAL E 280 -20.45 -22.94 18.26
CA VAL E 280 -20.84 -24.12 19.02
C VAL E 280 -22.35 -24.15 19.20
N PRO E 281 -23.06 -25.24 18.83
CA PRO E 281 -24.51 -25.35 19.02
C PRO E 281 -24.70 -26.28 20.19
N ASN E 282 -25.91 -26.85 20.40
CA ASN E 282 -26.12 -27.70 21.56
C ASN E 282 -27.46 -28.38 21.49
N VAL E 283 -28.07 -28.53 20.30
CA VAL E 283 -29.43 -29.03 20.20
C VAL E 283 -29.42 -30.35 19.47
N HIS E 284 -30.31 -31.30 19.85
CA HIS E 284 -30.40 -32.63 19.30
C HIS E 284 -31.75 -32.77 18.66
N TRP E 285 -31.92 -33.73 17.68
CA TRP E 285 -33.16 -33.86 16.92
C TRP E 285 -34.34 -34.07 17.80
N ASP E 286 -34.12 -34.83 18.90
CA ASP E 286 -35.11 -35.05 19.91
C ASP E 286 -35.64 -33.79 20.52
N ASP E 287 -34.75 -32.80 20.68
CA ASP E 287 -35.13 -31.52 21.20
C ASP E 287 -35.85 -30.66 20.21
N ILE E 288 -35.94 -31.07 18.93
CA ILE E 288 -36.63 -30.25 17.97
C ILE E 288 -38.02 -30.75 17.92
N GLY E 289 -38.95 -29.78 18.01
CA GLY E 289 -40.35 -30.01 18.03
C GLY E 289 -40.95 -29.59 16.73
N GLY E 290 -42.04 -30.30 16.38
CA GLY E 290 -42.85 -30.06 15.23
C GLY E 290 -42.21 -30.54 13.99
N LEU E 291 -43.00 -30.45 12.90
CA LEU E 291 -42.64 -30.70 11.54
C LEU E 291 -42.04 -32.04 11.36
N GLU E 292 -42.71 -33.07 11.91
CA GLU E 292 -42.31 -34.45 11.87
C GLU E 292 -42.12 -34.93 10.46
N ASP E 293 -42.94 -34.45 9.52
CA ASP E 293 -42.91 -34.82 8.12
C ASP E 293 -41.65 -34.32 7.49
N VAL E 294 -41.35 -33.01 7.72
CA VAL E 294 -40.21 -32.31 7.18
C VAL E 294 -39.01 -33.00 7.75
N LYS E 295 -39.03 -33.27 9.07
CA LYS E 295 -37.98 -33.91 9.80
C LYS E 295 -37.65 -35.21 9.14
N ARG E 296 -38.67 -36.04 8.83
CA ARG E 296 -38.49 -37.30 8.18
C ARG E 296 -37.81 -37.16 6.86
N GLU E 297 -38.14 -36.14 6.05
CA GLU E 297 -37.37 -35.98 4.84
C GLU E 297 -36.03 -35.32 5.05
N ILE E 298 -35.91 -34.23 5.84
CA ILE E 298 -34.64 -33.52 5.98
C ILE E 298 -33.61 -34.41 6.55
N LYS E 299 -34.03 -35.22 7.54
CA LYS E 299 -33.20 -36.20 8.14
C LYS E 299 -32.77 -37.18 7.12
N GLU E 300 -33.69 -37.81 6.36
CA GLU E 300 -33.30 -38.80 5.40
C GLU E 300 -32.41 -38.28 4.32
N THR E 301 -32.46 -36.98 4.00
CA THR E 301 -31.59 -36.43 3.01
C THR E 301 -30.22 -36.35 3.56
N VAL E 302 -30.04 -35.84 4.80
CA VAL E 302 -28.69 -35.74 5.29
C VAL E 302 -28.18 -37.08 5.77
N GLU E 303 -28.98 -37.79 6.57
CA GLU E 303 -28.53 -38.95 7.27
C GLU E 303 -28.22 -40.10 6.37
N LEU E 304 -29.08 -40.42 5.39
CA LEU E 304 -28.91 -41.63 4.62
C LEU E 304 -27.55 -41.80 4.00
N PRO E 305 -27.02 -40.92 3.16
CA PRO E 305 -25.71 -41.11 2.59
C PRO E 305 -24.65 -41.17 3.65
N LEU E 306 -24.73 -40.28 4.66
CA LEU E 306 -23.65 -40.13 5.59
C LEU E 306 -23.57 -41.23 6.57
N LEU E 307 -24.71 -41.63 7.16
CA LEU E 307 -24.74 -42.58 8.23
C LEU E 307 -24.55 -43.95 7.67
N LYS E 308 -25.13 -44.22 6.48
CA LYS E 308 -24.96 -45.51 5.87
C LYS E 308 -24.61 -45.26 4.44
N PRO E 309 -23.33 -45.09 4.12
CA PRO E 309 -22.85 -44.95 2.76
C PRO E 309 -23.12 -46.18 1.97
N ASP E 310 -22.94 -47.35 2.61
CA ASP E 310 -22.91 -48.63 1.97
C ASP E 310 -24.17 -48.90 1.21
N VAL E 311 -25.33 -48.79 1.89
CA VAL E 311 -26.62 -48.97 1.26
C VAL E 311 -26.91 -47.98 0.17
N PHE E 312 -26.25 -46.80 0.20
CA PHE E 312 -26.48 -45.80 -0.80
C PHE E 312 -25.78 -46.16 -2.06
N LYS E 313 -24.68 -46.94 -1.96
CA LYS E 313 -24.01 -47.44 -3.13
C LYS E 313 -24.79 -48.60 -3.63
N ARG E 314 -25.49 -49.32 -2.71
CA ARG E 314 -26.36 -50.41 -3.05
C ARG E 314 -27.48 -49.94 -3.92
N LEU E 315 -27.93 -48.68 -3.71
CA LEU E 315 -28.85 -48.03 -4.59
C LEU E 315 -28.13 -47.73 -5.86
N GLY E 316 -26.99 -47.04 -5.70
CA GLY E 316 -26.15 -46.67 -6.81
C GLY E 316 -26.65 -45.39 -7.37
N ILE E 317 -27.17 -44.48 -6.52
CA ILE E 317 -27.61 -43.18 -6.93
C ILE E 317 -26.74 -42.22 -6.19
N ARG E 318 -26.22 -41.19 -6.89
CA ARG E 318 -25.29 -40.28 -6.31
C ARG E 318 -25.99 -39.39 -5.32
N PRO E 319 -25.51 -39.22 -4.10
CA PRO E 319 -26.08 -38.35 -3.09
C PRO E 319 -26.57 -37.01 -3.53
N SER E 320 -27.57 -36.49 -2.81
CA SER E 320 -28.18 -35.22 -3.08
C SER E 320 -27.26 -34.21 -2.50
N LYS E 321 -26.91 -33.20 -3.32
CA LYS E 321 -25.99 -32.14 -2.97
C LYS E 321 -26.44 -31.35 -1.78
N GLY E 322 -27.76 -31.26 -1.55
CA GLY E 322 -28.25 -30.52 -0.43
C GLY E 322 -29.60 -30.00 -0.77
N PHE E 323 -30.14 -29.10 0.07
CA PHE E 323 -31.49 -28.65 -0.05
C PHE E 323 -31.54 -27.33 0.66
N LEU E 324 -32.61 -26.58 0.39
CA LEU E 324 -32.83 -25.22 0.80
C LEU E 324 -34.01 -25.29 1.70
N LEU E 325 -34.09 -24.39 2.69
CA LEU E 325 -35.22 -24.31 3.56
C LEU E 325 -35.77 -22.96 3.26
N TYR E 326 -37.10 -22.88 3.09
CA TYR E 326 -37.76 -21.63 2.82
C TYR E 326 -39.07 -21.72 3.51
N GLY E 327 -39.51 -20.60 4.11
CA GLY E 327 -40.73 -20.58 4.86
C GLY E 327 -40.88 -19.17 5.32
N PRO E 328 -41.95 -18.86 6.03
CA PRO E 328 -42.22 -17.51 6.50
C PRO E 328 -41.14 -17.13 7.46
N PRO E 329 -40.63 -15.92 7.50
CA PRO E 329 -39.55 -15.53 8.36
C PRO E 329 -39.93 -15.73 9.79
N GLY E 330 -38.93 -15.87 10.67
CA GLY E 330 -39.17 -16.02 12.08
C GLY E 330 -39.51 -17.42 12.46
N VAL E 331 -39.16 -18.42 11.62
CA VAL E 331 -39.38 -19.79 12.01
C VAL E 331 -38.09 -20.33 12.55
N GLY E 332 -36.99 -19.52 12.59
CA GLY E 332 -35.73 -19.90 13.21
C GLY E 332 -35.28 -21.20 12.66
N LYS E 333 -35.09 -21.19 11.33
CA LYS E 333 -34.73 -22.28 10.46
C LYS E 333 -33.59 -23.03 11.03
N THR E 334 -32.58 -22.24 11.42
CA THR E 334 -31.28 -22.56 11.91
C THR E 334 -31.34 -23.56 13.03
N LEU E 335 -32.46 -23.61 13.79
CA LEU E 335 -32.55 -24.47 14.93
C LEU E 335 -32.76 -25.84 14.38
N LEU E 336 -33.57 -26.02 13.31
CA LEU E 336 -33.69 -27.29 12.65
C LEU E 336 -32.33 -27.68 12.16
N ALA E 337 -31.68 -26.79 11.37
CA ALA E 337 -30.38 -27.07 10.82
C ALA E 337 -29.30 -27.52 11.78
N LYS E 338 -29.08 -26.77 12.87
CA LYS E 338 -28.07 -27.11 13.87
C LYS E 338 -28.25 -28.45 14.47
N ALA E 339 -29.51 -28.83 14.68
CA ALA E 339 -29.88 -30.09 15.27
C ALA E 339 -29.47 -31.24 14.42
N VAL E 340 -29.91 -31.26 13.14
CA VAL E 340 -29.61 -32.31 12.20
C VAL E 340 -28.14 -32.46 12.08
N ALA E 341 -27.44 -31.32 12.07
CA ALA E 341 -26.04 -31.30 11.91
C ALA E 341 -25.31 -31.86 13.08
N THR E 342 -25.84 -31.69 14.32
CA THR E 342 -25.21 -32.24 15.49
C THR E 342 -25.11 -33.73 15.36
N GLU E 343 -26.25 -34.41 15.14
CA GLU E 343 -26.31 -35.84 15.03
C GLU E 343 -25.56 -36.39 13.87
N SER E 344 -25.50 -35.68 12.72
CA SER E 344 -24.71 -36.17 11.63
C SER E 344 -23.30 -36.05 12.09
N ASN E 345 -22.57 -37.19 12.06
CA ASN E 345 -21.24 -37.27 12.61
C ASN E 345 -20.37 -36.34 11.84
N ALA E 346 -20.59 -36.31 10.50
CA ALA E 346 -20.02 -35.39 9.55
C ALA E 346 -20.21 -34.01 10.04
N ASN E 347 -19.07 -33.32 10.17
CA ASN E 347 -18.93 -32.02 10.75
C ASN E 347 -19.66 -31.01 9.96
N PHE E 348 -20.04 -29.93 10.63
CA PHE E 348 -20.95 -28.96 10.13
C PHE E 348 -20.09 -27.78 9.99
N ILE E 349 -20.40 -26.93 9.02
CA ILE E 349 -19.71 -25.71 8.87
C ILE E 349 -20.90 -24.89 8.74
N SER E 350 -20.88 -23.76 9.42
CA SER E 350 -21.94 -22.83 9.41
C SER E 350 -21.18 -21.60 9.23
N ILE E 351 -21.43 -20.89 8.13
CA ILE E 351 -20.89 -19.60 7.96
C ILE E 351 -22.15 -18.98 7.52
N LYS E 352 -22.60 -18.05 8.36
CA LYS E 352 -23.84 -17.37 8.17
C LYS E 352 -23.64 -16.34 7.14
N GLY E 353 -24.67 -16.26 6.29
CA GLY E 353 -24.74 -15.40 5.15
C GLY E 353 -24.41 -13.97 5.41
N PRO E 354 -24.96 -13.26 6.37
CA PRO E 354 -24.63 -11.86 6.56
C PRO E 354 -23.19 -11.67 6.89
N GLU E 355 -22.60 -12.59 7.68
CA GLU E 355 -21.22 -12.53 8.02
C GLU E 355 -20.38 -12.57 6.79
N VAL E 356 -20.54 -13.60 5.92
CA VAL E 356 -19.81 -13.67 4.69
C VAL E 356 -20.00 -12.51 3.74
N LEU E 357 -21.23 -11.99 3.58
CA LEU E 357 -21.47 -10.90 2.69
C LEU E 357 -20.83 -9.65 3.15
N SER E 358 -20.47 -9.55 4.45
CA SER E 358 -19.67 -8.47 4.95
C SER E 358 -18.24 -8.88 5.06
N LYS E 359 -17.91 -10.14 4.71
CA LYS E 359 -16.58 -10.63 4.80
C LYS E 359 -16.02 -10.41 3.44
N TRP E 360 -14.89 -9.68 3.43
CA TRP E 360 -14.23 -9.22 2.26
C TRP E 360 -12.83 -8.96 2.70
N VAL E 361 -11.95 -8.59 1.72
CA VAL E 361 -10.59 -8.22 2.01
C VAL E 361 -10.40 -6.84 1.40
N GLY E 362 -11.51 -6.18 0.95
CA GLY E 362 -11.49 -4.76 0.72
C GLY E 362 -12.60 -4.46 -0.23
N GLU E 363 -13.67 -5.29 -0.16
CA GLU E 363 -14.74 -5.36 -1.10
C GLU E 363 -14.27 -6.35 -2.14
N SER E 364 -14.01 -7.62 -1.73
CA SER E 364 -13.48 -8.68 -2.57
C SER E 364 -14.05 -10.00 -2.07
N GLU E 365 -14.61 -10.78 -3.02
CA GLU E 365 -15.34 -12.04 -2.85
C GLU E 365 -14.59 -13.20 -2.30
N LYS E 366 -13.26 -13.09 -2.15
CA LYS E 366 -12.36 -14.18 -1.88
C LYS E 366 -12.75 -15.03 -0.70
N ALA E 367 -13.54 -14.46 0.23
CA ALA E 367 -14.01 -15.13 1.40
C ALA E 367 -14.98 -16.19 1.01
N ILE E 368 -15.93 -15.90 0.10
CA ILE E 368 -16.92 -16.86 -0.34
C ILE E 368 -16.17 -18.02 -0.91
N ARG E 369 -15.19 -17.70 -1.78
CA ARG E 369 -14.31 -18.68 -2.34
C ARG E 369 -13.57 -19.49 -1.30
N GLU E 370 -13.24 -18.89 -0.13
CA GLU E 370 -12.57 -19.63 0.91
C GLU E 370 -13.49 -20.61 1.59
N ILE E 371 -14.81 -20.36 1.62
CA ILE E 371 -15.73 -21.25 2.29
C ILE E 371 -15.62 -22.63 1.72
N PHE E 372 -15.81 -22.75 0.41
CA PHE E 372 -15.79 -23.99 -0.29
C PHE E 372 -14.48 -24.68 -0.13
N LYS E 373 -13.38 -23.91 -0.22
CA LYS E 373 -12.05 -24.44 -0.02
C LYS E 373 -11.93 -25.17 1.29
N LYS E 374 -12.35 -24.51 2.38
CA LYS E 374 -12.36 -25.13 3.69
C LYS E 374 -13.27 -26.29 3.72
N ALA E 375 -14.36 -26.24 2.96
CA ALA E 375 -15.33 -27.29 2.99
C ALA E 375 -14.76 -28.48 2.33
N LYS E 376 -14.15 -28.29 1.16
CA LYS E 376 -13.55 -29.36 0.42
C LYS E 376 -12.60 -30.09 1.29
N GLN E 377 -11.74 -29.33 1.99
CA GLN E 377 -10.83 -29.93 2.92
C GLN E 377 -11.47 -30.67 4.07
N VAL E 378 -12.56 -30.15 4.65
CA VAL E 378 -13.10 -30.75 5.85
C VAL E 378 -14.09 -31.85 5.60
N ALA E 379 -14.39 -32.19 4.33
CA ALA E 379 -15.41 -33.17 4.01
C ALA E 379 -15.15 -34.57 4.56
N PRO E 380 -16.10 -35.48 4.86
CA PRO E 380 -17.53 -35.37 4.80
C PRO E 380 -18.00 -34.31 5.74
N ALA E 381 -18.83 -33.37 5.24
CA ALA E 381 -19.25 -32.23 6.00
C ALA E 381 -20.50 -31.65 5.44
N ILE E 382 -21.19 -30.82 6.25
CA ILE E 382 -22.35 -30.11 5.78
C ILE E 382 -21.97 -28.66 5.91
N VAL E 383 -21.89 -27.92 4.79
CA VAL E 383 -21.79 -26.48 4.79
C VAL E 383 -23.19 -25.96 4.91
N PHE E 384 -23.37 -24.86 5.68
CA PHE E 384 -24.64 -24.26 5.93
C PHE E 384 -24.48 -22.83 5.53
N LEU E 385 -25.44 -22.32 4.77
CA LEU E 385 -25.49 -20.96 4.35
C LEU E 385 -26.84 -20.54 4.80
N ASP E 386 -26.90 -19.50 5.64
CA ASP E 386 -28.14 -19.05 6.20
C ASP E 386 -28.42 -17.77 5.48
N GLU E 387 -29.72 -17.50 5.21
CA GLU E 387 -30.19 -16.38 4.43
C GLU E 387 -29.42 -16.19 3.17
N ILE E 388 -29.35 -17.24 2.34
CA ILE E 388 -28.63 -17.21 1.10
C ILE E 388 -29.15 -16.13 0.18
N ASP E 389 -30.43 -15.75 0.36
CA ASP E 389 -31.06 -14.64 -0.30
C ASP E 389 -30.34 -13.38 0.02
N SER E 390 -30.10 -13.16 1.33
CA SER E 390 -29.42 -12.01 1.81
C SER E 390 -28.08 -11.86 1.17
N ILE E 391 -27.37 -12.98 0.86
CA ILE E 391 -26.09 -12.83 0.21
C ILE E 391 -26.19 -12.84 -1.27
N ALA E 392 -27.36 -13.17 -1.83
CA ALA E 392 -27.45 -13.20 -3.24
C ALA E 392 -28.80 -12.74 -3.57
N PRO E 393 -28.98 -11.57 -4.12
CA PRO E 393 -30.27 -11.18 -4.63
C PRO E 393 -30.27 -11.60 -6.08
N ARG E 394 -31.28 -11.16 -6.84
CA ARG E 394 -31.36 -11.28 -8.27
C ARG E 394 -30.22 -10.52 -8.89
N ARG E 395 -29.72 -11.01 -10.04
CA ARG E 395 -28.60 -10.39 -10.72
C ARG E 395 -29.15 -9.42 -11.70
N GLY E 396 -30.49 -9.22 -11.68
CA GLY E 396 -31.18 -8.34 -12.56
C GLY E 396 -31.14 -6.93 -12.04
N THR E 397 -30.56 -6.71 -10.84
CA THR E 397 -30.45 -5.38 -10.28
C THR E 397 -29.19 -4.77 -10.85
N THR E 398 -29.34 -3.56 -11.44
CA THR E 398 -28.31 -2.89 -12.21
C THR E 398 -27.74 -1.72 -11.44
N SER E 399 -28.17 -1.52 -10.18
CA SER E 399 -27.68 -0.44 -9.34
C SER E 399 -26.53 -0.96 -8.51
N ASP E 400 -26.26 -2.28 -8.58
CA ASP E 400 -25.15 -2.94 -7.96
C ASP E 400 -23.88 -2.60 -8.69
N SER E 401 -22.75 -2.56 -7.95
CA SER E 401 -21.46 -2.23 -8.49
C SER E 401 -20.72 -3.52 -8.62
N GLY E 402 -20.08 -3.97 -7.54
CA GLY E 402 -19.39 -5.21 -7.54
C GLY E 402 -20.24 -6.14 -6.80
N VAL E 403 -21.33 -5.66 -6.16
CA VAL E 403 -22.20 -6.46 -5.34
C VAL E 403 -22.65 -7.66 -6.09
N THR E 404 -23.24 -7.46 -7.28
CA THR E 404 -23.59 -8.56 -8.13
C THR E 404 -22.37 -9.23 -8.68
N GLU E 405 -21.44 -8.45 -9.26
CA GLU E 405 -20.34 -8.97 -10.02
C GLU E 405 -19.53 -9.93 -9.21
N ARG E 406 -19.02 -9.44 -8.08
CA ARG E 406 -18.22 -10.18 -7.17
C ARG E 406 -18.92 -11.38 -6.66
N ILE E 407 -19.97 -11.23 -5.82
CA ILE E 407 -20.30 -12.32 -4.95
C ILE E 407 -21.32 -13.13 -5.65
N VAL E 408 -22.48 -12.57 -6.01
CA VAL E 408 -23.56 -13.34 -6.56
C VAL E 408 -23.16 -14.27 -7.68
N ASN E 409 -22.38 -13.77 -8.66
CA ASN E 409 -22.01 -14.63 -9.75
C ASN E 409 -21.05 -15.69 -9.32
N GLN E 410 -20.17 -15.35 -8.37
CA GLN E 410 -19.21 -16.28 -7.83
C GLN E 410 -19.91 -17.37 -7.12
N LEU E 411 -20.97 -17.03 -6.36
CA LEU E 411 -21.77 -17.93 -5.56
C LEU E 411 -22.18 -19.06 -6.40
N LEU E 412 -22.73 -18.74 -7.58
CA LEU E 412 -23.18 -19.70 -8.55
C LEU E 412 -22.11 -20.66 -8.83
N THR E 413 -20.99 -20.16 -9.36
CA THR E 413 -19.86 -20.94 -9.77
C THR E 413 -19.29 -21.72 -8.63
N SER E 414 -19.40 -21.22 -7.39
CA SER E 414 -18.85 -21.90 -6.24
C SER E 414 -19.75 -23.00 -5.82
N LEU E 415 -21.06 -22.89 -6.09
CA LEU E 415 -21.97 -23.94 -5.75
C LEU E 415 -21.76 -25.02 -6.77
N ASP E 416 -21.60 -24.62 -8.05
CA ASP E 416 -21.21 -25.44 -9.17
C ASP E 416 -19.87 -26.06 -8.90
N GLY E 417 -19.06 -25.38 -8.08
CA GLY E 417 -17.74 -25.76 -7.64
C GLY E 417 -17.65 -27.04 -6.86
N ILE E 418 -18.79 -27.56 -6.34
CA ILE E 418 -18.94 -28.80 -5.61
C ILE E 418 -18.10 -29.94 -6.16
N GLU E 419 -17.46 -30.71 -5.27
CA GLU E 419 -16.72 -31.86 -5.67
C GLU E 419 -17.54 -32.88 -4.99
N VAL E 420 -18.02 -33.85 -5.78
CA VAL E 420 -19.02 -34.81 -5.35
C VAL E 420 -18.29 -36.01 -4.84
N MET E 421 -16.96 -36.02 -5.07
CA MET E 421 -16.09 -36.94 -4.43
C MET E 421 -15.89 -36.46 -3.01
N ASN E 422 -16.24 -35.18 -2.74
CA ASN E 422 -16.26 -34.63 -1.41
C ASN E 422 -17.69 -34.60 -0.97
N GLY E 423 -17.86 -34.87 0.35
CA GLY E 423 -19.12 -35.07 1.00
C GLY E 423 -19.59 -33.83 1.63
N VAL E 424 -19.45 -32.71 0.91
CA VAL E 424 -19.91 -31.41 1.32
C VAL E 424 -21.38 -31.47 1.04
N VAL E 425 -22.24 -30.83 1.86
CA VAL E 425 -23.66 -30.92 1.66
C VAL E 425 -24.09 -29.54 2.02
N VAL E 426 -25.06 -29.00 1.29
CA VAL E 426 -25.45 -27.62 1.37
C VAL E 426 -26.79 -27.60 2.00
N ILE E 427 -26.91 -26.92 3.16
CA ILE E 427 -28.20 -26.78 3.75
C ILE E 427 -28.30 -25.30 3.68
N GLY E 428 -29.20 -24.86 2.78
CA GLY E 428 -29.48 -23.49 2.48
C GLY E 428 -30.68 -23.13 3.27
N ALA E 429 -30.81 -21.83 3.54
CA ALA E 429 -31.93 -21.28 4.26
C ALA E 429 -32.18 -19.91 3.73
N THR E 430 -33.47 -19.53 3.60
CA THR E 430 -33.86 -18.27 3.04
C THR E 430 -35.25 -17.99 3.56
N ASN E 431 -35.64 -16.70 3.56
CA ASN E 431 -36.93 -16.28 4.06
C ASN E 431 -37.82 -16.24 2.87
N ARG E 432 -37.38 -15.57 1.79
CA ARG E 432 -38.16 -15.39 0.60
C ARG E 432 -37.32 -15.85 -0.55
N PRO E 433 -37.65 -16.96 -1.22
CA PRO E 433 -36.94 -17.48 -2.36
C PRO E 433 -36.84 -16.53 -3.48
N ASP E 434 -37.89 -15.76 -3.75
CA ASP E 434 -37.94 -14.91 -4.90
C ASP E 434 -36.83 -13.91 -4.92
N ILE E 435 -36.37 -13.45 -3.73
CA ILE E 435 -35.37 -12.44 -3.61
C ILE E 435 -34.07 -12.83 -4.27
N MET E 436 -33.62 -14.10 -4.19
CA MET E 436 -32.40 -14.49 -4.84
C MET E 436 -32.50 -14.63 -6.34
N ASP E 437 -31.32 -14.68 -7.03
CA ASP E 437 -31.24 -14.87 -8.45
C ASP E 437 -31.71 -16.25 -8.75
N PRO E 438 -32.64 -16.47 -9.68
CA PRO E 438 -33.14 -17.78 -9.99
C PRO E 438 -32.13 -18.79 -10.41
N ALA E 439 -30.92 -18.40 -10.86
CA ALA E 439 -29.92 -19.38 -11.18
C ALA E 439 -29.57 -20.25 -10.01
N LEU E 440 -29.70 -19.70 -8.79
CA LEU E 440 -29.44 -20.45 -7.60
C LEU E 440 -30.57 -21.35 -7.29
N LEU E 441 -31.77 -21.02 -7.81
CA LEU E 441 -32.96 -21.81 -7.63
C LEU E 441 -33.02 -22.85 -8.69
N ARG E 442 -32.01 -22.90 -9.59
CA ARG E 442 -31.89 -24.03 -10.44
C ARG E 442 -31.46 -25.13 -9.55
N ALA E 443 -32.10 -26.29 -9.73
CA ALA E 443 -31.94 -27.44 -8.89
C ALA E 443 -30.51 -27.88 -8.89
N GLY E 444 -30.07 -28.61 -7.86
CA GLY E 444 -28.73 -29.12 -7.80
C GLY E 444 -27.95 -28.21 -6.93
N ARG E 445 -28.13 -26.88 -7.13
CA ARG E 445 -27.61 -25.89 -6.22
C ARG E 445 -28.38 -26.13 -4.97
N PHE E 446 -29.70 -26.36 -5.13
CA PHE E 446 -30.50 -26.93 -4.08
C PHE E 446 -31.27 -28.00 -4.77
N ASP E 447 -31.22 -29.25 -4.26
CA ASP E 447 -31.87 -30.36 -4.88
C ASP E 447 -33.34 -30.28 -4.61
N LYS E 448 -33.75 -29.88 -3.38
CA LYS E 448 -35.16 -29.82 -3.07
C LYS E 448 -35.35 -28.45 -2.52
N LEU E 449 -36.61 -27.97 -2.54
CA LEU E 449 -36.97 -26.68 -1.99
C LEU E 449 -37.97 -27.02 -0.96
N ILE E 450 -37.62 -26.80 0.31
CA ILE E 450 -38.43 -27.19 1.41
C ILE E 450 -39.22 -25.99 1.79
N TYR E 451 -40.54 -26.05 1.57
CA TYR E 451 -41.47 -25.07 2.04
C TYR E 451 -41.70 -25.48 3.46
N ILE E 452 -41.82 -24.52 4.37
CA ILE E 452 -42.12 -24.84 5.74
C ILE E 452 -43.54 -24.35 5.80
N PRO E 453 -44.57 -25.18 5.98
CA PRO E 453 -45.92 -24.71 6.07
C PRO E 453 -46.04 -24.10 7.44
N PRO E 454 -46.76 -23.01 7.68
CA PRO E 454 -46.81 -22.33 8.97
C PRO E 454 -47.23 -23.25 10.09
N PRO E 455 -46.91 -23.01 11.36
CA PRO E 455 -47.22 -23.92 12.45
C PRO E 455 -48.68 -24.24 12.54
N ASP E 456 -49.05 -25.52 12.40
CA ASP E 456 -50.41 -25.96 12.48
C ASP E 456 -50.68 -26.09 13.94
N LYS E 457 -51.95 -26.03 14.34
CA LYS E 457 -52.43 -26.26 15.67
C LYS E 457 -51.92 -27.57 16.22
N GLU E 458 -52.02 -28.66 15.43
CA GLU E 458 -51.54 -29.97 15.80
C GLU E 458 -50.06 -29.96 16.07
N ALA E 459 -49.29 -29.24 15.24
CA ALA E 459 -47.88 -29.11 15.46
C ALA E 459 -47.60 -28.23 16.63
N ARG E 460 -48.47 -27.24 16.90
CA ARG E 460 -48.40 -26.43 18.09
C ARG E 460 -48.38 -27.29 19.28
N LEU E 461 -49.20 -28.37 19.28
CA LEU E 461 -49.25 -29.30 20.38
C LEU E 461 -47.91 -29.84 20.72
N SER E 462 -47.08 -30.18 19.71
CA SER E 462 -45.79 -30.65 20.10
C SER E 462 -44.85 -29.53 20.42
N ILE E 463 -44.77 -28.46 19.60
CA ILE E 463 -43.80 -27.40 19.85
C ILE E 463 -43.91 -26.68 21.16
N LEU E 464 -45.15 -26.48 21.64
CA LEU E 464 -45.43 -25.67 22.79
C LEU E 464 -45.09 -26.43 24.01
N LYS E 465 -45.50 -27.71 24.05
CA LYS E 465 -45.32 -28.58 25.20
C LYS E 465 -43.87 -28.72 25.46
N VAL E 466 -43.13 -29.00 24.37
CA VAL E 466 -41.71 -29.11 24.29
C VAL E 466 -41.08 -27.86 24.79
N HIS E 467 -41.68 -26.68 24.50
CA HIS E 467 -41.05 -25.46 24.90
C HIS E 467 -41.27 -25.24 26.38
N THR E 468 -42.43 -25.61 26.95
CA THR E 468 -42.65 -25.35 28.36
C THR E 468 -42.11 -26.48 29.22
N LYS E 469 -41.51 -27.54 28.62
CA LYS E 469 -40.85 -28.61 29.34
C LYS E 469 -39.81 -28.12 30.32
N ASN E 470 -39.02 -27.11 29.89
CA ASN E 470 -37.98 -26.45 30.65
C ASN E 470 -38.55 -25.71 31.81
N MET E 471 -39.68 -25.01 31.58
CA MET E 471 -40.37 -24.22 32.57
C MET E 471 -41.00 -25.14 33.57
N PRO E 472 -41.29 -24.73 34.80
CA PRO E 472 -42.14 -25.48 35.71
C PRO E 472 -43.56 -25.34 35.20
N LEU E 473 -44.40 -26.38 35.32
CA LEU E 473 -45.67 -26.45 34.65
C LEU E 473 -46.60 -27.06 35.64
N ALA E 474 -47.93 -26.89 35.47
CA ALA E 474 -48.88 -27.49 36.37
C ALA E 474 -50.07 -27.87 35.54
N PRO E 475 -50.89 -28.85 35.95
CA PRO E 475 -52.07 -29.23 35.20
C PRO E 475 -53.20 -28.38 35.69
N ASP E 476 -53.59 -27.46 34.82
CA ASP E 476 -54.60 -26.45 34.95
C ASP E 476 -54.33 -25.64 33.72
N VAL E 477 -53.63 -26.25 32.75
CA VAL E 477 -53.20 -25.71 31.50
C VAL E 477 -53.80 -26.70 30.57
N ASP E 478 -54.37 -26.22 29.47
CA ASP E 478 -54.95 -27.08 28.47
C ASP E 478 -54.14 -26.68 27.31
N LEU E 479 -53.33 -27.63 26.81
CA LEU E 479 -52.38 -27.29 25.79
C LEU E 479 -53.15 -27.22 24.53
N ASN E 480 -54.06 -28.21 24.31
CA ASN E 480 -54.86 -28.18 23.13
C ASN E 480 -55.77 -26.98 23.06
N ASP E 481 -56.14 -26.37 24.20
CA ASP E 481 -56.93 -25.17 24.16
C ASP E 481 -56.28 -24.00 23.48
N ILE E 482 -55.09 -23.59 23.97
CA ILE E 482 -54.41 -22.44 23.44
C ILE E 482 -53.97 -22.62 22.03
N ALA E 483 -53.63 -23.87 21.67
CA ALA E 483 -53.20 -24.27 20.36
C ALA E 483 -54.29 -24.03 19.38
N GLN E 484 -55.47 -24.58 19.73
CA GLN E 484 -56.68 -24.47 18.97
C GLN E 484 -57.16 -23.06 18.89
N ARG E 485 -56.64 -22.12 19.74
CA ARG E 485 -57.10 -20.76 19.66
C ARG E 485 -56.46 -20.05 18.51
N THR E 486 -55.14 -20.23 18.31
CA THR E 486 -54.52 -19.37 17.35
C THR E 486 -53.42 -20.16 16.77
N GLU E 487 -53.48 -20.26 15.44
CA GLU E 487 -52.49 -20.89 14.64
C GLU E 487 -51.69 -19.78 14.03
N GLY E 488 -52.05 -18.51 14.35
CA GLY E 488 -51.53 -17.34 13.71
C GLY E 488 -50.17 -17.01 14.22
N TYR E 489 -49.71 -17.84 15.17
CA TYR E 489 -48.45 -17.75 15.80
C TYR E 489 -47.41 -18.33 14.87
N VAL E 490 -46.16 -17.88 15.08
CA VAL E 490 -44.99 -18.38 14.42
C VAL E 490 -44.32 -19.08 15.56
N GLY E 491 -43.11 -19.64 15.40
CA GLY E 491 -42.49 -20.36 16.48
C GLY E 491 -41.88 -19.43 17.46
N ALA E 492 -41.33 -18.32 16.97
CA ALA E 492 -40.65 -17.37 17.79
C ALA E 492 -41.60 -16.72 18.72
N ASP E 493 -42.81 -16.36 18.27
CA ASP E 493 -43.76 -15.81 19.19
C ASP E 493 -44.28 -16.81 20.18
N LEU E 494 -44.72 -18.03 19.81
CA LEU E 494 -45.20 -18.97 20.82
C LEU E 494 -44.18 -19.32 21.86
N GLU E 495 -42.89 -19.29 21.47
CA GLU E 495 -41.75 -19.30 22.36
C GLU E 495 -41.91 -18.28 23.44
N ASN E 496 -42.01 -17.03 22.98
CA ASN E 496 -42.18 -15.86 23.78
C ASN E 496 -43.46 -15.96 24.55
N LEU E 497 -44.53 -16.65 24.06
CA LEU E 497 -45.74 -16.85 24.81
C LEU E 497 -45.45 -17.53 26.08
N CYS E 498 -44.80 -18.71 26.02
CA CYS E 498 -44.42 -19.38 27.24
C CYS E 498 -43.57 -18.54 28.14
N ARG E 499 -42.66 -17.72 27.56
CA ARG E 499 -41.88 -16.78 28.33
C ARG E 499 -42.72 -15.78 29.07
N GLU E 500 -43.54 -15.04 28.30
CA GLU E 500 -44.38 -13.96 28.74
C GLU E 500 -45.37 -14.42 29.76
N ALA E 501 -45.83 -15.68 29.65
CA ALA E 501 -46.70 -16.33 30.60
C ALA E 501 -46.09 -16.28 31.96
N GLY E 502 -44.80 -16.62 32.00
CA GLY E 502 -43.94 -16.47 33.13
C GLY E 502 -43.87 -15.08 33.66
N MET E 503 -43.69 -14.07 32.79
CA MET E 503 -43.60 -12.68 33.22
C MET E 503 -44.83 -12.24 33.94
N ASN E 504 -46.00 -12.58 33.36
CA ASN E 504 -47.30 -12.38 33.93
C ASN E 504 -47.41 -13.07 35.24
N ALA E 505 -47.11 -14.38 35.28
CA ALA E 505 -47.15 -15.21 36.46
C ALA E 505 -46.28 -14.71 37.57
N TYR E 506 -45.07 -14.22 37.25
CA TYR E 506 -44.11 -13.73 38.21
C TYR E 506 -44.61 -12.46 38.80
N ARG E 507 -45.30 -11.63 37.99
CA ARG E 507 -45.93 -10.43 38.44
C ARG E 507 -46.99 -10.77 39.47
N GLU E 508 -47.81 -11.81 39.19
CA GLU E 508 -48.85 -12.27 40.07
C GLU E 508 -48.38 -12.84 41.36
N ASN E 509 -47.50 -13.86 41.33
CA ASN E 509 -47.15 -14.60 42.51
C ASN E 509 -45.92 -13.98 43.08
N PRO E 510 -45.81 -13.66 44.40
CA PRO E 510 -44.68 -12.99 45.02
C PRO E 510 -43.36 -13.56 44.63
N ASP E 511 -43.32 -14.89 44.63
CA ASP E 511 -42.27 -15.65 44.05
C ASP E 511 -43.03 -16.54 43.13
N ALA E 512 -42.41 -16.97 42.03
CA ALA E 512 -43.03 -17.76 41.00
C ALA E 512 -43.46 -19.11 41.50
N THR E 513 -44.52 -19.66 40.87
CA THR E 513 -45.07 -20.95 41.14
C THR E 513 -45.28 -21.51 39.77
N SER E 514 -45.64 -22.81 39.66
CA SER E 514 -45.92 -23.45 38.39
C SER E 514 -47.07 -22.76 37.68
N VAL E 515 -46.96 -22.60 36.35
CA VAL E 515 -47.88 -21.81 35.54
C VAL E 515 -49.21 -22.48 35.38
N SER E 516 -50.26 -21.67 35.07
CA SER E 516 -51.64 -22.09 34.97
C SER E 516 -52.27 -21.50 33.72
N GLN E 517 -53.53 -21.92 33.43
CA GLN E 517 -54.31 -21.47 32.30
C GLN E 517 -54.39 -19.99 32.33
N LYS E 518 -54.64 -19.39 33.52
CA LYS E 518 -54.73 -17.96 33.65
C LYS E 518 -53.48 -17.25 33.22
N ASN E 519 -52.31 -17.81 33.58
CA ASN E 519 -51.02 -17.34 33.15
C ASN E 519 -50.85 -17.37 31.66
N PHE E 520 -51.56 -18.28 30.98
CA PHE E 520 -51.51 -18.40 29.55
C PHE E 520 -52.41 -17.38 28.92
N LEU E 521 -53.59 -17.10 29.48
CA LEU E 521 -54.59 -16.21 28.96
C LEU E 521 -54.06 -14.82 28.80
N ASP E 522 -53.50 -14.27 29.90
CA ASP E 522 -52.91 -12.96 29.96
C ASP E 522 -51.88 -12.80 28.87
N ALA E 523 -51.05 -13.84 28.67
CA ALA E 523 -50.04 -13.86 27.65
C ALA E 523 -50.61 -14.02 26.27
N LEU E 524 -51.72 -14.77 26.11
CA LEU E 524 -52.44 -14.95 24.88
C LEU E 524 -52.75 -13.63 24.27
N LYS E 525 -53.25 -12.71 25.13
CA LYS E 525 -53.53 -11.37 24.72
C LYS E 525 -52.34 -10.46 24.69
N THR E 526 -51.16 -10.87 25.20
CA THR E 526 -50.01 -10.01 25.09
C THR E 526 -49.41 -10.23 23.74
N ILE E 527 -49.13 -11.50 23.36
CA ILE E 527 -48.55 -11.78 22.08
C ILE E 527 -49.65 -12.11 21.15
N ARG E 528 -49.69 -11.34 20.08
CA ARG E 528 -50.67 -11.41 19.05
C ARG E 528 -50.14 -12.37 18.01
N PRO E 529 -50.90 -12.70 16.98
CA PRO E 529 -50.41 -13.48 15.85
C PRO E 529 -49.40 -12.67 15.13
N SER E 530 -48.34 -13.27 14.58
CA SER E 530 -47.39 -12.51 13.80
C SER E 530 -47.68 -12.81 12.38
N VAL E 531 -48.06 -14.07 12.08
CA VAL E 531 -48.29 -14.52 10.73
C VAL E 531 -49.57 -13.93 10.18
N ASP E 532 -49.56 -13.59 8.87
CA ASP E 532 -50.68 -13.15 8.08
C ASP E 532 -50.75 -14.17 6.98
N GLU E 533 -51.96 -14.65 6.67
CA GLU E 533 -52.19 -15.61 5.63
C GLU E 533 -51.89 -15.05 4.27
N GLU E 534 -51.67 -13.72 4.17
CA GLU E 534 -51.40 -13.06 2.94
C GLU E 534 -50.02 -13.41 2.56
N VAL E 535 -49.07 -13.44 3.52
CA VAL E 535 -47.73 -13.86 3.18
C VAL E 535 -47.72 -15.35 2.99
N ILE E 536 -48.48 -16.17 3.78
CA ILE E 536 -48.54 -17.61 3.57
C ILE E 536 -48.94 -17.99 2.18
N LYS E 537 -49.95 -17.27 1.63
CA LYS E 537 -50.42 -17.46 0.29
C LYS E 537 -49.34 -17.17 -0.70
N PHE E 538 -48.50 -16.13 -0.45
CA PHE E 538 -47.36 -15.77 -1.23
C PHE E 538 -46.48 -16.96 -1.36
N TYR E 539 -46.15 -17.61 -0.23
CA TYR E 539 -45.33 -18.78 -0.24
C TYR E 539 -46.02 -19.94 -0.87
N ARG E 540 -47.33 -20.12 -0.66
CA ARG E 540 -48.13 -21.12 -1.32
C ARG E 540 -48.05 -21.02 -2.82
N THR E 541 -48.09 -19.80 -3.37
CA THR E 541 -47.99 -19.56 -4.79
C THR E 541 -46.56 -19.75 -5.18
N LEU E 542 -45.63 -19.29 -4.35
CA LEU E 542 -44.22 -19.52 -4.55
C LEU E 542 -43.89 -20.99 -4.44
N SER E 543 -44.79 -21.87 -3.93
CA SER E 543 -44.58 -23.31 -3.96
C SER E 543 -44.63 -23.84 -5.36
N GLU E 544 -45.04 -22.99 -6.32
CA GLU E 544 -45.10 -23.34 -7.71
C GLU E 544 -43.93 -22.71 -8.37
N THR E 545 -42.92 -22.20 -7.60
CA THR E 545 -41.73 -21.62 -8.19
C THR E 545 -40.84 -22.76 -8.71
N GLU F 2 8.16 -10.88 42.41
CA GLU F 2 8.32 -9.83 43.43
C GLU F 2 9.72 -9.92 43.95
N VAL F 3 9.95 -10.73 45.02
CA VAL F 3 11.26 -10.96 45.58
C VAL F 3 11.38 -12.40 45.23
N SER F 4 10.63 -13.22 45.99
CA SER F 4 10.34 -14.57 45.61
C SER F 4 9.17 -14.30 44.72
N ARG F 5 9.35 -14.61 43.42
CA ARG F 5 8.46 -14.33 42.32
C ARG F 5 7.03 -14.62 42.65
N ILE F 6 6.07 -14.02 41.91
CA ILE F 6 4.66 -14.15 42.20
C ILE F 6 4.30 -15.62 42.09
N SER F 7 3.98 -16.24 43.24
CA SER F 7 3.78 -17.67 43.35
C SER F 7 2.44 -17.95 42.82
N TYR F 8 2.15 -19.22 42.40
CA TYR F 8 0.86 -19.56 41.84
C TYR F 8 -0.20 -19.12 42.78
N GLU F 9 -0.04 -19.52 44.04
CA GLU F 9 -0.90 -19.07 45.09
C GLU F 9 -1.00 -17.57 45.27
N ASP F 10 0.05 -16.77 44.98
CA ASP F 10 -0.07 -15.33 44.92
C ASP F 10 -1.08 -14.85 43.93
N ILE F 11 -0.97 -15.24 42.63
CA ILE F 11 -2.01 -14.88 41.66
C ILE F 11 -3.22 -15.68 42.00
N GLY F 12 -4.40 -15.16 41.61
CA GLY F 12 -5.62 -15.88 41.85
C GLY F 12 -6.77 -15.17 41.22
N GLY F 13 -7.97 -15.79 41.28
CA GLY F 13 -9.18 -15.30 40.69
C GLY F 13 -9.22 -15.69 39.26
N LEU F 14 -8.11 -16.26 38.80
CA LEU F 14 -7.93 -16.83 37.52
C LEU F 14 -8.22 -18.27 37.72
N SER F 15 -8.74 -18.69 38.88
CA SER F 15 -8.82 -20.06 39.32
C SER F 15 -9.29 -21.04 38.29
N GLU F 16 -10.28 -20.67 37.46
CA GLU F 16 -10.71 -21.49 36.37
C GLU F 16 -9.58 -21.76 35.42
N GLN F 17 -8.87 -20.71 35.01
CA GLN F 17 -7.76 -20.79 34.10
C GLN F 17 -6.53 -21.29 34.75
N LEU F 18 -6.15 -20.78 35.94
CA LEU F 18 -4.94 -21.17 36.58
C LEU F 18 -4.97 -22.61 36.87
N GLY F 19 -6.17 -23.11 37.25
CA GLY F 19 -6.40 -24.51 37.41
C GLY F 19 -6.22 -25.28 36.15
N LYS F 20 -6.55 -24.73 34.98
CA LYS F 20 -6.23 -25.37 33.73
C LYS F 20 -4.74 -25.58 33.57
N ILE F 21 -3.93 -24.50 33.64
CA ILE F 21 -2.50 -24.50 33.44
C ILE F 21 -1.82 -25.48 34.35
N ARG F 22 -2.22 -25.40 35.63
CA ARG F 22 -1.79 -26.20 36.75
C ARG F 22 -1.92 -27.62 36.36
N GLU F 23 -3.17 -28.02 36.10
CA GLU F 23 -3.56 -29.33 35.70
C GLU F 23 -2.97 -29.71 34.37
N MET F 24 -2.46 -28.76 33.56
CA MET F 24 -2.00 -29.14 32.26
C MET F 24 -0.51 -29.19 32.23
N ILE F 25 0.22 -28.07 32.17
CA ILE F 25 1.64 -28.19 32.09
C ILE F 25 2.22 -28.46 33.42
N GLU F 26 1.69 -27.83 34.49
CA GLU F 26 2.37 -28.01 35.75
C GLU F 26 2.43 -29.41 36.25
N LEU F 27 1.36 -30.24 36.13
CA LEU F 27 1.40 -31.60 36.62
C LEU F 27 2.56 -32.45 36.15
N PRO F 28 2.89 -32.70 34.89
CA PRO F 28 4.02 -33.52 34.51
C PRO F 28 5.29 -32.94 35.02
N LEU F 29 5.45 -31.61 34.92
CA LEU F 29 6.61 -30.91 35.40
C LEU F 29 6.86 -31.20 36.86
N LYS F 30 5.82 -31.44 37.67
CA LYS F 30 6.02 -31.82 39.05
C LYS F 30 6.48 -33.24 39.12
N HIS F 31 5.65 -34.24 38.82
CA HIS F 31 6.10 -35.59 38.83
C HIS F 31 5.92 -36.01 37.44
N PRO F 32 6.95 -36.21 36.63
CA PRO F 32 6.76 -36.64 35.26
C PRO F 32 6.36 -38.06 35.24
N GLU F 33 6.60 -38.76 36.36
CA GLU F 33 6.46 -40.18 36.47
C GLU F 33 5.10 -40.66 36.07
N LEU F 34 4.06 -39.88 36.37
CA LEU F 34 2.69 -40.23 36.07
C LEU F 34 2.51 -40.40 34.60
N PHE F 35 2.86 -39.35 33.85
CA PHE F 35 2.66 -39.30 32.43
C PHE F 35 3.68 -40.17 31.79
N GLU F 36 4.91 -40.27 32.37
CA GLU F 36 5.94 -41.17 31.91
C GLU F 36 5.43 -42.58 31.83
N ARG F 37 4.56 -42.96 32.79
CA ARG F 37 3.99 -44.27 32.81
C ARG F 37 2.83 -44.32 31.88
N LEU F 38 2.00 -43.26 31.88
CA LEU F 38 0.76 -43.27 31.17
C LEU F 38 0.77 -42.24 30.12
N GLY F 39 0.72 -42.72 28.86
CA GLY F 39 0.57 -41.93 27.66
C GLY F 39 1.50 -40.79 27.47
N ILE F 40 1.27 -40.07 26.35
CA ILE F 40 2.03 -38.95 25.88
C ILE F 40 2.04 -37.86 26.90
N THR F 41 3.12 -37.06 26.86
CA THR F 41 3.32 -35.94 27.73
C THR F 41 2.69 -34.71 27.11
N PRO F 42 2.24 -33.73 27.88
CA PRO F 42 1.60 -32.51 27.39
C PRO F 42 2.41 -31.73 26.38
N PRO F 43 1.79 -30.92 25.54
CA PRO F 43 2.45 -30.19 24.49
C PRO F 43 3.23 -29.02 25.02
N LYS F 44 3.83 -28.27 24.09
CA LYS F 44 4.68 -27.15 24.35
C LYS F 44 3.96 -25.87 24.13
N GLY F 45 3.15 -25.76 23.05
CA GLY F 45 2.50 -24.51 22.73
C GLY F 45 1.24 -24.32 23.53
N VAL F 46 0.98 -23.08 24.01
CA VAL F 46 -0.24 -22.73 24.69
C VAL F 46 -0.50 -21.30 24.31
N ILE F 47 -1.77 -20.94 24.05
CA ILE F 47 -2.15 -19.61 23.67
C ILE F 47 -3.04 -19.06 24.73
N LEU F 48 -2.78 -17.81 25.18
CA LEU F 48 -3.62 -17.12 26.12
C LEU F 48 -4.31 -16.06 25.29
N TYR F 49 -5.65 -16.18 25.08
CA TYR F 49 -6.45 -15.24 24.30
C TYR F 49 -7.09 -14.24 25.21
N GLY F 50 -7.20 -12.94 24.79
CA GLY F 50 -7.97 -11.96 25.55
C GLY F 50 -7.29 -10.61 25.65
N PRO F 51 -7.89 -9.64 26.36
CA PRO F 51 -7.30 -8.33 26.66
C PRO F 51 -6.01 -8.51 27.45
N PRO F 52 -4.88 -7.93 27.07
CA PRO F 52 -3.59 -8.37 27.58
C PRO F 52 -3.01 -7.67 28.79
N GLY F 53 -1.92 -8.30 29.31
CA GLY F 53 -0.98 -7.92 30.34
C GLY F 53 -1.55 -8.01 31.70
N THR F 54 -2.86 -8.31 31.72
CA THR F 54 -3.75 -8.39 32.85
C THR F 54 -3.28 -9.39 33.83
N GLY F 55 -2.70 -10.47 33.29
CA GLY F 55 -2.31 -11.57 34.07
C GLY F 55 -1.50 -12.43 33.19
N LYS F 56 -1.39 -12.08 31.89
CA LYS F 56 -0.69 -12.84 30.90
C LYS F 56 0.65 -13.24 31.46
N THR F 57 1.49 -12.21 31.68
CA THR F 57 2.78 -12.36 32.31
C THR F 57 2.73 -13.11 33.60
N LEU F 58 1.82 -12.71 34.50
CA LEU F 58 1.75 -13.27 35.82
C LEU F 58 1.53 -14.73 35.87
N ILE F 59 0.81 -15.28 34.86
CA ILE F 59 0.60 -16.68 34.73
C ILE F 59 1.90 -17.32 34.60
N ALA F 60 2.69 -16.89 33.62
CA ALA F 60 3.94 -17.56 33.43
C ALA F 60 4.95 -17.15 34.45
N ARG F 61 4.87 -15.92 34.98
CA ARG F 61 5.72 -15.54 36.08
C ARG F 61 5.55 -16.47 37.27
N ALA F 62 4.36 -17.10 37.41
CA ALA F 62 4.17 -18.08 38.44
C ALA F 62 4.41 -19.48 38.03
N VAL F 63 4.74 -19.74 36.75
CA VAL F 63 4.96 -21.09 36.33
C VAL F 63 6.23 -21.54 36.96
N ALA F 64 7.22 -20.63 36.98
CA ALA F 64 8.53 -20.85 37.53
C ALA F 64 8.51 -21.29 38.95
N ASN F 65 7.60 -20.74 39.76
CA ASN F 65 7.64 -21.02 41.18
C ASN F 65 7.06 -22.38 41.41
N GLU F 66 6.29 -22.86 40.43
CA GLU F 66 5.61 -24.12 40.54
C GLU F 66 6.09 -25.09 39.51
N SER F 67 7.28 -24.91 38.91
CA SER F 67 7.72 -25.95 38.02
C SER F 67 9.19 -25.88 37.84
N GLY F 68 9.82 -24.80 38.33
CA GLY F 68 11.24 -24.63 38.22
C GLY F 68 11.69 -24.24 36.86
N ALA F 69 10.75 -23.97 35.94
CA ALA F 69 11.04 -23.58 34.60
C ALA F 69 11.76 -22.26 34.60
N ASN F 70 12.67 -22.05 33.64
CA ASN F 70 13.46 -20.85 33.60
C ASN F 70 12.63 -19.93 32.78
N PHE F 71 12.06 -18.92 33.46
CA PHE F 71 11.23 -17.91 32.87
C PHE F 71 12.10 -17.12 31.97
N LEU F 72 11.69 -17.01 30.73
CA LEU F 72 12.52 -16.38 29.75
C LEU F 72 11.50 -15.82 28.85
N SER F 73 11.77 -14.64 28.30
CA SER F 73 10.75 -13.90 27.64
C SER F 73 11.34 -13.42 26.39
N ILE F 74 10.42 -13.06 25.48
CA ILE F 74 10.66 -12.32 24.29
C ILE F 74 9.33 -11.67 24.15
N ASN F 75 9.26 -10.51 23.48
CA ASN F 75 8.01 -9.81 23.38
C ASN F 75 7.92 -9.31 21.98
N GLY F 76 6.65 -9.29 21.51
CA GLY F 76 6.26 -9.03 20.15
C GLY F 76 6.84 -7.84 19.48
N PRO F 77 6.93 -6.67 20.05
CA PRO F 77 7.49 -5.54 19.37
C PRO F 77 8.90 -5.77 18.97
N GLU F 78 9.75 -6.29 19.88
CA GLU F 78 11.15 -6.33 19.59
C GLU F 78 11.51 -7.52 18.75
N ILE F 79 10.64 -8.55 18.69
CA ILE F 79 10.91 -9.67 17.82
C ILE F 79 10.95 -9.22 16.39
N MET F 80 10.02 -8.31 16.03
CA MET F 80 9.90 -7.87 14.68
C MET F 80 10.61 -6.61 14.35
N SER F 81 11.41 -6.00 15.24
CA SER F 81 12.05 -4.77 14.88
C SER F 81 13.08 -4.90 13.74
N LYS F 82 13.94 -5.92 13.84
CA LYS F 82 15.15 -6.14 13.07
C LYS F 82 15.08 -6.03 11.57
N TYR F 83 16.26 -6.23 10.92
CA TYR F 83 16.45 -6.13 9.50
C TYR F 83 16.33 -7.53 9.00
N TYR F 84 16.19 -7.66 7.66
CA TYR F 84 15.81 -8.86 6.95
C TYR F 84 16.74 -9.99 7.15
N GLY F 85 16.15 -11.12 7.56
CA GLY F 85 16.82 -12.35 7.85
C GLY F 85 17.52 -12.30 9.18
N GLN F 86 17.47 -11.16 9.89
CA GLN F 86 17.94 -11.08 11.25
C GLN F 86 16.80 -11.16 12.18
N SER F 87 15.56 -11.20 11.66
CA SER F 87 14.42 -11.25 12.51
C SER F 87 14.36 -12.65 12.96
N GLU F 88 14.59 -13.57 12.02
CA GLU F 88 14.48 -14.98 12.22
C GLU F 88 15.40 -15.52 13.25
N GLN F 89 16.67 -15.10 13.17
CA GLN F 89 17.65 -15.65 14.04
C GLN F 89 17.41 -15.30 15.47
N LYS F 90 16.70 -14.18 15.77
CA LYS F 90 16.41 -13.80 17.13
C LYS F 90 15.72 -14.88 17.87
N LEU F 91 14.59 -15.33 17.28
CA LEU F 91 13.77 -16.36 17.86
C LEU F 91 14.56 -17.59 18.14
N ARG F 92 15.22 -18.09 17.07
CA ARG F 92 16.00 -19.28 17.15
C ARG F 92 17.06 -19.26 18.20
N GLU F 93 17.72 -18.12 18.38
CA GLU F 93 18.72 -17.91 19.39
C GLU F 93 18.17 -18.12 20.75
N ILE F 94 16.90 -17.70 20.94
CA ILE F 94 16.28 -17.82 22.21
C ILE F 94 15.89 -19.23 22.42
N PHE F 95 15.35 -19.94 21.41
CA PHE F 95 15.04 -21.34 21.55
C PHE F 95 16.22 -22.17 21.98
N SER F 96 17.41 -22.00 21.37
CA SER F 96 18.58 -22.70 21.83
C SER F 96 18.95 -22.37 23.25
N LYS F 97 18.87 -21.07 23.61
CA LYS F 97 19.09 -20.64 24.97
C LYS F 97 18.05 -21.18 25.90
N ALA F 98 16.93 -21.66 25.36
CA ALA F 98 15.89 -22.21 26.17
C ALA F 98 16.34 -23.56 26.55
N GLU F 99 16.86 -24.30 25.56
CA GLU F 99 17.15 -25.70 25.71
C GLU F 99 18.21 -25.89 26.73
N GLU F 100 19.24 -25.03 26.75
CA GLU F 100 20.24 -25.08 27.78
C GLU F 100 19.68 -25.00 29.18
N THR F 101 18.78 -24.04 29.42
CA THR F 101 18.25 -23.78 30.72
C THR F 101 16.97 -24.53 30.97
N ALA F 102 16.54 -25.42 30.05
CA ALA F 102 15.29 -26.15 30.11
C ALA F 102 15.12 -27.03 31.35
N PRO F 103 13.95 -27.21 32.00
CA PRO F 103 12.65 -26.59 31.74
C PRO F 103 12.71 -25.09 31.70
N SER F 104 12.07 -24.48 30.68
CA SER F 104 12.16 -23.07 30.41
C SER F 104 10.77 -22.67 30.04
N ILE F 105 10.21 -21.66 30.75
CA ILE F 105 8.91 -21.19 30.40
C ILE F 105 9.19 -20.00 29.55
N ILE F 106 9.06 -20.28 28.24
CA ILE F 106 9.14 -19.38 27.14
C ILE F 106 7.84 -18.68 27.04
N PHE F 107 7.90 -17.34 27.11
CA PHE F 107 6.80 -16.47 27.35
C PHE F 107 6.95 -15.45 26.29
N ILE F 108 5.90 -15.32 25.48
CA ILE F 108 5.96 -14.52 24.31
C ILE F 108 4.62 -13.97 24.34
N ASP F 109 4.46 -12.73 23.89
CA ASP F 109 3.23 -12.02 24.04
C ASP F 109 3.07 -11.40 22.70
N GLU F 110 1.83 -10.93 22.43
CA GLU F 110 1.43 -10.27 21.22
C GLU F 110 1.88 -11.07 20.04
N ILE F 111 1.50 -12.36 19.99
CA ILE F 111 2.07 -13.27 19.03
C ILE F 111 1.37 -13.09 17.72
N ASP F 112 0.24 -12.35 17.74
CA ASP F 112 -0.28 -11.73 16.57
C ASP F 112 0.74 -10.90 15.90
N SER F 113 1.52 -10.06 16.60
CA SER F 113 2.37 -9.17 15.89
C SER F 113 3.47 -9.92 15.19
N ILE F 114 3.86 -11.09 15.74
CA ILE F 114 4.93 -11.85 15.16
C ILE F 114 4.40 -12.83 14.18
N ALA F 115 3.09 -12.83 13.95
CA ALA F 115 2.56 -13.65 12.89
C ALA F 115 1.30 -12.96 12.57
N PRO F 116 1.38 -11.77 12.00
CA PRO F 116 0.23 -10.91 11.87
C PRO F 116 -0.82 -11.38 10.92
N LYS F 117 -0.51 -12.18 9.88
CA LYS F 117 -1.54 -12.46 8.91
C LYS F 117 -1.41 -13.88 8.56
N ARG F 118 -2.56 -14.48 8.23
CA ARG F 118 -2.67 -15.89 8.04
C ARG F 118 -2.17 -16.24 6.68
N GLU F 119 -2.53 -15.46 5.65
CA GLU F 119 -2.28 -15.83 4.29
C GLU F 119 -2.19 -14.55 3.56
N GLU F 120 -2.60 -13.44 4.22
CA GLU F 120 -2.75 -12.16 3.61
C GLU F 120 -1.50 -11.38 3.86
N VAL F 121 -0.38 -12.07 4.14
CA VAL F 121 0.92 -11.49 4.38
C VAL F 121 1.32 -10.59 3.23
N GLN F 122 1.93 -9.45 3.56
CA GLN F 122 2.33 -8.50 2.58
C GLN F 122 3.72 -8.18 2.95
N GLY F 123 4.50 -9.15 3.48
CA GLY F 123 5.83 -8.87 3.96
C GLY F 123 6.70 -10.08 4.15
N GLU F 124 8.00 -9.87 3.87
CA GLU F 124 9.10 -10.80 3.99
C GLU F 124 9.12 -11.36 5.35
N VAL F 125 9.40 -10.46 6.31
CA VAL F 125 9.54 -10.72 7.71
C VAL F 125 8.36 -11.45 8.23
N GLU F 126 7.16 -11.07 7.78
CA GLU F 126 5.98 -11.78 8.17
C GLU F 126 6.07 -13.24 7.86
N ARG F 127 6.52 -13.59 6.65
CA ARG F 127 6.64 -14.97 6.30
C ARG F 127 7.80 -15.55 6.97
N ARG F 128 8.80 -14.72 7.30
CA ARG F 128 9.95 -15.23 7.95
C ARG F 128 9.61 -15.77 9.30
N VAL F 129 8.95 -14.97 10.14
CA VAL F 129 8.81 -15.33 11.52
C VAL F 129 7.81 -16.42 11.68
N VAL F 130 6.76 -16.46 10.83
CA VAL F 130 5.81 -17.54 10.89
C VAL F 130 6.52 -18.83 10.72
N ALA F 131 7.44 -18.89 9.75
CA ALA F 131 8.15 -20.11 9.51
C ALA F 131 9.00 -20.45 10.67
N GLN F 132 9.77 -19.49 11.22
CA GLN F 132 10.64 -19.77 12.31
C GLN F 132 9.94 -20.37 13.45
N LEU F 133 8.86 -19.72 13.91
CA LEU F 133 8.11 -20.21 15.03
C LEU F 133 7.58 -21.58 14.79
N LEU F 134 7.07 -21.82 13.56
CA LEU F 134 6.68 -23.12 13.10
C LEU F 134 7.75 -24.12 13.29
N THR F 135 9.00 -23.76 12.96
CA THR F 135 10.11 -24.65 13.08
C THR F 135 10.47 -24.76 14.51
N LEU F 136 10.44 -23.66 15.28
CA LEU F 136 10.64 -23.71 16.71
C LEU F 136 9.71 -24.67 17.37
N MET F 137 8.46 -24.82 16.88
CA MET F 137 7.62 -25.89 17.34
C MET F 137 8.11 -27.25 16.92
N ASP F 138 8.49 -27.44 15.64
CA ASP F 138 8.95 -28.70 15.05
C ASP F 138 10.16 -29.45 15.59
N GLY F 139 11.28 -28.77 15.98
CA GLY F 139 12.48 -29.45 16.48
C GLY F 139 12.30 -30.30 17.71
N MET F 140 11.22 -29.92 18.43
CA MET F 140 10.65 -30.31 19.69
C MET F 140 11.47 -31.13 20.61
N LYS F 141 11.55 -30.62 21.86
CA LYS F 141 12.14 -31.29 22.95
C LYS F 141 11.12 -31.17 24.03
N GLU F 142 10.80 -32.34 24.59
CA GLU F 142 9.78 -32.59 25.57
C GLU F 142 10.45 -32.66 26.89
N ARG F 143 11.46 -33.55 26.99
CA ARG F 143 12.23 -33.85 28.17
C ARG F 143 12.81 -32.57 28.68
N GLY F 144 13.37 -31.77 27.75
CA GLY F 144 13.65 -30.40 27.98
C GLY F 144 12.33 -29.78 27.71
N HIS F 145 11.61 -29.41 28.79
CA HIS F 145 10.27 -28.92 28.67
C HIS F 145 10.39 -27.51 28.23
N VAL F 146 10.49 -27.31 26.90
CA VAL F 146 10.53 -26.00 26.34
C VAL F 146 9.10 -25.74 26.07
N ILE F 147 8.44 -25.19 27.11
CA ILE F 147 7.05 -24.87 27.12
C ILE F 147 7.04 -23.44 26.77
N VAL F 148 6.12 -23.14 25.86
CA VAL F 148 6.04 -21.89 25.18
C VAL F 148 4.61 -21.54 25.36
N ILE F 149 4.38 -20.42 26.07
CA ILE F 149 3.06 -19.90 26.18
C ILE F 149 3.28 -18.65 25.38
N GLY F 150 2.19 -18.27 24.70
CA GLY F 150 2.09 -17.17 23.81
C GLY F 150 0.81 -16.52 24.16
N ALA F 151 0.66 -15.21 23.87
CA ALA F 151 -0.57 -14.51 24.14
C ALA F 151 -0.86 -13.60 22.97
N THR F 152 -2.15 -13.23 22.82
CA THR F 152 -2.56 -12.34 21.77
C THR F 152 -3.85 -11.69 22.20
N ASN F 153 -4.16 -10.55 21.56
CA ASN F 153 -5.32 -9.78 21.82
C ASN F 153 -6.32 -10.10 20.79
N ARG F 154 -5.91 -10.76 19.69
CA ARG F 154 -6.83 -11.11 18.64
C ARG F 154 -6.65 -12.56 18.41
N ILE F 155 -7.73 -13.29 18.72
CA ILE F 155 -7.82 -14.72 18.75
C ILE F 155 -7.40 -15.33 17.47
N ASP F 156 -8.08 -14.93 16.39
CA ASP F 156 -7.90 -15.57 15.13
C ASP F 156 -6.87 -14.90 14.30
N ALA F 157 -6.12 -13.92 14.84
CA ALA F 157 -5.14 -13.26 14.03
C ALA F 157 -4.09 -14.17 13.49
N ILE F 158 -3.55 -15.04 14.37
CA ILE F 158 -2.51 -15.98 14.07
C ILE F 158 -2.89 -16.96 13.00
N ASP F 159 -1.87 -17.39 12.22
CA ASP F 159 -1.96 -18.28 11.10
C ASP F 159 -2.57 -19.55 11.58
N PRO F 160 -3.47 -20.21 10.87
CA PRO F 160 -4.04 -21.45 11.33
C PRO F 160 -2.98 -22.45 11.59
N ALA F 161 -1.85 -22.34 10.88
CA ALA F 161 -0.69 -23.14 11.13
C ALA F 161 -0.20 -23.05 12.54
N LEU F 162 -0.20 -21.83 13.10
CA LEU F 162 0.23 -21.65 14.45
C LEU F 162 -0.77 -22.07 15.44
N ARG F 163 -2.00 -22.38 15.04
CA ARG F 163 -2.96 -22.84 16.02
C ARG F 163 -3.05 -24.34 16.00
N ARG F 164 -2.48 -24.99 14.96
CA ARG F 164 -2.57 -26.41 14.72
C ARG F 164 -2.44 -27.33 15.91
N PRO F 165 -2.94 -28.57 15.82
CA PRO F 165 -2.77 -29.55 16.86
C PRO F 165 -1.30 -29.76 17.00
N GLY F 166 -0.79 -29.82 18.23
CA GLY F 166 0.61 -29.73 18.50
C GLY F 166 0.87 -28.30 18.73
N ARG F 167 1.36 -27.66 17.64
CA ARG F 167 1.71 -26.29 17.35
C ARG F 167 0.70 -25.36 17.91
N PHE F 168 0.76 -25.18 19.24
CA PHE F 168 -0.19 -24.49 20.02
C PHE F 168 -1.55 -25.13 19.87
N ASP F 169 -1.68 -26.45 20.18
CA ASP F 169 -2.96 -27.15 20.15
C ASP F 169 -3.80 -26.56 21.23
N ARG F 170 -3.18 -26.30 22.38
CA ARG F 170 -3.90 -25.91 23.55
C ARG F 170 -4.01 -24.43 23.54
N GLU F 171 -5.19 -23.95 23.93
CA GLU F 171 -5.49 -22.56 23.88
C GLU F 171 -6.34 -22.47 25.09
N ILE F 172 -6.15 -21.41 25.88
CA ILE F 172 -6.89 -21.19 27.08
C ILE F 172 -7.15 -19.72 27.12
N GLU F 173 -8.40 -19.28 27.24
CA GLU F 173 -8.75 -17.88 27.13
C GLU F 173 -9.04 -17.35 28.50
N ILE F 174 -8.63 -16.09 28.73
CA ILE F 174 -8.81 -15.37 29.96
C ILE F 174 -9.24 -14.02 29.54
N GLY F 175 -9.79 -13.24 30.48
CA GLY F 175 -10.29 -11.91 30.18
C GLY F 175 -10.32 -11.07 31.41
N VAL F 176 -11.03 -9.91 31.34
CA VAL F 176 -11.13 -8.95 32.41
C VAL F 176 -11.85 -9.60 33.56
N PRO F 177 -11.33 -9.61 34.77
CA PRO F 177 -11.92 -10.31 35.90
C PRO F 177 -13.37 -10.03 36.17
N ASP F 178 -14.01 -10.93 36.95
CA ASP F 178 -15.39 -10.84 37.37
C ASP F 178 -15.37 -10.09 38.66
N ARG F 179 -16.53 -9.55 39.08
CA ARG F 179 -16.62 -8.68 40.23
C ARG F 179 -15.98 -9.24 41.45
N ASN F 180 -16.35 -10.49 41.78
CA ASN F 180 -15.80 -11.20 42.90
C ASN F 180 -14.37 -11.49 42.71
N GLY F 181 -13.95 -11.73 41.45
CA GLY F 181 -12.58 -11.99 41.20
C GLY F 181 -11.70 -10.83 41.50
N ARG F 182 -12.13 -9.58 41.19
CA ARG F 182 -11.38 -8.38 41.53
C ARG F 182 -11.02 -8.30 42.97
N LYS F 183 -11.95 -8.72 43.84
CA LYS F 183 -11.74 -8.61 45.25
C LYS F 183 -10.52 -9.36 45.64
N GLU F 184 -10.42 -10.63 45.20
CA GLU F 184 -9.29 -11.48 45.43
C GLU F 184 -8.00 -10.84 45.05
N ILE F 185 -7.97 -10.29 43.82
CA ILE F 185 -6.83 -9.66 43.23
C ILE F 185 -6.39 -8.50 44.06
N LEU F 186 -7.29 -7.55 44.32
CA LEU F 186 -6.93 -6.40 45.06
C LEU F 186 -6.57 -6.75 46.46
N MET F 187 -7.12 -7.86 46.98
CA MET F 187 -6.87 -8.31 48.30
C MET F 187 -5.48 -8.79 48.38
N ILE F 188 -4.97 -9.60 47.44
CA ILE F 188 -3.62 -10.08 47.53
C ILE F 188 -2.69 -8.90 47.52
N HIS F 189 -2.87 -7.95 46.56
CA HIS F 189 -2.11 -6.74 46.53
C HIS F 189 -2.24 -5.87 47.76
N THR F 190 -3.33 -5.97 48.53
CA THR F 190 -3.48 -5.22 49.76
C THR F 190 -2.52 -5.61 50.86
N ARG F 191 -1.92 -6.82 50.83
CA ARG F 191 -1.10 -7.26 51.94
C ARG F 191 0.13 -6.44 52.17
N ASN F 192 0.52 -5.67 51.16
CA ASN F 192 1.72 -4.91 51.19
C ASN F 192 1.45 -3.51 51.66
N MET F 193 0.20 -3.14 52.05
CA MET F 193 -0.05 -1.76 52.45
C MET F 193 -1.01 -1.73 53.61
N PRO F 194 -1.16 -0.60 54.35
CA PRO F 194 -2.08 -0.50 55.47
C PRO F 194 -3.40 0.09 55.03
N LEU F 195 -4.47 -0.74 55.04
CA LEU F 195 -5.84 -0.41 54.71
C LEU F 195 -6.38 0.60 55.64
N GLY F 196 -6.11 0.34 56.92
CA GLY F 196 -6.64 1.12 57.98
C GLY F 196 -7.18 0.19 59.00
N MET F 197 -7.10 -1.16 58.76
CA MET F 197 -7.40 -2.21 59.71
C MET F 197 -7.74 -3.42 58.91
N SER F 198 -7.37 -4.60 59.46
CA SER F 198 -7.62 -5.90 58.92
C SER F 198 -9.08 -6.14 58.72
N GLU F 199 -9.92 -5.49 59.58
CA GLU F 199 -11.34 -5.25 59.49
C GLU F 199 -12.02 -5.78 58.28
N GLU F 200 -13.01 -6.65 58.52
CA GLU F 200 -13.92 -7.18 57.52
C GLU F 200 -14.58 -6.08 56.74
N GLU F 201 -14.81 -4.94 57.43
CA GLU F 201 -15.36 -3.75 56.86
C GLU F 201 -14.52 -3.24 55.77
N LYS F 202 -13.19 -3.10 55.95
CA LYS F 202 -12.30 -2.74 54.89
C LYS F 202 -12.40 -3.66 53.71
N ASN F 203 -12.42 -4.99 53.93
CA ASN F 203 -12.71 -5.93 52.87
C ASN F 203 -13.99 -5.64 52.15
N LYS F 204 -15.09 -5.42 52.89
CA LYS F 204 -16.32 -5.00 52.29
C LYS F 204 -16.21 -3.68 51.58
N PHE F 205 -15.47 -2.70 52.11
CA PHE F 205 -15.20 -1.44 51.49
C PHE F 205 -14.50 -1.68 50.21
N LEU F 206 -13.45 -2.51 50.26
CA LEU F 206 -12.74 -2.91 49.10
C LEU F 206 -13.67 -3.53 48.10
N GLU F 207 -14.65 -4.35 48.52
CA GLU F 207 -15.70 -4.81 47.65
C GLU F 207 -16.49 -3.77 46.89
N GLU F 208 -17.10 -2.76 47.55
CA GLU F 208 -17.93 -1.85 46.80
C GLU F 208 -17.12 -0.88 46.00
N MET F 209 -15.90 -0.59 46.49
CA MET F 209 -14.83 0.08 45.80
C MET F 209 -14.57 -0.65 44.53
N ALA F 210 -14.54 -1.97 44.68
CA ALA F 210 -14.17 -2.84 43.64
C ALA F 210 -15.16 -2.88 42.58
N ASP F 211 -16.47 -2.77 42.86
CA ASP F 211 -17.45 -2.91 41.81
C ASP F 211 -17.36 -1.86 40.74
N TYR F 212 -16.67 -0.72 40.98
CA TYR F 212 -16.50 0.31 39.98
C TYR F 212 -15.80 -0.13 38.71
N THR F 213 -14.99 -1.20 38.77
CA THR F 213 -14.61 -1.89 37.59
C THR F 213 -15.28 -3.16 37.92
N TYR F 214 -15.67 -3.99 36.95
CA TYR F 214 -16.20 -5.28 37.35
C TYR F 214 -15.02 -6.23 37.42
N GLY F 215 -13.80 -5.65 37.29
CA GLY F 215 -12.53 -6.28 37.38
C GLY F 215 -11.90 -5.97 36.08
N PHE F 216 -11.22 -4.78 35.99
CA PHE F 216 -10.53 -4.37 34.79
C PHE F 216 -9.06 -4.33 35.08
N VAL F 217 -8.36 -5.37 34.55
CA VAL F 217 -6.94 -5.53 34.42
C VAL F 217 -6.24 -5.61 35.73
N GLY F 218 -5.61 -6.78 36.01
CA GLY F 218 -4.96 -7.09 37.26
C GLY F 218 -3.91 -6.08 37.53
N ALA F 219 -3.10 -5.79 36.51
CA ALA F 219 -2.15 -4.71 36.52
C ALA F 219 -2.81 -3.38 36.87
N ASP F 220 -3.88 -2.93 36.14
CA ASP F 220 -4.56 -1.67 36.41
C ASP F 220 -5.06 -1.61 37.82
N LEU F 221 -5.64 -2.71 38.34
CA LEU F 221 -6.12 -2.79 39.68
C LEU F 221 -4.99 -2.44 40.61
N ALA F 222 -3.84 -3.11 40.42
CA ALA F 222 -2.63 -2.82 41.15
C ALA F 222 -2.12 -1.39 41.05
N ALA F 223 -2.40 -0.70 39.94
CA ALA F 223 -1.98 0.66 39.82
C ALA F 223 -2.88 1.50 40.63
N LEU F 224 -4.17 1.14 40.71
CA LEU F 224 -5.09 1.85 41.55
C LEU F 224 -4.63 1.91 42.96
N VAL F 225 -4.28 0.75 43.57
CA VAL F 225 -3.69 0.71 44.88
C VAL F 225 -2.43 1.49 45.00
N ARG F 226 -1.59 1.50 43.94
CA ARG F 226 -0.38 2.27 43.97
C ARG F 226 -0.69 3.73 44.08
N GLU F 227 -1.74 4.20 43.39
CA GLU F 227 -2.19 5.57 43.42
C GLU F 227 -2.50 6.03 44.80
N SER F 228 -3.25 5.20 45.55
CA SER F 228 -3.64 5.43 46.91
C SER F 228 -2.45 5.70 47.75
N ALA F 229 -1.44 4.81 47.68
CA ALA F 229 -0.15 4.91 48.33
C ALA F 229 0.48 6.25 48.11
N MET F 230 0.72 6.59 46.83
CA MET F 230 1.31 7.82 46.37
C MET F 230 0.58 8.96 46.97
N ASN F 231 -0.76 8.96 46.82
CA ASN F 231 -1.66 9.98 47.30
C ASN F 231 -1.50 10.09 48.77
N ALA F 232 -1.57 8.98 49.51
CA ALA F 232 -1.41 9.01 50.94
C ALA F 232 -0.06 9.53 51.34
N LEU F 233 1.00 9.26 50.54
CA LEU F 233 2.29 9.79 50.87
C LEU F 233 2.30 11.28 50.75
N ARG F 234 1.36 11.87 49.97
CA ARG F 234 1.16 13.29 49.91
C ARG F 234 0.57 13.77 51.19
N ARG F 235 -0.45 13.05 51.71
CA ARG F 235 -1.14 13.36 52.94
C ARG F 235 -0.21 13.48 54.10
N TYR F 236 0.81 12.60 54.13
CA TYR F 236 1.75 12.59 55.19
C TYR F 236 2.94 13.37 54.77
N LEU F 237 2.99 13.93 53.54
CA LEU F 237 4.12 14.69 53.07
C LEU F 237 4.35 15.91 53.91
N PRO F 238 3.38 16.70 54.41
CA PRO F 238 3.71 17.85 55.23
C PRO F 238 4.12 17.40 56.60
N GLU F 239 3.98 16.10 56.90
CA GLU F 239 4.29 15.55 58.19
C GLU F 239 5.63 14.86 58.13
N ILE F 240 6.08 14.41 56.93
CA ILE F 240 7.38 13.79 56.76
C ILE F 240 8.34 14.91 56.54
N ASP F 241 7.78 16.10 56.18
CA ASP F 241 8.49 17.33 56.08
C ASP F 241 8.91 17.71 57.47
N LEU F 242 8.07 17.38 58.50
CA LEU F 242 8.36 17.71 59.87
C LEU F 242 9.64 17.07 60.29
N ASP F 243 9.88 15.79 59.94
CA ASP F 243 11.10 15.15 60.38
C ASP F 243 11.69 14.32 59.29
N LYS F 244 12.98 14.61 58.98
CA LYS F 244 13.83 13.88 58.08
C LYS F 244 14.09 12.47 58.59
N PRO F 245 14.52 12.18 59.85
CA PRO F 245 14.63 10.81 60.30
C PRO F 245 13.24 10.43 60.61
N ILE F 246 12.85 9.21 60.23
CA ILE F 246 11.48 8.81 60.30
C ILE F 246 11.01 8.83 61.75
N PRO F 247 9.85 9.37 62.11
CA PRO F 247 9.38 9.39 63.49
C PRO F 247 9.02 7.98 63.89
N THR F 248 8.81 7.74 65.17
CA THR F 248 8.33 6.46 65.62
C THR F 248 6.85 6.60 65.79
N GLU F 249 6.38 7.87 65.75
CA GLU F 249 5.00 8.24 65.80
C GLU F 249 4.34 7.77 64.57
N ILE F 250 5.05 7.98 63.47
CA ILE F 250 4.72 7.45 62.20
C ILE F 250 6.02 6.86 61.80
N LEU F 251 6.09 5.52 61.85
CA LEU F 251 7.22 4.79 61.31
C LEU F 251 6.61 3.95 60.24
N GLU F 252 5.39 4.35 59.83
CA GLU F 252 4.47 3.80 58.88
C GLU F 252 3.25 3.53 59.71
N LYS F 253 3.06 4.35 60.78
CA LYS F 253 1.81 4.38 61.48
C LYS F 253 0.94 5.39 60.79
N MET F 254 1.35 5.83 59.58
CA MET F 254 0.51 6.46 58.61
C MET F 254 -0.55 5.48 58.26
N VAL F 255 -1.73 5.98 57.90
CA VAL F 255 -2.86 5.16 57.61
C VAL F 255 -3.21 5.61 56.23
N VAL F 256 -3.44 4.66 55.30
CA VAL F 256 -3.91 4.99 53.97
C VAL F 256 -5.40 5.05 54.11
N THR F 257 -5.89 6.29 54.35
CA THR F 257 -7.27 6.63 54.59
C THR F 257 -8.10 6.39 53.37
N GLU F 258 -9.38 6.02 53.60
CA GLU F 258 -10.38 5.77 52.60
C GLU F 258 -10.54 6.88 51.61
N ASP F 259 -10.37 8.14 52.05
CA ASP F 259 -10.45 9.28 51.19
C ASP F 259 -9.37 9.27 50.15
N ASP F 260 -8.18 8.70 50.45
CA ASP F 260 -7.13 8.50 49.48
C ASP F 260 -7.60 7.67 48.35
N PHE F 261 -8.25 6.52 48.69
CA PHE F 261 -8.79 5.61 47.71
C PHE F 261 -9.70 6.36 46.78
N LYS F 262 -10.66 7.09 47.36
CA LYS F 262 -11.56 7.97 46.68
C LYS F 262 -10.94 9.04 45.82
N ASN F 263 -9.82 9.62 46.28
CA ASN F 263 -9.17 10.67 45.55
C ASN F 263 -8.39 10.12 44.44
N ALA F 264 -8.04 8.83 44.51
CA ALA F 264 -7.40 8.20 43.40
C ALA F 264 -8.46 7.87 42.39
N LEU F 265 -9.69 7.56 42.89
CA LEU F 265 -10.81 7.20 42.07
C LEU F 265 -11.11 8.24 41.04
N LYS F 266 -10.87 9.53 41.38
CA LYS F 266 -10.92 10.53 40.37
C LYS F 266 -9.57 10.50 39.76
N SER F 267 -9.55 10.38 38.43
CA SER F 267 -8.38 10.43 37.61
C SER F 267 -7.49 9.25 37.79
N ILE F 268 -7.90 8.10 37.24
CA ILE F 268 -7.02 6.99 37.11
C ILE F 268 -7.55 6.20 35.95
N GLU F 269 -8.86 6.37 35.64
CA GLU F 269 -9.61 5.77 34.55
C GLU F 269 -9.30 4.32 34.28
N PRO F 270 -9.64 3.36 35.14
CA PRO F 270 -9.30 1.93 34.98
C PRO F 270 -10.11 1.27 33.91
N SER F 271 -11.09 2.00 33.34
CA SER F 271 -11.86 1.63 32.19
C SER F 271 -10.87 1.76 31.10
N SER F 272 -10.39 0.61 30.63
CA SER F 272 -9.27 0.64 29.75
C SER F 272 -9.55 -0.40 28.75
N LEU F 273 -10.45 -1.38 29.04
CA LEU F 273 -10.83 -2.40 28.08
C LEU F 273 -11.38 -1.75 26.85
N ARG F 274 -10.56 -1.82 25.76
CA ARG F 274 -10.70 -1.22 24.45
C ARG F 274 -11.44 0.07 24.54
N GLU F 275 -10.83 1.04 25.29
CA GLU F 275 -11.49 2.23 25.73
C GLU F 275 -12.08 2.94 24.57
N VAL F 276 -13.40 2.76 24.50
CA VAL F 276 -14.28 3.29 23.53
C VAL F 276 -15.39 3.41 24.51
N MET F 277 -15.99 2.25 24.94
CA MET F 277 -16.97 2.12 26.01
C MET F 277 -18.00 3.21 25.95
N VAL F 278 -18.24 3.88 27.10
CA VAL F 278 -19.01 5.08 27.24
C VAL F 278 -18.50 5.59 28.55
N GLU F 279 -18.61 6.93 28.78
CA GLU F 279 -18.33 7.57 30.02
C GLU F 279 -19.28 7.07 31.07
N VAL F 280 -18.81 6.99 32.33
CA VAL F 280 -19.53 6.45 33.45
C VAL F 280 -20.78 7.28 33.74
N PRO F 281 -21.94 6.70 33.92
CA PRO F 281 -23.13 7.46 34.25
C PRO F 281 -23.13 7.50 35.75
N ASN F 282 -23.89 8.42 36.38
CA ASN F 282 -23.78 8.62 37.81
C ASN F 282 -25.10 9.04 38.39
N VAL F 283 -26.17 8.84 37.63
CA VAL F 283 -27.49 9.24 38.01
C VAL F 283 -28.19 7.94 38.27
N HIS F 284 -28.49 7.59 39.55
CA HIS F 284 -29.17 6.35 39.86
C HIS F 284 -30.60 6.54 39.49
N TRP F 285 -31.43 5.45 39.38
CA TRP F 285 -32.80 5.62 38.95
C TRP F 285 -33.55 6.56 39.85
N ASP F 286 -33.26 6.54 41.17
CA ASP F 286 -33.72 7.55 42.10
C ASP F 286 -33.35 8.97 41.78
N ASP F 287 -32.12 9.19 41.26
CA ASP F 287 -31.68 10.47 40.77
C ASP F 287 -32.24 10.79 39.41
N ILE F 288 -32.97 9.88 38.74
CA ILE F 288 -33.56 10.18 37.45
C ILE F 288 -34.84 10.87 37.74
N GLY F 289 -35.04 12.03 37.06
CA GLY F 289 -36.19 12.86 37.17
C GLY F 289 -37.29 12.41 36.26
N GLY F 290 -38.52 12.50 36.80
CA GLY F 290 -39.74 12.22 36.11
C GLY F 290 -39.88 10.78 35.86
N LEU F 291 -41.03 10.46 35.23
CA LEU F 291 -41.38 9.17 34.74
C LEU F 291 -41.21 8.13 35.79
N GLU F 292 -41.78 8.39 36.98
CA GLU F 292 -41.75 7.54 38.14
C GLU F 292 -42.33 6.22 37.78
N ASP F 293 -43.34 6.22 36.88
CA ASP F 293 -44.03 5.06 36.41
C ASP F 293 -43.10 4.21 35.59
N VAL F 294 -42.39 4.82 34.61
CA VAL F 294 -41.49 4.11 33.73
C VAL F 294 -40.42 3.50 34.57
N LYS F 295 -39.81 4.28 35.51
CA LYS F 295 -38.78 3.82 36.39
C LYS F 295 -39.21 2.60 37.15
N ARG F 296 -40.40 2.59 37.78
CA ARG F 296 -40.89 1.46 38.51
C ARG F 296 -41.04 0.24 37.65
N GLU F 297 -41.57 0.36 36.40
CA GLU F 297 -41.73 -0.81 35.58
C GLU F 297 -40.46 -1.23 34.95
N ILE F 298 -39.66 -0.29 34.42
CA ILE F 298 -38.41 -0.57 33.78
C ILE F 298 -37.46 -1.18 34.75
N LYS F 299 -37.44 -0.69 36.01
CA LYS F 299 -36.55 -1.20 37.01
C LYS F 299 -36.82 -2.63 37.24
N GLU F 300 -38.08 -3.00 37.56
CA GLU F 300 -38.35 -4.41 37.71
C GLU F 300 -38.13 -5.22 36.46
N THR F 301 -38.22 -4.63 35.23
CA THR F 301 -37.96 -5.41 34.04
C THR F 301 -36.50 -5.67 33.87
N VAL F 302 -35.62 -4.68 34.00
CA VAL F 302 -34.22 -4.91 33.78
C VAL F 302 -33.60 -5.56 34.98
N GLU F 303 -33.91 -5.02 36.17
CA GLU F 303 -33.21 -5.40 37.38
C GLU F 303 -33.49 -6.81 37.68
N LEU F 304 -34.75 -7.28 37.56
CA LEU F 304 -35.06 -8.65 37.91
C LEU F 304 -34.18 -9.65 37.21
N PRO F 305 -34.05 -9.79 35.90
CA PRO F 305 -33.11 -10.71 35.33
C PRO F 305 -31.67 -10.38 35.66
N LEU F 306 -31.24 -9.09 35.58
CA LEU F 306 -29.82 -8.84 35.64
C LEU F 306 -29.27 -8.92 37.02
N LEU F 307 -29.93 -8.28 37.97
CA LEU F 307 -29.41 -8.18 39.30
C LEU F 307 -29.68 -9.47 39.99
N LYS F 308 -30.84 -10.09 39.71
CA LYS F 308 -31.19 -11.34 40.33
C LYS F 308 -31.28 -12.38 39.24
N PRO F 309 -30.18 -12.93 38.71
CA PRO F 309 -30.22 -14.02 37.76
C PRO F 309 -30.83 -15.22 38.41
N ASP F 310 -30.51 -15.45 39.69
CA ASP F 310 -30.84 -16.62 40.43
C ASP F 310 -32.31 -16.86 40.48
N VAL F 311 -33.13 -15.87 40.92
CA VAL F 311 -34.55 -16.06 40.99
C VAL F 311 -35.18 -16.32 39.65
N PHE F 312 -34.52 -15.89 38.56
CA PHE F 312 -35.00 -16.18 37.24
C PHE F 312 -34.67 -17.58 36.81
N LYS F 313 -33.56 -18.16 37.34
CA LYS F 313 -33.16 -19.46 36.87
C LYS F 313 -33.95 -20.55 37.50
N ARG F 314 -34.41 -20.34 38.76
CA ARG F 314 -35.27 -21.28 39.44
C ARG F 314 -36.59 -21.46 38.76
N LEU F 315 -37.07 -20.38 38.09
CA LEU F 315 -38.25 -20.40 37.26
C LEU F 315 -37.92 -21.18 36.03
N GLY F 316 -36.81 -20.76 35.38
CA GLY F 316 -36.30 -21.38 34.20
C GLY F 316 -36.69 -20.59 33.00
N ILE F 317 -37.45 -19.47 33.15
CA ILE F 317 -37.77 -18.61 32.03
C ILE F 317 -36.51 -17.94 31.55
N ARG F 318 -36.33 -17.83 30.21
CA ARG F 318 -35.11 -17.31 29.68
C ARG F 318 -35.23 -15.82 29.70
N PRO F 319 -34.20 -15.06 30.07
CA PRO F 319 -34.16 -13.61 30.03
C PRO F 319 -34.67 -13.00 28.77
N SER F 320 -35.02 -11.70 28.86
CA SER F 320 -35.56 -10.93 27.78
C SER F 320 -34.58 -10.82 26.66
N LYS F 321 -35.08 -10.56 25.44
CA LYS F 321 -34.24 -10.38 24.28
C LYS F 321 -34.12 -8.92 23.97
N GLY F 322 -34.87 -8.05 24.68
CA GLY F 322 -34.63 -6.63 24.66
C GLY F 322 -35.90 -5.90 24.86
N PHE F 323 -35.84 -4.59 24.72
CA PHE F 323 -37.01 -3.77 24.84
C PHE F 323 -36.66 -2.52 24.15
N LEU F 324 -37.71 -1.75 23.84
CA LEU F 324 -37.69 -0.52 23.13
C LEU F 324 -38.18 0.51 24.11
N LEU F 325 -37.72 1.78 23.99
CA LEU F 325 -38.18 2.97 24.70
C LEU F 325 -38.66 3.83 23.56
N TYR F 326 -39.84 4.52 23.58
CA TYR F 326 -40.12 5.32 22.41
C TYR F 326 -40.85 6.53 22.81
N GLY F 327 -40.51 7.66 22.18
CA GLY F 327 -41.15 8.88 22.54
C GLY F 327 -40.68 9.89 21.57
N PRO F 328 -41.06 11.14 21.80
CA PRO F 328 -40.70 12.27 20.97
C PRO F 328 -39.22 12.43 20.97
N PRO F 329 -38.59 13.08 20.01
CA PRO F 329 -37.17 13.34 19.98
C PRO F 329 -36.59 13.74 21.31
N GLY F 330 -35.42 13.14 21.64
CA GLY F 330 -34.62 13.26 22.84
C GLY F 330 -35.24 13.93 24.00
N VAL F 331 -35.82 13.14 24.93
CA VAL F 331 -36.34 13.67 26.16
C VAL F 331 -35.23 13.57 27.18
N GLY F 332 -34.06 13.07 26.70
CA GLY F 332 -32.94 12.74 27.50
C GLY F 332 -33.11 11.26 27.56
N LYS F 333 -33.40 10.64 26.39
CA LYS F 333 -33.64 9.22 26.16
C LYS F 333 -32.53 8.44 26.77
N THR F 334 -31.32 8.89 26.38
CA THR F 334 -30.02 8.41 26.75
C THR F 334 -29.88 8.36 28.24
N LEU F 335 -30.56 9.25 28.98
CA LEU F 335 -30.40 9.37 30.39
C LEU F 335 -31.13 8.23 30.98
N LEU F 336 -32.30 7.84 30.42
CA LEU F 336 -33.03 6.71 30.89
C LEU F 336 -32.14 5.52 30.74
N ALA F 337 -31.59 5.30 29.55
CA ALA F 337 -30.64 4.25 29.34
C ALA F 337 -29.46 4.25 30.31
N LYS F 338 -28.78 5.41 30.45
CA LYS F 338 -27.64 5.63 31.30
C LYS F 338 -27.92 5.28 32.70
N ALA F 339 -29.17 5.50 33.12
CA ALA F 339 -29.67 5.25 34.42
C ALA F 339 -29.54 3.81 34.69
N VAL F 340 -30.08 2.98 33.77
CA VAL F 340 -30.08 1.55 33.89
C VAL F 340 -28.67 1.11 34.09
N ALA F 341 -27.75 1.74 33.34
CA ALA F 341 -26.37 1.41 33.44
C ALA F 341 -25.78 1.86 34.73
N THR F 342 -26.23 2.99 35.33
CA THR F 342 -25.67 3.48 36.55
C THR F 342 -25.80 2.47 37.63
N GLU F 343 -27.05 2.04 37.93
CA GLU F 343 -27.28 1.12 38.99
C GLU F 343 -26.64 -0.20 38.72
N SER F 344 -26.61 -0.65 37.45
CA SER F 344 -25.92 -1.88 37.17
C SER F 344 -24.46 -1.67 37.26
N ASN F 345 -23.71 -2.74 37.51
CA ASN F 345 -22.28 -2.65 37.60
C ASN F 345 -21.78 -2.48 36.18
N ALA F 346 -22.34 -3.30 35.26
CA ALA F 346 -22.13 -3.39 33.84
C ALA F 346 -21.74 -2.12 33.14
N ASN F 347 -20.78 -2.26 32.21
CA ASN F 347 -20.25 -1.26 31.32
C ASN F 347 -21.39 -0.82 30.44
N PHE F 348 -21.35 0.41 29.89
CA PHE F 348 -22.47 0.85 29.10
C PHE F 348 -21.87 0.93 27.74
N ILE F 349 -22.72 0.70 26.71
CA ILE F 349 -22.32 0.84 25.34
C ILE F 349 -23.45 1.60 24.76
N SER F 350 -23.08 2.60 23.93
CA SER F 350 -23.96 3.42 23.17
C SER F 350 -23.31 3.52 21.82
N ILE F 351 -23.98 3.09 20.74
CA ILE F 351 -23.50 3.30 19.40
C ILE F 351 -24.74 3.78 18.73
N LYS F 352 -24.68 5.03 18.21
CA LYS F 352 -25.81 5.69 17.61
C LYS F 352 -26.06 5.21 16.23
N GLY F 353 -27.37 5.02 15.97
CA GLY F 353 -27.95 4.51 14.76
C GLY F 353 -27.50 5.15 13.47
N PRO F 354 -27.55 6.46 13.29
CA PRO F 354 -27.12 7.07 12.07
C PRO F 354 -25.67 6.84 11.85
N GLU F 355 -24.88 6.86 12.95
CA GLU F 355 -23.46 6.78 12.87
C GLU F 355 -23.08 5.52 12.19
N VAL F 356 -23.55 4.38 12.70
CA VAL F 356 -23.30 3.12 12.04
C VAL F 356 -23.81 3.01 10.60
N LEU F 357 -25.02 3.50 10.29
CA LEU F 357 -25.60 3.27 8.99
C LEU F 357 -24.96 3.88 7.77
N SER F 358 -24.12 4.92 7.89
CA SER F 358 -23.67 5.55 6.66
C SER F 358 -22.39 5.09 6.11
N LYS F 359 -21.75 4.13 6.80
CA LYS F 359 -20.48 3.60 6.42
C LYS F 359 -20.68 2.72 5.23
N TRP F 360 -20.61 3.40 4.07
CA TRP F 360 -20.91 2.90 2.80
C TRP F 360 -19.78 3.44 2.00
N VAL F 361 -18.54 3.16 2.46
CA VAL F 361 -17.29 3.55 1.86
C VAL F 361 -17.12 2.52 0.79
N GLY F 362 -17.81 2.78 -0.33
CA GLY F 362 -17.85 1.91 -1.46
C GLY F 362 -18.90 0.85 -1.20
N GLU F 363 -19.56 0.88 -0.01
CA GLU F 363 -20.55 -0.03 0.51
C GLU F 363 -19.91 -1.09 1.37
N SER F 364 -20.09 -0.98 2.71
CA SER F 364 -19.45 -1.87 3.64
C SER F 364 -20.24 -1.85 4.92
N GLU F 365 -21.21 -2.79 5.02
CA GLU F 365 -22.07 -3.04 6.16
C GLU F 365 -21.36 -3.51 7.39
N LYS F 366 -20.05 -3.81 7.24
CA LYS F 366 -19.19 -4.47 8.18
C LYS F 366 -19.23 -3.84 9.53
N ALA F 367 -19.61 -2.57 9.58
CA ALA F 367 -19.72 -1.80 10.79
C ALA F 367 -20.84 -2.28 11.64
N ILE F 368 -22.05 -2.54 11.09
CA ILE F 368 -23.14 -3.03 11.89
C ILE F 368 -22.72 -4.33 12.50
N ARG F 369 -22.13 -5.21 11.66
CA ARG F 369 -21.58 -6.46 12.13
C ARG F 369 -20.53 -6.29 13.21
N GLU F 370 -19.75 -5.21 13.17
CA GLU F 370 -18.77 -4.96 14.18
C GLU F 370 -19.37 -4.53 15.48
N ILE F 371 -20.57 -3.91 15.49
CA ILE F 371 -21.14 -3.40 16.72
C ILE F 371 -21.26 -4.48 17.72
N PHE F 372 -21.99 -5.53 17.33
CA PHE F 372 -22.26 -6.65 18.17
C PHE F 372 -21.00 -7.29 18.61
N LYS F 373 -20.04 -7.44 17.68
CA LYS F 373 -18.75 -7.97 17.99
C LYS F 373 -18.08 -7.25 19.13
N LYS F 374 -18.02 -5.91 19.01
CA LYS F 374 -17.47 -5.07 20.05
C LYS F 374 -18.25 -5.19 21.30
N ALA F 375 -19.57 -5.38 21.20
CA ALA F 375 -20.38 -5.48 22.37
C ALA F 375 -20.15 -6.79 23.06
N LYS F 376 -20.17 -7.89 22.29
CA LYS F 376 -20.08 -9.23 22.81
C LYS F 376 -18.87 -9.41 23.66
N GLN F 377 -17.71 -8.97 23.13
CA GLN F 377 -16.50 -9.03 23.91
C GLN F 377 -16.53 -8.22 25.18
N VAL F 378 -17.11 -7.01 25.15
CA VAL F 378 -16.98 -6.11 26.28
C VAL F 378 -18.01 -6.36 27.31
N ALA F 379 -18.90 -7.34 27.07
CA ALA F 379 -19.92 -7.71 28.00
C ALA F 379 -19.31 -8.20 29.28
N PRO F 380 -19.90 -8.13 30.48
CA PRO F 380 -21.20 -7.56 30.82
C PRO F 380 -21.29 -6.11 30.48
N ALA F 381 -22.30 -5.74 29.68
CA ALA F 381 -22.52 -4.37 29.27
C ALA F 381 -23.95 -4.30 28.83
N ILE F 382 -24.61 -3.11 28.78
CA ILE F 382 -25.96 -3.01 28.26
C ILE F 382 -25.85 -2.13 27.06
N VAL F 383 -26.20 -2.67 25.87
CA VAL F 383 -26.13 -1.88 24.66
C VAL F 383 -27.38 -1.05 24.54
N PHE F 384 -27.18 0.19 24.05
CA PHE F 384 -28.19 1.16 23.81
C PHE F 384 -27.94 1.47 22.38
N LEU F 385 -28.99 1.48 21.56
CA LEU F 385 -28.92 1.82 20.18
C LEU F 385 -29.95 2.88 20.05
N ASP F 386 -29.54 4.09 19.58
CA ASP F 386 -30.41 5.22 19.53
C ASP F 386 -30.77 5.42 18.10
N GLU F 387 -32.02 5.87 17.86
CA GLU F 387 -32.64 5.97 16.57
C GLU F 387 -32.59 4.68 15.83
N ILE F 388 -33.34 3.69 16.37
CA ILE F 388 -33.54 2.39 15.76
C ILE F 388 -34.18 2.58 14.42
N ASP F 389 -34.93 3.69 14.25
CA ASP F 389 -35.52 4.09 13.01
C ASP F 389 -34.42 4.26 12.02
N SER F 390 -33.40 5.05 12.38
CA SER F 390 -32.24 5.23 11.57
C SER F 390 -31.54 3.94 11.20
N ILE F 391 -31.48 2.89 12.06
CA ILE F 391 -30.84 1.67 11.60
C ILE F 391 -31.79 0.71 10.99
N ALA F 392 -33.10 0.94 11.07
CA ALA F 392 -34.01 0.02 10.48
C ALA F 392 -35.25 0.80 10.17
N PRO F 393 -35.66 0.88 8.91
CA PRO F 393 -36.94 1.45 8.57
C PRO F 393 -37.76 0.26 8.20
N ARG F 394 -38.96 0.47 7.62
CA ARG F 394 -39.76 -0.58 7.05
C ARG F 394 -39.00 -1.09 5.88
N ARG F 395 -39.23 -2.36 5.52
CA ARG F 395 -38.58 -3.01 4.41
C ARG F 395 -39.49 -3.01 3.21
N GLY F 396 -40.71 -2.44 3.36
CA GLY F 396 -41.72 -2.42 2.32
C GLY F 396 -41.55 -1.33 1.31
N THR F 397 -40.56 -0.41 1.50
CA THR F 397 -40.32 0.68 0.58
C THR F 397 -39.59 0.17 -0.64
N THR F 398 -39.70 0.94 -1.75
CA THR F 398 -39.18 0.59 -3.05
C THR F 398 -37.82 1.22 -3.25
N SER F 399 -37.29 1.88 -2.19
CA SER F 399 -36.00 2.53 -2.20
C SER F 399 -34.98 1.62 -1.57
N ASP F 400 -35.41 0.42 -1.11
CA ASP F 400 -34.53 -0.58 -0.57
C ASP F 400 -33.94 -1.37 -1.70
N SER F 401 -32.69 -1.83 -1.49
CA SER F 401 -31.99 -2.69 -2.42
C SER F 401 -31.22 -3.59 -1.52
N GLY F 402 -30.06 -3.11 -1.03
CA GLY F 402 -29.23 -3.80 -0.08
C GLY F 402 -29.38 -3.16 1.25
N VAL F 403 -30.10 -2.02 1.34
CA VAL F 403 -30.34 -1.24 2.53
C VAL F 403 -30.88 -2.16 3.57
N THR F 404 -31.96 -2.87 3.21
CA THR F 404 -32.57 -3.82 4.07
C THR F 404 -31.68 -5.00 4.27
N GLU F 405 -31.16 -5.60 3.18
CA GLU F 405 -30.41 -6.83 3.26
C GLU F 405 -29.23 -6.69 4.15
N ARG F 406 -28.37 -5.73 3.82
CA ARG F 406 -27.13 -5.44 4.46
C ARG F 406 -27.38 -5.17 5.88
N ILE F 407 -28.02 -4.05 6.24
CA ILE F 407 -27.91 -3.63 7.60
C ILE F 407 -29.07 -4.23 8.29
N VAL F 408 -30.32 -3.92 7.92
CA VAL F 408 -31.46 -4.37 8.69
C VAL F 408 -31.45 -5.85 9.02
N ASN F 409 -31.18 -6.75 8.04
CA ASN F 409 -31.14 -8.14 8.33
C ASN F 409 -29.94 -8.49 9.12
N GLN F 410 -28.78 -7.82 8.92
CA GLN F 410 -27.62 -8.14 9.72
C GLN F 410 -27.86 -7.78 11.14
N LEU F 411 -28.48 -6.61 11.35
CA LEU F 411 -28.95 -6.09 12.60
C LEU F 411 -29.81 -7.11 13.22
N LEU F 412 -30.78 -7.61 12.43
CA LEU F 412 -31.74 -8.60 12.81
C LEU F 412 -31.04 -9.79 13.35
N THR F 413 -30.24 -10.46 12.50
CA THR F 413 -29.51 -11.67 12.81
C THR F 413 -28.54 -11.50 13.93
N SER F 414 -27.97 -10.30 14.10
CA SER F 414 -27.05 -10.05 15.17
C SER F 414 -27.77 -9.82 16.46
N LEU F 415 -29.01 -9.31 16.39
CA LEU F 415 -29.78 -9.01 17.56
C LEU F 415 -30.29 -10.30 18.11
N ASP F 416 -30.78 -11.21 17.23
CA ASP F 416 -31.07 -12.59 17.55
C ASP F 416 -29.83 -13.27 18.06
N GLY F 417 -28.66 -12.79 17.58
CA GLY F 417 -27.37 -13.25 17.95
C GLY F 417 -27.09 -13.09 19.40
N ILE F 418 -27.88 -12.25 20.11
CA ILE F 418 -27.87 -12.04 21.54
C ILE F 418 -27.62 -13.30 22.32
N GLU F 419 -26.84 -13.15 23.40
CA GLU F 419 -26.47 -14.20 24.29
C GLU F 419 -26.91 -13.71 25.61
N VAL F 420 -27.73 -14.52 26.28
CA VAL F 420 -28.36 -14.18 27.54
C VAL F 420 -27.49 -14.63 28.64
N MET F 421 -26.34 -15.23 28.28
CA MET F 421 -25.30 -15.64 29.18
C MET F 421 -24.34 -14.49 29.26
N ASN F 422 -24.77 -13.31 28.79
CA ASN F 422 -24.03 -12.11 28.94
C ASN F 422 -24.99 -11.12 29.50
N GLY F 423 -24.42 -10.01 30.00
CA GLY F 423 -25.11 -8.97 30.69
C GLY F 423 -25.68 -8.00 29.72
N VAL F 424 -25.84 -8.41 28.45
CA VAL F 424 -26.32 -7.54 27.41
C VAL F 424 -27.77 -7.42 27.59
N VAL F 425 -28.23 -6.20 27.31
CA VAL F 425 -29.62 -5.90 27.33
C VAL F 425 -29.62 -4.95 26.21
N VAL F 426 -30.67 -5.04 25.37
CA VAL F 426 -30.78 -4.29 24.17
C VAL F 426 -31.86 -3.36 24.50
N ILE F 427 -31.48 -2.08 24.44
CA ILE F 427 -32.35 -1.00 24.75
C ILE F 427 -32.38 -0.27 23.46
N GLY F 428 -33.53 -0.32 22.76
CA GLY F 428 -33.71 0.40 21.54
C GLY F 428 -34.40 1.66 21.91
N ALA F 429 -34.22 2.72 21.09
CA ALA F 429 -34.87 4.00 21.26
C ALA F 429 -35.11 4.61 19.91
N THR F 430 -36.30 5.26 19.71
CA THR F 430 -36.72 5.74 18.41
C THR F 430 -37.74 6.83 18.58
N ASN F 431 -37.88 7.65 17.51
CA ASN F 431 -38.79 8.76 17.48
C ASN F 431 -40.14 8.18 17.23
N ARG F 432 -40.28 7.41 16.13
CA ARG F 432 -41.53 6.82 15.70
C ARG F 432 -41.32 5.35 15.52
N PRO F 433 -41.96 4.45 16.27
CA PRO F 433 -41.87 3.02 16.08
C PRO F 433 -42.27 2.53 14.74
N ASP F 434 -43.34 3.09 14.15
CA ASP F 434 -43.92 2.58 12.95
C ASP F 434 -42.95 2.57 11.82
N ILE F 435 -42.04 3.57 11.81
CA ILE F 435 -41.05 3.74 10.79
C ILE F 435 -40.17 2.53 10.69
N MET F 436 -39.78 1.89 11.82
CA MET F 436 -39.00 0.67 11.74
C MET F 436 -39.82 -0.49 11.27
N ASP F 437 -39.13 -1.52 10.71
CA ASP F 437 -39.74 -2.73 10.24
C ASP F 437 -40.30 -3.46 11.44
N PRO F 438 -41.55 -3.87 11.47
CA PRO F 438 -42.13 -4.57 12.59
C PRO F 438 -41.42 -5.85 12.96
N ALA F 439 -40.61 -6.47 12.08
CA ALA F 439 -39.92 -7.68 12.42
C ALA F 439 -39.01 -7.54 13.61
N LEU F 440 -38.47 -6.33 13.85
CA LEU F 440 -37.63 -6.06 14.99
C LEU F 440 -38.46 -5.91 16.20
N LEU F 441 -39.75 -5.60 16.03
CA LEU F 441 -40.66 -5.54 17.12
C LEU F 441 -41.20 -6.92 17.34
N ARG F 442 -40.80 -7.93 16.52
CA ARG F 442 -41.21 -9.28 16.77
C ARG F 442 -40.21 -9.91 17.67
N ALA F 443 -40.69 -10.96 18.35
CA ALA F 443 -40.04 -11.67 19.39
C ALA F 443 -38.74 -12.21 18.92
N GLY F 444 -37.82 -12.33 19.88
CA GLY F 444 -36.48 -12.75 19.63
C GLY F 444 -35.63 -11.53 19.52
N ARG F 445 -36.29 -10.35 19.55
CA ARG F 445 -35.64 -9.09 19.50
C ARG F 445 -36.29 -8.32 20.59
N PHE F 446 -36.77 -7.08 20.32
CA PHE F 446 -37.52 -6.31 21.29
C PHE F 446 -38.72 -7.10 21.70
N ASP F 447 -38.85 -7.32 23.02
CA ASP F 447 -39.84 -8.19 23.54
C ASP F 447 -40.98 -7.31 23.87
N LYS F 448 -40.72 -6.18 24.58
CA LYS F 448 -41.79 -5.30 24.97
C LYS F 448 -41.40 -3.94 24.55
N LEU F 449 -42.43 -3.08 24.45
CA LEU F 449 -42.36 -1.74 23.96
C LEU F 449 -42.82 -0.82 25.02
N ILE F 450 -41.87 -0.02 25.53
CA ILE F 450 -42.09 0.95 26.55
C ILE F 450 -42.32 2.22 25.80
N TYR F 451 -43.54 2.75 25.87
CA TYR F 451 -43.88 4.04 25.33
C TYR F 451 -43.39 4.94 26.42
N ILE F 452 -42.79 6.06 26.04
CA ILE F 452 -42.30 7.04 26.94
C ILE F 452 -43.17 8.19 26.54
N PRO F 453 -44.19 8.56 27.31
CA PRO F 453 -45.00 9.71 26.99
C PRO F 453 -44.16 10.86 27.46
N PRO F 454 -44.13 12.02 26.83
CA PRO F 454 -43.27 13.11 27.25
C PRO F 454 -43.64 13.56 28.65
N PRO F 455 -42.78 14.21 29.40
CA PRO F 455 -43.04 14.63 30.77
C PRO F 455 -44.29 15.43 30.96
N ASP F 456 -44.86 15.40 32.16
CA ASP F 456 -46.03 16.16 32.50
C ASP F 456 -45.51 17.34 33.24
N LYS F 457 -46.38 18.34 33.51
CA LYS F 457 -46.13 19.48 34.34
C LYS F 457 -45.58 19.08 35.70
N GLU F 458 -46.21 18.05 36.30
CA GLU F 458 -45.84 17.48 37.56
C GLU F 458 -44.44 16.95 37.53
N ALA F 459 -44.07 16.30 36.42
CA ALA F 459 -42.70 15.89 36.29
C ALA F 459 -41.81 17.08 36.05
N ARG F 460 -42.30 18.16 35.39
CA ARG F 460 -41.57 19.39 35.24
C ARG F 460 -41.12 19.95 36.55
N LEU F 461 -42.03 19.89 37.56
CA LEU F 461 -41.72 20.28 38.91
C LEU F 461 -40.54 19.54 39.45
N SER F 462 -40.43 18.23 39.16
CA SER F 462 -39.35 17.49 39.74
C SER F 462 -38.07 17.71 39.00
N ILE F 463 -38.08 17.70 37.64
CA ILE F 463 -36.89 17.91 36.85
C ILE F 463 -36.26 19.23 37.14
N LEU F 464 -37.08 20.24 37.45
CA LEU F 464 -36.61 21.58 37.58
C LEU F 464 -35.87 21.69 38.86
N LYS F 465 -36.43 21.17 39.97
CA LYS F 465 -35.74 21.26 41.23
C LYS F 465 -34.43 20.53 41.26
N VAL F 466 -34.38 19.27 40.81
CA VAL F 466 -33.18 18.47 40.77
C VAL F 466 -32.06 19.07 39.98
N HIS F 467 -32.38 19.72 38.83
CA HIS F 467 -31.37 20.19 37.93
C HIS F 467 -30.76 21.45 38.44
N THR F 468 -31.60 22.30 39.05
CA THR F 468 -31.14 23.56 39.54
C THR F 468 -30.60 23.35 40.93
N LYS F 469 -30.59 22.09 41.42
CA LYS F 469 -30.10 21.71 42.74
C LYS F 469 -28.71 22.23 42.98
N ASN F 470 -27.82 22.14 41.98
CA ASN F 470 -26.51 22.74 42.07
C ASN F 470 -26.59 24.25 42.14
N MET F 471 -27.35 24.87 41.20
CA MET F 471 -27.45 26.31 41.09
C MET F 471 -28.08 26.99 42.29
N PRO F 472 -27.66 28.21 42.66
CA PRO F 472 -28.28 29.01 43.70
C PRO F 472 -29.52 29.71 43.18
N LEU F 473 -30.40 30.16 44.10
CA LEU F 473 -31.72 30.61 43.77
C LEU F 473 -32.12 31.62 44.79
N ALA F 474 -32.77 32.76 44.40
CA ALA F 474 -33.26 33.75 45.35
C ALA F 474 -34.43 33.16 46.08
N PRO F 475 -34.66 33.36 47.36
CA PRO F 475 -35.76 32.74 48.09
C PRO F 475 -37.07 33.40 47.74
N ASP F 476 -37.03 34.56 47.05
CA ASP F 476 -38.18 35.33 46.70
C ASP F 476 -38.77 34.80 45.41
N VAL F 477 -38.01 33.95 44.67
CA VAL F 477 -38.43 33.50 43.37
C VAL F 477 -38.63 32.04 43.51
N ASP F 478 -39.81 31.61 43.06
CA ASP F 478 -40.29 30.28 43.22
C ASP F 478 -40.25 29.66 41.89
N LEU F 479 -39.82 28.40 41.90
CA LEU F 479 -39.55 27.60 40.75
C LEU F 479 -40.86 27.13 40.26
N ASN F 480 -41.76 26.75 41.19
CA ASN F 480 -43.04 26.18 40.88
C ASN F 480 -43.86 27.12 40.04
N ASP F 481 -43.54 28.45 40.05
CA ASP F 481 -44.22 29.40 39.21
C ASP F 481 -44.09 29.05 37.75
N ILE F 482 -42.86 28.90 37.20
CA ILE F 482 -42.73 28.50 35.81
C ILE F 482 -43.22 27.10 35.49
N ALA F 483 -43.07 26.13 36.44
CA ALA F 483 -43.44 24.75 36.22
C ALA F 483 -44.90 24.53 35.99
N GLN F 484 -45.73 25.02 36.93
CA GLN F 484 -47.17 25.04 36.81
C GLN F 484 -47.64 25.97 35.72
N ARG F 485 -46.76 26.87 35.23
CA ARG F 485 -47.14 27.84 34.23
C ARG F 485 -47.17 27.19 32.89
N THR F 486 -46.15 26.38 32.56
CA THR F 486 -46.03 25.97 31.21
C THR F 486 -45.15 24.76 31.21
N GLU F 487 -45.23 23.99 30.11
CA GLU F 487 -44.58 22.73 30.05
C GLU F 487 -44.31 22.27 28.65
N GLY F 488 -44.45 23.12 27.60
CA GLY F 488 -44.37 22.65 26.23
C GLY F 488 -42.97 22.17 25.98
N TYR F 489 -42.05 22.93 26.60
CA TYR F 489 -40.65 22.72 26.83
C TYR F 489 -40.38 21.27 27.16
N VAL F 490 -39.45 20.59 26.46
CA VAL F 490 -39.09 19.22 26.77
C VAL F 490 -38.19 19.25 27.99
N GLY F 491 -37.83 18.08 28.53
CA GLY F 491 -37.04 17.97 29.73
C GLY F 491 -35.63 18.25 29.45
N ALA F 492 -35.17 17.81 28.26
CA ALA F 492 -33.83 18.03 27.82
C ALA F 492 -33.66 19.51 27.62
N ASP F 493 -34.67 20.21 27.05
CA ASP F 493 -34.60 21.65 26.92
C ASP F 493 -34.64 22.31 28.26
N LEU F 494 -35.53 21.90 29.19
CA LEU F 494 -35.57 22.49 30.51
C LEU F 494 -34.24 22.40 31.22
N GLU F 495 -33.45 21.34 30.97
CA GLU F 495 -32.04 21.29 31.34
C GLU F 495 -31.31 22.54 30.93
N ASN F 496 -31.28 22.81 29.62
CA ASN F 496 -30.68 23.98 29.06
C ASN F 496 -31.34 25.23 29.57
N LEU F 497 -32.66 25.21 29.92
CA LEU F 497 -33.38 26.33 30.47
C LEU F 497 -32.69 26.80 31.69
N CYS F 498 -32.53 25.90 32.67
CA CYS F 498 -31.77 26.21 33.85
C CYS F 498 -30.36 26.65 33.56
N ARG F 499 -29.69 26.05 32.55
CA ARG F 499 -28.37 26.47 32.15
C ARG F 499 -28.37 27.91 31.74
N GLU F 500 -29.21 28.22 30.74
CA GLU F 500 -29.32 29.51 30.13
C GLU F 500 -29.71 30.55 31.10
N ALA F 501 -30.53 30.19 32.12
CA ALA F 501 -30.89 31.06 33.22
C ALA F 501 -29.67 31.59 33.91
N GLY F 502 -28.71 30.69 34.18
CA GLY F 502 -27.42 31.02 34.70
C GLY F 502 -26.67 32.00 33.86
N MET F 503 -26.63 31.76 32.53
CA MET F 503 -25.93 32.59 31.58
C MET F 503 -26.43 34.00 31.61
N ASN F 504 -27.77 34.17 31.58
CA ASN F 504 -28.47 35.41 31.73
C ASN F 504 -28.13 36.07 33.02
N ALA F 505 -28.27 35.36 34.15
CA ALA F 505 -27.96 35.87 35.46
C ALA F 505 -26.53 36.32 35.63
N TYR F 506 -25.55 35.57 35.09
CA TYR F 506 -24.14 35.89 35.22
C TYR F 506 -23.85 37.14 34.45
N ARG F 507 -24.56 37.28 33.32
CA ARG F 507 -24.52 38.43 32.47
C ARG F 507 -24.98 39.63 33.25
N GLU F 508 -26.07 39.49 34.04
CA GLU F 508 -26.66 40.56 34.81
C GLU F 508 -25.72 41.11 35.84
N ASN F 509 -25.15 40.29 36.73
CA ASN F 509 -24.34 40.84 37.79
C ASN F 509 -22.95 40.30 37.60
N PRO F 510 -21.88 41.09 37.67
CA PRO F 510 -20.50 40.62 37.53
C PRO F 510 -20.05 39.96 38.81
N ASP F 511 -20.92 40.00 39.84
CA ASP F 511 -20.74 39.40 41.12
C ASP F 511 -21.87 38.42 41.25
N ALA F 512 -21.66 37.33 42.01
CA ALA F 512 -22.56 36.20 42.10
C ALA F 512 -23.93 36.55 42.64
N THR F 513 -24.96 35.81 42.20
CA THR F 513 -26.29 36.06 42.65
C THR F 513 -26.92 34.73 42.82
N SER F 514 -28.12 34.76 43.41
CA SER F 514 -28.95 33.63 43.62
C SER F 514 -30.11 34.14 42.80
N VAL F 515 -30.25 33.56 41.58
CA VAL F 515 -31.04 34.04 40.45
C VAL F 515 -32.41 34.61 40.73
N SER F 516 -32.93 35.45 39.81
CA SER F 516 -34.24 36.03 39.93
C SER F 516 -35.16 35.31 38.98
N GLN F 517 -36.48 35.45 39.21
CA GLN F 517 -37.53 34.89 38.40
C GLN F 517 -37.40 35.33 36.98
N LYS F 518 -37.10 36.64 36.80
CA LYS F 518 -36.88 37.27 35.52
C LYS F 518 -35.77 36.66 34.75
N ASN F 519 -34.67 36.27 35.45
CA ASN F 519 -33.57 35.52 34.87
C ASN F 519 -34.01 34.19 34.30
N PHE F 520 -35.09 33.58 34.84
CA PHE F 520 -35.63 32.37 34.26
C PHE F 520 -36.47 32.72 33.08
N LEU F 521 -37.28 33.80 33.19
CA LEU F 521 -38.27 34.18 32.23
C LEU F 521 -37.72 34.42 30.85
N ASP F 522 -36.71 35.30 30.71
CA ASP F 522 -36.11 35.62 29.43
C ASP F 522 -35.64 34.41 28.65
N ALA F 523 -35.01 33.44 29.34
CA ALA F 523 -34.59 32.20 28.74
C ALA F 523 -35.75 31.27 28.46
N LEU F 524 -36.81 31.28 29.30
CA LEU F 524 -38.01 30.48 29.13
C LEU F 524 -38.60 30.70 27.79
N LYS F 525 -38.69 31.99 27.41
CA LYS F 525 -39.16 32.34 26.12
C LYS F 525 -38.10 32.27 25.06
N THR F 526 -36.81 32.08 25.40
CA THR F 526 -35.81 31.84 24.39
C THR F 526 -36.02 30.46 23.89
N ILE F 527 -36.17 29.47 24.79
CA ILE F 527 -36.56 28.18 24.37
C ILE F 527 -38.00 28.25 23.99
N ARG F 528 -38.39 27.35 23.09
CA ARG F 528 -39.70 27.29 22.50
C ARG F 528 -40.30 26.05 23.09
N PRO F 529 -41.60 25.82 23.00
CA PRO F 529 -42.22 24.61 23.50
C PRO F 529 -41.76 23.48 22.62
N SER F 530 -41.90 22.23 23.08
CA SER F 530 -41.47 21.10 22.31
C SER F 530 -42.41 19.96 22.52
N VAL F 531 -43.66 20.20 22.98
CA VAL F 531 -44.63 19.15 23.05
C VAL F 531 -45.66 19.64 22.11
N ASP F 532 -45.63 19.07 20.88
CA ASP F 532 -46.59 19.30 19.87
C ASP F 532 -47.61 18.31 20.23
N GLU F 533 -48.87 18.76 20.40
CA GLU F 533 -49.94 17.87 20.75
C GLU F 533 -50.24 16.94 19.60
N GLU F 534 -49.66 17.22 18.42
CA GLU F 534 -49.84 16.42 17.26
C GLU F 534 -49.04 15.17 17.36
N VAL F 535 -47.78 15.22 17.84
CA VAL F 535 -47.04 13.99 17.89
C VAL F 535 -47.51 13.09 19.00
N ILE F 536 -47.87 13.64 20.19
CA ILE F 536 -48.39 12.83 21.27
C ILE F 536 -49.60 12.00 20.92
N LYS F 537 -50.59 12.59 20.19
CA LYS F 537 -51.77 11.88 19.77
C LYS F 537 -51.43 10.76 18.85
N PHE F 538 -50.45 11.01 17.94
CA PHE F 538 -49.89 10.05 17.02
C PHE F 538 -49.39 8.83 17.74
N TYR F 539 -48.54 9.01 18.77
CA TYR F 539 -47.97 7.91 19.50
C TYR F 539 -49.01 7.23 20.32
N ARG F 540 -49.92 8.00 20.94
CA ARG F 540 -51.04 7.48 21.68
C ARG F 540 -51.88 6.55 20.85
N THR F 541 -52.14 6.93 19.60
CA THR F 541 -52.91 6.13 18.68
C THR F 541 -52.08 5.01 18.19
N LEU F 542 -50.80 5.27 17.90
CA LEU F 542 -49.89 4.24 17.50
C LEU F 542 -49.67 3.21 18.59
N SER F 543 -50.09 3.44 19.87
CA SER F 543 -50.02 2.39 20.86
C SER F 543 -50.99 1.26 20.57
N GLU F 544 -51.90 1.46 19.61
CA GLU F 544 -52.86 0.47 19.21
C GLU F 544 -52.37 -0.20 17.96
N THR F 545 -51.19 0.17 17.43
CA THR F 545 -50.65 -0.50 16.28
C THR F 545 -50.29 -1.92 16.70
#